data_8T00
#
_entry.id   8T00
#
_cell.length_a   1.00
_cell.length_b   1.00
_cell.length_c   1.00
_cell.angle_alpha   90.00
_cell.angle_beta   90.00
_cell.angle_gamma   90.00
#
_symmetry.space_group_name_H-M   'P 1'
#
loop_
_entity.id
_entity.type
_entity.pdbx_description
1 polymer 'DNA-directed RNA polymerase subunit alpha'
2 polymer 'DNA-directed RNA polymerase subunit beta'
3 polymer "DNA-directed RNA polymerase subunit beta'"
4 polymer 'DNA (26-MER)'
5 polymer 'DNA (26-MER)'
6 non-polymer 'MAGNESIUM ION'
7 non-polymer 'ZINC ION'
#
loop_
_entity_poly.entity_id
_entity_poly.type
_entity_poly.pdbx_seq_one_letter_code
_entity_poly.pdbx_strand_id
1 'polypeptide(L)'
;SVTEFLKPRLVDIEQVSSTHAKVTLEPLERGFGHTLGNALRRILLSSMPGCAVTEVEIDGVLHEYSTKEGVQEDILEILL
NLKGLAVRVQGKDEVILTLNKSGIGPVTAADITHDGDVEIVKPQHVICHLTDENASISMRIKVQRGRGYVPASTRIHSEE
DERPIGRLLVDACYSPVERIAYNVEAARVEQRTDLDKLVIEMETNGTIDPEEAIRRAATILAEQLEAFVDLRDV
;
G,H
2 'polypeptide(L)'
;VYSYTEKKRIRKDFGKRPQVLDVPYLLSIQLDSFQKFIEQDPEGQYGLEAAFRSVFPIQSYSGNSELQYVSYRLGEPVFD
VQECQIRGVTYSAPLRVKLRLVIYEREAPEGTVKDIKEQEVYMGEIPLMTDNGTFVINGTERVIVSQLHRSPGVFFDSDK
GKTHSSGKVLYNARIIPYRGSWLDFEFDPKDNLFVRIDRRRKLPATIILRALNYTTEQILDLFFEKVIFEIRDNKLQMEL
VPERLRGETASFDIEANGKVYVEKGRRITARHIRQLEKDDVKLIEVPVEYIAGKVVAKDYIDESTGELICAANMELSLDL
LAKLSQSGHKRIETLFTNDLDHGPYISETLRVDPTNDRLSALVEIYRMMRPGEPPTREAAESLFENLFFSEDRYDLSAVG
RMKFNRSLLREEIEGSGILSKDDIIDVMKKLIDIRNGKGEVDDIDHLGNRRIRSVGEMAENQFRVGLVRVERAVKERLSL
GDLDTLMPQDMINAKPISAAVKEFFGSSQLSQFMDQNNPLSEITHKRRISALGPGGLTRERAGFEVRDVHPTHYGRVCPI
ETPEGPNIGLINSLSVYAQTNEYGFLETPYRKVTDGVVTDEIHYLSAIEEGNYVIAQANSNLDEEGHFVEDLVTCRSKGE
SSLFSRDQVDYMDVSTQQVVSVGASLIPFLEHDDANRALMGANMQRQAVPTLRADKPLVGTGMERAVAVDSGVTAVAKRG
GVVQYVDASRIVIKVNEDEMYPGEAGIDIYNLTKYTRSNQNTCINQMPCVSLGEPVERGDVLADGPSTDLGELALGQNMR
VAFMPWNGYNFEDSILVSERVVQEDRFTTIHIQELACVSRDTKLGPEEITADIPNVGEAALSKLDESGIVYIGAEVTGGD
ILVGKVTPKGETQLTPEEKLLRAIFGEKASDVKDSSLRVPNGVSGTVIDVQVFTRDGVEKDKRALEIEEMQLKQAKKDLS
EELQILEAGLFSRIRAVLVAGGVEAEKLDKLPRDRWLELGLTDEEKQNQLEQLAEQYDELKHEFEKKLEAKRRKITQGDD
LAPGVLKIVKVYLAVKRRIQPGDKMAGRHGNKGVISKINPIEDMPYDENGTPVDIVLNPLGVPSRMNIGQILETHLGMAA
KGIGDKINAMLKQQQEVAKLREFIQRAYDLGADVRQKVDLSTFSDEEVMRLAENLRKGMPIATPVFDGAKEAEIKELLKL
GDLPTSGQIRLYDGRTGEQFERPVTVGYMYMLKLNHLVDDKMHARSTGSYSLVTQQPLGGKAQFGGQRFGEMEVWALEAY
GAAYTLQEMLTVKSDDVNGRTKMYKNIVDGNHQMEPGMPESFNVLLKEIRSLGINIELED
;
I
3 'polypeptide(L)'
;EFDAIKIALASPDMIRSWSFGEVKKPETINYRTFKPERDGLFCARIFGPVKDYECLCGKYKRLKHRGVICEKCGVEVTQT
KVRRERMGHIELASPTAHIWFLKSLPSRIGLLLDMPLRDIERVLYFESYVVIEGGMTNLERQQILTEEQYLDALEEFGDE
FDAKMGAEAIQALLKSMDLEQECEQLREELNETNSETKRKKLTKRIKLLEAFVQSGNKPEWMILTVLPVLPPDLRPLVPL
DGGRFATSDLNDLYRRVINRNNRLKRLLDLAAPDIIVRNEKRMLQEAVDALLDNGRRGRAITGSNKRPLKSLADMIKGKQ
GRFRQNLLGKRVDYSGRSVITVGPYLRLHQCGLPKKMALELFKPFIYGKLELRGLATTIKAAKKMVEREEAVVWDILDEV
IREHPVLLNRAPTLHRLGIQAFEPVLIEGKAIQLHPLVCAAYNADFDGDQMAVHVPLTLEAQLEARALMMSTNNILSPAN
GEPIIVPSQDVVLGLYYMTRDCVNAKGEGMVLTGPKEAERLYRSGLASLHARVKVRITEYEKDANGELVAKTSLKDTTVG
RAILWMIVPKGLPYSIVNQALGKKAISKMLNTCYRILGLKPTVIFADQIMYTGFAYAARSGASVGIDDMVIPEKKHEIIS
EAEAEVAEIQEQFQSGLVTAGERYNKVIDIWAAANDRVSKAMMDNLQTETVINRDGQEEKQVSFNSIYMMADSGARGSAA
QIRQLAGMRGLMAKPDGSIIETPITANFREGLNVLQYFISTHGARKGLADTALKTANSGYLTRRLVDVAQDLVVTEDDCG
THEGIMMTPVIEGGDVKEPLRDRVLGRVTAEDVLKPGTADILVPRNTLLHEQWCDLLEENSVDAVKVRSVVSCDTDFGVC
AHCYGRDLARGHIINKGEAIGVIAAQSIGEPGTQLTMRTFHIGGAASRAAAESSIQVKNKGSIKLSNVKSVVNSSGKLVI
TSRNTELKLIDEFGRTKESYKVPYGAVLAKGDGEQVAGGETVANWDPHTMPVITEVSGFVRFTDMIDGQTITRQTDELTG
LSSLVVLDSAERTAGGKDLRPALKIVDAQGNDVLIPGTDMPAQYFLPGKAIVQLEDGVQISSGDTLARIPQESGGTKDIT
GGLPRVADLFEARRPKEPAILAEISGIVSFGKETKGKRRLVITPVDGSDPYEEMIPKWRQLNVFEGERVERGDVISDGPE
APHDILRLRGVHAVTRYIVNEVQDVYRLQGVKINDKHIEVIVRQMLRKATIVNAGSSDFLEGEQVEYSRVKIANRELEAN
GKVGATYSRDLLGITKASLATESFISAASFQETTRVLTEAAVAGKRDELRGLKENVIVGRLIPAGTGYAYHQDAMRRR
;
J
4 'polydeoxyribonucleotide'
;(DA)(DA)(DA)(DA)(DA)(DA)(DA)(DA)(DA)(DA)(DA)(DA)(DA)(DA)(DA)(DA)(DA)(DA)(DA)(DA)
(DA)(DA)(DA)(DA)(DA)(DA)
;
A
5 'polydeoxyribonucleotide'
;(DT)(DT)(DT)(DT)(DT)(DT)(DT)(DT)(DT)(DT)(DT)(DT)(DT)(DT)(DT)(DT)(DT)(DT)(DT)(DT)
(DT)(DT)(DT)(DT)(DT)(DT)
;
B
#
loop_
_chem_comp.id
_chem_comp.type
_chem_comp.name
_chem_comp.formula
DA DNA linking 2'-DEOXYADENOSINE-5'-MONOPHOSPHATE 'C10 H14 N5 O6 P'
DT DNA linking THYMIDINE-5'-MONOPHOSPHATE 'C10 H15 N2 O8 P'
MG non-polymer 'MAGNESIUM ION' 'Mg 2'
ZN non-polymer 'ZINC ION' 'Zn 2'
#
# COMPACT_ATOMS: atom_id res chain seq x y z
N THR A 3 23.73 43.69 44.76
CA THR A 3 23.68 44.64 43.66
C THR A 3 24.80 44.35 42.66
N GLU A 4 26.04 44.49 43.13
CA GLU A 4 27.20 44.25 42.28
C GLU A 4 27.21 42.81 41.78
N PHE A 5 28.08 42.56 40.79
CA PHE A 5 28.25 41.25 40.19
C PHE A 5 29.74 41.01 40.01
N LEU A 6 30.32 40.19 40.89
CA LEU A 6 31.76 39.95 40.85
C LEU A 6 32.14 39.29 39.52
N LYS A 7 33.25 39.76 38.94
CA LYS A 7 33.65 39.26 37.63
C LYS A 7 34.60 38.08 37.78
N PRO A 8 34.45 37.02 36.99
CA PRO A 8 35.38 35.90 37.06
C PRO A 8 36.69 36.22 36.35
N ARG A 9 37.68 35.37 36.60
CA ARG A 9 38.94 35.41 35.89
C ARG A 9 39.31 34.00 35.47
N LEU A 10 40.11 33.89 34.43
CA LEU A 10 40.56 32.59 33.96
C LEU A 10 41.57 32.05 34.97
N VAL A 11 41.07 31.61 36.12
CA VAL A 11 41.93 31.32 37.26
C VAL A 11 42.90 30.19 36.95
N ASP A 12 42.55 29.29 36.04
CA ASP A 12 43.39 28.12 35.77
C ASP A 12 43.30 27.71 34.31
N ILE A 13 44.46 27.40 33.74
CA ILE A 13 44.58 26.60 32.53
C ILE A 13 45.55 25.46 32.86
N GLU A 14 45.20 24.24 32.48
CA GLU A 14 46.05 23.10 32.73
C GLU A 14 46.01 22.18 31.52
N GLN A 15 47.19 21.83 31.01
CA GLN A 15 47.32 20.94 29.86
C GLN A 15 47.39 19.50 30.40
N VAL A 16 46.21 18.94 30.66
CA VAL A 16 46.14 17.59 31.22
C VAL A 16 46.82 16.59 30.30
N SER A 17 46.62 16.75 29.00
CA SER A 17 47.23 15.90 27.99
C SER A 17 47.80 16.78 26.89
N SER A 18 48.74 16.24 26.13
CA SER A 18 49.25 16.99 24.98
C SER A 18 48.14 17.27 23.98
N THR A 19 47.09 16.44 23.97
CA THR A 19 45.99 16.63 23.04
C THR A 19 45.11 17.80 23.46
N HIS A 20 44.80 17.91 24.76
CA HIS A 20 43.77 18.81 25.24
C HIS A 20 44.11 19.33 26.64
N ALA A 21 43.19 20.09 27.20
CA ALA A 21 43.41 20.78 28.46
C ALA A 21 42.08 20.95 29.17
N LYS A 22 42.12 21.60 30.33
CA LYS A 22 40.93 22.06 31.02
C LYS A 22 41.24 23.43 31.62
N VAL A 23 40.19 24.21 31.85
CA VAL A 23 40.34 25.56 32.36
C VAL A 23 39.27 25.82 33.42
N THR A 24 39.45 26.92 34.14
CA THR A 24 38.56 27.25 35.25
C THR A 24 38.30 28.76 35.29
N LEU A 25 37.06 29.11 35.60
CA LEU A 25 36.63 30.50 35.76
C LEU A 25 36.10 30.68 37.17
N GLU A 26 36.49 31.79 37.81
CA GLU A 26 36.19 32.04 39.20
C GLU A 26 36.41 33.52 39.47
N PRO A 27 35.59 34.20 40.28
CA PRO A 27 34.33 33.76 40.89
C PRO A 27 33.11 33.99 40.01
N LEU A 28 32.08 33.17 40.20
CA LEU A 28 30.79 33.34 39.55
C LEU A 28 29.71 33.21 40.59
N GLU A 29 28.61 33.92 40.39
CA GLU A 29 27.49 33.95 41.32
C GLU A 29 26.31 33.18 40.74
N ARG A 30 25.27 33.05 41.56
CA ARG A 30 24.19 32.11 41.30
C ARG A 30 23.53 32.38 39.95
N GLY A 31 23.22 31.30 39.23
CA GLY A 31 22.57 31.37 37.94
C GLY A 31 23.51 31.53 36.77
N PHE A 32 24.54 32.36 36.95
CA PHE A 32 25.49 32.59 35.86
C PHE A 32 26.21 31.32 35.44
N GLY A 33 26.31 30.34 36.34
CA GLY A 33 27.03 29.12 36.05
C GLY A 33 26.55 28.42 34.80
N HIS A 34 25.34 27.86 34.84
CA HIS A 34 24.81 27.16 33.68
C HIS A 34 24.63 28.09 32.49
N THR A 35 24.30 29.35 32.74
CA THR A 35 24.13 30.31 31.65
C THR A 35 25.40 30.40 30.82
N LEU A 36 26.49 30.84 31.45
CA LEU A 36 27.75 30.95 30.74
C LEU A 36 28.23 29.59 30.27
N GLY A 37 27.91 28.52 31.00
CA GLY A 37 28.33 27.20 30.56
C GLY A 37 27.75 26.86 29.21
N ASN A 38 26.43 26.97 29.06
CA ASN A 38 25.82 26.68 27.77
C ASN A 38 26.29 27.65 26.70
N ALA A 39 26.39 28.94 27.05
CA ALA A 39 26.82 29.92 26.06
C ALA A 39 28.21 29.59 25.53
N LEU A 40 29.15 29.37 26.44
CA LEU A 40 30.52 29.08 26.05
C LEU A 40 30.61 27.76 25.31
N ARG A 41 29.89 26.73 25.76
CA ARG A 41 29.94 25.45 25.06
C ARG A 41 29.41 25.60 23.65
N ARG A 42 28.28 26.29 23.50
CA ARG A 42 27.68 26.47 22.19
C ARG A 42 28.64 27.19 21.26
N ILE A 43 29.24 28.29 21.72
CA ILE A 43 30.10 29.06 20.83
C ILE A 43 31.40 28.28 20.56
N LEU A 44 32.02 27.73 21.59
CA LEU A 44 33.25 26.97 21.46
C LEU A 44 33.08 25.68 20.66
N LEU A 45 31.84 25.26 20.42
CA LEU A 45 31.58 24.19 19.47
C LEU A 45 31.20 24.70 18.09
N SER A 46 30.64 25.91 18.00
CA SER A 46 29.99 26.35 16.77
C SER A 46 30.99 26.86 15.75
N SER A 47 31.70 27.94 16.07
CA SER A 47 32.44 28.72 15.08
C SER A 47 33.80 29.09 15.67
N MET A 48 34.84 28.41 15.19
CA MET A 48 36.21 28.68 15.59
C MET A 48 37.05 28.83 14.33
N PRO A 49 38.29 29.29 14.43
CA PRO A 49 39.18 29.22 13.28
C PRO A 49 39.44 27.77 12.89
N GLY A 50 40.01 27.58 11.71
CA GLY A 50 40.33 26.26 11.24
C GLY A 50 41.47 26.29 10.25
N CYS A 51 42.05 25.11 10.01
CA CYS A 51 43.13 24.96 9.04
C CYS A 51 42.95 23.67 8.25
N ALA A 52 41.71 23.29 8.00
CA ALA A 52 41.43 22.04 7.29
C ALA A 52 42.02 22.06 5.89
N VAL A 53 42.50 20.90 5.45
CA VAL A 53 43.04 20.76 4.11
C VAL A 53 41.95 21.10 3.09
N THR A 54 42.35 21.77 2.02
CA THR A 54 41.42 22.29 1.02
C THR A 54 41.53 21.58 -0.33
N GLU A 55 42.74 21.50 -0.89
CA GLU A 55 42.95 20.89 -2.19
C GLU A 55 44.15 19.96 -2.14
N VAL A 56 44.08 18.88 -2.91
CA VAL A 56 45.16 17.91 -3.02
C VAL A 56 45.41 17.63 -4.49
N GLU A 57 46.67 17.77 -4.91
CA GLU A 57 47.11 17.39 -6.24
C GLU A 57 48.09 16.23 -6.12
N ILE A 58 47.95 15.26 -7.01
CA ILE A 58 48.90 14.15 -7.12
C ILE A 58 49.24 13.98 -8.58
N ASP A 59 50.53 13.88 -8.90
CA ASP A 59 50.97 13.94 -10.28
C ASP A 59 50.42 12.77 -11.10
N GLY A 60 50.44 11.57 -10.54
CA GLY A 60 50.00 10.39 -11.26
C GLY A 60 48.51 10.19 -11.32
N VAL A 61 47.72 11.08 -10.71
CA VAL A 61 46.28 10.90 -10.58
C VAL A 61 45.59 11.81 -11.59
N LEU A 62 44.76 11.20 -12.44
CA LEU A 62 43.89 11.98 -13.31
C LEU A 62 42.65 12.45 -12.54
N HIS A 63 41.86 11.49 -12.06
CA HIS A 63 40.65 11.76 -11.29
C HIS A 63 40.71 10.97 -9.99
N GLU A 64 39.79 11.28 -9.09
CA GLU A 64 39.88 10.72 -7.74
C GLU A 64 39.71 9.21 -7.76
N TYR A 65 38.64 8.72 -8.38
CA TYR A 65 38.20 7.34 -8.20
C TYR A 65 39.08 6.33 -8.92
N SER A 66 40.22 6.74 -9.47
CA SER A 66 41.18 5.79 -9.98
C SER A 66 41.94 5.16 -8.81
N THR A 67 42.94 4.35 -9.13
CA THR A 67 43.82 3.76 -8.14
C THR A 67 45.24 3.79 -8.68
N LYS A 68 46.18 4.17 -7.82
CA LYS A 68 47.58 4.14 -8.20
C LYS A 68 48.15 2.75 -7.94
N GLU A 69 49.08 2.34 -8.80
CA GLU A 69 49.79 1.10 -8.58
C GLU A 69 50.74 1.24 -7.38
N GLY A 70 50.94 0.16 -6.64
CA GLY A 70 51.89 0.16 -5.56
C GLY A 70 51.40 0.77 -4.26
N VAL A 71 50.13 1.15 -4.18
CA VAL A 71 49.53 1.63 -2.94
C VAL A 71 48.27 0.82 -2.68
N GLN A 72 48.18 0.23 -1.48
CA GLN A 72 47.18 -0.80 -1.25
C GLN A 72 45.78 -0.21 -1.17
N GLU A 73 45.64 0.97 -0.57
CA GLU A 73 44.32 1.54 -0.32
C GLU A 73 43.84 2.38 -1.50
N ASP A 74 42.55 2.68 -1.48
CA ASP A 74 41.95 3.51 -2.52
C ASP A 74 42.41 4.95 -2.37
N ILE A 75 42.30 5.69 -3.47
CA ILE A 75 42.60 7.12 -3.43
C ILE A 75 41.66 7.83 -2.47
N LEU A 76 40.38 7.45 -2.49
CA LEU A 76 39.41 8.09 -1.60
C LEU A 76 39.76 7.84 -0.14
N GLU A 77 40.19 6.62 0.18
CA GLU A 77 40.58 6.34 1.56
C GLU A 77 41.78 7.19 1.96
N ILE A 78 42.72 7.38 1.04
CA ILE A 78 43.87 8.25 1.30
C ILE A 78 43.38 9.66 1.57
N LEU A 79 42.43 10.15 0.78
CA LEU A 79 41.90 11.48 0.98
C LEU A 79 41.21 11.60 2.33
N LEU A 80 40.50 10.56 2.75
CA LEU A 80 39.87 10.59 4.06
C LEU A 80 40.93 10.63 5.17
N ASN A 81 42.00 9.86 5.01
CA ASN A 81 43.10 9.96 5.96
C ASN A 81 43.65 11.38 6.02
N LEU A 82 43.82 12.01 4.85
CA LEU A 82 44.24 13.40 4.82
C LEU A 82 43.25 14.29 5.56
N LYS A 83 41.96 14.04 5.39
CA LYS A 83 40.95 14.78 6.15
C LYS A 83 41.14 14.57 7.64
N GLY A 84 41.71 13.43 8.02
CA GLY A 84 42.10 13.22 9.41
C GLY A 84 43.34 13.98 9.83
N LEU A 85 43.96 14.74 8.94
CA LEU A 85 45.14 15.50 9.27
C LEU A 85 44.77 16.80 9.96
N ALA A 86 45.69 17.30 10.78
CA ALA A 86 45.56 18.58 11.45
C ALA A 86 46.88 19.33 11.35
N VAL A 87 46.80 20.64 11.09
CA VAL A 87 47.97 21.46 10.86
C VAL A 87 47.80 22.79 11.62
N ARG A 88 48.93 23.45 11.85
CA ARG A 88 48.97 24.74 12.51
C ARG A 88 49.81 25.70 11.67
N VAL A 89 49.26 26.89 11.41
CA VAL A 89 49.95 27.95 10.69
C VAL A 89 49.65 29.26 11.41
N GLN A 90 50.59 30.20 11.33
CA GLN A 90 50.54 31.42 12.14
C GLN A 90 50.25 32.66 11.31
N GLY A 91 51.07 32.92 10.29
CA GLY A 91 50.98 34.18 9.56
C GLY A 91 50.14 34.13 8.30
N LYS A 92 50.33 33.09 7.49
CA LYS A 92 49.73 33.02 6.17
C LYS A 92 48.35 32.39 6.23
N ASP A 93 47.41 33.00 5.52
CA ASP A 93 46.07 32.43 5.41
C ASP A 93 46.10 31.10 4.65
N GLU A 94 46.91 31.00 3.61
CA GLU A 94 46.98 29.82 2.76
C GLU A 94 48.43 29.39 2.63
N VAL A 95 48.62 28.11 2.28
CA VAL A 95 49.95 27.55 2.08
C VAL A 95 49.81 26.26 1.28
N ILE A 96 50.89 25.84 0.64
CA ILE A 96 50.95 24.58 -0.08
C ILE A 96 51.95 23.68 0.62
N LEU A 97 51.50 22.50 1.01
CA LEU A 97 52.36 21.49 1.60
C LEU A 97 52.75 20.45 0.55
N THR A 98 53.94 19.88 0.73
CA THR A 98 54.52 18.97 -0.24
C THR A 98 54.90 17.68 0.46
N LEU A 99 54.28 16.57 0.04
CA LEU A 99 54.60 15.24 0.53
C LEU A 99 55.19 14.44 -0.62
N ASN A 100 56.43 14.00 -0.45
CA ASN A 100 57.10 13.17 -1.44
C ASN A 100 57.76 12.01 -0.73
N LYS A 101 57.47 10.79 -1.18
CA LYS A 101 58.08 9.61 -0.55
C LYS A 101 57.79 8.38 -1.40
N SER A 102 58.77 7.48 -1.46
CA SER A 102 58.61 6.18 -2.10
C SER A 102 59.05 5.08 -1.14
N GLY A 103 59.11 3.85 -1.63
CA GLY A 103 59.60 2.74 -0.83
C GLY A 103 58.48 2.05 -0.07
N ILE A 104 58.75 0.80 0.30
CA ILE A 104 57.80 0.00 1.05
C ILE A 104 57.74 0.52 2.48
N GLY A 105 56.54 0.58 3.04
CA GLY A 105 56.35 0.95 4.43
C GLY A 105 55.24 1.95 4.62
N PRO A 106 54.97 2.32 5.87
CA PRO A 106 53.90 3.29 6.14
C PRO A 106 54.26 4.67 5.59
N VAL A 107 53.24 5.53 5.59
CA VAL A 107 53.36 6.91 5.13
C VAL A 107 52.51 7.74 6.07
N THR A 108 53.17 8.49 6.96
CA THR A 108 52.54 9.40 7.89
C THR A 108 52.93 10.84 7.54
N ALA A 109 52.37 11.78 8.29
CA ALA A 109 52.59 13.20 8.01
C ALA A 109 54.04 13.64 8.20
N ALA A 110 54.87 12.81 8.86
CA ALA A 110 56.25 13.20 9.12
C ALA A 110 57.04 13.46 7.85
N ASP A 111 56.62 12.90 6.71
CA ASP A 111 57.36 13.06 5.47
C ASP A 111 57.04 14.36 4.74
N ILE A 112 56.02 15.10 5.17
CA ILE A 112 55.67 16.35 4.49
C ILE A 112 56.78 17.37 4.70
N THR A 113 56.91 18.28 3.74
CA THR A 113 57.85 19.39 3.91
C THR A 113 57.45 20.23 5.12
N HIS A 114 58.45 20.64 5.90
CA HIS A 114 58.25 21.24 7.21
C HIS A 114 58.46 22.76 7.21
N ASP A 115 57.93 23.44 6.19
CA ASP A 115 58.01 24.90 6.13
C ASP A 115 57.63 25.52 7.47
N GLY A 116 58.25 26.66 7.77
CA GLY A 116 58.25 27.24 9.10
C GLY A 116 56.91 27.33 9.81
N ASP A 117 56.02 28.20 9.32
CA ASP A 117 54.73 28.36 9.98
C ASP A 117 53.91 27.08 9.91
N VAL A 118 54.06 26.31 8.83
CA VAL A 118 53.41 25.00 8.74
C VAL A 118 53.96 24.11 9.84
N GLU A 119 53.08 23.66 10.74
CA GLU A 119 53.45 22.78 11.83
C GLU A 119 52.46 21.65 11.93
N ILE A 120 52.97 20.41 11.88
CA ILE A 120 52.16 19.22 12.07
C ILE A 120 51.94 19.02 13.57
N VAL A 121 50.68 18.79 13.95
CA VAL A 121 50.34 18.47 15.32
C VAL A 121 50.28 16.96 15.56
N LYS A 122 50.09 16.16 14.52
CA LYS A 122 50.02 14.71 14.62
C LYS A 122 50.91 14.07 13.56
N PRO A 123 52.23 14.11 13.76
CA PRO A 123 53.12 13.42 12.80
C PRO A 123 52.83 11.94 12.70
N GLN A 124 52.38 11.32 13.79
CA GLN A 124 52.07 9.90 13.78
C GLN A 124 50.83 9.57 12.96
N HIS A 125 50.06 10.58 12.56
CA HIS A 125 48.87 10.32 11.75
C HIS A 125 49.27 9.70 10.42
N VAL A 126 48.92 8.43 10.24
CA VAL A 126 49.28 7.72 9.02
C VAL A 126 48.36 8.16 7.90
N ILE A 127 48.94 8.48 6.75
CA ILE A 127 48.13 8.69 5.55
C ILE A 127 47.85 7.36 4.86
N CYS A 128 48.88 6.54 4.66
CA CYS A 128 48.66 5.29 3.93
C CYS A 128 49.83 4.34 4.17
N HIS A 129 49.88 3.29 3.36
CA HIS A 129 51.02 2.37 3.30
C HIS A 129 51.40 2.20 1.83
N LEU A 130 52.67 1.88 1.61
CA LEU A 130 53.21 1.66 0.28
C LEU A 130 53.78 0.25 0.20
N THR A 131 53.47 -0.43 -0.91
CA THR A 131 53.84 -1.82 -1.11
C THR A 131 54.98 -2.02 -2.11
N ASP A 132 55.47 -0.94 -2.73
CA ASP A 132 56.47 -1.03 -3.79
C ASP A 132 57.71 -0.25 -3.40
N GLU A 133 58.87 -0.88 -3.63
CA GLU A 133 60.14 -0.20 -3.35
C GLU A 133 60.30 1.05 -4.20
N ASN A 134 59.80 1.02 -5.44
CA ASN A 134 59.88 2.17 -6.37
C ASN A 134 58.47 2.53 -6.80
N ALA A 135 57.81 3.36 -5.98
CA ALA A 135 56.51 3.93 -6.33
C ALA A 135 56.33 5.15 -5.45
N SER A 136 56.70 6.31 -5.97
CA SER A 136 56.75 7.53 -5.17
C SER A 136 55.41 8.25 -5.25
N ILE A 137 54.77 8.39 -4.09
CA ILE A 137 53.68 9.35 -3.96
C ILE A 137 54.33 10.73 -3.82
N SER A 138 54.00 11.62 -4.75
CA SER A 138 54.51 12.98 -4.75
C SER A 138 53.32 13.89 -5.00
N MET A 139 53.01 14.75 -4.04
CA MET A 139 51.70 15.37 -3.96
C MET A 139 51.78 16.71 -3.23
N ARG A 140 50.96 17.64 -3.70
CA ARG A 140 50.89 18.99 -3.18
C ARG A 140 49.56 19.17 -2.46
N ILE A 141 49.58 19.91 -1.36
CA ILE A 141 48.44 20.03 -0.47
C ILE A 141 48.21 21.50 -0.18
N LYS A 142 47.19 22.09 -0.80
CA LYS A 142 46.78 23.46 -0.51
C LYS A 142 45.88 23.45 0.72
N VAL A 143 46.32 24.13 1.78
CA VAL A 143 45.56 24.29 3.00
C VAL A 143 45.46 25.78 3.31
N GLN A 144 44.24 26.25 3.55
CA GLN A 144 44.03 27.62 3.99
C GLN A 144 43.07 27.62 5.18
N ARG A 145 42.94 28.79 5.80
CA ARG A 145 42.07 28.92 6.95
C ARG A 145 40.61 28.89 6.50
N GLY A 146 39.71 29.03 7.47
CA GLY A 146 38.29 28.99 7.17
C GLY A 146 37.49 28.96 8.44
N ARG A 147 36.24 28.48 8.33
CA ARG A 147 35.34 28.49 9.46
C ARG A 147 34.18 27.53 9.19
N GLY A 148 33.95 26.63 10.12
CA GLY A 148 32.79 25.76 10.06
C GLY A 148 33.00 24.57 9.13
N TYR A 149 32.16 24.48 8.11
CA TYR A 149 32.10 23.30 7.24
C TYR A 149 31.77 23.76 5.82
N VAL A 150 32.75 23.66 4.93
CA VAL A 150 32.60 24.06 3.54
C VAL A 150 32.71 22.81 2.66
N PRO A 151 31.62 22.27 2.13
CA PRO A 151 31.72 21.15 1.21
C PRO A 151 32.11 21.60 -0.19
N ALA A 152 32.47 20.61 -1.01
CA ALA A 152 32.94 20.89 -2.36
C ALA A 152 31.85 21.51 -3.21
N SER A 153 30.61 21.03 -3.06
CA SER A 153 29.52 21.53 -3.87
C SER A 153 29.26 23.02 -3.67
N THR A 154 29.71 23.59 -2.56
CA THR A 154 29.43 24.99 -2.29
C THR A 154 30.33 25.92 -3.11
N ARG A 155 31.64 25.82 -2.92
CA ARG A 155 32.54 26.72 -3.64
C ARG A 155 32.50 26.46 -5.15
N ILE A 156 32.28 25.21 -5.54
CA ILE A 156 32.27 24.85 -6.96
C ILE A 156 31.09 25.51 -7.66
N PRO A 164 40.89 23.15 -14.03
CA PRO A 164 41.87 22.12 -13.69
C PRO A 164 41.25 20.74 -13.51
N ILE A 165 41.85 19.73 -14.11
CA ILE A 165 41.31 18.37 -14.08
C ILE A 165 42.06 17.54 -13.06
N GLY A 166 43.36 17.76 -12.94
CA GLY A 166 44.16 17.02 -11.98
C GLY A 166 43.97 17.45 -10.55
N ARG A 167 43.41 18.65 -10.34
CA ARG A 167 43.21 19.17 -8.99
C ARG A 167 41.90 18.60 -8.44
N LEU A 168 42.01 17.78 -7.40
CA LEU A 168 40.86 17.09 -6.83
C LEU A 168 40.41 17.80 -5.55
N LEU A 169 39.11 17.96 -5.40
CA LEU A 169 38.51 18.77 -4.34
C LEU A 169 38.09 17.87 -3.19
N VAL A 170 38.32 18.35 -1.97
CA VAL A 170 37.89 17.66 -0.75
C VAL A 170 37.10 18.65 0.09
N ASP A 171 36.04 18.16 0.72
CA ASP A 171 35.22 19.00 1.58
C ASP A 171 36.02 19.46 2.79
N ALA A 172 35.66 20.62 3.31
CA ALA A 172 36.37 21.22 4.44
C ALA A 172 35.72 20.82 5.76
N CYS A 173 36.55 20.76 6.79
CA CYS A 173 36.16 20.35 8.15
C CYS A 173 36.74 21.32 9.16
N TYR A 174 36.48 22.61 8.97
CA TYR A 174 37.15 23.67 9.73
C TYR A 174 36.64 23.62 11.17
N SER A 175 37.21 22.69 11.93
CA SER A 175 36.88 22.53 13.35
C SER A 175 38.06 21.87 14.08
N PRO A 176 38.64 22.52 15.10
CA PRO A 176 39.77 21.90 15.81
C PRO A 176 39.38 21.14 17.07
N VAL A 177 38.10 21.21 17.47
CA VAL A 177 37.64 20.63 18.72
C VAL A 177 36.50 19.68 18.43
N GLU A 178 36.30 18.71 19.31
CA GLU A 178 35.24 17.72 19.17
C GLU A 178 34.37 17.57 20.41
N ARG A 179 34.95 17.63 21.61
CA ARG A 179 34.25 17.36 22.85
C ARG A 179 34.36 18.55 23.79
N ILE A 180 33.24 18.95 24.37
CA ILE A 180 33.21 20.03 25.35
C ILE A 180 32.23 19.68 26.44
N ALA A 181 32.56 20.03 27.68
CA ALA A 181 31.65 19.88 28.80
C ALA A 181 32.02 20.90 29.87
N TYR A 182 31.06 21.17 30.76
CA TYR A 182 31.28 22.14 31.81
C TYR A 182 30.60 21.66 33.09
N ASN A 183 31.18 22.06 34.23
CA ASN A 183 30.66 21.71 35.54
C ASN A 183 30.73 22.93 36.45
N VAL A 184 29.63 23.20 37.13
CA VAL A 184 29.59 24.23 38.17
C VAL A 184 29.90 23.57 39.50
N GLU A 185 30.42 24.36 40.44
CA GLU A 185 30.67 23.85 41.78
C GLU A 185 30.87 25.04 42.70
N ALA A 186 30.97 24.76 44.00
CA ALA A 186 31.19 25.80 44.98
C ALA A 186 32.67 26.17 45.05
N ALA A 187 32.94 27.39 45.47
CA ALA A 187 34.30 27.89 45.65
C ALA A 187 34.66 27.86 47.13
N ARG A 188 35.82 28.42 47.46
CA ARG A 188 36.23 28.54 48.84
C ARG A 188 35.28 29.47 49.58
N VAL A 189 35.46 29.57 50.90
CA VAL A 189 34.62 30.45 51.71
C VAL A 189 34.74 31.89 51.22
N GLU A 190 35.98 32.35 51.05
CA GLU A 190 36.27 33.66 50.48
C GLU A 190 35.56 34.79 51.21
N GLN A 191 35.18 34.57 52.47
CA GLN A 191 34.35 35.51 53.23
C GLN A 191 32.99 35.72 52.58
N ARG A 192 32.60 34.85 51.65
CA ARG A 192 31.35 35.02 50.92
C ARG A 192 31.01 33.69 50.27
N THR A 193 29.91 33.08 50.68
CA THR A 193 29.48 31.81 50.12
C THR A 193 28.68 32.04 48.85
N ASP A 194 28.18 30.96 48.27
CA ASP A 194 27.45 30.99 46.99
C ASP A 194 28.34 31.43 45.84
N LEU A 195 29.66 31.41 46.02
CA LEU A 195 30.58 31.70 44.94
C LEU A 195 30.78 30.45 44.11
N ASP A 196 30.72 30.60 42.78
CA ASP A 196 30.64 29.47 41.86
C ASP A 196 31.92 29.37 41.05
N LYS A 197 32.54 28.21 41.09
CA LYS A 197 33.67 27.87 40.23
C LYS A 197 33.14 27.10 39.03
N LEU A 198 33.51 27.54 37.83
CA LEU A 198 33.10 26.88 36.60
C LEU A 198 34.32 26.20 35.99
N VAL A 199 34.27 24.88 35.87
CA VAL A 199 35.35 24.11 35.27
C VAL A 199 34.90 23.70 33.88
N ILE A 200 35.70 24.04 32.88
CA ILE A 200 35.40 23.75 31.48
C ILE A 200 36.44 22.76 30.99
N GLU A 201 35.97 21.62 30.48
CA GLU A 201 36.82 20.58 29.94
C GLU A 201 36.57 20.48 28.44
N MET A 202 37.64 20.32 27.67
CA MET A 202 37.58 20.35 26.22
C MET A 202 38.55 19.34 25.64
N GLU A 203 38.28 18.94 24.41
CA GLU A 203 39.14 18.05 23.64
C GLU A 203 39.41 18.68 22.29
N THR A 204 40.68 18.83 21.94
CA THR A 204 41.09 19.39 20.67
C THR A 204 42.17 18.52 20.05
N ASN A 205 42.29 18.61 18.73
CA ASN A 205 43.40 17.97 18.04
C ASN A 205 44.75 18.47 18.56
N GLY A 206 44.79 19.69 19.11
CA GLY A 206 46.00 20.28 19.61
C GLY A 206 46.43 21.50 18.82
N THR A 207 45.64 21.86 17.82
CA THR A 207 45.98 22.98 16.94
C THR A 207 45.62 24.33 17.54
N ILE A 208 44.85 24.36 18.63
CA ILE A 208 44.39 25.61 19.23
C ILE A 208 44.74 25.59 20.71
N ASP A 209 45.30 26.70 21.18
CA ASP A 209 45.51 26.86 22.62
C ASP A 209 44.17 27.08 23.31
N PRO A 210 43.97 26.54 24.52
CA PRO A 210 42.70 26.82 25.23
C PRO A 210 42.48 28.30 25.47
N GLU A 211 43.52 29.03 25.86
CA GLU A 211 43.36 30.45 26.14
C GLU A 211 42.93 31.20 24.89
N GLU A 212 43.54 30.87 23.75
CA GLU A 212 43.17 31.51 22.50
C GLU A 212 41.70 31.26 22.18
N ALA A 213 41.27 30.01 22.30
CA ALA A 213 39.89 29.66 21.98
C ALA A 213 38.91 30.40 22.88
N ILE A 214 39.17 30.40 24.19
CA ILE A 214 38.21 31.00 25.11
C ILE A 214 38.21 32.52 24.96
N ARG A 215 39.39 33.12 24.72
CA ARG A 215 39.43 34.56 24.50
C ARG A 215 38.66 34.94 23.24
N ARG A 216 38.82 34.16 22.17
CA ARG A 216 38.05 34.43 20.96
C ARG A 216 36.56 34.24 21.21
N ALA A 217 36.20 33.26 22.03
CA ALA A 217 34.79 33.09 22.37
C ALA A 217 34.25 34.30 23.09
N ALA A 218 35.01 34.83 24.05
CA ALA A 218 34.60 36.04 24.74
C ALA A 218 34.44 37.19 23.75
N THR A 219 35.40 37.35 22.84
CA THR A 219 35.35 38.45 21.90
C THR A 219 34.13 38.34 20.98
N ILE A 220 33.91 37.16 20.40
CA ILE A 220 32.82 37.00 19.46
C ILE A 220 31.48 37.18 20.18
N LEU A 221 31.32 36.58 21.36
CA LEU A 221 30.05 36.74 22.06
C LEU A 221 29.84 38.18 22.47
N ALA A 222 30.91 38.90 22.82
CA ALA A 222 30.77 40.30 23.17
C ALA A 222 30.30 41.12 21.99
N GLU A 223 30.97 40.98 20.84
CA GLU A 223 30.56 41.76 19.67
C GLU A 223 29.16 41.39 19.24
N GLN A 224 28.73 40.14 19.46
CA GLN A 224 27.31 39.84 19.28
C GLN A 224 26.47 40.65 20.25
N LEU A 225 26.93 40.76 21.50
CA LEU A 225 26.23 41.61 22.46
C LEU A 225 26.42 43.09 22.16
N GLU A 226 27.45 43.45 21.39
CA GLU A 226 27.56 44.84 20.95
C GLU A 226 26.34 45.24 20.14
N ALA A 227 25.75 44.29 19.41
CA ALA A 227 24.46 44.54 18.78
C ALA A 227 23.41 44.90 19.82
N PHE A 228 23.39 44.17 20.94
CA PHE A 228 22.51 44.55 22.04
C PHE A 228 22.91 45.91 22.61
N VAL A 229 24.21 46.22 22.63
CA VAL A 229 24.62 47.57 22.96
C VAL A 229 24.20 48.54 21.86
N ASP A 230 24.24 48.11 20.61
CA ASP A 230 24.00 48.97 19.46
C ASP A 230 22.51 49.20 19.20
N LEU A 231 21.63 48.64 20.03
CA LEU A 231 20.21 48.77 19.81
C LEU A 231 19.81 50.24 19.74
N ARG A 232 19.35 50.65 18.57
CA ARG A 232 19.06 52.06 18.29
C ARG A 232 17.81 52.18 17.46
N ASP A 233 17.00 53.18 17.77
CA ASP A 233 15.89 53.62 16.90
C ASP A 233 14.88 52.48 16.80
N VAL A 234 14.30 52.23 15.62
CA VAL A 234 13.19 51.29 15.47
C VAL A 234 13.50 50.33 14.33
N SER B 1 38.16 36.88 5.97
CA SER B 1 36.78 36.40 5.99
C SER B 1 36.60 35.30 7.02
N VAL B 2 37.38 35.36 8.11
CA VAL B 2 37.35 34.35 9.15
C VAL B 2 36.82 34.91 10.47
N THR B 3 37.26 36.09 10.86
CA THR B 3 36.71 36.76 12.03
C THR B 3 35.46 37.58 11.70
N GLU B 4 35.09 37.66 10.43
CA GLU B 4 33.93 38.45 10.02
C GLU B 4 32.65 37.69 10.32
N PHE B 5 31.70 38.38 10.94
CA PHE B 5 30.38 37.82 11.21
C PHE B 5 29.35 38.90 10.96
N LEU B 6 28.29 38.55 10.23
CA LEU B 6 27.31 39.54 9.80
C LEU B 6 26.68 40.22 11.01
N LYS B 7 26.54 41.55 10.91
CA LYS B 7 26.10 42.39 12.01
C LYS B 7 24.62 42.71 11.87
N PRO B 8 23.72 41.97 12.51
CA PRO B 8 22.29 42.33 12.44
C PRO B 8 22.03 43.63 13.16
N ARG B 9 20.94 44.28 12.76
CA ARG B 9 20.48 45.51 13.40
C ARG B 9 18.97 45.44 13.56
N LEU B 10 18.47 46.02 14.64
CA LEU B 10 17.03 45.98 14.90
C LEU B 10 16.31 46.74 13.81
N VAL B 11 15.58 46.00 12.96
CA VAL B 11 14.84 46.65 11.89
C VAL B 11 13.55 47.27 12.43
N ASP B 12 13.05 46.76 13.56
CA ASP B 12 11.80 47.25 14.11
C ASP B 12 11.76 46.98 15.60
N ILE B 13 10.87 47.71 16.27
CA ILE B 13 10.47 47.43 17.64
C ILE B 13 8.97 47.71 17.67
N GLU B 14 8.16 46.68 17.90
CA GLU B 14 6.72 46.86 18.00
C GLU B 14 6.34 46.62 19.46
N GLN B 15 6.21 47.73 20.19
CA GLN B 15 5.98 47.73 21.62
C GLN B 15 4.50 47.98 21.89
N VAL B 16 3.88 47.05 22.60
CA VAL B 16 2.52 47.29 23.07
C VAL B 16 2.54 48.44 24.07
N SER B 17 1.36 49.07 24.23
CA SER B 17 1.24 50.41 24.78
C SER B 17 2.18 50.74 25.94
N SER B 18 2.20 49.90 26.98
CA SER B 18 2.85 50.26 28.24
C SER B 18 4.13 49.49 28.51
N THR B 19 4.04 48.16 28.67
CA THR B 19 5.18 47.39 29.13
C THR B 19 5.45 46.15 28.28
N HIS B 20 4.41 45.60 27.67
CA HIS B 20 4.60 44.49 26.75
C HIS B 20 5.19 45.00 25.44
N ALA B 21 6.05 44.19 24.84
CA ALA B 21 6.70 44.60 23.61
C ALA B 21 7.28 43.39 22.88
N LYS B 22 7.71 43.64 21.64
CA LYS B 22 8.26 42.59 20.79
C LYS B 22 9.36 43.20 19.94
N VAL B 23 10.52 42.54 19.96
CA VAL B 23 11.72 42.96 19.25
C VAL B 23 12.03 41.92 18.19
N THR B 24 12.65 42.38 17.09
CA THR B 24 13.08 41.48 16.03
C THR B 24 14.48 41.87 15.60
N LEU B 25 15.38 40.88 15.57
CA LEU B 25 16.75 41.07 15.08
C LEU B 25 17.01 40.11 13.93
N GLU B 26 17.70 40.59 12.91
CA GLU B 26 18.13 39.77 11.80
C GLU B 26 19.08 40.59 10.95
N PRO B 27 19.92 39.95 10.13
CA PRO B 27 20.17 38.50 10.00
C PRO B 27 21.30 38.03 10.91
N LEU B 28 21.21 36.83 11.48
CA LEU B 28 22.15 36.34 12.47
C LEU B 28 22.89 35.11 11.96
N GLU B 29 24.03 34.83 12.59
CA GLU B 29 24.78 33.62 12.30
C GLU B 29 23.95 32.39 12.66
N ARG B 30 24.26 31.28 11.98
CA ARG B 30 23.52 30.04 12.17
C ARG B 30 23.70 29.56 13.60
N GLY B 31 22.63 29.59 14.38
CA GLY B 31 22.61 29.07 15.73
C GLY B 31 22.84 30.12 16.80
N PHE B 32 23.41 31.28 16.45
CA PHE B 32 23.65 32.31 17.45
C PHE B 32 22.35 32.77 18.10
N GLY B 33 21.24 32.66 17.39
CA GLY B 33 19.97 33.07 17.96
C GLY B 33 19.61 32.29 19.20
N HIS B 34 19.81 30.97 19.17
CA HIS B 34 19.49 30.15 20.33
C HIS B 34 20.29 30.58 21.54
N THR B 35 21.61 30.66 21.43
CA THR B 35 22.43 31.03 22.57
C THR B 35 22.11 32.43 23.05
N LEU B 36 21.94 33.37 22.12
CA LEU B 36 21.69 34.76 22.52
C LEU B 36 20.36 34.87 23.26
N GLY B 37 19.29 34.31 22.68
CA GLY B 37 18.00 34.38 23.34
C GLY B 37 17.98 33.65 24.65
N ASN B 38 18.64 32.48 24.72
CA ASN B 38 18.68 31.74 25.98
C ASN B 38 19.41 32.51 27.05
N ALA B 39 20.55 33.13 26.70
CA ALA B 39 21.28 33.92 27.66
C ALA B 39 20.46 35.11 28.14
N LEU B 40 19.80 35.79 27.21
CA LEU B 40 18.96 36.92 27.59
C LEU B 40 17.84 36.47 28.52
N ARG B 41 17.18 35.35 28.18
CA ARG B 41 16.13 34.83 29.04
C ARG B 41 16.68 34.55 30.43
N ARG B 42 17.80 33.82 30.51
CA ARG B 42 18.32 33.40 31.79
C ARG B 42 18.72 34.60 32.64
N ILE B 43 19.42 35.57 32.06
CA ILE B 43 19.89 36.71 32.84
C ILE B 43 18.71 37.58 33.26
N LEU B 44 17.79 37.87 32.34
CA LEU B 44 16.65 38.69 32.69
C LEU B 44 15.80 38.03 33.76
N LEU B 45 15.73 36.70 33.75
CA LEU B 45 14.96 35.99 34.76
C LEU B 45 15.71 35.94 36.09
N SER B 46 17.04 35.82 36.05
CA SER B 46 17.80 35.40 37.21
C SER B 46 18.28 36.57 38.07
N SER B 47 19.10 37.45 37.49
CA SER B 47 19.79 38.49 38.25
C SER B 47 19.40 39.85 37.67
N MET B 48 18.30 40.39 38.19
CA MET B 48 17.82 41.72 37.81
C MET B 48 17.65 42.57 39.06
N PRO B 49 18.51 43.54 39.33
CA PRO B 49 18.35 44.36 40.54
C PRO B 49 17.01 45.08 40.56
N GLY B 50 16.46 45.21 41.75
CA GLY B 50 15.19 45.89 41.91
C GLY B 50 14.79 45.95 43.36
N CYS B 51 13.56 46.41 43.59
CA CYS B 51 12.99 46.51 44.92
C CYS B 51 11.59 45.91 44.92
N ALA B 52 11.24 45.23 46.00
CA ALA B 52 9.92 44.63 46.13
C ALA B 52 9.61 44.44 47.60
N VAL B 53 8.31 44.28 47.89
CA VAL B 53 7.87 44.10 49.26
C VAL B 53 8.41 42.78 49.79
N THR B 54 9.02 42.82 50.98
CA THR B 54 9.54 41.63 51.63
C THR B 54 8.68 41.17 52.80
N GLU B 55 8.19 42.10 53.62
CA GLU B 55 7.36 41.75 54.76
C GLU B 55 6.22 42.76 54.90
N VAL B 56 5.14 42.28 55.51
CA VAL B 56 3.95 43.08 55.76
C VAL B 56 3.35 42.61 57.08
N GLU B 57 2.80 43.55 57.86
CA GLU B 57 2.14 43.22 59.10
C GLU B 57 0.85 44.03 59.22
N ILE B 58 -0.15 43.43 59.87
CA ILE B 58 -1.40 44.10 60.18
C ILE B 58 -1.42 44.44 61.66
N ASP B 59 -2.10 45.53 61.99
CA ASP B 59 -2.14 45.98 63.39
C ASP B 59 -2.77 44.93 64.29
N GLY B 60 -3.86 44.33 63.85
CA GLY B 60 -4.66 43.46 64.71
C GLY B 60 -4.71 42.01 64.28
N VAL B 61 -3.65 41.50 63.64
CA VAL B 61 -3.57 40.11 63.24
C VAL B 61 -2.15 39.62 63.42
N LEU B 62 -2.01 38.37 63.89
CA LEU B 62 -0.73 37.70 63.99
C LEU B 62 -0.68 36.40 63.21
N HIS B 63 -1.82 35.94 62.69
CA HIS B 63 -1.93 34.66 62.01
C HIS B 63 -2.19 34.88 60.53
N GLU B 64 -1.56 34.05 59.69
CA GLU B 64 -1.66 34.23 58.24
C GLU B 64 -3.10 34.02 57.77
N TYR B 65 -3.70 32.88 58.14
CA TYR B 65 -5.06 32.55 57.71
C TYR B 65 -6.07 33.19 58.67
N SER B 66 -6.28 34.48 58.47
CA SER B 66 -7.26 35.25 59.22
C SER B 66 -7.87 36.29 58.28
N THR B 67 -8.76 37.11 58.83
CA THR B 67 -9.40 38.17 58.05
C THR B 67 -9.81 39.29 58.97
N LYS B 68 -9.99 40.47 58.39
CA LYS B 68 -10.49 41.64 59.09
C LYS B 68 -11.90 41.95 58.60
N GLU B 69 -12.81 42.16 59.54
CA GLU B 69 -14.20 42.43 59.17
C GLU B 69 -14.30 43.75 58.43
N GLY B 70 -15.30 43.86 57.57
CA GLY B 70 -15.44 44.99 56.68
C GLY B 70 -14.57 44.92 55.44
N VAL B 71 -13.84 43.82 55.24
CA VAL B 71 -12.99 43.63 54.08
C VAL B 71 -13.51 42.43 53.30
N GLN B 72 -13.85 42.65 52.02
CA GLN B 72 -14.31 41.55 51.19
C GLN B 72 -13.20 40.53 50.94
N GLU B 73 -11.94 40.97 50.96
CA GLU B 73 -10.82 40.11 50.65
C GLU B 73 -10.37 39.33 51.88
N ASP B 74 -9.41 38.44 51.68
CA ASP B 74 -8.77 37.67 52.73
C ASP B 74 -7.30 38.07 52.80
N ILE B 75 -6.67 37.78 53.94
CA ILE B 75 -5.31 38.22 54.18
C ILE B 75 -4.38 37.70 53.10
N LEU B 76 -4.48 36.41 52.78
CA LEU B 76 -3.66 35.86 51.71
C LEU B 76 -3.97 36.53 50.38
N GLU B 77 -5.26 36.79 50.12
CA GLU B 77 -5.62 37.46 48.87
C GLU B 77 -4.99 38.85 48.79
N ILE B 78 -5.00 39.59 49.90
CA ILE B 78 -4.34 40.89 49.93
C ILE B 78 -2.84 40.72 49.74
N LEU B 79 -2.26 39.65 50.26
CA LEU B 79 -0.84 39.40 50.01
C LEU B 79 -0.58 39.22 48.52
N LEU B 80 -1.46 38.48 47.84
CA LEU B 80 -1.32 38.33 46.39
C LEU B 80 -1.42 39.68 45.70
N ASN B 81 -2.37 40.51 46.11
CA ASN B 81 -2.51 41.83 45.51
C ASN B 81 -1.26 42.67 45.71
N LEU B 82 -0.73 42.67 46.94
CA LEU B 82 0.46 43.48 47.23
C LEU B 82 1.65 42.98 46.45
N LYS B 83 1.79 41.66 46.29
CA LYS B 83 2.84 41.12 45.43
C LYS B 83 2.72 41.67 44.02
N GLY B 84 1.50 41.99 43.59
CA GLY B 84 1.29 42.61 42.29
C GLY B 84 1.58 44.09 42.23
N LEU B 85 1.91 44.71 43.36
CA LEU B 85 2.24 46.14 43.34
C LEU B 85 3.59 46.37 42.68
N ALA B 86 3.67 47.45 41.91
CA ALA B 86 4.90 47.87 41.26
C ALA B 86 5.31 49.22 41.83
N VAL B 87 6.56 49.33 42.25
CA VAL B 87 7.09 50.52 42.90
C VAL B 87 8.55 50.66 42.51
N ARG B 88 9.07 51.89 42.62
CA ARG B 88 10.51 52.09 42.53
C ARG B 88 10.92 53.02 43.66
N VAL B 89 12.22 52.97 44.00
CA VAL B 89 12.74 53.62 45.20
C VAL B 89 14.04 54.34 44.86
N GLN B 90 14.36 55.34 45.68
CA GLN B 90 15.66 55.98 45.62
C GLN B 90 16.74 54.97 45.98
N GLY B 91 18.01 55.39 45.82
CA GLY B 91 19.15 54.55 46.14
C GLY B 91 19.15 53.94 47.53
N LYS B 92 18.29 54.45 48.42
CA LYS B 92 18.13 53.83 49.73
C LYS B 92 17.74 52.38 49.59
N ASP B 93 18.34 51.53 50.44
CA ASP B 93 18.11 50.09 50.33
C ASP B 93 16.67 49.73 50.65
N GLU B 94 16.18 50.13 51.82
CA GLU B 94 14.88 49.69 52.31
C GLU B 94 14.18 50.82 53.04
N VAL B 95 12.86 50.69 53.17
CA VAL B 95 12.07 51.65 53.92
C VAL B 95 10.70 51.04 54.21
N ILE B 96 10.03 51.58 55.24
CA ILE B 96 8.73 51.10 55.70
C ILE B 96 7.68 52.15 55.37
N LEU B 97 6.58 51.72 54.75
CA LEU B 97 5.41 52.53 54.48
C LEU B 97 4.20 51.90 55.16
N THR B 98 3.05 52.54 55.02
CA THR B 98 1.82 52.06 55.63
C THR B 98 0.65 52.35 54.71
N LEU B 99 -0.42 51.57 54.89
CA LEU B 99 -1.67 51.73 54.18
C LEU B 99 -2.79 52.15 55.15
N ASN B 100 -2.46 53.03 56.09
CA ASN B 100 -3.43 53.50 57.06
C ASN B 100 -4.53 54.24 56.31
N LYS B 101 -5.77 53.77 56.47
CA LYS B 101 -6.91 54.43 55.85
C LYS B 101 -8.18 53.89 56.49
N SER B 102 -9.21 54.73 56.51
CA SER B 102 -10.52 54.36 57.04
C SER B 102 -11.57 54.89 56.08
N GLY B 103 -12.42 54.00 55.57
CA GLY B 103 -13.45 54.41 54.64
C GLY B 103 -14.15 53.21 54.07
N ILE B 104 -14.98 53.48 53.06
CA ILE B 104 -15.76 52.46 52.36
C ILE B 104 -15.31 52.45 50.91
N GLY B 105 -14.86 51.29 50.44
CA GLY B 105 -14.53 51.11 49.04
C GLY B 105 -13.15 50.52 48.83
N PRO B 106 -12.75 50.39 47.56
CA PRO B 106 -11.43 49.84 47.26
C PRO B 106 -10.31 50.72 47.81
N VAL B 107 -9.20 50.07 48.13
CA VAL B 107 -7.98 50.75 48.57
C VAL B 107 -6.99 50.65 47.41
N THR B 108 -6.79 51.76 46.69
CA THR B 108 -5.91 51.78 45.55
C THR B 108 -4.47 51.98 45.99
N ALA B 109 -3.55 51.80 45.05
CA ALA B 109 -2.15 52.09 45.31
C ALA B 109 -1.93 53.59 45.48
N ALA B 110 -2.74 54.40 44.82
CA ALA B 110 -2.66 55.85 45.00
C ALA B 110 -2.88 56.24 46.45
N ASP B 111 -3.67 55.45 47.18
CA ASP B 111 -3.92 55.72 48.59
C ASP B 111 -2.67 55.54 49.44
N ILE B 112 -1.64 54.88 48.92
CA ILE B 112 -0.44 54.64 49.71
C ILE B 112 0.26 55.97 50.00
N THR B 113 0.82 56.08 51.20
CA THR B 113 1.61 57.25 51.55
C THR B 113 2.79 57.37 50.59
N HIS B 114 3.01 58.59 50.09
CA HIS B 114 4.11 58.81 49.16
C HIS B 114 5.45 58.51 49.82
N ASP B 115 5.65 59.00 51.05
CA ASP B 115 6.85 58.71 51.83
C ASP B 115 8.11 59.16 51.10
N GLY B 116 8.04 60.28 50.40
CA GLY B 116 9.22 60.89 49.84
C GLY B 116 9.91 60.07 48.76
N ASP B 117 11.06 59.48 49.11
CA ASP B 117 11.91 58.82 48.12
C ASP B 117 11.14 57.78 47.32
N VAL B 118 10.41 56.89 48.00
CA VAL B 118 9.66 55.84 47.31
C VAL B 118 8.61 56.48 46.42
N GLU B 119 8.46 55.95 45.20
CA GLU B 119 7.38 56.35 44.32
C GLU B 119 6.71 55.11 43.74
N ILE B 120 5.42 54.99 44.01
CA ILE B 120 4.59 53.98 43.37
C ILE B 120 4.47 54.33 41.89
N VAL B 121 4.64 53.34 41.03
CA VAL B 121 4.56 53.57 39.59
C VAL B 121 3.17 53.34 39.04
N LYS B 122 2.31 52.60 39.75
CA LYS B 122 0.91 52.38 39.37
C LYS B 122 0.03 52.80 40.53
N PRO B 123 -0.27 54.10 40.67
CA PRO B 123 -1.19 54.52 41.74
C PRO B 123 -2.56 53.87 41.63
N GLN B 124 -3.00 53.57 40.41
CA GLN B 124 -4.32 52.98 40.20
C GLN B 124 -4.43 51.58 40.78
N HIS B 125 -3.30 50.90 41.04
CA HIS B 125 -3.36 49.50 41.41
C HIS B 125 -4.17 49.29 42.68
N VAL B 126 -5.07 48.31 42.63
CA VAL B 126 -6.00 48.04 43.72
C VAL B 126 -5.34 47.13 44.74
N ILE B 127 -5.52 47.45 46.01
CA ILE B 127 -4.96 46.66 47.11
C ILE B 127 -6.02 45.79 47.76
N CYS B 128 -7.13 46.41 48.19
CA CYS B 128 -8.13 45.73 49.00
C CYS B 128 -9.50 46.32 48.67
N HIS B 129 -10.51 45.83 49.39
CA HIS B 129 -11.84 46.41 49.34
C HIS B 129 -12.37 46.54 50.76
N LEU B 130 -12.92 47.70 51.08
CA LEU B 130 -13.56 47.96 52.36
C LEU B 130 -15.02 48.30 52.13
N THR B 131 -15.88 47.83 53.02
CA THR B 131 -17.32 48.02 52.90
C THR B 131 -17.96 48.65 54.12
N ASP B 132 -17.47 48.37 55.33
CA ASP B 132 -18.05 48.96 56.53
C ASP B 132 -17.54 50.38 56.72
N GLU B 133 -18.44 51.26 57.16
CA GLU B 133 -18.04 52.62 57.52
C GLU B 133 -17.06 52.64 58.68
N ASN B 134 -17.17 51.68 59.61
CA ASN B 134 -16.31 51.64 60.78
C ASN B 134 -15.03 50.85 60.58
N ALA B 135 -14.97 49.98 59.59
CA ALA B 135 -13.77 49.19 59.35
C ALA B 135 -12.66 50.09 58.82
N SER B 136 -11.56 50.18 59.56
CA SER B 136 -10.39 50.96 59.17
C SER B 136 -9.23 50.03 58.90
N ILE B 137 -8.60 50.19 57.74
CA ILE B 137 -7.47 49.36 57.34
C ILE B 137 -6.19 50.11 57.69
N SER B 138 -5.34 49.46 58.48
CA SER B 138 -4.04 49.98 58.82
C SER B 138 -3.05 48.83 58.88
N MET B 139 -1.84 49.08 58.40
CA MET B 139 -0.87 48.01 58.23
C MET B 139 0.46 48.62 57.82
N ARG B 140 1.54 47.88 58.06
CA ARG B 140 2.88 48.29 57.66
C ARG B 140 3.38 47.37 56.56
N ILE B 141 4.09 47.95 55.61
CA ILE B 141 4.72 47.25 54.50
C ILE B 141 6.18 47.68 54.45
N LYS B 142 7.07 46.75 54.16
CA LYS B 142 8.50 47.06 54.05
C LYS B 142 8.98 46.72 52.65
N VAL B 143 9.66 47.67 52.03
CA VAL B 143 10.29 47.48 50.74
C VAL B 143 11.79 47.42 50.95
N GLN B 144 12.44 46.48 50.28
CA GLN B 144 13.88 46.28 50.34
C GLN B 144 14.43 46.25 48.92
N ARG B 145 15.74 46.06 48.81
CA ARG B 145 16.44 46.06 47.53
C ARG B 145 17.11 44.71 47.32
N GLY B 146 17.02 44.18 46.11
CA GLY B 146 17.65 42.92 45.79
C GLY B 146 17.68 42.71 44.28
N ARG B 147 18.18 41.55 43.89
CA ARG B 147 18.36 41.20 42.48
C ARG B 147 17.97 39.76 42.21
N GLY B 148 16.93 39.28 42.88
CA GLY B 148 16.45 37.94 42.62
C GLY B 148 15.09 37.70 43.21
N TYR B 149 14.68 36.44 43.23
CA TYR B 149 13.43 36.02 43.83
C TYR B 149 13.69 35.35 45.18
N VAL B 150 12.90 35.70 46.17
CA VAL B 150 13.03 35.18 47.52
C VAL B 150 11.75 34.41 47.86
N PRO B 151 11.77 33.08 47.77
CA PRO B 151 10.67 32.31 48.34
C PRO B 151 10.58 32.54 49.85
N ALA B 152 9.35 32.46 50.37
CA ALA B 152 9.15 32.67 51.80
C ALA B 152 9.96 31.67 52.62
N SER B 153 10.16 30.47 52.08
CA SER B 153 10.98 29.48 52.77
C SER B 153 12.42 29.95 52.92
N THR B 154 12.89 30.80 52.01
CA THR B 154 14.28 31.25 52.05
C THR B 154 14.59 32.08 53.30
N ARG B 155 13.59 32.70 53.90
CA ARG B 155 13.80 33.51 55.10
C ARG B 155 14.03 32.60 56.31
N ARG B 167 4.32 39.47 61.79
CA ARG B 167 5.28 39.98 60.82
C ARG B 167 5.25 39.11 59.57
N LEU B 168 4.12 39.14 58.87
CA LEU B 168 3.93 38.26 57.73
C LEU B 168 4.91 38.61 56.61
N LEU B 169 5.39 37.58 55.92
CA LEU B 169 6.40 37.75 54.89
C LEU B 169 5.77 37.96 53.53
N VAL B 170 6.60 38.46 52.60
CA VAL B 170 6.20 38.67 51.21
C VAL B 170 7.39 38.29 50.34
N ASP B 171 7.20 37.33 49.45
CA ASP B 171 8.25 36.97 48.51
C ASP B 171 8.55 38.16 47.60
N ALA B 172 9.83 38.47 47.45
CA ALA B 172 10.26 39.67 46.73
C ALA B 172 10.68 39.28 45.31
N CYS B 173 9.96 39.83 44.33
CA CYS B 173 10.27 39.63 42.92
C CYS B 173 11.09 40.84 42.45
N TYR B 174 12.36 40.84 42.83
CA TYR B 174 13.22 41.99 42.51
C TYR B 174 13.46 42.10 41.02
N SER B 175 13.24 41.04 40.26
CA SER B 175 13.36 41.13 38.81
C SER B 175 12.12 41.82 38.26
N PRO B 176 12.26 42.94 37.54
CA PRO B 176 11.06 43.69 37.12
C PRO B 176 10.33 43.06 35.95
N VAL B 177 10.93 42.10 35.26
CA VAL B 177 10.31 41.52 34.08
C VAL B 177 9.45 40.33 34.50
N GLU B 178 8.25 40.24 33.93
CA GLU B 178 7.30 39.20 34.28
C GLU B 178 7.34 38.02 33.31
N ARG B 179 7.33 38.29 32.01
CA ARG B 179 7.34 37.24 30.99
C ARG B 179 8.37 37.59 29.93
N ILE B 180 9.22 36.62 29.60
CA ILE B 180 10.21 36.75 28.54
C ILE B 180 10.21 35.46 27.73
N ALA B 181 10.17 35.60 26.41
CA ALA B 181 10.26 34.43 25.54
C ALA B 181 10.85 34.87 24.22
N TYR B 182 11.42 33.91 23.50
CA TYR B 182 12.07 34.17 22.23
C TYR B 182 11.91 32.97 21.32
N ASN B 183 11.76 33.25 20.04
CA ASN B 183 11.74 32.24 19.00
C ASN B 183 12.70 32.65 17.90
N VAL B 184 13.00 31.69 17.02
CA VAL B 184 13.92 31.91 15.91
C VAL B 184 13.24 31.47 14.63
N GLU B 185 13.62 32.09 13.52
CA GLU B 185 13.18 31.66 12.20
C GLU B 185 14.35 31.76 11.23
N ALA B 186 14.19 31.13 10.08
CA ALA B 186 15.24 31.11 9.07
C ALA B 186 15.11 32.33 8.19
N ALA B 187 15.81 33.41 8.54
CA ALA B 187 15.90 34.59 7.69
C ALA B 187 16.92 34.33 6.59
N ARG B 188 16.76 35.04 5.48
CA ARG B 188 17.62 34.87 4.32
C ARG B 188 18.19 36.21 3.86
N VAL B 189 19.39 36.14 3.30
CA VAL B 189 19.96 37.21 2.51
C VAL B 189 20.10 36.67 1.09
N GLU B 190 20.40 37.58 0.15
CA GLU B 190 20.33 37.30 -1.29
C GLU B 190 20.78 35.88 -1.67
N GLN B 191 21.95 35.46 -1.19
CA GLN B 191 22.43 34.10 -1.41
C GLN B 191 22.59 33.30 -0.12
N ARG B 192 22.52 33.94 1.03
CA ARG B 192 22.83 33.25 2.28
C ARG B 192 21.81 32.14 2.54
N THR B 193 22.32 31.01 3.01
CA THR B 193 21.54 29.77 3.08
C THR B 193 20.52 29.82 4.20
N ASP B 194 21.00 29.93 5.45
CA ASP B 194 20.14 29.76 6.62
C ASP B 194 20.69 30.67 7.71
N LEU B 195 20.09 31.85 7.85
CA LEU B 195 20.52 32.84 8.83
C LEU B 195 19.37 33.10 9.79
N ASP B 196 19.69 33.09 11.08
CA ASP B 196 18.65 33.19 12.10
C ASP B 196 18.10 34.62 12.14
N LYS B 197 16.80 34.70 12.42
CA LYS B 197 16.15 35.92 12.84
C LYS B 197 15.48 35.64 14.18
N LEU B 198 15.89 36.42 15.18
CA LEU B 198 15.46 36.22 16.56
C LEU B 198 14.32 37.19 16.87
N VAL B 199 13.16 36.63 17.21
CA VAL B 199 12.03 37.40 17.69
C VAL B 199 12.01 37.22 19.20
N ILE B 200 11.95 38.34 19.92
CA ILE B 200 11.89 38.34 21.37
C ILE B 200 10.58 38.99 21.77
N GLU B 201 9.84 38.33 22.65
CA GLU B 201 8.58 38.85 23.15
C GLU B 201 8.69 38.94 24.66
N MET B 202 8.48 40.14 25.21
CA MET B 202 8.72 40.35 26.63
C MET B 202 7.69 41.29 27.22
N GLU B 203 7.56 41.21 28.53
CA GLU B 203 6.61 42.02 29.28
C GLU B 203 7.19 42.28 30.66
N THR B 204 7.07 43.53 31.11
CA THR B 204 7.62 43.95 32.39
C THR B 204 6.51 44.48 33.28
N ASN B 205 6.85 44.67 34.55
CA ASN B 205 5.98 45.41 35.45
C ASN B 205 5.75 46.83 34.96
N GLY B 206 6.63 47.37 34.13
CA GLY B 206 6.57 48.74 33.71
C GLY B 206 7.38 49.70 34.57
N THR B 207 8.02 49.20 35.63
CA THR B 207 8.96 50.03 36.36
C THR B 207 10.10 50.51 35.48
N ILE B 208 10.40 49.78 34.42
CA ILE B 208 11.36 50.20 33.41
C ILE B 208 10.90 49.63 32.07
N ASP B 209 11.03 50.42 31.02
CA ASP B 209 10.58 49.97 29.71
C ASP B 209 11.45 48.82 29.22
N PRO B 210 10.94 47.98 28.32
CA PRO B 210 11.66 46.74 27.99
C PRO B 210 13.03 46.95 27.38
N GLU B 211 13.13 47.87 26.40
CA GLU B 211 14.39 48.03 25.67
C GLU B 211 15.53 48.37 26.61
N GLU B 212 15.28 49.23 27.60
CA GLU B 212 16.34 49.59 28.55
C GLU B 212 16.71 48.42 29.44
N ALA B 213 15.76 47.55 29.78
CA ALA B 213 16.10 46.34 30.51
C ALA B 213 16.99 45.44 29.69
N ILE B 214 16.67 45.30 28.40
CA ILE B 214 17.55 44.53 27.50
C ILE B 214 18.93 45.15 27.49
N ARG B 215 19.00 46.48 27.40
CA ARG B 215 20.29 47.17 27.41
C ARG B 215 21.06 46.87 28.68
N ARG B 216 20.39 46.94 29.83
CA ARG B 216 21.06 46.71 31.11
C ARG B 216 21.59 45.28 31.20
N ALA B 217 20.81 44.31 30.71
CA ALA B 217 21.30 42.94 30.66
C ALA B 217 22.54 42.86 29.78
N ALA B 218 22.53 43.56 28.65
CA ALA B 218 23.68 43.55 27.76
C ALA B 218 24.90 44.12 28.45
N THR B 219 24.74 45.24 29.17
CA THR B 219 25.88 45.80 29.91
C THR B 219 26.37 44.82 30.96
N ILE B 220 25.47 44.17 31.68
CA ILE B 220 25.87 43.25 32.73
C ILE B 220 26.73 42.13 32.14
N LEU B 221 26.26 41.54 31.05
CA LEU B 221 27.04 40.48 30.41
C LEU B 221 28.37 41.01 29.87
N ALA B 222 28.34 42.16 29.20
CA ALA B 222 29.55 42.68 28.58
C ALA B 222 30.62 42.98 29.62
N GLU B 223 30.23 43.58 30.74
CA GLU B 223 31.18 43.76 31.82
C GLU B 223 31.65 42.43 32.36
N GLN B 224 30.74 41.46 32.50
CA GLN B 224 31.18 40.11 32.80
C GLN B 224 32.12 39.58 31.73
N LEU B 225 31.90 39.99 30.47
CA LEU B 225 32.81 39.63 29.38
C LEU B 225 34.08 40.47 29.40
N GLU B 226 34.00 41.72 29.86
CA GLU B 226 35.13 42.63 29.72
C GLU B 226 36.37 42.14 30.46
N ALA B 227 36.19 41.26 31.45
CA ALA B 227 37.33 40.71 32.17
C ALA B 227 38.20 39.82 31.30
N PHE B 228 37.71 39.41 30.13
CA PHE B 228 38.42 38.47 29.27
C PHE B 228 39.11 39.17 28.11
N VAL B 229 38.40 40.06 27.42
CA VAL B 229 38.95 40.77 26.28
C VAL B 229 38.41 42.20 26.28
N VAL C 1 39.87 -23.43 19.04
CA VAL C 1 40.80 -22.87 18.05
C VAL C 1 40.06 -21.97 17.09
N TYR C 2 40.73 -20.93 16.61
CA TYR C 2 40.13 -19.98 15.69
C TYR C 2 41.21 -19.49 14.73
N SER C 3 40.76 -19.09 13.54
CA SER C 3 41.69 -18.65 12.52
C SER C 3 42.38 -17.36 12.92
N TYR C 4 43.60 -17.19 12.41
CA TYR C 4 44.32 -15.92 12.57
C TYR C 4 43.46 -14.76 12.08
N THR C 5 42.91 -14.88 10.88
CA THR C 5 42.04 -13.84 10.35
C THR C 5 40.82 -13.65 11.24
N GLU C 6 40.16 -14.75 11.61
CA GLU C 6 39.02 -14.64 12.52
C GLU C 6 39.47 -14.10 13.86
N LYS C 7 40.67 -14.47 14.31
CA LYS C 7 41.22 -13.93 15.54
C LYS C 7 41.53 -12.44 15.44
N LYS C 8 41.54 -11.87 14.24
CA LYS C 8 41.72 -10.42 14.12
C LYS C 8 40.68 -9.68 14.95
N ARG C 9 39.41 -10.03 14.79
CA ARG C 9 38.31 -9.41 15.53
C ARG C 9 37.35 -10.52 15.96
N ILE C 10 37.56 -11.05 17.17
CA ILE C 10 36.64 -12.02 17.73
C ILE C 10 35.37 -11.29 18.16
N ARG C 11 34.24 -11.74 17.63
CA ARG C 11 32.94 -11.16 17.94
C ARG C 11 32.37 -11.84 19.18
N LYS C 12 32.01 -11.05 20.18
CA LYS C 12 31.34 -11.60 21.35
C LYS C 12 30.00 -12.18 20.94
N ASP C 13 29.58 -13.24 21.63
CA ASP C 13 28.38 -13.98 21.27
C ASP C 13 27.61 -14.32 22.53
N PHE C 14 26.30 -14.48 22.36
CA PHE C 14 25.40 -14.97 23.40
C PHE C 14 24.58 -16.13 22.83
N GLY C 15 24.63 -17.27 23.51
CA GLY C 15 23.88 -18.41 23.05
C GLY C 15 24.14 -19.68 23.85
N LYS C 16 23.06 -20.39 24.18
CA LYS C 16 23.13 -21.58 25.02
C LYS C 16 23.06 -22.87 24.23
N ARG C 17 22.14 -22.96 23.27
CA ARG C 17 22.04 -24.15 22.44
C ARG C 17 23.33 -24.32 21.65
N PRO C 18 24.05 -25.43 21.79
CA PRO C 18 25.27 -25.60 20.99
C PRO C 18 24.97 -25.68 19.50
N GLN C 19 25.91 -25.19 18.69
CA GLN C 19 25.79 -25.24 17.24
C GLN C 19 26.09 -26.66 16.78
N VAL C 20 25.07 -27.51 16.80
CA VAL C 20 25.23 -28.89 16.37
C VAL C 20 25.64 -28.94 14.90
N LEU C 21 25.02 -28.08 14.08
CA LEU C 21 25.33 -27.99 12.66
C LEU C 21 25.49 -26.52 12.29
N ASP C 22 26.39 -26.26 11.34
CA ASP C 22 26.68 -24.91 10.92
C ASP C 22 25.67 -24.43 9.88
N VAL C 23 25.79 -23.18 9.48
CA VAL C 23 25.02 -22.70 8.34
C VAL C 23 25.52 -23.38 7.06
N PRO C 24 24.66 -24.05 6.29
CA PRO C 24 25.16 -24.68 5.06
C PRO C 24 25.54 -23.66 4.01
N TYR C 25 26.07 -24.15 2.89
CA TYR C 25 26.39 -23.25 1.79
C TYR C 25 25.12 -22.60 1.27
N LEU C 26 25.03 -21.28 1.44
CA LEU C 26 23.76 -20.58 1.24
C LEU C 26 23.31 -20.63 -0.21
N LEU C 27 24.24 -20.48 -1.16
CA LEU C 27 23.90 -20.45 -2.58
C LEU C 27 23.85 -21.84 -3.19
N SER C 28 23.56 -22.86 -2.38
CA SER C 28 23.67 -24.23 -2.84
C SER C 28 22.72 -24.52 -3.99
N ILE C 29 21.50 -24.01 -3.93
CA ILE C 29 20.43 -24.51 -4.81
C ILE C 29 20.77 -24.25 -6.27
N GLN C 30 21.21 -23.03 -6.59
CA GLN C 30 21.52 -22.74 -7.99
C GLN C 30 22.67 -23.60 -8.49
N LEU C 31 23.71 -23.75 -7.68
CA LEU C 31 24.84 -24.56 -8.09
C LEU C 31 24.41 -26.00 -8.32
N ASP C 32 23.59 -26.54 -7.41
CA ASP C 32 23.09 -27.89 -7.57
C ASP C 32 22.32 -28.01 -8.88
N SER C 33 21.42 -27.06 -9.13
CA SER C 33 20.58 -27.13 -10.31
C SER C 33 21.42 -27.12 -11.58
N PHE C 34 22.41 -26.22 -11.64
CA PHE C 34 23.18 -26.12 -12.88
C PHE C 34 24.13 -27.30 -13.03
N GLN C 35 24.84 -27.68 -11.97
CA GLN C 35 25.79 -28.78 -12.09
C GLN C 35 25.07 -30.08 -12.44
N LYS C 36 23.89 -30.31 -11.85
CA LYS C 36 23.07 -31.43 -12.28
C LYS C 36 22.65 -31.24 -13.74
N PHE C 37 22.36 -29.99 -14.14
CA PHE C 37 21.99 -29.73 -15.53
C PHE C 37 23.12 -30.12 -16.48
N ILE C 38 24.31 -29.56 -16.26
CA ILE C 38 25.43 -29.73 -17.17
C ILE C 38 26.42 -30.69 -16.53
N GLU C 39 26.50 -31.89 -17.10
CA GLU C 39 27.47 -32.90 -16.70
C GLU C 39 27.31 -34.07 -17.67
N GLN C 40 28.39 -34.78 -17.94
CA GLN C 40 28.34 -35.96 -18.81
C GLN C 40 28.00 -37.20 -17.99
N ASP C 41 26.90 -37.09 -17.24
CA ASP C 41 26.42 -38.16 -16.37
C ASP C 41 25.83 -39.29 -17.21
N PRO C 42 26.10 -40.57 -16.90
CA PRO C 42 25.46 -41.64 -17.67
C PRO C 42 23.95 -41.68 -17.49
N GLU C 43 23.29 -42.55 -18.24
CA GLU C 43 21.88 -42.89 -18.06
C GLU C 43 20.96 -41.69 -17.85
N GLY C 44 21.24 -40.56 -18.52
CA GLY C 44 20.35 -39.43 -18.45
C GLY C 44 20.14 -38.93 -17.03
N GLN C 45 18.95 -39.19 -16.48
CA GLN C 45 18.62 -38.88 -15.09
C GLN C 45 18.72 -37.38 -14.83
N TYR C 46 17.80 -36.65 -15.49
CA TYR C 46 17.68 -35.20 -15.34
C TYR C 46 18.97 -34.51 -15.77
N GLY C 47 19.33 -34.73 -17.03
CA GLY C 47 20.49 -34.09 -17.63
C GLY C 47 20.25 -33.93 -19.12
N LEU C 48 21.21 -33.27 -19.78
CA LEU C 48 21.09 -33.08 -21.23
C LEU C 48 20.98 -34.42 -21.93
N GLU C 49 21.66 -35.44 -21.43
CA GLU C 49 21.50 -36.79 -21.97
C GLU C 49 20.05 -37.24 -21.91
N ALA C 50 19.33 -36.84 -20.85
CA ALA C 50 17.92 -37.19 -20.75
C ALA C 50 17.15 -36.62 -21.93
N ALA C 51 17.35 -35.34 -22.23
CA ALA C 51 16.66 -34.73 -23.37
C ALA C 51 17.08 -35.39 -24.67
N PHE C 52 18.37 -35.68 -24.84
CA PHE C 52 18.83 -36.29 -26.07
C PHE C 52 18.16 -37.64 -26.29
N ARG C 53 18.22 -38.52 -25.29
CA ARG C 53 17.58 -39.83 -25.45
C ARG C 53 16.06 -39.72 -25.51
N SER C 54 15.49 -38.63 -25.02
CA SER C 54 14.06 -38.41 -25.21
C SER C 54 13.76 -38.09 -26.66
N VAL C 55 14.61 -37.30 -27.30
CA VAL C 55 14.39 -36.94 -28.69
C VAL C 55 15.00 -37.97 -29.66
N PHE C 56 16.05 -38.67 -29.23
CA PHE C 56 16.68 -39.69 -30.05
C PHE C 56 16.23 -41.08 -29.62
N PRO C 57 16.37 -42.09 -30.48
CA PRO C 57 16.85 -42.05 -31.88
C PRO C 57 15.83 -41.37 -32.80
N ILE C 58 16.26 -40.95 -33.98
CA ILE C 58 15.40 -40.23 -34.91
C ILE C 58 15.54 -40.87 -36.29
N GLN C 59 14.42 -40.97 -37.00
CA GLN C 59 14.43 -41.53 -38.34
C GLN C 59 13.09 -41.22 -39.00
N SER C 60 13.14 -40.93 -40.30
CA SER C 60 11.92 -40.74 -41.06
C SER C 60 11.16 -42.05 -41.13
N TYR C 61 9.83 -41.97 -41.07
CA TYR C 61 9.00 -43.16 -40.93
C TYR C 61 9.23 -44.11 -42.10
N SER C 62 9.67 -45.32 -41.78
CA SER C 62 10.00 -46.35 -42.77
C SER C 62 11.06 -45.88 -43.77
N GLY C 63 11.85 -44.87 -43.40
CA GLY C 63 12.85 -44.35 -44.30
C GLY C 63 14.11 -45.18 -44.42
N ASN C 64 14.27 -46.19 -43.58
CA ASN C 64 15.48 -47.02 -43.55
C ASN C 64 16.73 -46.15 -43.36
N SER C 65 16.55 -45.01 -42.68
CA SER C 65 17.62 -44.03 -42.52
C SER C 65 17.44 -43.40 -41.15
N GLU C 66 18.37 -43.69 -40.24
CA GLU C 66 18.25 -43.32 -38.85
C GLU C 66 19.42 -42.42 -38.44
N LEU C 67 19.09 -41.26 -37.87
CA LEU C 67 20.07 -40.40 -37.23
C LEU C 67 20.06 -40.69 -35.75
N GLN C 68 21.19 -41.17 -35.23
CA GLN C 68 21.34 -41.49 -33.82
C GLN C 68 22.40 -40.60 -33.20
N TYR C 69 22.27 -40.39 -31.90
CA TYR C 69 23.09 -39.45 -31.16
C TYR C 69 24.17 -40.20 -30.38
N VAL C 70 25.38 -39.65 -30.38
CA VAL C 70 26.51 -40.28 -29.71
C VAL C 70 26.77 -39.60 -28.37
N SER C 71 27.10 -38.31 -28.41
CA SER C 71 27.53 -37.64 -27.20
C SER C 71 27.39 -36.14 -27.37
N TYR C 72 27.56 -35.41 -26.27
CA TYR C 72 27.53 -33.96 -26.29
C TYR C 72 28.70 -33.44 -25.46
N ARG C 73 29.17 -32.25 -25.83
CA ARG C 73 30.31 -31.65 -25.17
C ARG C 73 30.20 -30.14 -25.26
N LEU C 74 30.89 -29.46 -24.36
CA LEU C 74 30.90 -28.01 -24.28
C LEU C 74 32.32 -27.52 -24.12
N GLY C 75 32.83 -26.81 -25.11
CA GLY C 75 34.14 -26.21 -25.03
C GLY C 75 34.12 -24.99 -24.13
N GLU C 76 35.28 -24.36 -24.02
CA GLU C 76 35.37 -23.17 -23.19
C GLU C 76 34.50 -22.05 -23.79
N PRO C 77 33.97 -21.15 -22.98
CA PRO C 77 33.25 -20.00 -23.54
C PRO C 77 34.19 -19.12 -24.33
N VAL C 78 33.62 -18.44 -25.33
CA VAL C 78 34.43 -17.60 -26.21
C VAL C 78 35.13 -16.51 -25.41
N PHE C 79 34.55 -16.09 -24.29
CA PHE C 79 35.10 -15.05 -23.44
C PHE C 79 35.06 -15.52 -21.98
N ASP C 80 35.67 -14.72 -21.11
CA ASP C 80 35.56 -14.90 -19.67
C ASP C 80 34.68 -13.79 -19.10
N VAL C 81 34.60 -13.73 -17.77
CA VAL C 81 33.59 -12.89 -17.12
C VAL C 81 33.80 -11.43 -17.47
N GLN C 82 34.94 -10.87 -17.07
CA GLN C 82 35.11 -9.42 -17.10
C GLN C 82 35.03 -8.88 -18.52
N GLU C 83 35.70 -9.52 -19.47
CA GLU C 83 35.66 -9.01 -20.84
C GLU C 83 34.27 -9.17 -21.44
N CYS C 84 33.55 -10.22 -21.03
CA CYS C 84 32.16 -10.36 -21.45
C CYS C 84 31.31 -9.21 -20.92
N GLN C 85 31.51 -8.84 -19.66
CA GLN C 85 30.78 -7.70 -19.12
C GLN C 85 31.09 -6.44 -19.91
N ILE C 86 32.38 -6.20 -20.15
CA ILE C 86 32.78 -4.98 -20.84
C ILE C 86 32.21 -4.95 -22.25
N ARG C 87 32.36 -6.06 -22.98
CA ARG C 87 31.88 -6.12 -24.36
C ARG C 87 30.35 -6.00 -24.41
N GLY C 88 29.66 -6.67 -23.49
CA GLY C 88 28.22 -6.64 -23.43
C GLY C 88 27.52 -7.85 -24.02
N VAL C 89 28.27 -8.89 -24.38
CA VAL C 89 27.71 -10.10 -25.00
C VAL C 89 27.22 -11.06 -23.93
N THR C 90 26.53 -12.12 -24.35
CA THR C 90 26.27 -13.25 -23.47
C THR C 90 27.58 -13.86 -22.99
N TYR C 91 27.54 -14.49 -21.82
CA TYR C 91 28.64 -15.33 -21.37
C TYR C 91 28.22 -16.77 -21.61
N SER C 92 28.66 -17.32 -22.74
CA SER C 92 28.15 -18.61 -23.20
C SER C 92 29.26 -19.37 -23.90
N ALA C 93 29.10 -20.68 -23.97
CA ALA C 93 30.03 -21.57 -24.65
C ALA C 93 29.26 -22.47 -25.60
N PRO C 94 29.91 -22.97 -26.65
CA PRO C 94 29.17 -23.71 -27.69
C PRO C 94 28.66 -25.05 -27.19
N LEU C 95 28.01 -25.79 -28.09
CA LEU C 95 27.52 -27.14 -27.80
C LEU C 95 27.87 -28.02 -28.98
N ARG C 96 28.96 -28.76 -28.85
CA ARG C 96 29.48 -29.63 -29.90
C ARG C 96 28.93 -31.03 -29.65
N VAL C 97 28.08 -31.52 -30.54
CA VAL C 97 27.34 -32.76 -30.34
C VAL C 97 27.81 -33.77 -31.37
N LYS C 98 28.39 -34.87 -30.88
CA LYS C 98 28.71 -36.00 -31.74
C LYS C 98 27.43 -36.75 -32.08
N LEU C 99 27.09 -36.75 -33.37
CA LEU C 99 25.95 -37.48 -33.91
C LEU C 99 26.44 -38.49 -34.93
N ARG C 100 25.83 -39.68 -34.91
CA ARG C 100 26.11 -40.75 -35.85
C ARG C 100 24.89 -40.95 -36.73
N LEU C 101 25.10 -40.88 -38.04
CA LEU C 101 24.05 -41.09 -39.03
C LEU C 101 24.35 -42.36 -39.79
N VAL C 102 23.37 -43.26 -39.84
CA VAL C 102 23.53 -44.57 -40.46
C VAL C 102 22.29 -44.85 -41.31
N ILE C 103 22.52 -45.42 -42.50
CA ILE C 103 21.44 -45.72 -43.43
C ILE C 103 21.59 -47.15 -43.93
N TYR C 104 20.47 -47.87 -43.95
CA TYR C 104 20.38 -49.25 -44.40
C TYR C 104 20.10 -49.32 -45.90
N GLU C 105 19.90 -50.53 -46.39
CA GLU C 105 19.44 -50.78 -47.75
C GLU C 105 17.93 -50.92 -47.74
N ARG C 106 17.38 -51.30 -48.89
CA ARG C 106 15.99 -51.72 -48.94
C ARG C 106 15.89 -53.19 -48.51
N GLU C 107 14.74 -53.52 -47.91
CA GLU C 107 14.47 -54.82 -47.27
C GLU C 107 15.70 -55.36 -46.53
N ALA C 108 16.38 -54.46 -45.83
CA ALA C 108 17.44 -54.83 -44.88
C ALA C 108 17.31 -54.00 -43.61
N PRO C 109 16.21 -54.16 -42.86
CA PRO C 109 16.11 -53.47 -41.56
C PRO C 109 17.14 -54.01 -40.58
N GLU C 110 17.11 -55.32 -40.36
CA GLU C 110 18.10 -55.96 -39.49
C GLU C 110 19.47 -56.05 -40.16
N GLY C 111 19.52 -56.01 -41.48
CA GLY C 111 20.80 -56.02 -42.17
C GLY C 111 21.65 -54.83 -41.80
N THR C 112 22.96 -55.02 -41.93
CA THR C 112 23.91 -53.97 -41.57
C THR C 112 23.62 -52.69 -42.35
N VAL C 113 23.69 -51.56 -41.65
CA VAL C 113 23.53 -50.27 -42.30
C VAL C 113 24.54 -50.16 -43.43
N LYS C 114 24.05 -49.85 -44.65
CA LYS C 114 24.95 -49.81 -45.79
C LYS C 114 25.98 -48.70 -45.64
N ASP C 115 25.60 -47.57 -45.06
CA ASP C 115 26.53 -46.46 -44.86
C ASP C 115 26.45 -45.96 -43.43
N ILE C 116 27.61 -45.58 -42.91
CA ILE C 116 27.76 -45.05 -41.56
C ILE C 116 28.54 -43.74 -41.64
N LYS C 117 28.31 -42.87 -40.66
CA LYS C 117 29.12 -41.68 -40.51
C LYS C 117 28.90 -41.13 -39.11
N GLU C 118 29.85 -40.33 -38.65
CA GLU C 118 29.73 -39.67 -37.37
C GLU C 118 30.46 -38.33 -37.46
N GLN C 119 29.93 -37.33 -36.77
CA GLN C 119 30.58 -36.02 -36.76
C GLN C 119 30.19 -35.25 -35.51
N GLU C 120 31.13 -34.41 -35.07
CA GLU C 120 30.91 -33.49 -33.96
C GLU C 120 30.28 -32.22 -34.53
N VAL C 121 28.99 -32.32 -34.83
CA VAL C 121 28.28 -31.23 -35.47
C VAL C 121 27.94 -30.17 -34.43
N TYR C 122 27.78 -28.92 -34.89
CA TYR C 122 27.49 -27.81 -34.00
C TYR C 122 25.99 -27.66 -33.83
N MET C 123 25.56 -27.59 -32.57
CA MET C 123 24.16 -27.39 -32.19
C MET C 123 24.09 -26.33 -31.08
N GLY C 124 23.98 -25.07 -31.49
CA GLY C 124 23.65 -24.01 -30.58
C GLY C 124 24.76 -23.71 -29.57
N GLU C 125 24.50 -22.66 -28.78
CA GLU C 125 25.43 -22.16 -27.79
C GLU C 125 24.65 -21.88 -26.51
N ILE C 126 25.20 -22.25 -25.36
CA ILE C 126 24.47 -22.20 -24.10
C ILE C 126 25.16 -21.22 -23.15
N PRO C 127 24.41 -20.37 -22.44
CA PRO C 127 25.04 -19.54 -21.40
C PRO C 127 25.57 -20.37 -20.25
N LEU C 128 26.61 -19.86 -19.60
CA LEU C 128 27.22 -20.49 -18.45
C LEU C 128 26.92 -19.68 -17.19
N MET C 129 26.81 -20.40 -16.08
CA MET C 129 26.54 -19.83 -14.78
C MET C 129 27.81 -19.26 -14.18
N THR C 130 27.64 -18.19 -13.39
CA THR C 130 28.77 -17.61 -12.67
C THR C 130 29.06 -18.41 -11.40
N ASP C 131 30.26 -18.19 -10.85
CA ASP C 131 30.61 -18.82 -9.58
C ASP C 131 29.64 -18.43 -8.48
N ASN C 132 29.09 -17.23 -8.54
CA ASN C 132 28.05 -16.80 -7.61
C ASN C 132 26.66 -17.26 -8.03
N GLY C 133 26.57 -18.21 -8.96
CA GLY C 133 25.29 -18.76 -9.35
C GLY C 133 24.51 -17.94 -10.35
N THR C 134 25.08 -16.85 -10.84
CA THR C 134 24.38 -15.90 -11.68
C THR C 134 24.66 -16.20 -13.15
N PHE C 135 24.19 -15.30 -14.02
CA PHE C 135 24.42 -15.39 -15.45
C PHE C 135 24.61 -14.00 -16.01
N VAL C 136 25.17 -13.94 -17.21
CA VAL C 136 25.37 -12.68 -17.94
C VAL C 136 24.81 -12.87 -19.33
N ILE C 137 23.74 -12.13 -19.64
CA ILE C 137 23.04 -12.27 -20.91
C ILE C 137 23.52 -11.25 -21.93
N ASN C 138 23.56 -9.97 -21.57
CA ASN C 138 24.17 -8.97 -22.45
C ASN C 138 24.68 -7.83 -21.56
N GLY C 139 25.95 -7.94 -21.16
CA GLY C 139 26.56 -6.97 -20.27
C GLY C 139 25.75 -6.66 -19.03
N THR C 140 24.86 -7.57 -18.65
CA THR C 140 23.95 -7.34 -17.53
C THR C 140 23.84 -8.63 -16.75
N GLU C 141 23.60 -8.47 -15.46
CA GLU C 141 23.55 -9.58 -14.52
C GLU C 141 22.10 -9.81 -14.13
N ARG C 142 21.68 -11.06 -14.15
CA ARG C 142 20.30 -11.42 -13.83
C ARG C 142 20.30 -12.75 -13.10
N VAL C 143 19.20 -13.00 -12.40
CA VAL C 143 19.03 -14.23 -11.62
C VAL C 143 17.77 -14.92 -12.11
N ILE C 144 17.82 -16.25 -12.20
CA ILE C 144 16.66 -17.06 -12.52
C ILE C 144 16.15 -17.63 -11.20
N VAL C 145 14.98 -17.21 -10.80
CA VAL C 145 14.38 -17.64 -9.55
C VAL C 145 13.59 -18.91 -9.82
N SER C 146 13.39 -19.72 -8.79
CA SER C 146 12.59 -20.93 -8.90
C SER C 146 11.16 -20.65 -8.45
N GLN C 147 10.20 -21.28 -9.12
CA GLN C 147 8.78 -21.04 -8.89
C GLN C 147 8.19 -22.20 -8.09
N LEU C 148 7.52 -21.86 -6.98
CA LEU C 148 6.84 -22.85 -6.15
C LEU C 148 5.52 -23.19 -6.84
N HIS C 149 5.57 -24.14 -7.75
CA HIS C 149 4.41 -24.53 -8.53
C HIS C 149 3.74 -25.75 -7.89
N ARG C 150 2.62 -26.16 -8.48
CA ARG C 150 1.92 -27.36 -8.04
C ARG C 150 2.73 -28.59 -8.43
N SER C 151 2.82 -29.54 -7.51
CA SER C 151 3.42 -30.81 -7.87
C SER C 151 2.55 -31.50 -8.91
N PRO C 152 3.12 -32.02 -10.00
CA PRO C 152 2.31 -32.83 -10.92
C PRO C 152 1.82 -34.10 -10.24
N GLY C 153 0.65 -34.55 -10.68
CA GLY C 153 0.05 -35.74 -10.12
C GLY C 153 -1.46 -35.71 -10.15
N VAL C 154 -2.09 -36.07 -9.04
CA VAL C 154 -3.55 -36.06 -8.90
C VAL C 154 -3.90 -35.44 -7.56
N PHE C 155 -4.93 -34.59 -7.56
CA PHE C 155 -5.35 -33.89 -6.37
C PHE C 155 -6.86 -33.84 -6.33
N PHE C 156 -7.39 -33.55 -5.14
CA PHE C 156 -8.83 -33.55 -4.90
C PHE C 156 -9.17 -32.38 -4.02
N ASP C 157 -10.23 -31.65 -4.40
CA ASP C 157 -10.63 -30.44 -3.70
C ASP C 157 -12.13 -30.45 -3.49
N SER C 158 -12.56 -29.68 -2.49
CA SER C 158 -13.95 -29.65 -2.06
C SER C 158 -14.79 -28.67 -2.87
N ASP C 159 -14.37 -27.40 -2.92
CA ASP C 159 -15.16 -26.34 -3.53
C ASP C 159 -16.54 -26.27 -2.88
N LYS C 160 -16.53 -25.94 -1.58
CA LYS C 160 -17.71 -25.89 -0.77
C LYS C 160 -18.17 -24.44 -0.58
N GLY C 161 -19.17 -24.25 0.27
CA GLY C 161 -19.65 -22.92 0.59
C GLY C 161 -20.47 -22.29 -0.52
N LYS C 162 -19.89 -21.29 -1.17
CA LYS C 162 -20.63 -20.50 -2.14
C LYS C 162 -21.01 -21.27 -3.40
N THR C 163 -20.46 -22.46 -3.61
CA THR C 163 -20.76 -23.22 -4.82
C THR C 163 -22.24 -23.57 -4.90
N HIS C 164 -22.94 -22.94 -5.84
CA HIS C 164 -24.37 -23.12 -6.13
C HIS C 164 -25.28 -22.55 -5.05
N SER C 165 -24.73 -22.01 -3.96
CA SER C 165 -25.53 -21.41 -2.89
C SER C 165 -26.57 -22.39 -2.35
N SER C 166 -26.24 -23.68 -2.39
CA SER C 166 -27.13 -24.73 -1.89
C SER C 166 -26.65 -25.35 -0.58
N GLY C 167 -25.42 -25.05 -0.15
CA GLY C 167 -24.83 -25.71 0.99
C GLY C 167 -24.33 -27.11 0.72
N LYS C 168 -24.48 -27.61 -0.51
CA LYS C 168 -24.05 -28.96 -0.86
C LYS C 168 -22.59 -28.92 -1.27
N VAL C 169 -21.73 -29.49 -0.43
CA VAL C 169 -20.31 -29.55 -0.75
C VAL C 169 -20.11 -30.35 -2.02
N LEU C 170 -19.37 -29.77 -2.96
CA LEU C 170 -18.99 -30.47 -4.17
C LEU C 170 -17.69 -31.24 -3.93
N TYR C 171 -17.28 -32.01 -4.92
CA TYR C 171 -16.03 -32.75 -4.86
C TYR C 171 -15.47 -32.85 -6.26
N ASN C 172 -14.25 -32.35 -6.45
CA ASN C 172 -13.60 -32.33 -7.75
C ASN C 172 -12.23 -32.97 -7.66
N ALA C 173 -11.80 -33.57 -8.76
CA ALA C 173 -10.48 -34.17 -8.89
C ALA C 173 -9.78 -33.57 -10.09
N ARG C 174 -8.45 -33.48 -10.00
CA ARG C 174 -7.65 -32.90 -11.06
C ARG C 174 -6.35 -33.68 -11.19
N ILE C 175 -6.16 -34.32 -12.34
CA ILE C 175 -4.88 -34.90 -12.71
C ILE C 175 -4.16 -33.88 -13.58
N ILE C 176 -2.96 -33.50 -13.13
CA ILE C 176 -2.15 -32.46 -13.75
C ILE C 176 -0.82 -33.09 -14.14
N PRO C 177 -0.58 -33.38 -15.42
CA PRO C 177 0.71 -33.97 -15.79
C PRO C 177 1.84 -32.96 -15.64
N TYR C 178 3.04 -33.50 -15.43
CA TYR C 178 4.22 -32.64 -15.50
C TYR C 178 4.34 -32.00 -16.87
N ARG C 179 3.86 -32.68 -17.90
CA ARG C 179 3.81 -32.14 -19.25
C ARG C 179 2.71 -32.89 -19.99
N GLY C 180 1.62 -32.20 -20.30
CA GLY C 180 0.51 -32.79 -21.00
C GLY C 180 -0.77 -32.04 -20.69
N SER C 181 -1.85 -32.47 -21.34
CA SER C 181 -3.13 -31.82 -21.15
C SER C 181 -3.61 -31.99 -19.72
N TRP C 182 -4.29 -30.95 -19.22
CA TRP C 182 -4.93 -31.02 -17.92
C TRP C 182 -6.05 -32.06 -17.97
N LEU C 183 -6.48 -32.53 -16.80
CA LEU C 183 -7.68 -33.35 -16.76
C LEU C 183 -8.39 -33.12 -15.43
N ASP C 184 -9.71 -32.92 -15.50
CA ASP C 184 -10.51 -32.65 -14.32
C ASP C 184 -11.80 -33.45 -14.37
N PHE C 185 -12.25 -33.89 -13.19
CA PHE C 185 -13.49 -34.62 -13.02
C PHE C 185 -14.32 -33.93 -11.95
N GLU C 186 -15.59 -33.69 -12.26
CA GLU C 186 -16.44 -32.86 -11.43
C GLU C 186 -17.82 -33.47 -11.28
N PHE C 187 -18.32 -33.46 -10.05
CA PHE C 187 -19.70 -33.83 -9.76
C PHE C 187 -20.59 -32.62 -10.03
N ASP C 188 -21.86 -32.70 -9.66
CA ASP C 188 -22.76 -31.56 -9.72
C ASP C 188 -23.73 -31.68 -8.56
N PRO C 189 -24.50 -30.62 -8.27
CA PRO C 189 -25.47 -30.71 -7.18
C PRO C 189 -26.50 -31.80 -7.38
N LYS C 190 -26.71 -32.26 -8.62
CA LYS C 190 -27.60 -33.38 -8.90
C LYS C 190 -26.93 -34.73 -8.68
N ASP C 191 -25.75 -34.74 -8.03
CA ASP C 191 -25.02 -35.98 -7.75
C ASP C 191 -24.70 -36.73 -9.04
N ASN C 192 -24.38 -35.99 -10.09
CA ASN C 192 -24.03 -36.55 -11.39
C ASN C 192 -22.58 -36.21 -11.69
N LEU C 193 -21.79 -37.23 -12.01
CA LEU C 193 -20.38 -37.01 -12.26
C LEU C 193 -20.16 -36.51 -13.68
N PHE C 194 -19.13 -35.70 -13.85
CA PHE C 194 -18.79 -35.13 -15.15
C PHE C 194 -17.28 -35.03 -15.28
N VAL C 195 -16.84 -34.70 -16.49
CA VAL C 195 -15.43 -34.56 -16.81
C VAL C 195 -15.28 -33.40 -17.78
N ARG C 196 -14.18 -32.66 -17.66
CA ARG C 196 -13.79 -31.68 -18.65
C ARG C 196 -12.28 -31.66 -18.77
N ILE C 197 -11.82 -31.29 -19.97
CA ILE C 197 -10.40 -31.25 -20.29
C ILE C 197 -10.06 -29.81 -20.67
N ASP C 198 -9.00 -29.29 -20.07
CA ASP C 198 -8.52 -27.93 -20.36
C ASP C 198 -9.61 -26.89 -20.10
N ARG C 199 -10.49 -27.18 -19.13
CA ARG C 199 -11.57 -26.28 -18.76
C ARG C 199 -12.55 -26.08 -19.92
N ARG C 200 -12.70 -27.09 -20.77
CA ARG C 200 -13.60 -27.03 -21.91
C ARG C 200 -15.02 -27.34 -21.46
N ARG C 201 -15.94 -27.49 -22.42
CA ARG C 201 -17.34 -27.71 -22.09
C ARG C 201 -17.52 -28.99 -21.27
N LYS C 202 -18.42 -28.92 -20.31
CA LYS C 202 -18.68 -30.06 -19.43
C LYS C 202 -19.26 -31.22 -20.24
N LEU C 203 -18.88 -32.43 -19.84
CA LEU C 203 -19.40 -33.65 -20.44
C LEU C 203 -19.59 -34.68 -19.33
N PRO C 204 -20.45 -35.67 -19.55
CA PRO C 204 -20.53 -36.78 -18.59
C PRO C 204 -19.17 -37.45 -18.47
N ALA C 205 -18.87 -37.94 -17.27
CA ALA C 205 -17.63 -38.68 -17.10
C ALA C 205 -17.66 -39.99 -17.89
N THR C 206 -18.71 -40.79 -17.69
CA THR C 206 -18.70 -42.14 -18.24
C THR C 206 -18.62 -42.17 -19.75
N ILE C 207 -18.93 -41.04 -20.43
CA ILE C 207 -18.83 -41.02 -21.88
C ILE C 207 -17.40 -41.33 -22.31
N ILE C 208 -16.41 -40.78 -21.61
CA ILE C 208 -15.04 -41.13 -21.97
C ILE C 208 -14.72 -42.53 -21.49
N LEU C 209 -15.35 -42.97 -20.41
CA LEU C 209 -15.11 -44.31 -19.90
C LEU C 209 -15.53 -45.35 -20.94
N ARG C 210 -16.74 -45.21 -21.50
CA ARG C 210 -17.08 -46.06 -22.63
C ARG C 210 -16.23 -45.74 -23.85
N ALA C 211 -15.73 -44.52 -23.97
CA ALA C 211 -14.75 -44.22 -25.01
C ALA C 211 -13.44 -44.97 -24.78
N LEU C 212 -13.16 -45.40 -23.56
CA LEU C 212 -12.04 -46.28 -23.28
C LEU C 212 -12.33 -47.73 -23.68
N ASN C 213 -13.43 -47.97 -24.40
CA ASN C 213 -13.76 -49.29 -24.93
C ASN C 213 -14.17 -50.26 -23.81
N TYR C 214 -14.92 -49.72 -22.85
CA TYR C 214 -15.47 -50.51 -21.75
C TYR C 214 -16.99 -50.49 -21.85
N THR C 215 -17.60 -51.66 -21.84
CA THR C 215 -19.04 -51.75 -22.01
C THR C 215 -19.75 -51.22 -20.77
N THR C 216 -21.02 -50.85 -20.97
CA THR C 216 -21.84 -50.39 -19.84
C THR C 216 -21.92 -51.45 -18.75
N GLU C 217 -22.13 -52.71 -19.14
CA GLU C 217 -22.12 -53.78 -18.17
C GLU C 217 -20.76 -53.88 -17.48
N GLN C 218 -19.68 -53.81 -18.26
CA GLN C 218 -18.35 -53.82 -17.67
C GLN C 218 -18.16 -52.64 -16.72
N ILE C 219 -18.65 -51.46 -17.12
CA ILE C 219 -18.48 -50.27 -16.31
C ILE C 219 -19.19 -50.46 -14.97
N LEU C 220 -20.43 -50.95 -15.00
CA LEU C 220 -21.16 -51.15 -13.76
C LEU C 220 -20.53 -52.22 -12.91
N ASP C 221 -19.99 -53.28 -13.52
CA ASP C 221 -19.25 -54.27 -12.75
C ASP C 221 -18.07 -53.63 -12.04
N LEU C 222 -17.35 -52.76 -12.73
CA LEU C 222 -16.20 -52.10 -12.14
C LEU C 222 -16.61 -51.23 -10.97
N PHE C 223 -17.69 -50.47 -11.12
CA PHE C 223 -18.08 -49.46 -10.13
C PHE C 223 -19.18 -49.94 -9.19
N PHE C 224 -19.51 -51.23 -9.18
CA PHE C 224 -20.53 -51.74 -8.27
C PHE C 224 -20.21 -53.19 -7.92
N GLU C 225 -21.05 -53.77 -7.07
CA GLU C 225 -20.97 -55.17 -6.68
C GLU C 225 -22.33 -55.82 -6.86
N LYS C 226 -22.33 -57.13 -7.07
CA LYS C 226 -23.52 -57.86 -7.46
C LYS C 226 -24.37 -58.24 -6.25
N VAL C 227 -25.69 -58.14 -6.42
CA VAL C 227 -26.67 -58.63 -5.47
C VAL C 227 -27.58 -59.59 -6.22
N ILE C 228 -27.71 -60.81 -5.71
CA ILE C 228 -28.28 -61.92 -6.45
C ILE C 228 -29.65 -62.29 -5.88
N PHE C 229 -30.60 -62.51 -6.77
CA PHE C 229 -31.91 -63.05 -6.45
C PHE C 229 -32.11 -64.33 -7.27
N GLU C 230 -32.50 -65.40 -6.58
CA GLU C 230 -32.68 -66.72 -7.19
C GLU C 230 -34.16 -67.05 -7.25
N ILE C 231 -34.62 -67.54 -8.41
CA ILE C 231 -36.00 -67.98 -8.54
C ILE C 231 -36.09 -69.37 -7.92
N ARG C 232 -36.34 -69.42 -6.62
CA ARG C 232 -36.46 -70.69 -5.91
C ARG C 232 -37.92 -71.14 -5.87
N ASP C 233 -38.51 -71.18 -7.06
CA ASP C 233 -39.88 -71.53 -7.38
C ASP C 233 -40.87 -70.42 -7.02
N ASN C 234 -40.45 -69.37 -6.29
CA ASN C 234 -41.29 -68.21 -6.01
C ASN C 234 -40.48 -67.23 -5.18
N LYS C 235 -40.92 -65.97 -5.21
CA LYS C 235 -40.51 -64.89 -4.32
C LYS C 235 -39.07 -64.42 -4.51
N LEU C 236 -38.30 -65.04 -5.42
CA LEU C 236 -36.98 -64.57 -5.78
C LEU C 236 -36.07 -64.43 -4.56
N GLN C 237 -35.79 -65.59 -3.95
CA GLN C 237 -34.96 -65.60 -2.75
C GLN C 237 -33.59 -64.99 -3.04
N MET C 238 -33.09 -64.24 -2.07
CA MET C 238 -31.92 -63.40 -2.23
C MET C 238 -30.73 -63.97 -1.45
N GLU C 239 -29.56 -63.96 -2.09
CA GLU C 239 -28.31 -64.18 -1.39
C GLU C 239 -27.95 -62.92 -0.61
N LEU C 240 -27.92 -63.03 0.72
CA LEU C 240 -27.69 -61.89 1.59
C LEU C 240 -26.33 -62.02 2.26
N VAL C 241 -25.51 -60.99 2.14
CA VAL C 241 -24.29 -60.85 2.91
C VAL C 241 -24.54 -59.82 4.00
N PRO C 242 -24.20 -60.09 5.27
CA PRO C 242 -24.55 -59.13 6.33
C PRO C 242 -23.96 -57.75 6.12
N GLU C 243 -22.79 -57.67 5.50
CA GLU C 243 -22.11 -56.39 5.31
C GLU C 243 -22.95 -55.42 4.49
N ARG C 244 -23.91 -55.92 3.71
CA ARG C 244 -24.80 -55.10 2.92
C ARG C 244 -26.08 -54.73 3.68
N LEU C 245 -26.01 -54.67 5.01
CA LEU C 245 -27.19 -54.38 5.83
C LEU C 245 -27.04 -53.17 6.74
N ARG C 246 -25.83 -52.69 6.99
CA ARG C 246 -25.65 -51.59 7.91
C ARG C 246 -26.31 -50.33 7.38
N GLY C 247 -26.90 -49.55 8.28
CA GLY C 247 -27.56 -48.32 7.90
C GLY C 247 -28.75 -48.54 6.97
N GLU C 248 -29.60 -49.51 7.30
CA GLU C 248 -30.75 -49.84 6.48
C GLU C 248 -31.94 -50.16 7.37
N THR C 249 -33.13 -50.07 6.78
CA THR C 249 -34.37 -50.44 7.44
C THR C 249 -35.01 -51.58 6.66
N ALA C 250 -35.46 -52.60 7.38
CA ALA C 250 -36.03 -53.80 6.76
C ALA C 250 -37.50 -53.55 6.47
N SER C 251 -37.83 -53.36 5.20
CA SER C 251 -39.22 -53.20 4.78
C SER C 251 -40.02 -54.49 4.85
N PHE C 252 -39.37 -55.62 5.10
CA PHE C 252 -40.05 -56.90 5.24
C PHE C 252 -39.43 -57.67 6.39
N ASP C 253 -40.01 -58.82 6.69
CA ASP C 253 -39.54 -59.68 7.77
C ASP C 253 -38.36 -60.50 7.25
N ILE C 254 -37.14 -60.06 7.59
CA ILE C 254 -35.94 -60.82 7.24
C ILE C 254 -35.92 -62.07 8.10
N GLU C 255 -36.02 -63.23 7.44
CA GLU C 255 -36.18 -64.51 8.11
C GLU C 255 -35.60 -65.61 7.25
N ALA C 256 -35.37 -66.76 7.87
CA ALA C 256 -34.87 -67.93 7.15
C ALA C 256 -34.97 -69.13 8.07
N ASN C 257 -35.12 -70.31 7.46
CA ASN C 257 -35.23 -71.57 8.19
C ASN C 257 -36.37 -71.55 9.20
N GLY C 258 -37.42 -70.79 8.89
CA GLY C 258 -38.55 -70.67 9.80
C GLY C 258 -38.28 -69.81 11.02
N LYS C 259 -37.19 -69.05 11.05
CA LYS C 259 -36.85 -68.18 12.17
C LYS C 259 -36.82 -66.73 11.70
N VAL C 260 -37.46 -65.86 12.46
CA VAL C 260 -37.45 -64.43 12.18
C VAL C 260 -36.19 -63.82 12.78
N TYR C 261 -35.42 -63.11 11.95
CA TYR C 261 -34.19 -62.47 12.38
C TYR C 261 -34.33 -60.97 12.53
N VAL C 262 -35.07 -60.32 11.62
CA VAL C 262 -35.45 -58.92 11.79
C VAL C 262 -36.92 -58.79 11.41
N GLU C 263 -37.72 -58.25 12.32
CA GLU C 263 -39.13 -58.05 12.01
C GLU C 263 -39.27 -56.99 10.92
N LYS C 264 -40.39 -57.05 10.21
CA LYS C 264 -40.68 -56.04 9.21
C LYS C 264 -40.76 -54.68 9.89
N GLY C 265 -40.05 -53.70 9.31
CA GLY C 265 -39.97 -52.37 9.87
C GLY C 265 -38.87 -52.17 10.88
N ARG C 266 -38.35 -53.25 11.48
CA ARG C 266 -37.24 -53.14 12.40
C ARG C 266 -35.95 -52.90 11.62
N ARG C 267 -35.20 -51.87 12.03
CA ARG C 267 -33.93 -51.60 11.37
C ARG C 267 -32.89 -52.64 11.79
N ILE C 268 -31.92 -52.84 10.92
CA ILE C 268 -30.91 -53.89 11.13
C ILE C 268 -29.85 -53.33 12.08
N THR C 269 -29.92 -53.72 13.34
CA THR C 269 -28.89 -53.37 14.31
C THR C 269 -27.66 -54.25 14.09
N ALA C 270 -26.54 -53.83 14.69
CA ALA C 270 -25.37 -54.68 14.70
C ALA C 270 -25.65 -56.01 15.38
N ARG C 271 -26.59 -56.02 16.32
CA ARG C 271 -26.99 -57.28 16.95
C ARG C 271 -27.66 -58.20 15.95
N HIS C 272 -28.51 -57.66 15.08
CA HIS C 272 -29.11 -58.49 14.04
C HIS C 272 -28.05 -59.03 13.09
N ILE C 273 -27.07 -58.20 12.74
CA ILE C 273 -25.99 -58.64 11.86
C ILE C 273 -25.22 -59.77 12.52
N ARG C 274 -24.92 -59.64 13.81
CA ARG C 274 -24.21 -60.69 14.52
C ARG C 274 -25.05 -61.97 14.61
N GLN C 275 -26.36 -61.82 14.81
CA GLN C 275 -27.25 -62.97 14.81
C GLN C 275 -27.16 -63.71 13.49
N LEU C 276 -27.23 -62.96 12.38
CA LEU C 276 -27.15 -63.58 11.06
C LEU C 276 -25.80 -64.25 10.86
N GLU C 277 -24.72 -63.59 11.26
CA GLU C 277 -23.39 -64.14 11.06
C GLU C 277 -23.18 -65.42 11.85
N LYS C 278 -23.50 -65.39 13.14
CA LYS C 278 -23.35 -66.58 13.97
C LYS C 278 -24.25 -67.70 13.48
N ASP C 279 -25.51 -67.38 13.16
CA ASP C 279 -26.40 -68.36 12.55
C ASP C 279 -25.99 -68.69 11.13
N ASP C 280 -25.16 -67.86 10.49
CA ASP C 280 -24.64 -68.11 9.15
C ASP C 280 -25.79 -68.22 8.15
N VAL C 281 -26.57 -67.15 8.10
CA VAL C 281 -27.78 -67.08 7.27
C VAL C 281 -27.48 -66.18 6.09
N LYS C 282 -27.37 -66.77 4.91
CA LYS C 282 -27.05 -66.06 3.68
C LYS C 282 -28.23 -65.99 2.71
N LEU C 283 -28.82 -67.14 2.38
CA LEU C 283 -30.03 -67.15 1.58
C LEU C 283 -31.23 -66.79 2.44
N ILE C 284 -32.03 -65.84 1.95
CA ILE C 284 -33.27 -65.45 2.61
C ILE C 284 -34.36 -65.35 1.54
N GLU C 285 -35.61 -65.21 2.01
CA GLU C 285 -36.76 -65.05 1.13
C GLU C 285 -37.20 -63.59 1.18
N VAL C 286 -37.23 -62.95 0.02
CA VAL C 286 -37.56 -61.53 -0.07
C VAL C 286 -38.91 -61.38 -0.75
N PRO C 287 -39.68 -60.34 -0.46
CA PRO C 287 -40.90 -60.10 -1.22
C PRO C 287 -40.61 -59.49 -2.58
N VAL C 288 -41.59 -59.61 -3.47
CA VAL C 288 -41.44 -59.09 -4.83
C VAL C 288 -41.25 -57.57 -4.80
N GLU C 289 -41.98 -56.89 -3.93
CA GLU C 289 -41.95 -55.43 -3.89
C GLU C 289 -40.53 -54.93 -3.61
N TYR C 290 -39.80 -55.60 -2.72
CA TYR C 290 -38.44 -55.18 -2.40
C TYR C 290 -37.56 -55.19 -3.64
N ILE C 291 -37.86 -56.06 -4.60
CA ILE C 291 -37.06 -56.12 -5.82
C ILE C 291 -37.46 -55.03 -6.82
N ALA C 292 -38.66 -54.46 -6.67
CA ALA C 292 -39.09 -53.43 -7.62
C ALA C 292 -38.16 -52.22 -7.57
N GLY C 293 -37.78 -51.78 -6.37
CA GLY C 293 -36.88 -50.66 -6.25
C GLY C 293 -35.51 -50.92 -6.84
N LYS C 294 -35.08 -52.18 -6.90
CA LYS C 294 -33.75 -52.51 -7.35
C LYS C 294 -33.58 -52.18 -8.84
N VAL C 295 -32.32 -52.06 -9.25
CA VAL C 295 -31.96 -51.71 -10.61
C VAL C 295 -31.19 -52.86 -11.23
N VAL C 296 -31.62 -53.31 -12.41
CA VAL C 296 -30.97 -54.43 -13.07
C VAL C 296 -29.59 -54.02 -13.57
N ALA C 297 -28.64 -54.95 -13.51
CA ALA C 297 -27.27 -54.68 -13.88
C ALA C 297 -27.01 -54.95 -15.36
N LYS C 298 -27.22 -56.18 -15.79
CA LYS C 298 -26.87 -56.61 -17.14
C LYS C 298 -28.13 -56.69 -18.02
N ASP C 299 -27.95 -57.25 -19.21
CA ASP C 299 -29.03 -57.44 -20.17
C ASP C 299 -29.32 -58.92 -20.32
N TYR C 300 -30.56 -59.30 -20.05
CA TYR C 300 -31.02 -60.67 -20.22
C TYR C 300 -31.70 -60.83 -21.57
N ILE C 301 -31.65 -62.05 -22.12
CA ILE C 301 -32.29 -62.36 -23.39
C ILE C 301 -33.03 -63.69 -23.25
N ASP C 302 -34.24 -63.75 -23.79
CA ASP C 302 -35.00 -64.98 -23.80
C ASP C 302 -34.42 -65.94 -24.84
N GLU C 303 -34.52 -67.24 -24.54
CA GLU C 303 -33.93 -68.23 -25.43
C GLU C 303 -34.66 -68.27 -26.76
N SER C 304 -36.00 -68.35 -26.73
CA SER C 304 -36.76 -68.41 -27.97
C SER C 304 -36.59 -67.13 -28.79
N THR C 305 -36.62 -65.98 -28.13
CA THR C 305 -36.52 -64.70 -28.83
C THR C 305 -35.08 -64.24 -28.99
N GLY C 306 -34.30 -64.28 -27.91
CA GLY C 306 -32.99 -63.67 -27.92
C GLY C 306 -33.01 -62.16 -27.78
N GLU C 307 -34.20 -61.56 -27.69
CA GLU C 307 -34.34 -60.12 -27.62
C GLU C 307 -34.09 -59.63 -26.21
N LEU C 308 -33.90 -58.32 -26.09
CA LEU C 308 -33.55 -57.70 -24.82
C LEU C 308 -34.71 -57.84 -23.84
N ILE C 309 -34.55 -58.73 -22.85
CA ILE C 309 -35.54 -58.82 -21.78
C ILE C 309 -35.58 -57.52 -20.99
N CYS C 310 -34.40 -56.97 -20.68
CA CYS C 310 -34.32 -55.75 -19.90
C CYS C 310 -32.97 -55.11 -20.15
N ALA C 311 -32.97 -53.79 -20.36
CA ALA C 311 -31.73 -53.06 -20.57
C ALA C 311 -30.96 -52.94 -19.26
N ALA C 312 -29.64 -52.85 -19.38
CA ALA C 312 -28.81 -52.58 -18.22
C ALA C 312 -29.17 -51.23 -17.62
N ASN C 313 -28.99 -51.12 -16.30
CA ASN C 313 -29.26 -49.87 -15.59
C ASN C 313 -30.74 -49.48 -15.71
N MET C 314 -31.60 -50.37 -15.22
CA MET C 314 -33.04 -50.17 -15.28
C MET C 314 -33.67 -50.66 -14.00
N GLU C 315 -34.58 -49.86 -13.44
CA GLU C 315 -35.35 -50.28 -12.27
C GLU C 315 -36.32 -51.39 -12.65
N LEU C 316 -36.66 -52.22 -11.66
CA LEU C 316 -37.46 -53.42 -11.87
C LEU C 316 -38.88 -53.22 -11.37
N SER C 317 -39.73 -54.18 -11.68
CA SER C 317 -41.11 -54.23 -11.22
C SER C 317 -41.65 -55.62 -11.56
N LEU C 318 -42.89 -55.88 -11.13
CA LEU C 318 -43.44 -57.22 -11.28
C LEU C 318 -43.56 -57.62 -12.75
N ASP C 319 -43.86 -56.65 -13.63
CA ASP C 319 -43.98 -56.97 -15.04
C ASP C 319 -42.65 -57.45 -15.61
N LEU C 320 -41.56 -56.74 -15.30
CA LEU C 320 -40.25 -57.16 -15.76
C LEU C 320 -39.80 -58.45 -15.08
N LEU C 321 -40.15 -58.62 -13.81
CA LEU C 321 -39.80 -59.85 -13.10
C LEU C 321 -40.49 -61.04 -13.74
N ALA C 322 -41.75 -60.88 -14.16
CA ALA C 322 -42.43 -61.95 -14.88
C ALA C 322 -41.82 -62.16 -16.26
N LYS C 323 -41.47 -61.07 -16.95
CA LYS C 323 -40.91 -61.18 -18.29
C LYS C 323 -39.60 -61.95 -18.27
N LEU C 324 -38.76 -61.71 -17.26
CA LEU C 324 -37.55 -62.53 -17.10
C LEU C 324 -37.85 -63.89 -16.48
N SER C 325 -38.99 -64.04 -15.78
CA SER C 325 -39.33 -65.32 -15.18
C SER C 325 -39.81 -66.32 -16.23
N GLN C 326 -40.55 -65.85 -17.24
CA GLN C 326 -40.98 -66.75 -18.31
C GLN C 326 -39.78 -67.33 -19.04
N SER C 327 -38.74 -66.51 -19.25
CA SER C 327 -37.50 -67.04 -19.79
C SER C 327 -36.86 -68.02 -18.81
N GLY C 328 -37.15 -67.89 -17.52
CA GLY C 328 -36.66 -68.82 -16.54
C GLY C 328 -35.26 -68.53 -16.04
N HIS C 329 -34.77 -67.31 -16.22
CA HIS C 329 -33.44 -66.97 -15.73
C HIS C 329 -33.45 -66.96 -14.21
N LYS C 330 -32.93 -68.03 -13.62
CA LYS C 330 -32.88 -68.11 -12.16
C LYS C 330 -32.01 -66.99 -11.59
N ARG C 331 -31.02 -66.54 -12.35
CA ARG C 331 -30.09 -65.51 -11.90
C ARG C 331 -30.70 -64.15 -12.23
N ILE C 332 -31.03 -63.39 -11.17
CA ILE C 332 -31.42 -61.99 -11.32
C ILE C 332 -30.41 -61.17 -10.53
N GLU C 333 -29.51 -60.48 -11.24
CA GLU C 333 -28.43 -59.73 -10.62
C GLU C 333 -28.75 -58.24 -10.68
N THR C 334 -28.60 -57.58 -9.54
CA THR C 334 -28.70 -56.14 -9.40
C THR C 334 -27.40 -55.65 -8.78
N LEU C 335 -27.35 -54.36 -8.46
CA LEU C 335 -26.16 -53.75 -7.88
C LEU C 335 -26.48 -53.12 -6.54
N PHE C 336 -25.61 -53.34 -5.57
CA PHE C 336 -25.81 -52.82 -4.22
C PHE C 336 -25.60 -51.31 -4.23
N THR C 337 -26.71 -50.57 -4.28
CA THR C 337 -26.70 -49.12 -4.29
C THR C 337 -27.35 -48.61 -3.01
N ASN C 338 -26.65 -47.73 -2.29
CA ASN C 338 -27.14 -47.16 -1.05
C ASN C 338 -26.97 -45.65 -1.10
N ASP C 339 -27.91 -44.94 -0.48
CA ASP C 339 -27.77 -43.50 -0.39
C ASP C 339 -26.56 -43.12 0.45
N LEU C 340 -26.31 -43.84 1.54
CA LEU C 340 -25.21 -43.53 2.44
C LEU C 340 -23.89 -44.12 1.96
N ASP C 341 -23.88 -45.39 1.54
CA ASP C 341 -22.65 -46.12 1.28
C ASP C 341 -22.17 -45.97 -0.16
N HIS C 342 -23.02 -46.27 -1.13
CA HIS C 342 -22.63 -46.24 -2.55
C HIS C 342 -23.73 -45.50 -3.31
N GLY C 343 -23.60 -44.19 -3.40
CA GLY C 343 -24.53 -43.39 -4.16
C GLY C 343 -24.51 -43.83 -5.62
N PRO C 344 -25.68 -43.92 -6.26
CA PRO C 344 -25.72 -44.51 -7.59
C PRO C 344 -25.35 -43.52 -8.68
N TYR C 345 -24.22 -42.82 -8.50
CA TYR C 345 -23.87 -41.73 -9.40
C TYR C 345 -23.65 -42.25 -10.82
N ILE C 346 -23.02 -43.42 -10.93
CA ILE C 346 -22.70 -44.00 -12.23
C ILE C 346 -23.98 -44.29 -13.00
N SER C 347 -25.06 -44.65 -12.30
CA SER C 347 -26.30 -45.03 -12.98
C SER C 347 -26.83 -43.88 -13.83
N GLU C 348 -27.12 -42.73 -13.21
CA GLU C 348 -27.65 -41.63 -14.00
C GLU C 348 -26.57 -40.99 -14.85
N THR C 349 -25.30 -41.10 -14.44
CA THR C 349 -24.23 -40.66 -15.31
C THR C 349 -24.27 -41.41 -16.65
N LEU C 350 -24.59 -42.70 -16.60
CA LEU C 350 -24.78 -43.47 -17.81
C LEU C 350 -26.08 -43.09 -18.51
N ARG C 351 -27.16 -42.90 -17.75
CA ARG C 351 -28.44 -42.58 -18.35
C ARG C 351 -28.37 -41.29 -19.15
N VAL C 352 -27.50 -40.35 -18.73
CA VAL C 352 -27.34 -39.09 -19.47
C VAL C 352 -26.50 -39.26 -20.72
N ASP C 353 -25.91 -40.44 -20.94
CA ASP C 353 -25.04 -40.64 -22.09
C ASP C 353 -25.81 -40.39 -23.38
N PRO C 354 -25.16 -39.82 -24.41
CA PRO C 354 -25.86 -39.61 -25.68
C PRO C 354 -25.95 -40.88 -26.52
N THR C 355 -24.93 -41.74 -26.41
CA THR C 355 -24.79 -42.91 -27.26
C THR C 355 -24.18 -44.04 -26.44
N ASN C 356 -23.93 -45.17 -27.11
CA ASN C 356 -23.41 -46.39 -26.49
C ASN C 356 -22.14 -46.89 -27.14
N ASP C 357 -21.99 -46.73 -28.45
CA ASP C 357 -20.80 -47.22 -29.14
C ASP C 357 -19.60 -46.31 -28.89
N ARG C 358 -18.42 -46.93 -28.77
CA ARG C 358 -17.19 -46.18 -28.58
C ARG C 358 -16.95 -45.20 -29.72
N LEU C 359 -17.40 -45.53 -30.92
CA LEU C 359 -17.22 -44.62 -32.05
C LEU C 359 -17.91 -43.29 -31.80
N SER C 360 -19.12 -43.32 -31.26
CA SER C 360 -19.83 -42.07 -30.99
C SER C 360 -19.13 -41.26 -29.90
N ALA C 361 -18.60 -41.93 -28.88
CA ALA C 361 -17.86 -41.20 -27.85
C ALA C 361 -16.62 -40.55 -28.42
N LEU C 362 -15.92 -41.27 -29.30
CA LEU C 362 -14.75 -40.68 -29.97
C LEU C 362 -15.17 -39.50 -30.83
N VAL C 363 -16.32 -39.62 -31.50
CA VAL C 363 -16.83 -38.51 -32.31
C VAL C 363 -17.13 -37.31 -31.44
N GLU C 364 -17.73 -37.56 -30.27
CA GLU C 364 -18.01 -36.47 -29.34
C GLU C 364 -16.71 -35.80 -28.89
N ILE C 365 -15.70 -36.60 -28.60
CA ILE C 365 -14.39 -36.04 -28.21
C ILE C 365 -13.85 -35.16 -29.33
N TYR C 366 -13.87 -35.70 -30.56
CA TYR C 366 -13.32 -34.98 -31.69
C TYR C 366 -14.04 -33.66 -31.93
N ARG C 367 -15.37 -33.68 -31.83
CA ARG C 367 -16.13 -32.44 -31.94
C ARG C 367 -15.77 -31.48 -30.82
N MET C 368 -15.63 -31.99 -29.60
CA MET C 368 -15.40 -31.13 -28.44
C MET C 368 -14.04 -30.44 -28.50
N MET C 369 -13.02 -31.14 -29.02
CA MET C 369 -11.69 -30.52 -29.13
C MET C 369 -11.74 -29.25 -29.95
N ARG C 370 -12.16 -29.36 -31.21
CA ARG C 370 -12.16 -28.26 -32.17
C ARG C 370 -13.57 -28.14 -32.72
N PRO C 371 -14.49 -27.54 -31.96
CA PRO C 371 -15.89 -27.52 -32.40
C PRO C 371 -16.06 -26.84 -33.74
N GLY C 372 -16.94 -27.41 -34.57
CA GLY C 372 -17.23 -26.88 -35.88
C GLY C 372 -16.43 -27.51 -37.00
N GLU C 373 -16.11 -28.79 -36.86
CA GLU C 373 -15.43 -29.55 -37.90
C GLU C 373 -16.09 -30.92 -38.05
N PRO C 374 -15.98 -31.54 -39.21
CA PRO C 374 -16.62 -32.86 -39.40
C PRO C 374 -16.00 -33.89 -38.48
N PRO C 375 -16.78 -34.83 -37.95
CA PRO C 375 -16.19 -35.90 -37.14
C PRO C 375 -15.61 -37.00 -38.02
N THR C 376 -14.30 -37.21 -37.91
CA THR C 376 -13.59 -38.21 -38.68
C THR C 376 -13.19 -39.38 -37.78
N ARG C 377 -13.48 -40.58 -38.25
CA ARG C 377 -13.28 -41.78 -37.44
C ARG C 377 -11.81 -41.96 -37.07
N GLU C 378 -10.93 -41.99 -38.08
CA GLU C 378 -9.53 -42.33 -37.81
C GLU C 378 -8.80 -41.16 -37.15
N ALA C 379 -9.09 -39.94 -37.59
CA ALA C 379 -8.48 -38.78 -36.95
C ALA C 379 -8.90 -38.70 -35.49
N ALA C 380 -10.18 -38.95 -35.21
CA ALA C 380 -10.65 -38.95 -33.82
C ALA C 380 -9.98 -40.05 -33.01
N GLU C 381 -9.83 -41.24 -33.59
CA GLU C 381 -9.20 -42.34 -32.87
C GLU C 381 -7.76 -42.00 -32.51
N SER C 382 -6.98 -41.52 -33.49
CA SER C 382 -5.61 -41.12 -33.21
C SER C 382 -5.55 -39.98 -32.20
N LEU C 383 -6.49 -39.03 -32.32
CA LEU C 383 -6.56 -37.92 -31.38
C LEU C 383 -6.72 -38.42 -29.96
N PHE C 384 -7.72 -39.28 -29.73
CA PHE C 384 -7.93 -39.81 -28.40
C PHE C 384 -6.71 -40.58 -27.91
N GLU C 385 -6.12 -41.40 -28.77
CA GLU C 385 -5.01 -42.24 -28.35
C GLU C 385 -3.82 -41.39 -27.92
N ASN C 386 -3.40 -40.46 -28.78
CA ASN C 386 -2.22 -39.66 -28.47
C ASN C 386 -2.49 -38.53 -27.49
N LEU C 387 -3.75 -38.23 -27.20
CA LEU C 387 -4.03 -37.16 -26.25
C LEU C 387 -3.55 -37.51 -24.85
N PHE C 388 -3.68 -38.78 -24.45
CA PHE C 388 -3.30 -39.21 -23.11
C PHE C 388 -2.48 -40.49 -23.10
N PHE C 389 -2.24 -41.12 -24.24
CA PHE C 389 -1.45 -42.34 -24.32
C PHE C 389 -0.36 -42.21 -25.37
N SER C 390 0.36 -41.09 -25.36
CA SER C 390 1.51 -40.92 -26.22
C SER C 390 2.46 -39.90 -25.61
N GLU C 391 3.76 -40.18 -25.68
CA GLU C 391 4.76 -39.26 -25.19
C GLU C 391 4.72 -37.91 -25.90
N ASP C 392 4.23 -37.88 -27.15
CA ASP C 392 4.29 -36.66 -27.95
C ASP C 392 3.51 -35.53 -27.28
N ARG C 393 2.31 -35.82 -26.76
CA ARG C 393 1.44 -34.80 -26.20
C ARG C 393 0.89 -35.19 -24.83
N TYR C 394 1.58 -36.06 -24.11
CA TYR C 394 1.19 -36.36 -22.74
C TYR C 394 2.29 -37.17 -22.07
N ASP C 395 2.54 -36.88 -20.79
CA ASP C 395 3.49 -37.65 -20.02
C ASP C 395 3.40 -37.26 -18.56
N LEU C 396 3.84 -38.16 -17.69
CA LEU C 396 4.03 -37.90 -16.28
C LEU C 396 5.48 -38.12 -15.93
N SER C 397 6.11 -37.13 -15.29
CA SER C 397 7.48 -37.27 -14.87
C SER C 397 7.58 -38.30 -13.75
N ALA C 398 8.81 -38.58 -13.33
CA ALA C 398 9.00 -39.42 -12.16
C ALA C 398 8.27 -38.83 -10.96
N VAL C 399 8.40 -37.53 -10.75
CA VAL C 399 7.67 -36.87 -9.68
C VAL C 399 6.17 -37.03 -9.88
N GLY C 400 5.70 -36.78 -11.09
CA GLY C 400 4.27 -36.94 -11.37
C GLY C 400 3.82 -38.37 -11.15
N ARG C 401 4.52 -39.32 -11.75
CA ARG C 401 4.19 -40.73 -11.58
C ARG C 401 4.32 -41.15 -10.12
N MET C 402 5.39 -40.69 -9.46
CA MET C 402 5.61 -41.05 -8.06
C MET C 402 4.44 -40.61 -7.20
N LYS C 403 4.06 -39.33 -7.30
CA LYS C 403 2.99 -38.84 -6.44
C LYS C 403 1.64 -39.40 -6.86
N PHE C 404 1.45 -39.70 -8.14
CA PHE C 404 0.23 -40.36 -8.57
C PHE C 404 0.08 -41.71 -7.89
N ASN C 405 1.13 -42.53 -7.94
CA ASN C 405 1.09 -43.81 -7.25
C ASN C 405 0.91 -43.62 -5.75
N ARG C 406 1.60 -42.63 -5.18
CA ARG C 406 1.55 -42.41 -3.74
C ARG C 406 0.13 -42.09 -3.29
N SER C 407 -0.52 -41.16 -3.99
CA SER C 407 -1.89 -40.79 -3.63
C SER C 407 -2.81 -41.99 -3.73
N LEU C 408 -2.58 -42.86 -4.71
CA LEU C 408 -3.45 -44.00 -4.94
C LEU C 408 -3.13 -45.18 -4.03
N LEU C 409 -2.39 -44.96 -2.95
CA LEU C 409 -2.11 -46.00 -1.96
C LEU C 409 -1.40 -47.19 -2.61
N ARG C 410 -0.69 -46.94 -3.70
CA ARG C 410 -0.05 -48.00 -4.45
C ARG C 410 1.22 -48.46 -3.73
N GLU C 411 1.94 -49.37 -4.38
CA GLU C 411 3.17 -49.94 -3.83
C GLU C 411 4.39 -49.63 -4.68
N GLU C 412 4.22 -49.33 -5.96
CA GLU C 412 5.33 -49.05 -6.87
C GLU C 412 5.41 -47.55 -7.11
N ILE C 413 6.62 -47.00 -7.07
CA ILE C 413 6.80 -45.57 -7.23
C ILE C 413 7.09 -45.19 -8.69
N GLU C 414 7.76 -46.05 -9.44
CA GLU C 414 8.12 -45.78 -10.83
C GLU C 414 7.20 -46.57 -11.76
N GLY C 415 6.68 -45.89 -12.76
CA GLY C 415 5.72 -46.48 -13.68
C GLY C 415 5.74 -45.81 -15.04
N SER C 416 4.72 -46.07 -15.85
CA SER C 416 4.65 -45.47 -17.17
C SER C 416 4.55 -43.95 -17.07
N GLY C 417 4.84 -43.30 -18.18
CA GLY C 417 4.70 -41.86 -18.26
C GLY C 417 3.29 -41.48 -18.64
N ILE C 418 2.71 -42.22 -19.58
CA ILE C 418 1.33 -42.01 -19.99
C ILE C 418 0.39 -42.71 -19.03
N LEU C 419 -0.90 -42.41 -19.13
CA LEU C 419 -1.89 -43.03 -18.28
C LEU C 419 -2.21 -44.45 -18.75
N SER C 420 -2.94 -45.17 -17.90
CA SER C 420 -3.55 -46.44 -18.25
C SER C 420 -5.00 -46.40 -17.81
N LYS C 421 -5.79 -47.32 -18.36
CA LYS C 421 -7.22 -47.29 -18.10
C LYS C 421 -7.50 -47.49 -16.62
N ASP C 422 -6.81 -48.45 -15.99
CA ASP C 422 -6.98 -48.70 -14.57
C ASP C 422 -6.62 -47.48 -13.74
N ASP C 423 -5.71 -46.64 -14.23
CA ASP C 423 -5.35 -45.43 -13.49
C ASP C 423 -6.56 -44.53 -13.30
N ILE C 424 -7.25 -44.22 -14.41
CA ILE C 424 -8.44 -43.39 -14.31
C ILE C 424 -9.52 -44.10 -13.54
N ILE C 425 -9.63 -45.42 -13.71
CA ILE C 425 -10.65 -46.18 -12.98
C ILE C 425 -10.45 -46.01 -11.48
N ASP C 426 -9.22 -46.19 -11.01
CA ASP C 426 -8.95 -46.11 -9.58
C ASP C 426 -9.06 -44.67 -9.09
N VAL C 427 -8.71 -43.70 -9.91
CA VAL C 427 -8.91 -42.30 -9.51
C VAL C 427 -10.39 -42.03 -9.29
N MET C 428 -11.24 -42.55 -10.18
CA MET C 428 -12.67 -42.41 -9.99
C MET C 428 -13.15 -43.17 -8.76
N LYS C 429 -12.54 -44.32 -8.49
CA LYS C 429 -12.88 -45.06 -7.28
C LYS C 429 -12.61 -44.22 -6.04
N LYS C 430 -11.44 -43.58 -5.98
CA LYS C 430 -11.14 -42.71 -4.85
C LYS C 430 -12.12 -41.56 -4.80
N LEU C 431 -12.47 -40.99 -5.95
CA LEU C 431 -13.40 -39.87 -5.98
C LEU C 431 -14.73 -40.26 -5.37
N ILE C 432 -15.26 -41.41 -5.78
CA ILE C 432 -16.56 -41.84 -5.24
C ILE C 432 -16.44 -42.20 -3.77
N ASP C 433 -15.29 -42.73 -3.34
CA ASP C 433 -15.12 -42.99 -1.92
C ASP C 433 -15.14 -41.69 -1.12
N ILE C 434 -14.45 -40.67 -1.60
CA ILE C 434 -14.47 -39.37 -0.94
C ILE C 434 -15.88 -38.82 -0.92
N ARG C 435 -16.60 -38.95 -2.04
CA ARG C 435 -18.00 -38.60 -2.06
C ARG C 435 -18.78 -39.38 -1.02
N ASN C 436 -18.34 -40.60 -0.70
CA ASN C 436 -18.97 -41.44 0.31
C ASN C 436 -18.32 -41.30 1.68
N GLY C 437 -17.24 -40.54 1.79
CA GLY C 437 -16.64 -40.25 3.07
C GLY C 437 -15.20 -40.71 3.22
N LYS C 438 -14.88 -41.92 2.75
CA LYS C 438 -13.51 -42.40 2.87
C LYS C 438 -12.60 -41.60 1.96
N GLY C 439 -11.40 -41.30 2.46
CA GLY C 439 -10.52 -40.39 1.78
C GLY C 439 -10.91 -38.94 2.04
N GLU C 440 -10.08 -38.02 1.54
CA GLU C 440 -10.30 -36.61 1.76
C GLU C 440 -9.65 -35.79 0.66
N VAL C 441 -10.07 -34.53 0.58
CA VAL C 441 -9.46 -33.59 -0.36
C VAL C 441 -8.01 -33.34 0.04
N ASP C 442 -7.26 -32.75 -0.88
CA ASP C 442 -5.84 -32.46 -0.70
C ASP C 442 -5.68 -30.96 -0.53
N ASP C 443 -5.23 -30.54 0.65
CA ASP C 443 -5.00 -29.12 0.90
C ASP C 443 -3.87 -28.63 0.02
N ILE C 444 -4.20 -27.82 -0.99
CA ILE C 444 -3.24 -27.47 -2.03
C ILE C 444 -2.07 -26.69 -1.44
N ASP C 445 -2.35 -25.73 -0.54
CA ASP C 445 -1.30 -24.88 0.00
C ASP C 445 -0.23 -25.68 0.74
N HIS C 446 -0.56 -26.89 1.20
CA HIS C 446 0.44 -27.75 1.82
C HIS C 446 1.58 -28.00 0.84
N LEU C 447 2.82 -27.84 1.33
CA LEU C 447 3.98 -27.80 0.44
C LEU C 447 4.16 -29.10 -0.31
N GLY C 448 3.97 -30.23 0.37
CA GLY C 448 4.08 -31.52 -0.29
C GLY C 448 3.20 -31.62 -1.52
N ASN C 449 2.05 -30.95 -1.50
CA ASN C 449 1.23 -30.84 -2.69
C ASN C 449 1.83 -29.88 -3.72
N ARG C 450 2.61 -28.91 -3.27
CA ARG C 450 3.30 -27.97 -4.14
C ARG C 450 4.60 -28.58 -4.64
N ARG C 451 5.36 -27.80 -5.40
CA ARG C 451 6.68 -28.22 -5.86
C ARG C 451 7.47 -27.00 -6.28
N ILE C 452 8.80 -27.11 -6.17
CA ILE C 452 9.73 -26.06 -6.57
C ILE C 452 10.63 -26.63 -7.65
N ARG C 453 10.84 -25.84 -8.71
CA ARG C 453 11.74 -26.22 -9.79
C ARG C 453 13.11 -25.61 -9.55
N SER C 454 13.98 -25.70 -10.55
CA SER C 454 15.28 -25.04 -10.51
C SER C 454 15.73 -24.87 -11.94
N VAL C 455 16.67 -23.92 -12.13
CA VAL C 455 16.96 -23.35 -13.45
C VAL C 455 17.14 -24.45 -14.48
N GLY C 456 17.77 -25.55 -14.09
CA GLY C 456 17.98 -26.64 -15.02
C GLY C 456 16.68 -27.20 -15.55
N GLU C 457 15.65 -27.22 -14.71
CA GLU C 457 14.39 -27.83 -15.12
C GLU C 457 13.77 -27.08 -16.30
N MET C 458 13.47 -25.79 -16.12
CA MET C 458 12.90 -25.02 -17.22
C MET C 458 13.86 -24.93 -18.40
N ALA C 459 15.16 -24.80 -18.13
CA ALA C 459 16.10 -24.71 -19.25
C ALA C 459 16.07 -25.98 -20.09
N GLU C 460 16.03 -27.14 -19.44
CA GLU C 460 15.93 -28.40 -20.17
C GLU C 460 14.61 -28.50 -20.90
N ASN C 461 13.54 -27.96 -20.31
CA ASN C 461 12.26 -27.98 -21.00
C ASN C 461 12.31 -27.18 -22.30
N GLN C 462 12.91 -25.99 -22.25
CA GLN C 462 13.08 -25.21 -23.46
C GLN C 462 13.97 -25.93 -24.46
N PHE C 463 15.02 -26.58 -23.95
CA PHE C 463 15.87 -27.38 -24.83
C PHE C 463 15.07 -28.48 -25.51
N ARG C 464 14.14 -29.09 -24.77
CA ARG C 464 13.29 -30.12 -25.36
C ARG C 464 12.37 -29.56 -26.44
N VAL C 465 11.81 -28.37 -26.19
CA VAL C 465 10.96 -27.74 -27.20
C VAL C 465 11.75 -27.50 -28.47
N GLY C 466 12.94 -26.91 -28.34
CA GLY C 466 13.79 -26.71 -29.50
C GLY C 466 14.20 -28.01 -30.14
N LEU C 467 14.43 -29.05 -29.34
CA LEU C 467 14.81 -30.35 -29.87
C LEU C 467 13.71 -30.92 -30.75
N VAL C 468 12.47 -30.84 -30.29
CA VAL C 468 11.39 -31.37 -31.12
C VAL C 468 11.22 -30.53 -32.37
N ARG C 469 11.42 -29.22 -32.28
CA ARG C 469 11.35 -28.38 -33.47
C ARG C 469 12.38 -28.82 -34.51
N VAL C 470 13.65 -28.94 -34.08
CA VAL C 470 14.69 -29.33 -35.02
C VAL C 470 14.47 -30.77 -35.49
N GLU C 471 13.85 -31.61 -34.67
CA GLU C 471 13.53 -32.97 -35.12
C GLU C 471 12.49 -32.93 -36.23
N ARG C 472 11.49 -32.07 -36.12
CA ARG C 472 10.56 -31.88 -37.22
C ARG C 472 11.29 -31.45 -38.47
N ALA C 473 12.21 -30.50 -38.33
CA ALA C 473 13.00 -30.06 -39.49
C ALA C 473 13.80 -31.21 -40.08
N VAL C 474 14.43 -32.00 -39.23
CA VAL C 474 15.28 -33.09 -39.69
C VAL C 474 14.46 -34.14 -40.42
N LYS C 475 13.30 -34.50 -39.86
CA LYS C 475 12.45 -35.48 -40.53
C LYS C 475 11.95 -34.93 -41.86
N GLU C 476 11.63 -33.64 -41.90
CA GLU C 476 11.20 -33.03 -43.16
C GLU C 476 12.29 -33.16 -44.21
N ARG C 477 13.52 -32.80 -43.85
CA ARG C 477 14.62 -32.85 -44.83
C ARG C 477 14.98 -34.30 -45.17
N LEU C 478 14.79 -35.22 -44.22
CA LEU C 478 15.10 -36.63 -44.46
C LEU C 478 14.02 -37.34 -45.26
N SER C 479 12.81 -36.77 -45.33
CA SER C 479 11.83 -37.28 -46.28
C SER C 479 12.39 -37.25 -47.70
N LEU C 480 13.27 -36.28 -47.98
CA LEU C 480 14.11 -36.27 -49.17
C LEU C 480 15.49 -36.86 -48.89
N GLY C 481 15.58 -37.83 -47.97
CA GLY C 481 16.85 -38.41 -47.58
C GLY C 481 17.56 -39.06 -48.75
N ASP C 482 18.65 -38.45 -49.18
CA ASP C 482 19.39 -38.89 -50.35
C ASP C 482 20.49 -39.88 -49.94
N LEU C 483 21.22 -40.36 -50.94
CA LEU C 483 22.20 -41.44 -50.73
C LEU C 483 23.54 -40.83 -50.33
N ASP C 484 23.67 -40.53 -49.05
CA ASP C 484 24.95 -40.28 -48.39
C ASP C 484 25.76 -39.15 -49.03
N THR C 485 25.15 -38.34 -49.89
CA THR C 485 25.86 -37.20 -50.44
C THR C 485 25.93 -36.03 -49.47
N LEU C 486 25.24 -36.11 -48.34
CA LEU C 486 25.21 -35.08 -47.32
C LEU C 486 25.71 -35.66 -46.00
N MET C 487 26.23 -34.78 -45.16
CA MET C 487 26.57 -35.07 -43.79
C MET C 487 25.51 -34.44 -42.88
N PRO C 488 25.53 -34.78 -41.58
CA PRO C 488 24.47 -34.24 -40.71
C PRO C 488 24.66 -32.79 -40.28
N GLN C 489 25.07 -31.92 -41.21
CA GLN C 489 25.00 -30.48 -41.02
C GLN C 489 24.06 -29.79 -42.00
N ASP C 490 23.68 -30.47 -43.07
CA ASP C 490 22.48 -30.06 -43.81
C ASP C 490 21.22 -30.44 -43.05
N MET C 491 21.27 -31.53 -42.28
CA MET C 491 20.14 -31.92 -41.44
C MET C 491 19.88 -30.90 -40.33
N ILE C 492 20.90 -30.16 -39.90
CA ILE C 492 20.88 -29.49 -38.61
C ILE C 492 20.57 -28.02 -38.85
N ASN C 493 20.14 -27.33 -37.79
CA ASN C 493 19.95 -25.88 -37.84
C ASN C 493 20.38 -25.31 -36.49
N ALA C 494 21.13 -24.22 -36.54
CA ALA C 494 21.67 -23.63 -35.32
C ALA C 494 20.69 -22.66 -34.65
N LYS C 495 19.86 -21.99 -35.45
CA LYS C 495 18.97 -20.96 -34.92
C LYS C 495 18.05 -21.47 -33.81
N PRO C 496 17.35 -22.61 -33.95
CA PRO C 496 16.20 -22.88 -33.07
C PRO C 496 16.51 -22.89 -31.58
N ILE C 497 17.40 -23.77 -31.11
CA ILE C 497 17.56 -23.92 -29.67
C ILE C 497 18.21 -22.67 -29.07
N SER C 498 19.19 -22.11 -29.77
CA SER C 498 19.85 -20.93 -29.25
C SER C 498 18.87 -19.77 -29.13
N ALA C 499 18.04 -19.59 -30.16
CA ALA C 499 16.99 -18.58 -30.09
C ALA C 499 16.08 -18.83 -28.91
N ALA C 500 15.61 -20.07 -28.75
CA ALA C 500 14.69 -20.38 -27.67
C ALA C 500 15.30 -20.05 -26.32
N VAL C 501 16.51 -20.54 -26.07
CA VAL C 501 17.11 -20.37 -24.74
C VAL C 501 17.42 -18.91 -24.48
N LYS C 502 18.00 -18.19 -25.45
CA LYS C 502 18.36 -16.82 -25.19
C LYS C 502 17.12 -15.95 -25.05
N GLU C 503 16.08 -16.20 -25.85
CA GLU C 503 14.84 -15.46 -25.68
C GLU C 503 14.22 -15.73 -24.32
N PHE C 504 14.22 -16.98 -23.88
CA PHE C 504 13.64 -17.31 -22.59
C PHE C 504 14.39 -16.60 -21.46
N PHE C 505 15.72 -16.64 -21.52
CA PHE C 505 16.50 -15.95 -20.49
C PHE C 505 16.28 -14.44 -20.55
N GLY C 506 16.12 -13.88 -21.74
CA GLY C 506 15.91 -12.45 -21.87
C GLY C 506 14.57 -12.02 -21.34
N SER C 507 13.50 -12.46 -22.01
CA SER C 507 12.13 -12.11 -21.63
C SER C 507 11.53 -13.31 -20.89
N SER C 508 11.27 -13.14 -19.60
CA SER C 508 10.64 -14.18 -18.80
C SER C 508 10.31 -13.62 -17.42
N GLN C 509 9.23 -14.14 -16.86
CA GLN C 509 8.87 -13.82 -15.48
C GLN C 509 9.76 -14.53 -14.47
N LEU C 510 10.65 -15.42 -14.92
CA LEU C 510 11.57 -16.12 -14.04
C LEU C 510 12.98 -15.59 -14.12
N SER C 511 13.41 -15.08 -15.28
CA SER C 511 14.72 -14.47 -15.43
C SER C 511 14.57 -12.99 -15.14
N GLN C 512 14.99 -12.56 -13.95
CA GLN C 512 14.81 -11.20 -13.48
C GLN C 512 16.13 -10.48 -13.36
N PHE C 513 16.16 -9.25 -13.85
CA PHE C 513 17.31 -8.36 -13.67
C PHE C 513 17.66 -8.29 -12.19
N MET C 514 18.85 -8.76 -11.84
CA MET C 514 19.17 -8.98 -10.44
C MET C 514 19.21 -7.67 -9.67
N ASP C 515 18.92 -7.75 -8.38
CA ASP C 515 18.98 -6.60 -7.49
C ASP C 515 20.38 -6.59 -6.87
N GLN C 516 21.31 -5.95 -7.56
CA GLN C 516 22.73 -5.94 -7.16
C GLN C 516 23.07 -4.58 -6.57
N ASN C 517 22.81 -4.42 -5.28
CA ASN C 517 23.26 -3.24 -4.55
C ASN C 517 23.85 -3.59 -3.19
N ASN C 518 23.77 -4.84 -2.77
CA ASN C 518 24.15 -5.21 -1.41
C ASN C 518 24.28 -6.73 -1.36
N PRO C 519 25.37 -7.29 -0.81
CA PRO C 519 25.45 -8.74 -0.63
C PRO C 519 24.15 -9.39 -0.17
N LEU C 520 23.50 -8.81 0.83
CA LEU C 520 22.21 -9.33 1.27
C LEU C 520 21.20 -9.32 0.14
N SER C 521 21.18 -8.24 -0.64
CA SER C 521 20.20 -8.15 -1.73
C SER C 521 20.35 -9.31 -2.70
N GLU C 522 21.56 -9.53 -3.21
CA GLU C 522 21.74 -10.56 -4.22
C GLU C 522 21.54 -11.94 -3.63
N ILE C 523 22.07 -12.20 -2.43
CA ILE C 523 21.93 -13.54 -1.86
C ILE C 523 20.46 -13.84 -1.59
N THR C 524 19.71 -12.87 -1.08
CA THR C 524 18.28 -13.06 -0.86
C THR C 524 17.55 -13.29 -2.17
N HIS C 525 17.85 -12.48 -3.18
CA HIS C 525 17.14 -12.61 -4.45
C HIS C 525 17.39 -13.98 -5.07
N LYS C 526 18.63 -14.47 -4.99
CA LYS C 526 18.91 -15.83 -5.41
C LYS C 526 18.15 -16.83 -4.54
N ARG C 527 18.13 -16.59 -3.24
CA ARG C 527 17.37 -17.45 -2.31
C ARG C 527 15.92 -17.00 -2.24
N ARG C 528 15.28 -16.90 -3.40
CA ARG C 528 13.91 -16.43 -3.51
C ARG C 528 13.08 -17.48 -4.23
N ILE C 529 11.79 -17.50 -3.94
CA ILE C 529 10.86 -18.44 -4.57
C ILE C 529 9.56 -17.70 -4.85
N SER C 530 8.93 -18.02 -5.98
CA SER C 530 7.73 -17.33 -6.43
C SER C 530 6.64 -18.33 -6.77
N ALA C 531 5.41 -17.80 -6.85
CA ALA C 531 4.26 -18.54 -7.34
C ALA C 531 3.82 -18.07 -8.72
N LEU C 532 4.55 -17.13 -9.32
CA LEU C 532 4.20 -16.57 -10.62
C LEU C 532 4.82 -17.41 -11.73
N GLY C 533 4.80 -16.89 -12.95
CA GLY C 533 5.44 -17.54 -14.07
C GLY C 533 4.53 -18.54 -14.76
N PRO C 534 5.03 -19.16 -15.83
CA PRO C 534 4.22 -20.15 -16.54
C PRO C 534 3.84 -21.30 -15.62
N GLY C 535 2.58 -21.72 -15.72
CA GLY C 535 2.02 -22.60 -14.71
C GLY C 535 1.94 -21.97 -13.34
N GLY C 536 2.10 -20.65 -13.25
CA GLY C 536 2.06 -19.95 -11.97
C GLY C 536 0.87 -19.03 -11.92
N LEU C 537 0.18 -19.03 -10.79
CA LEU C 537 -1.05 -18.28 -10.64
C LEU C 537 -0.80 -16.79 -10.82
N THR C 538 -1.71 -16.12 -11.49
CA THR C 538 -1.52 -14.70 -11.82
C THR C 538 -1.62 -13.85 -10.56
N ARG C 539 -0.92 -12.71 -10.60
CA ARG C 539 -0.84 -11.85 -9.42
C ARG C 539 -2.21 -11.33 -9.02
N GLU C 540 -3.01 -10.88 -10.00
CA GLU C 540 -4.26 -10.23 -9.66
C GLU C 540 -5.34 -11.25 -9.26
N ARG C 541 -5.35 -12.41 -9.90
CA ARG C 541 -6.37 -13.42 -9.64
C ARG C 541 -5.96 -14.43 -8.58
N ALA C 542 -4.80 -14.23 -7.95
CA ALA C 542 -4.34 -15.20 -6.97
C ALA C 542 -5.29 -15.26 -5.78
N GLY C 543 -5.48 -16.46 -5.24
CA GLY C 543 -6.35 -16.63 -4.11
C GLY C 543 -5.75 -16.07 -2.83
N PHE C 544 -6.62 -15.57 -1.96
CA PHE C 544 -6.17 -15.06 -0.68
C PHE C 544 -5.50 -16.15 0.15
N GLU C 545 -5.90 -17.40 -0.04
CA GLU C 545 -5.34 -18.49 0.75
C GLU C 545 -3.89 -18.76 0.36
N VAL C 546 -3.60 -18.85 -0.93
CA VAL C 546 -2.23 -19.09 -1.36
C VAL C 546 -1.33 -17.96 -0.88
N ARG C 547 -1.86 -16.75 -0.80
CA ARG C 547 -1.12 -15.67 -0.14
C ARG C 547 -0.84 -16.04 1.30
N ASP C 548 -1.83 -16.60 2.00
CA ASP C 548 -1.67 -16.96 3.38
C ASP C 548 -0.70 -18.12 3.52
N VAL C 549 0.03 -18.13 4.62
CA VAL C 549 1.02 -19.17 4.89
C VAL C 549 0.35 -20.35 5.59
N HIS C 550 0.71 -21.56 5.13
CA HIS C 550 0.23 -22.84 5.63
C HIS C 550 1.16 -23.35 6.72
N PRO C 551 0.67 -24.03 7.77
CA PRO C 551 1.55 -24.38 8.88
C PRO C 551 2.75 -25.25 8.49
N THR C 552 2.63 -26.07 7.45
CA THR C 552 3.71 -26.97 7.10
C THR C 552 4.93 -26.25 6.57
N HIS C 553 4.85 -24.95 6.28
CA HIS C 553 6.03 -24.22 5.84
C HIS C 553 7.06 -24.03 6.95
N TYR C 554 6.74 -24.42 8.19
CA TYR C 554 7.69 -24.37 9.29
C TYR C 554 9.05 -24.87 8.87
N GLY C 555 10.05 -24.00 8.97
CA GLY C 555 11.40 -24.34 8.58
C GLY C 555 11.66 -24.37 7.09
N ARG C 556 10.62 -24.39 6.27
CA ARG C 556 10.77 -24.56 4.83
C ARG C 556 10.60 -23.28 4.03
N VAL C 557 9.79 -22.35 4.53
CA VAL C 557 9.64 -21.04 3.92
C VAL C 557 9.47 -20.03 5.04
N CYS C 558 10.36 -19.05 5.09
CA CYS C 558 10.31 -18.06 6.15
C CYS C 558 9.00 -17.29 6.08
N PRO C 559 8.15 -17.32 7.12
CA PRO C 559 6.94 -16.50 7.07
C PRO C 559 7.21 -15.01 6.98
N ILE C 560 8.41 -14.56 7.38
CA ILE C 560 8.63 -13.13 7.61
C ILE C 560 9.29 -12.44 6.42
N GLU C 561 9.58 -13.15 5.34
CA GLU C 561 10.30 -12.59 4.20
C GLU C 561 9.44 -12.68 2.94
N THR C 562 8.81 -11.56 2.57
CA THR C 562 8.11 -11.41 1.30
C THR C 562 7.73 -9.95 1.07
N PRO C 563 7.87 -9.41 -0.14
CA PRO C 563 7.56 -7.98 -0.34
C PRO C 563 6.09 -7.70 -0.14
N GLU C 564 5.80 -6.47 0.29
CA GLU C 564 4.47 -6.05 0.66
C GLU C 564 3.84 -5.19 -0.43
N GLY C 565 2.51 -5.06 -0.35
CA GLY C 565 1.78 -4.12 -1.17
C GLY C 565 1.15 -4.74 -2.40
N PRO C 566 1.78 -4.57 -3.58
CA PRO C 566 1.13 -5.08 -4.81
C PRO C 566 0.87 -6.57 -4.77
N ASN C 567 1.67 -7.31 -4.02
CA ASN C 567 1.42 -8.73 -3.84
C ASN C 567 2.13 -9.19 -2.58
N ILE C 568 1.56 -10.21 -1.93
CA ILE C 568 2.06 -10.71 -0.66
C ILE C 568 1.84 -12.21 -0.62
N GLY C 569 2.82 -12.93 -0.08
CA GLY C 569 2.70 -14.36 0.05
C GLY C 569 2.89 -15.16 -1.21
N LEU C 570 3.17 -14.50 -2.33
CA LEU C 570 3.44 -15.20 -3.59
C LEU C 570 4.93 -15.37 -3.84
N ILE C 571 5.77 -14.53 -3.24
CA ILE C 571 7.19 -14.48 -3.56
C ILE C 571 7.94 -14.76 -2.26
N ASN C 572 7.38 -15.63 -1.42
CA ASN C 572 8.04 -15.97 -0.17
C ASN C 572 9.42 -16.53 -0.45
N SER C 573 10.38 -16.13 0.38
CA SER C 573 11.78 -16.46 0.14
C SER C 573 12.09 -17.89 0.59
N LEU C 574 13.37 -18.22 0.61
CA LEU C 574 13.86 -19.55 0.95
C LEU C 574 14.42 -19.57 2.36
N SER C 575 13.99 -20.55 3.15
CA SER C 575 14.47 -20.69 4.52
C SER C 575 15.96 -21.03 4.49
N VAL C 576 16.62 -20.88 5.64
CA VAL C 576 18.08 -21.01 5.70
C VAL C 576 18.53 -22.45 5.53
N TYR C 577 18.03 -23.36 6.35
CA TYR C 577 18.47 -24.75 6.30
C TYR C 577 17.74 -25.56 5.24
N ALA C 578 16.74 -25.00 4.59
CA ALA C 578 15.98 -25.75 3.60
C ALA C 578 16.87 -26.16 2.44
N GLN C 579 16.76 -27.42 2.03
CA GLN C 579 17.36 -27.93 0.82
C GLN C 579 16.27 -28.49 -0.07
N THR C 580 16.65 -28.85 -1.30
CA THR C 580 15.71 -29.36 -2.27
C THR C 580 15.73 -30.89 -2.26
N ASN C 581 14.57 -31.48 -2.02
CA ASN C 581 14.42 -32.92 -2.14
C ASN C 581 14.85 -33.37 -3.54
N GLU C 582 15.29 -34.63 -3.61
CA GLU C 582 15.69 -35.20 -4.89
C GLU C 582 14.57 -35.09 -5.92
N TYR C 583 13.32 -35.14 -5.48
CA TYR C 583 12.16 -35.06 -6.36
C TYR C 583 11.54 -33.67 -6.39
N GLY C 584 12.36 -32.63 -6.28
CA GLY C 584 11.88 -31.27 -6.42
C GLY C 584 11.06 -30.77 -5.26
N PHE C 585 10.97 -31.53 -4.18
CA PHE C 585 10.30 -31.10 -2.96
C PHE C 585 11.33 -30.50 -2.02
N LEU C 586 10.91 -30.18 -0.81
CA LEU C 586 11.71 -29.43 0.16
C LEU C 586 12.08 -30.34 1.33
N GLU C 587 13.31 -30.85 1.30
CA GLU C 587 13.87 -31.58 2.44
C GLU C 587 14.36 -30.59 3.49
N THR C 588 14.10 -30.92 4.76
CA THR C 588 14.55 -30.09 5.88
C THR C 588 15.35 -30.94 6.86
N PRO C 589 16.42 -30.42 7.44
CA PRO C 589 17.18 -31.23 8.40
C PRO C 589 16.45 -31.34 9.73
N TYR C 590 16.85 -32.35 10.49
CA TYR C 590 16.43 -32.51 11.88
C TYR C 590 17.49 -33.31 12.60
N ARG C 591 17.43 -33.28 13.93
CA ARG C 591 18.31 -34.12 14.75
C ARG C 591 17.53 -35.35 15.18
N LYS C 592 17.99 -36.52 14.74
CA LYS C 592 17.35 -37.77 15.13
C LYS C 592 17.34 -37.90 16.65
N VAL C 593 16.29 -38.53 17.17
CA VAL C 593 16.17 -38.76 18.61
C VAL C 593 15.90 -40.25 18.81
N THR C 594 16.72 -40.88 19.63
CA THR C 594 16.56 -42.28 19.97
C THR C 594 15.54 -42.40 21.10
N ASP C 595 15.49 -43.56 21.74
CA ASP C 595 14.63 -43.79 22.90
C ASP C 595 14.66 -42.62 23.88
N GLY C 596 15.87 -42.24 24.32
CA GLY C 596 16.01 -41.15 25.27
C GLY C 596 17.18 -40.22 24.99
N VAL C 597 17.97 -40.52 23.97
CA VAL C 597 19.13 -39.72 23.60
C VAL C 597 18.81 -38.97 22.31
N VAL C 598 18.95 -37.66 22.34
CA VAL C 598 18.75 -36.83 21.15
C VAL C 598 19.97 -37.03 20.27
N THR C 599 19.84 -37.88 19.25
CA THR C 599 20.97 -38.19 18.39
C THR C 599 21.37 -36.94 17.62
N ASP C 600 22.58 -36.45 17.89
CA ASP C 600 23.05 -35.22 17.27
C ASP C 600 23.19 -35.32 15.76
N GLU C 601 23.18 -36.54 15.19
CA GLU C 601 23.25 -36.71 13.76
C GLU C 601 22.12 -35.94 13.08
N ILE C 602 22.30 -35.67 11.78
CA ILE C 602 21.31 -34.98 10.97
C ILE C 602 20.58 -36.02 10.13
N HIS C 603 19.26 -35.82 10.01
CA HIS C 603 18.41 -36.64 9.18
C HIS C 603 17.43 -35.73 8.47
N TYR C 604 17.30 -35.88 7.16
CA TYR C 604 16.44 -35.02 6.39
C TYR C 604 15.04 -35.61 6.29
N LEU C 605 14.04 -34.72 6.30
CA LEU C 605 12.64 -35.13 6.26
C LEU C 605 11.91 -34.30 5.21
N SER C 606 10.91 -34.93 4.59
CA SER C 606 10.07 -34.29 3.60
C SER C 606 8.84 -33.69 4.26
N ALA C 607 8.06 -32.94 3.48
CA ALA C 607 6.88 -32.29 4.02
C ALA C 607 5.89 -33.30 4.59
N ILE C 608 5.41 -34.21 3.75
CA ILE C 608 4.44 -35.20 4.22
C ILE C 608 5.08 -36.09 5.28
N GLU C 609 6.40 -36.29 5.22
CA GLU C 609 7.06 -37.11 6.23
C GLU C 609 6.90 -36.51 7.62
N GLU C 610 6.91 -35.18 7.73
CA GLU C 610 6.77 -34.54 9.03
C GLU C 610 5.43 -34.85 9.67
N GLY C 611 4.36 -34.84 8.87
CA GLY C 611 3.03 -35.03 9.43
C GLY C 611 2.89 -36.35 10.18
N ASN C 612 3.50 -37.41 9.65
CA ASN C 612 3.42 -38.71 10.31
C ASN C 612 4.13 -38.68 11.67
N TYR C 613 5.26 -37.98 11.74
CA TYR C 613 6.08 -37.99 12.94
C TYR C 613 5.72 -36.83 13.86
N VAL C 614 6.37 -36.80 15.03
CA VAL C 614 6.26 -35.72 16.00
C VAL C 614 7.69 -35.30 16.37
N ILE C 615 7.93 -33.99 16.38
CA ILE C 615 9.27 -33.43 16.45
C ILE C 615 9.38 -32.49 17.64
N ALA C 616 10.53 -32.53 18.30
CA ALA C 616 10.78 -31.71 19.47
C ALA C 616 11.02 -30.25 19.08
N GLN C 617 10.55 -29.34 19.94
CA GLN C 617 10.69 -27.92 19.68
C GLN C 617 12.14 -27.49 19.84
N ALA C 618 12.48 -26.38 19.18
CA ALA C 618 13.86 -25.89 19.19
C ALA C 618 14.32 -25.57 20.61
N ASN C 619 13.67 -24.62 21.27
CA ASN C 619 14.12 -24.18 22.59
C ASN C 619 13.71 -25.24 23.61
N SER C 620 14.48 -26.32 23.62
CA SER C 620 14.24 -27.45 24.50
C SER C 620 15.40 -27.59 25.48
N ASN C 621 15.07 -27.84 26.74
CA ASN C 621 16.07 -27.93 27.80
C ASN C 621 16.64 -29.34 27.83
N LEU C 622 17.95 -29.44 27.68
CA LEU C 622 18.67 -30.70 27.69
C LEU C 622 19.94 -30.53 28.52
N ASP C 623 20.39 -31.63 29.11
CA ASP C 623 21.44 -31.59 30.14
C ASP C 623 22.54 -32.59 29.80
N GLU C 624 23.53 -32.11 29.02
CA GLU C 624 24.79 -32.81 28.82
C GLU C 624 24.66 -34.10 28.01
N GLU C 625 23.44 -34.49 27.66
CA GLU C 625 23.21 -35.76 26.99
C GLU C 625 22.20 -35.66 25.85
N GLY C 626 21.53 -34.53 25.67
CA GLY C 626 20.32 -34.49 24.89
C GLY C 626 19.10 -34.98 25.64
N HIS C 627 19.26 -35.36 26.90
CA HIS C 627 18.13 -35.85 27.69
C HIS C 627 17.21 -34.71 28.05
N PHE C 628 15.98 -34.76 27.57
CA PHE C 628 15.00 -33.72 27.87
C PHE C 628 14.63 -33.82 29.34
N VAL C 629 15.14 -32.89 30.14
CA VAL C 629 14.92 -32.93 31.58
C VAL C 629 13.44 -32.82 31.93
N GLU C 630 12.65 -32.14 31.11
CA GLU C 630 11.21 -32.04 31.34
C GLU C 630 10.52 -33.25 30.72
N ASP C 631 9.80 -34.00 31.55
CA ASP C 631 9.01 -35.11 31.00
C ASP C 631 7.93 -34.58 30.06
N LEU C 632 7.26 -33.51 30.45
CA LEU C 632 6.33 -32.79 29.59
C LEU C 632 7.11 -31.76 28.78
N VAL C 633 6.95 -31.79 27.46
CA VAL C 633 7.68 -30.87 26.60
C VAL C 633 6.84 -30.58 25.37
N THR C 634 6.82 -29.31 24.97
CA THR C 634 6.03 -28.90 23.81
C THR C 634 6.64 -29.48 22.53
N CYS C 635 5.81 -30.14 21.74
CA CYS C 635 6.22 -30.70 20.46
C CYS C 635 5.02 -30.63 19.52
N ARG C 636 5.31 -30.66 18.22
CA ARG C 636 4.28 -30.60 17.19
C ARG C 636 4.25 -31.91 16.43
N SER C 637 3.04 -32.43 16.19
CA SER C 637 2.86 -33.73 15.55
C SER C 637 2.19 -33.62 14.19
N LYS C 638 0.99 -33.03 14.12
CA LYS C 638 0.24 -32.92 12.87
C LYS C 638 -0.36 -31.51 12.82
N GLY C 639 0.41 -30.57 12.28
CA GLY C 639 -0.08 -29.21 12.14
C GLY C 639 -0.50 -28.55 13.43
N GLU C 640 -0.12 -29.11 14.58
CA GLU C 640 -0.51 -28.58 15.88
C GLU C 640 0.56 -28.94 16.88
N SER C 641 0.62 -28.16 17.97
CA SER C 641 1.62 -28.33 19.00
C SER C 641 0.95 -28.48 20.35
N SER C 642 1.56 -29.29 21.21
CA SER C 642 1.08 -29.49 22.58
C SER C 642 2.18 -30.23 23.34
N LEU C 643 1.99 -30.34 24.65
CA LEU C 643 2.99 -30.95 25.51
C LEU C 643 2.86 -32.46 25.48
N PHE C 644 3.98 -33.15 25.26
CA PHE C 644 4.03 -34.59 25.12
C PHE C 644 5.08 -35.15 26.07
N SER C 645 5.06 -36.48 26.18
CA SER C 645 5.93 -37.21 27.08
C SER C 645 7.40 -37.00 26.71
N ARG C 646 8.27 -37.47 27.60
CA ARG C 646 9.70 -37.36 27.37
C ARG C 646 10.12 -38.13 26.12
N ASP C 647 9.63 -39.36 25.96
CA ASP C 647 10.05 -40.23 24.87
C ASP C 647 8.83 -40.52 23.99
N GLN C 648 8.55 -39.58 23.09
CA GLN C 648 7.60 -39.79 22.01
C GLN C 648 8.04 -39.21 20.68
N VAL C 649 9.10 -38.41 20.64
CA VAL C 649 9.62 -37.81 19.42
C VAL C 649 10.89 -38.54 19.02
N ASP C 650 11.03 -38.80 17.72
CA ASP C 650 12.26 -39.33 17.15
C ASP C 650 13.07 -38.28 16.41
N TYR C 651 12.67 -37.02 16.46
CA TYR C 651 13.40 -35.97 15.76
C TYR C 651 13.33 -34.68 16.57
N MET C 652 14.25 -33.78 16.28
CA MET C 652 14.49 -32.61 17.12
C MET C 652 15.03 -31.51 16.21
N ASP C 653 14.54 -30.29 16.41
CA ASP C 653 14.90 -29.20 15.52
C ASP C 653 16.40 -28.95 15.56
N VAL C 654 16.98 -28.63 14.40
CA VAL C 654 18.42 -28.51 14.30
C VAL C 654 18.93 -27.27 15.02
N SER C 655 18.26 -26.13 14.85
CA SER C 655 18.75 -24.90 15.45
C SER C 655 17.65 -23.87 15.47
N THR C 656 17.79 -22.91 16.39
CA THR C 656 16.85 -21.80 16.46
C THR C 656 16.80 -21.04 15.14
N GLN C 657 17.94 -20.87 14.49
CA GLN C 657 18.01 -20.09 13.26
C GLN C 657 17.20 -20.69 12.12
N GLN C 658 16.86 -21.98 12.20
CA GLN C 658 16.16 -22.63 11.10
C GLN C 658 14.84 -21.93 10.77
N VAL C 659 14.18 -21.35 11.78
CA VAL C 659 12.80 -20.92 11.61
C VAL C 659 12.66 -19.80 10.59
N VAL C 660 13.73 -19.05 10.31
CA VAL C 660 13.64 -17.91 9.41
C VAL C 660 14.53 -18.15 8.19
N SER C 661 14.54 -17.18 7.28
CA SER C 661 15.41 -17.17 6.12
C SER C 661 16.56 -16.21 6.35
N VAL C 662 17.49 -16.17 5.40
CA VAL C 662 18.65 -15.30 5.53
C VAL C 662 18.22 -13.85 5.66
N GLY C 663 17.21 -13.44 4.89
CA GLY C 663 16.75 -12.07 4.94
C GLY C 663 16.22 -11.66 6.30
N ALA C 664 15.77 -12.62 7.11
CA ALA C 664 15.28 -12.35 8.46
C ALA C 664 16.23 -12.79 9.54
N SER C 665 17.18 -13.67 9.24
CA SER C 665 18.09 -14.18 10.25
C SER C 665 19.04 -13.14 10.80
N LEU C 666 19.12 -11.96 10.18
CA LEU C 666 20.05 -10.92 10.59
C LEU C 666 19.41 -9.87 11.49
N ILE C 667 18.15 -10.06 11.90
CA ILE C 667 17.44 -9.08 12.71
C ILE C 667 17.68 -9.41 14.17
N PRO C 668 18.45 -8.62 14.92
CA PRO C 668 18.64 -8.91 16.33
C PRO C 668 17.35 -8.72 17.13
N PHE C 669 17.22 -9.52 18.19
CA PHE C 669 16.10 -9.42 19.12
C PHE C 669 14.76 -9.47 18.39
N LEU C 670 14.65 -10.39 17.43
CA LEU C 670 13.40 -10.58 16.71
C LEU C 670 12.29 -11.05 17.64
N GLU C 671 12.63 -11.89 18.62
CA GLU C 671 11.62 -12.51 19.47
C GLU C 671 10.79 -11.48 20.24
N HIS C 672 11.28 -10.26 20.40
CA HIS C 672 10.60 -9.24 21.18
C HIS C 672 9.80 -8.27 20.32
N ASP C 673 9.66 -8.54 19.02
CA ASP C 673 9.09 -7.57 18.09
C ASP C 673 8.03 -8.23 17.21
N ASP C 674 7.04 -7.43 16.84
CA ASP C 674 5.90 -7.92 16.08
C ASP C 674 6.33 -8.33 14.67
N ALA C 675 5.58 -9.27 14.10
CA ALA C 675 5.91 -9.77 12.78
C ALA C 675 5.75 -8.72 11.69
N ASN C 676 4.82 -7.78 11.86
CA ASN C 676 4.57 -6.79 10.82
C ASN C 676 5.81 -5.95 10.56
N ARG C 677 6.25 -5.20 11.57
CA ARG C 677 7.44 -4.37 11.41
C ARG C 677 8.67 -5.23 11.15
N ALA C 678 8.69 -6.45 11.68
CA ALA C 678 9.81 -7.35 11.40
C ALA C 678 9.92 -7.61 9.91
N LEU C 679 8.81 -7.98 9.27
CA LEU C 679 8.80 -8.20 7.84
C LEU C 679 9.15 -6.92 7.08
N MET C 680 8.60 -5.79 7.53
CA MET C 680 8.88 -4.52 6.87
C MET C 680 10.38 -4.24 6.86
N GLY C 681 11.01 -4.35 8.03
CA GLY C 681 12.45 -4.16 8.09
C GLY C 681 13.20 -5.14 7.23
N ALA C 682 12.83 -6.43 7.33
CA ALA C 682 13.54 -7.46 6.58
C ALA C 682 13.52 -7.16 5.09
N ASN C 683 12.38 -6.72 4.57
CA ASN C 683 12.37 -6.19 3.22
C ASN C 683 13.34 -5.02 3.11
N MET C 684 13.27 -4.07 4.04
CA MET C 684 14.10 -2.88 3.94
C MET C 684 15.57 -3.21 3.95
N GLN C 685 15.98 -4.29 4.61
CA GLN C 685 17.37 -4.71 4.54
C GLN C 685 17.79 -4.99 3.11
N ARG C 686 16.84 -5.40 2.26
CA ARG C 686 17.18 -5.72 0.88
C ARG C 686 17.65 -4.48 0.13
N GLN C 687 17.00 -3.34 0.35
CA GLN C 687 17.25 -2.13 -0.43
C GLN C 687 18.27 -1.19 0.22
N ALA C 688 19.08 -1.69 1.14
CA ALA C 688 20.12 -0.85 1.73
C ALA C 688 21.21 -0.54 0.71
N VAL C 689 21.96 0.52 0.97
CA VAL C 689 23.05 0.94 0.10
C VAL C 689 24.33 1.02 0.92
N PRO C 690 25.49 0.63 0.40
CA PRO C 690 26.73 0.84 1.14
C PRO C 690 27.09 2.32 1.22
N THR C 691 27.87 2.64 2.25
CA THR C 691 28.48 3.95 2.41
C THR C 691 29.95 3.86 1.98
N LEU C 692 30.69 4.94 2.21
CA LEU C 692 32.11 4.92 1.86
C LEU C 692 32.90 3.97 2.75
N ARG C 693 32.45 3.75 3.99
CA ARG C 693 33.20 2.99 4.97
C ARG C 693 32.27 2.02 5.69
N ALA C 694 32.77 0.80 5.92
CA ALA C 694 32.04 -0.15 6.74
C ALA C 694 32.16 0.23 8.21
N ASP C 695 31.26 -0.32 9.03
CA ASP C 695 31.12 0.14 10.41
C ASP C 695 30.84 -1.04 11.34
N LYS C 696 31.23 -2.26 10.95
CA LYS C 696 31.22 -3.46 11.79
C LYS C 696 29.99 -3.54 12.70
N PRO C 697 28.80 -3.89 12.16
CA PRO C 697 27.55 -3.78 12.94
C PRO C 697 27.67 -4.37 14.34
N LEU C 698 27.46 -3.53 15.35
CA LEU C 698 27.77 -3.91 16.72
C LEU C 698 26.93 -5.11 17.16
N VAL C 699 25.62 -5.03 16.96
CA VAL C 699 24.72 -6.10 17.41
C VAL C 699 24.60 -7.07 16.24
N GLY C 700 25.57 -7.96 16.14
CA GLY C 700 25.53 -8.99 15.13
C GLY C 700 24.62 -10.14 15.51
N THR C 701 24.44 -11.06 14.56
CA THR C 701 23.65 -12.25 14.76
C THR C 701 24.42 -13.54 14.51
N GLY C 702 25.66 -13.44 14.02
CA GLY C 702 26.43 -14.60 13.63
C GLY C 702 26.21 -15.03 12.20
N MET C 703 25.14 -14.57 11.57
CA MET C 703 24.87 -14.89 10.18
C MET C 703 25.68 -14.04 9.21
N GLU C 704 26.21 -12.92 9.68
CA GLU C 704 27.02 -12.06 8.82
C GLU C 704 28.20 -12.82 8.22
N ARG C 705 28.78 -13.75 8.99
CA ARG C 705 29.93 -14.49 8.47
C ARG C 705 29.53 -15.39 7.31
N ALA C 706 28.44 -16.14 7.47
CA ALA C 706 28.03 -17.08 6.44
C ALA C 706 27.65 -16.35 5.16
N VAL C 707 26.84 -15.29 5.28
CA VAL C 707 26.46 -14.53 4.10
C VAL C 707 27.69 -13.90 3.47
N ALA C 708 28.62 -13.43 4.30
CA ALA C 708 29.84 -12.83 3.78
C ALA C 708 30.63 -13.82 2.94
N VAL C 709 30.92 -15.00 3.50
CA VAL C 709 31.75 -15.96 2.79
C VAL C 709 31.04 -16.48 1.56
N ASP C 710 29.74 -16.80 1.69
CA ASP C 710 29.02 -17.33 0.53
C ASP C 710 28.85 -16.26 -0.55
N SER C 711 28.45 -15.07 -0.16
CA SER C 711 28.35 -13.96 -1.11
C SER C 711 29.77 -13.63 -1.58
N GLY C 712 30.05 -13.90 -2.85
CA GLY C 712 31.40 -13.79 -3.35
C GLY C 712 31.83 -12.38 -3.69
N VAL C 713 31.25 -11.38 -3.03
CA VAL C 713 31.68 -10.00 -3.25
C VAL C 713 33.12 -9.80 -2.82
N THR C 714 33.62 -10.64 -1.92
CA THR C 714 34.96 -10.48 -1.35
C THR C 714 35.96 -11.37 -2.06
N ALA C 715 37.24 -11.12 -1.78
CA ALA C 715 38.33 -11.95 -2.27
C ALA C 715 38.60 -13.03 -1.22
N VAL C 716 37.94 -14.16 -1.40
CA VAL C 716 38.13 -15.29 -0.49
C VAL C 716 39.43 -15.99 -0.83
N ALA C 717 40.05 -16.59 0.18
CA ALA C 717 41.32 -17.28 0.03
C ALA C 717 41.05 -18.73 -0.33
N LYS C 718 41.28 -19.09 -1.60
CA LYS C 718 41.12 -20.47 -2.02
C LYS C 718 42.01 -21.41 -1.20
N ARG C 719 43.15 -20.92 -0.74
CA ARG C 719 44.06 -21.71 0.08
C ARG C 719 44.80 -20.78 1.03
N GLY C 720 45.32 -21.36 2.11
CA GLY C 720 46.03 -20.59 3.10
C GLY C 720 47.46 -20.29 2.69
N GLY C 721 48.16 -19.56 3.57
CA GLY C 721 49.54 -19.21 3.35
C GLY C 721 49.88 -17.79 3.72
N VAL C 722 50.63 -17.11 2.86
CA VAL C 722 51.06 -15.73 3.11
C VAL C 722 50.91 -14.93 1.83
N VAL C 723 50.64 -13.65 1.99
CA VAL C 723 50.58 -12.71 0.87
C VAL C 723 51.96 -12.10 0.67
N GLN C 724 52.43 -12.10 -0.57
CA GLN C 724 53.75 -11.57 -0.91
C GLN C 724 53.69 -10.20 -1.55
N TYR C 725 52.65 -9.91 -2.33
CA TYR C 725 52.42 -8.58 -2.86
C TYR C 725 50.99 -8.17 -2.56
N VAL C 726 50.83 -6.96 -2.00
CA VAL C 726 49.54 -6.39 -1.65
C VAL C 726 49.37 -5.10 -2.42
N ASP C 727 48.23 -4.93 -3.07
CA ASP C 727 47.96 -3.67 -3.74
C ASP C 727 46.46 -3.58 -4.02
N ALA C 728 46.01 -2.34 -4.21
CA ALA C 728 44.63 -2.12 -4.63
C ALA C 728 44.32 -2.87 -5.93
N SER C 729 45.29 -2.90 -6.84
CA SER C 729 45.06 -3.55 -8.13
C SER C 729 44.81 -5.04 -7.97
N ARG C 730 45.70 -5.74 -7.27
CA ARG C 730 45.63 -7.19 -7.16
C ARG C 730 46.41 -7.63 -5.93
N ILE C 731 46.39 -8.94 -5.68
CA ILE C 731 47.09 -9.55 -4.56
C ILE C 731 47.82 -10.79 -5.07
N VAL C 732 48.99 -11.06 -4.50
CA VAL C 732 49.80 -12.22 -4.86
C VAL C 732 49.93 -13.12 -3.63
N ILE C 733 49.56 -14.39 -3.79
CA ILE C 733 49.57 -15.35 -2.69
C ILE C 733 50.52 -16.48 -3.06
N LYS C 734 51.48 -16.74 -2.18
CA LYS C 734 52.33 -17.93 -2.25
C LYS C 734 51.69 -18.97 -1.34
N VAL C 735 50.94 -19.89 -1.94
CA VAL C 735 50.26 -20.91 -1.15
C VAL C 735 51.30 -21.76 -0.42
N ASN C 736 50.91 -22.29 0.74
CA ASN C 736 51.80 -23.18 1.47
C ASN C 736 52.13 -24.40 0.63
N GLU C 737 53.37 -24.89 0.79
CA GLU C 737 53.85 -25.96 -0.06
C GLU C 737 53.00 -27.21 0.11
N ASP C 738 52.66 -27.56 1.35
CA ASP C 738 51.76 -28.69 1.57
C ASP C 738 50.41 -28.42 0.91
N GLU C 739 49.87 -27.21 1.07
CA GLU C 739 48.68 -26.84 0.35
C GLU C 739 48.92 -26.77 -1.15
N MET C 740 50.12 -26.41 -1.56
CA MET C 740 50.48 -26.30 -2.97
C MET C 740 50.65 -27.69 -3.55
N TYR C 741 50.19 -27.87 -4.79
CA TYR C 741 50.29 -29.17 -5.44
C TYR C 741 51.72 -29.35 -5.98
N PRO C 742 52.20 -30.61 -6.05
CA PRO C 742 53.58 -30.81 -6.51
C PRO C 742 53.78 -30.35 -7.95
N GLY C 743 52.98 -30.88 -8.87
CA GLY C 743 52.94 -30.36 -10.21
C GLY C 743 52.09 -29.10 -10.29
N GLU C 744 52.27 -28.38 -11.41
CA GLU C 744 51.56 -27.14 -11.68
C GLU C 744 51.54 -26.21 -10.47
N ALA C 745 52.63 -26.21 -9.70
CA ALA C 745 52.65 -25.59 -8.38
C ALA C 745 52.33 -24.10 -8.46
N GLY C 746 53.22 -23.31 -9.05
CA GLY C 746 52.99 -21.90 -9.25
C GLY C 746 52.59 -21.15 -7.99
N ILE C 747 51.99 -19.98 -8.16
CA ILE C 747 51.44 -19.18 -7.07
C ILE C 747 50.21 -18.45 -7.61
N ASP C 748 49.34 -18.03 -6.70
CA ASP C 748 48.04 -17.51 -7.08
C ASP C 748 48.05 -15.98 -7.13
N ILE C 749 47.21 -15.44 -8.00
CA ILE C 749 46.98 -14.00 -8.10
C ILE C 749 45.49 -13.76 -7.97
N TYR C 750 45.10 -12.92 -7.03
CA TYR C 750 43.71 -12.53 -6.84
C TYR C 750 43.50 -11.16 -7.48
N ASN C 751 42.48 -11.06 -8.32
CA ASN C 751 42.18 -9.84 -9.07
C ASN C 751 41.00 -9.15 -8.40
N LEU C 752 41.24 -7.96 -7.86
CA LEU C 752 40.18 -7.23 -7.19
C LEU C 752 39.22 -6.62 -8.21
N THR C 753 37.94 -6.61 -7.85
CA THR C 753 36.93 -5.91 -8.63
C THR C 753 36.93 -4.43 -8.24
N LYS C 754 37.16 -3.57 -9.22
CA LYS C 754 37.42 -2.17 -8.95
C LYS C 754 36.12 -1.38 -8.93
N TYR C 755 36.24 -0.06 -8.86
CA TYR C 755 35.09 0.82 -9.06
C TYR C 755 34.42 0.49 -10.37
N THR C 756 33.16 0.07 -10.32
CA THR C 756 32.45 -0.29 -11.53
C THR C 756 30.96 -0.14 -11.29
N ARG C 757 30.21 -0.14 -12.39
CA ARG C 757 28.77 0.12 -12.33
C ARG C 757 28.05 -0.97 -11.57
N SER C 758 27.11 -0.56 -10.72
CA SER C 758 26.20 -1.48 -10.06
C SER C 758 25.01 -1.77 -10.97
N ASN C 759 23.95 -2.37 -10.43
CA ASN C 759 22.69 -2.50 -11.14
C ASN C 759 21.64 -1.49 -10.68
N GLN C 760 21.93 -0.72 -9.63
CA GLN C 760 21.08 0.39 -9.19
C GLN C 760 21.76 1.73 -9.41
N ASN C 761 22.72 1.79 -10.33
CA ASN C 761 23.55 2.97 -10.57
C ASN C 761 24.37 3.36 -9.35
N THR C 762 24.49 2.47 -8.38
CA THR C 762 25.37 2.68 -7.24
C THR C 762 26.79 2.28 -7.61
N CYS C 763 27.73 2.55 -6.72
CA CYS C 763 29.11 2.12 -6.89
C CYS C 763 29.28 0.73 -6.31
N ILE C 764 30.21 -0.03 -6.88
CA ILE C 764 30.65 -1.30 -6.33
C ILE C 764 32.16 -1.42 -6.53
N ASN C 765 32.86 -1.83 -5.48
CA ASN C 765 34.32 -1.90 -5.52
C ASN C 765 34.79 -2.81 -4.39
N GLN C 766 35.96 -3.41 -4.61
CA GLN C 766 36.65 -4.20 -3.61
C GLN C 766 37.95 -3.50 -3.21
N MET C 767 38.32 -3.65 -1.94
CA MET C 767 39.51 -3.02 -1.41
C MET C 767 40.31 -4.03 -0.60
N PRO C 768 41.65 -4.01 -0.67
CA PRO C 768 42.43 -4.93 0.16
C PRO C 768 42.27 -4.61 1.64
N CYS C 769 42.41 -5.64 2.47
CA CYS C 769 42.26 -5.51 3.91
C CYS C 769 43.32 -6.29 4.67
N VAL C 770 44.46 -6.57 4.05
CA VAL C 770 45.53 -7.35 4.66
C VAL C 770 46.87 -6.75 4.27
N SER C 771 47.80 -6.73 5.22
CA SER C 771 49.12 -6.15 4.99
C SER C 771 50.03 -7.15 4.28
N LEU C 772 51.19 -6.65 3.87
CA LEU C 772 52.18 -7.48 3.18
C LEU C 772 52.73 -8.54 4.12
N GLY C 773 53.12 -9.68 3.53
CA GLY C 773 53.79 -10.73 4.28
C GLY C 773 52.98 -11.21 5.47
N GLU C 774 51.68 -11.33 5.27
CA GLU C 774 50.73 -11.57 6.33
C GLU C 774 50.20 -13.00 6.22
N PRO C 775 50.21 -13.80 7.30
CA PRO C 775 49.61 -15.13 7.22
C PRO C 775 48.13 -15.05 6.84
N VAL C 776 47.69 -16.00 6.02
CA VAL C 776 46.33 -16.05 5.53
C VAL C 776 45.85 -17.49 5.53
N GLU C 777 44.59 -17.69 5.88
CA GLU C 777 44.00 -19.02 6.01
C GLU C 777 43.12 -19.33 4.81
N ARG C 778 42.98 -20.63 4.53
CA ARG C 778 42.19 -21.07 3.39
C ARG C 778 40.72 -20.72 3.57
N GLY C 779 40.03 -20.54 2.45
CA GLY C 779 38.61 -20.26 2.46
C GLY C 779 38.25 -19.03 3.28
N ASP C 780 38.99 -17.94 3.11
CA ASP C 780 38.87 -16.82 4.01
C ASP C 780 39.14 -15.52 3.27
N VAL C 781 38.62 -14.43 3.83
CA VAL C 781 38.64 -13.14 3.15
C VAL C 781 40.07 -12.68 2.90
N LEU C 782 40.26 -11.95 1.81
CA LEU C 782 41.52 -11.27 1.52
C LEU C 782 41.27 -9.80 1.25
N ALA C 783 40.14 -9.48 0.64
CA ALA C 783 39.80 -8.10 0.30
C ALA C 783 38.29 -7.95 0.35
N ASP C 784 37.81 -7.10 1.25
CA ASP C 784 36.38 -6.90 1.42
C ASP C 784 35.76 -6.26 0.18
N GLY C 785 34.52 -6.65 -0.12
CA GLY C 785 33.73 -6.00 -1.12
C GLY C 785 32.89 -4.90 -0.51
N PRO C 786 31.89 -4.40 -1.22
CA PRO C 786 31.04 -3.36 -0.66
C PRO C 786 30.27 -3.86 0.56
N SER C 787 30.19 -3.02 1.58
CA SER C 787 29.43 -3.30 2.81
C SER C 787 29.90 -4.56 3.52
N THR C 788 31.13 -5.00 3.27
CA THR C 788 31.73 -6.14 3.96
C THR C 788 32.94 -5.66 4.74
N ASP C 789 33.15 -6.24 5.91
CA ASP C 789 34.10 -5.71 6.88
C ASP C 789 34.87 -6.88 7.48
N LEU C 790 36.14 -7.02 7.09
CA LEU C 790 36.97 -8.18 7.47
C LEU C 790 36.22 -9.48 7.25
N GLY C 791 35.44 -9.57 6.19
CA GLY C 791 34.66 -10.76 5.94
C GLY C 791 33.37 -10.84 6.73
N GLU C 792 32.87 -9.73 7.24
CA GLU C 792 31.57 -9.65 7.88
C GLU C 792 30.73 -8.59 7.18
N LEU C 793 29.45 -8.87 7.04
CA LEU C 793 28.56 -7.98 6.32
C LEU C 793 28.28 -6.73 7.15
N ALA C 794 28.75 -5.58 6.68
CA ALA C 794 28.50 -4.29 7.32
C ALA C 794 27.59 -3.49 6.39
N LEU C 795 26.29 -3.53 6.65
CA LEU C 795 25.33 -2.89 5.76
C LEU C 795 25.30 -1.39 5.94
N GLY C 796 24.89 -0.93 7.12
CA GLY C 796 24.79 0.48 7.42
C GLY C 796 25.86 0.94 8.39
N GLN C 797 25.47 1.65 9.44
CA GLN C 797 26.40 2.22 10.38
C GLN C 797 25.75 2.36 11.74
N ASN C 798 26.53 2.10 12.79
CA ASN C 798 26.05 2.27 14.16
C ASN C 798 26.42 3.64 14.67
N MET C 799 25.46 4.28 15.33
CA MET C 799 25.59 5.63 15.82
C MET C 799 24.96 5.74 17.20
N ARG C 800 25.45 6.71 17.96
CA ARG C 800 24.83 7.08 19.22
C ARG C 800 23.41 7.59 18.94
N VAL C 801 22.46 7.12 19.75
CA VAL C 801 21.05 7.36 19.49
C VAL C 801 20.32 7.64 20.79
N ALA C 802 19.16 8.30 20.66
CA ALA C 802 18.31 8.58 21.81
C ALA C 802 16.87 8.62 21.33
N PHE C 803 15.96 8.36 22.27
CA PHE C 803 14.52 8.40 22.00
C PHE C 803 13.91 9.51 22.84
N MET C 804 13.43 10.56 22.18
CA MET C 804 12.64 11.57 22.85
C MET C 804 12.02 12.49 21.80
N PRO C 805 10.92 13.19 22.12
CA PRO C 805 10.39 14.19 21.18
C PRO C 805 11.22 15.46 21.26
N TRP C 806 11.86 15.83 20.15
CA TRP C 806 12.74 16.99 20.11
C TRP C 806 12.08 18.09 19.28
N ASN C 807 11.38 18.98 19.97
CA ASN C 807 10.77 20.16 19.36
C ASN C 807 9.84 19.78 18.21
N GLY C 808 9.22 18.61 18.31
CA GLY C 808 8.32 18.16 17.29
C GLY C 808 8.97 17.84 15.96
N TYR C 809 10.30 17.84 15.88
CA TYR C 809 10.97 17.56 14.62
C TYR C 809 10.89 16.09 14.21
N ASN C 810 10.51 15.21 15.13
CA ASN C 810 10.42 13.78 14.85
C ASN C 810 8.96 13.35 14.93
N PHE C 811 8.08 14.10 14.28
CA PHE C 811 6.64 13.96 14.48
C PHE C 811 6.18 12.53 14.20
N GLU C 812 6.25 12.09 12.94
CA GLU C 812 5.80 10.73 12.63
C GLU C 812 6.96 9.74 12.68
N ASP C 813 7.93 9.89 11.77
CA ASP C 813 9.16 9.12 11.79
C ASP C 813 10.34 9.98 11.38
N SER C 814 10.22 11.29 11.51
CA SER C 814 11.18 12.23 10.93
C SER C 814 12.46 12.17 11.76
N ILE C 815 13.40 11.32 11.35
CA ILE C 815 14.60 11.09 12.14
C ILE C 815 15.40 12.39 12.25
N LEU C 816 16.10 12.55 13.38
CA LEU C 816 16.90 13.73 13.64
C LEU C 816 18.37 13.35 13.66
N VAL C 817 19.18 14.16 12.98
CA VAL C 817 20.60 13.88 12.79
C VAL C 817 21.40 15.16 13.02
N SER C 818 22.54 15.02 13.68
CA SER C 818 23.42 16.14 13.93
C SER C 818 24.33 16.39 12.73
N GLU C 819 24.77 17.64 12.59
CA GLU C 819 25.75 17.97 11.55
C GLU C 819 27.04 17.18 11.72
N ARG C 820 27.31 16.67 12.92
CA ARG C 820 28.49 15.85 13.13
C ARG C 820 28.45 14.62 12.24
N VAL C 821 27.28 14.00 12.11
CA VAL C 821 27.18 12.75 11.37
C VAL C 821 27.59 12.96 9.91
N VAL C 822 27.11 14.04 9.30
CA VAL C 822 27.52 14.34 7.93
C VAL C 822 28.94 14.89 7.88
N GLN C 823 29.46 15.46 8.97
CA GLN C 823 30.75 16.11 8.93
C GLN C 823 31.85 15.14 8.52
N GLU C 824 31.87 13.95 9.12
CA GLU C 824 32.83 12.93 8.70
C GLU C 824 32.34 12.11 7.52
N ASP C 825 31.17 12.44 6.97
CA ASP C 825 30.70 11.87 5.72
C ASP C 825 30.44 10.37 5.82
N ARG C 826 30.28 9.85 7.03
CA ARG C 826 30.14 8.41 7.20
C ARG C 826 28.91 7.85 6.50
N PHE C 827 27.89 8.67 6.29
CA PHE C 827 26.72 8.24 5.53
C PHE C 827 26.93 8.31 4.03
N THR C 828 28.02 8.90 3.57
CA THR C 828 28.14 9.26 2.17
C THR C 828 28.14 8.03 1.27
N THR C 829 27.56 8.19 0.09
CA THR C 829 27.41 7.11 -0.87
C THR C 829 27.81 7.60 -2.26
N ILE C 830 28.16 6.65 -3.12
CA ILE C 830 28.64 6.93 -4.46
C ILE C 830 27.66 6.31 -5.45
N HIS C 831 27.48 6.95 -6.60
CA HIS C 831 26.60 6.42 -7.63
C HIS C 831 27.23 6.63 -9.01
N ILE C 832 26.96 5.68 -9.89
CA ILE C 832 27.52 5.65 -11.24
C ILE C 832 26.39 5.79 -12.25
N GLN C 833 26.63 6.62 -13.26
CA GLN C 833 25.68 6.85 -14.33
C GLN C 833 26.35 6.51 -15.66
N GLU C 834 25.75 5.58 -16.40
CA GLU C 834 26.30 5.09 -17.67
C GLU C 834 25.47 5.66 -18.80
N LEU C 835 25.96 6.74 -19.40
CA LEU C 835 25.27 7.40 -20.51
C LEU C 835 25.85 6.89 -21.81
N ALA C 836 24.98 6.46 -22.72
CA ALA C 836 25.39 5.82 -23.97
C ALA C 836 24.91 6.63 -25.17
N CYS C 837 25.72 6.66 -26.21
CA CYS C 837 25.40 7.32 -27.46
C CYS C 837 25.76 6.40 -28.62
N VAL C 838 24.90 6.38 -29.64
CA VAL C 838 25.05 5.50 -30.78
C VAL C 838 25.27 6.35 -32.03
N SER C 839 25.94 5.76 -33.01
CA SER C 839 26.23 6.42 -34.29
C SER C 839 25.66 5.55 -35.41
N ARG C 840 24.39 5.74 -35.72
CA ARG C 840 23.76 5.04 -36.83
C ARG C 840 23.93 5.83 -38.12
N ASP C 841 23.63 5.18 -39.24
CA ASP C 841 23.67 5.79 -40.56
C ASP C 841 22.23 6.01 -41.02
N THR C 842 21.85 7.27 -41.16
CA THR C 842 20.54 7.66 -41.65
C THR C 842 20.66 8.07 -43.12
N LYS C 843 19.54 8.44 -43.72
CA LYS C 843 19.58 9.06 -45.03
C LYS C 843 20.21 10.44 -44.94
N LEU C 844 20.83 10.87 -46.05
CA LEU C 844 21.54 12.14 -46.11
C LEU C 844 22.81 12.12 -45.27
N GLY C 845 23.48 10.97 -45.20
CA GLY C 845 24.77 10.87 -44.57
C GLY C 845 24.71 10.22 -43.20
N PRO C 846 25.87 9.77 -42.69
CA PRO C 846 25.90 9.13 -41.37
C PRO C 846 26.04 10.15 -40.25
N GLU C 847 25.89 9.65 -39.03
CA GLU C 847 26.01 10.48 -37.83
C GLU C 847 27.49 10.59 -37.46
N GLU C 848 28.02 11.79 -37.49
CA GLU C 848 29.43 12.02 -37.20
C GLU C 848 29.64 12.24 -35.70
N ILE C 849 30.90 12.11 -35.28
CA ILE C 849 31.27 12.21 -33.88
C ILE C 849 32.32 13.32 -33.72
N THR C 850 32.31 14.27 -34.65
CA THR C 850 33.34 15.30 -34.67
C THR C 850 33.11 16.34 -33.57
N ALA C 851 34.19 16.99 -33.17
CA ALA C 851 34.10 18.10 -32.23
C ALA C 851 33.36 19.28 -32.84
N ASP C 852 33.59 19.55 -34.13
CA ASP C 852 32.96 20.68 -34.80
C ASP C 852 31.44 20.59 -34.72
N ILE C 853 30.82 21.57 -34.06
CA ILE C 853 29.37 21.64 -33.92
C ILE C 853 28.96 23.08 -34.23
N PRO C 854 27.92 23.32 -35.02
CA PRO C 854 27.52 24.70 -35.29
C PRO C 854 26.78 25.32 -34.11
N ASN C 855 27.08 26.60 -33.86
CA ASN C 855 26.37 27.42 -32.87
C ASN C 855 26.43 26.77 -31.48
N VAL C 856 27.65 26.68 -30.96
CA VAL C 856 27.89 26.24 -29.58
C VAL C 856 29.05 27.04 -29.01
N GLY C 857 28.91 27.45 -27.75
CA GLY C 857 29.96 28.22 -27.11
C GLY C 857 31.25 27.43 -26.98
N GLU C 858 32.36 28.15 -27.11
CA GLU C 858 33.67 27.50 -26.96
C GLU C 858 33.85 26.93 -25.58
N ALA C 859 33.21 27.52 -24.56
CA ALA C 859 33.29 26.97 -23.21
C ALA C 859 32.77 25.54 -23.17
N ALA C 860 31.66 25.28 -23.87
CA ALA C 860 31.18 23.90 -24.00
C ALA C 860 32.22 23.04 -24.71
N LEU C 861 32.80 23.56 -25.79
CA LEU C 861 33.83 22.83 -26.51
C LEU C 861 35.14 22.73 -25.74
N SER C 862 35.37 23.62 -24.77
CA SER C 862 36.66 23.68 -24.10
C SER C 862 36.97 22.37 -23.39
N LYS C 863 35.98 21.79 -22.72
CA LYS C 863 36.18 20.57 -21.96
C LYS C 863 36.26 19.32 -22.84
N LEU C 864 36.14 19.46 -24.15
CA LEU C 864 36.15 18.35 -25.09
C LEU C 864 37.55 18.22 -25.70
N ASP C 865 37.75 17.13 -26.43
CA ASP C 865 39.03 16.81 -27.01
C ASP C 865 39.05 17.16 -28.50
N GLU C 866 40.11 16.76 -29.19
CA GLU C 866 40.25 17.02 -30.62
C GLU C 866 39.13 16.35 -31.42
N SER C 867 38.75 15.13 -31.02
CA SER C 867 37.73 14.41 -31.79
C SER C 867 36.33 14.95 -31.48
N GLY C 868 36.09 15.36 -30.25
CA GLY C 868 34.78 15.80 -29.83
C GLY C 868 34.23 14.96 -28.69
N ILE C 869 35.12 14.42 -27.87
CA ILE C 869 34.77 13.59 -26.73
C ILE C 869 35.51 14.13 -25.51
N VAL C 870 34.84 14.09 -24.36
CA VAL C 870 35.40 14.70 -23.15
C VAL C 870 36.63 13.92 -22.69
N TYR C 871 37.49 14.61 -21.94
CA TYR C 871 38.59 13.96 -21.26
C TYR C 871 38.12 13.40 -19.92
N ILE C 872 38.60 12.21 -19.58
CA ILE C 872 38.24 11.59 -18.31
C ILE C 872 38.69 12.49 -17.16
N GLY C 873 37.88 12.55 -16.12
CA GLY C 873 38.18 13.38 -14.96
C GLY C 873 37.64 14.78 -15.02
N ALA C 874 36.67 15.06 -15.90
CA ALA C 874 36.11 16.39 -16.01
C ALA C 874 34.95 16.56 -15.04
N GLU C 875 34.97 17.65 -14.28
CA GLU C 875 33.90 17.97 -13.33
C GLU C 875 32.72 18.55 -14.08
N VAL C 876 32.08 17.70 -14.87
CA VAL C 876 30.99 18.12 -15.75
C VAL C 876 29.76 18.44 -14.91
N THR C 877 28.78 19.09 -15.54
CA THR C 877 27.53 19.44 -14.89
C THR C 877 26.38 19.20 -15.86
N GLY C 878 25.15 19.32 -15.34
CA GLY C 878 23.97 19.16 -16.15
C GLY C 878 23.92 20.13 -17.31
N GLY C 879 23.93 19.61 -18.53
CA GLY C 879 23.82 20.45 -19.72
C GLY C 879 25.02 20.38 -20.66
N ASP C 880 26.21 20.14 -20.11
CA ASP C 880 27.41 20.19 -20.94
C ASP C 880 27.48 18.96 -21.84
N ILE C 881 28.16 19.14 -22.98
CA ILE C 881 28.28 18.09 -23.98
C ILE C 881 29.37 17.10 -23.56
N LEU C 882 29.15 15.82 -23.86
CA LEU C 882 30.10 14.75 -23.62
C LEU C 882 30.75 14.27 -24.91
N VAL C 883 29.94 13.94 -25.90
CA VAL C 883 30.41 13.49 -27.20
C VAL C 883 29.73 14.35 -28.26
N GLY C 884 30.51 14.84 -29.22
CA GLY C 884 29.97 15.74 -30.21
C GLY C 884 29.35 15.02 -31.38
N LYS C 885 28.02 14.89 -31.36
CA LYS C 885 27.26 14.18 -32.38
C LYS C 885 26.48 15.19 -33.21
N VAL C 886 26.53 15.03 -34.54
CA VAL C 886 25.87 15.92 -35.47
C VAL C 886 25.16 15.09 -36.53
N THR C 887 23.92 15.47 -36.85
CA THR C 887 23.16 14.81 -37.90
C THR C 887 23.35 15.58 -39.21
N PRO C 888 23.90 14.96 -40.27
CA PRO C 888 24.12 15.73 -41.50
C PRO C 888 22.80 16.25 -42.08
N LYS C 889 22.86 17.46 -42.61
CA LYS C 889 21.69 18.13 -43.18
C LYS C 889 22.12 19.10 -44.27
N VAL C 912 23.87 20.42 -41.97
CA VAL C 912 24.26 19.78 -40.71
C VAL C 912 23.47 20.39 -39.55
N LYS C 913 23.15 19.55 -38.56
CA LYS C 913 22.42 19.97 -37.38
C LYS C 913 23.07 19.34 -36.16
N ASP C 914 22.93 20.00 -35.01
CA ASP C 914 23.55 19.55 -33.77
C ASP C 914 22.62 18.59 -33.03
N SER C 915 23.14 17.42 -32.70
CA SER C 915 22.44 16.44 -31.87
C SER C 915 23.41 15.82 -30.87
N SER C 916 24.25 16.65 -30.26
CA SER C 916 25.28 16.17 -29.35
C SER C 916 24.70 15.77 -28.01
N LEU C 917 25.22 14.68 -27.46
CA LEU C 917 24.80 14.23 -26.14
C LEU C 917 25.21 15.24 -25.08
N ARG C 918 24.46 15.27 -23.98
CA ARG C 918 24.75 16.14 -22.85
C ARG C 918 24.44 15.42 -21.55
N VAL C 919 24.92 16.00 -20.46
CA VAL C 919 24.58 15.50 -19.12
C VAL C 919 23.09 15.71 -18.94
N PRO C 920 22.38 14.85 -18.22
CA PRO C 920 20.98 15.16 -17.88
C PRO C 920 20.90 16.46 -17.09
N ASN C 921 19.79 17.17 -17.26
CA ASN C 921 19.61 18.42 -16.54
C ASN C 921 19.50 18.14 -15.04
N GLY C 922 20.18 18.95 -14.25
CA GLY C 922 20.07 18.90 -12.81
C GLY C 922 20.92 17.86 -12.11
N VAL C 923 21.84 17.21 -12.82
CA VAL C 923 22.75 16.24 -12.22
C VAL C 923 24.18 16.59 -12.60
N SER C 924 25.04 16.70 -11.59
CA SER C 924 26.47 16.92 -11.80
C SER C 924 27.19 15.58 -11.79
N GLY C 925 28.51 15.59 -11.72
CA GLY C 925 29.28 14.38 -11.63
C GLY C 925 30.67 14.58 -12.19
N THR C 926 31.39 13.47 -12.31
CA THR C 926 32.75 13.47 -12.83
C THR C 926 32.94 12.23 -13.69
N VAL C 927 33.45 12.44 -14.92
CA VAL C 927 33.63 11.33 -15.83
C VAL C 927 34.72 10.40 -15.31
N ILE C 928 34.36 9.14 -15.13
CA ILE C 928 35.30 8.13 -14.64
C ILE C 928 35.94 7.35 -15.78
N ASP C 929 35.19 7.11 -16.85
CA ASP C 929 35.69 6.30 -17.94
C ASP C 929 34.80 6.49 -19.16
N VAL C 930 35.37 6.28 -20.33
CA VAL C 930 34.62 6.20 -21.57
C VAL C 930 34.97 4.88 -22.25
N GLN C 931 33.96 4.07 -22.51
CA GLN C 931 34.10 2.86 -23.30
C GLN C 931 33.64 3.15 -24.72
N VAL C 932 34.36 2.62 -25.69
CA VAL C 932 34.06 2.82 -27.10
C VAL C 932 34.08 1.46 -27.79
N PHE C 933 33.02 1.16 -28.53
CA PHE C 933 32.97 0.01 -29.41
C PHE C 933 32.56 0.50 -30.79
N THR C 934 33.05 -0.16 -31.82
CA THR C 934 32.79 0.25 -33.19
C THR C 934 32.26 -0.93 -33.98
N ARG C 935 31.24 -0.67 -34.79
CA ARG C 935 30.76 -1.68 -35.71
C ARG C 935 31.88 -2.10 -36.63
N ASP C 936 32.07 -3.42 -36.77
CA ASP C 936 33.20 -3.95 -37.52
C ASP C 936 33.15 -3.47 -38.97
N GLY C 937 34.12 -2.66 -39.36
CA GLY C 937 34.24 -2.18 -40.73
C GLY C 937 34.22 -0.68 -40.87
N VAL C 938 34.49 0.04 -39.79
CA VAL C 938 34.58 1.50 -39.83
C VAL C 938 35.77 1.93 -38.98
N GLU C 939 36.32 3.09 -39.32
CA GLU C 939 37.55 3.56 -38.68
C GLU C 939 37.25 4.09 -37.29
N LYS C 940 38.27 4.65 -36.64
CA LYS C 940 38.18 5.16 -35.29
C LYS C 940 38.81 6.54 -35.24
N ASP C 941 38.31 7.39 -34.34
CA ASP C 941 38.86 8.73 -34.22
C ASP C 941 40.12 8.70 -33.36
N LYS C 942 40.70 9.87 -33.12
CA LYS C 942 41.96 9.94 -32.39
C LYS C 942 41.81 9.41 -30.98
N ARG C 943 40.73 9.78 -30.29
CA ARG C 943 40.55 9.32 -28.91
C ARG C 943 40.19 7.85 -28.85
N ALA C 944 39.36 7.38 -29.78
CA ALA C 944 39.04 5.95 -29.80
C ALA C 944 40.28 5.12 -30.06
N LEU C 945 41.11 5.56 -31.01
CA LEU C 945 42.37 4.85 -31.26
C LEU C 945 43.28 4.92 -30.05
N GLU C 946 43.35 6.08 -29.40
CA GLU C 946 44.17 6.22 -28.20
C GLU C 946 43.70 5.28 -27.11
N ILE C 947 42.40 5.17 -26.91
CA ILE C 947 41.86 4.30 -25.87
C ILE C 947 42.09 2.85 -26.21
N GLU C 948 41.93 2.50 -27.49
CA GLU C 948 42.27 1.16 -27.95
C GLU C 948 43.71 0.83 -27.61
N GLU C 949 44.63 1.75 -27.92
CA GLU C 949 46.03 1.52 -27.62
C GLU C 949 46.28 1.43 -26.12
N MET C 950 45.58 2.25 -25.34
CA MET C 950 45.77 2.21 -23.89
C MET C 950 45.34 0.87 -23.31
N GLN C 951 44.18 0.36 -23.75
CA GLN C 951 43.74 -0.94 -23.27
C GLN C 951 44.66 -2.04 -23.79
N LEU C 952 45.17 -1.89 -25.00
CA LEU C 952 46.18 -2.83 -25.50
C LEU C 952 47.40 -2.85 -24.59
N LYS C 953 47.89 -1.66 -24.23
CA LYS C 953 49.04 -1.58 -23.34
C LYS C 953 48.73 -2.20 -21.99
N GLN C 954 47.53 -1.95 -21.47
CA GLN C 954 47.14 -2.52 -20.18
C GLN C 954 47.13 -4.04 -20.25
N ALA C 955 46.56 -4.61 -21.32
CA ALA C 955 46.49 -6.05 -21.45
C ALA C 955 47.87 -6.66 -21.61
N LYS C 956 48.72 -6.05 -22.45
CA LYS C 956 50.08 -6.56 -22.61
C LYS C 956 50.85 -6.45 -21.31
N LYS C 957 50.63 -5.36 -20.56
CA LYS C 957 51.24 -5.21 -19.25
C LYS C 957 50.81 -6.33 -18.32
N ASP C 958 49.51 -6.65 -18.31
CA ASP C 958 49.02 -7.72 -17.45
C ASP C 958 49.66 -9.05 -17.81
N LEU C 959 49.69 -9.38 -19.10
CA LEU C 959 50.29 -10.63 -19.53
C LEU C 959 51.77 -10.67 -19.17
N SER C 960 52.49 -9.58 -19.42
CA SER C 960 53.91 -9.55 -19.12
C SER C 960 54.18 -9.71 -17.63
N GLU C 961 53.41 -9.02 -16.78
CA GLU C 961 53.68 -9.08 -15.36
C GLU C 961 53.31 -10.44 -14.78
N GLU C 962 52.18 -11.02 -15.22
CA GLU C 962 51.85 -12.35 -14.71
C GLU C 962 52.88 -13.37 -15.17
N LEU C 963 53.32 -13.27 -16.43
CA LEU C 963 54.35 -14.18 -16.92
C LEU C 963 55.64 -14.00 -16.12
N GLN C 964 56.02 -12.75 -15.85
CA GLN C 964 57.27 -12.50 -15.13
C GLN C 964 57.21 -13.06 -13.73
N ILE C 965 56.12 -12.81 -13.01
CA ILE C 965 56.04 -13.28 -11.63
C ILE C 965 55.93 -14.80 -11.58
N LEU C 966 55.20 -15.39 -12.53
CA LEU C 966 55.13 -16.84 -12.58
C LEU C 966 56.48 -17.45 -12.90
N GLU C 967 57.23 -16.81 -13.81
CA GLU C 967 58.59 -17.24 -14.10
C GLU C 967 59.48 -17.11 -12.87
N ALA C 968 59.31 -16.02 -12.11
CA ALA C 968 60.10 -15.85 -10.90
C ALA C 968 59.81 -16.94 -9.89
N GLY C 969 58.54 -17.29 -9.71
CA GLY C 969 58.20 -18.40 -8.83
C GLY C 969 58.77 -19.71 -9.32
N LEU C 970 58.67 -19.96 -10.64
CA LEU C 970 59.19 -21.20 -11.20
C LEU C 970 60.70 -21.30 -11.02
N PHE C 971 61.41 -20.18 -11.23
CA PHE C 971 62.87 -20.20 -11.10
C PHE C 971 63.31 -20.23 -9.64
N SER C 972 62.51 -19.67 -8.73
CA SER C 972 62.81 -19.85 -7.31
C SER C 972 62.61 -21.31 -6.91
N ARG C 973 61.62 -21.98 -7.50
CA ARG C 973 61.48 -23.41 -7.29
C ARG C 973 62.67 -24.16 -7.87
N ILE C 974 63.16 -23.73 -9.03
CA ILE C 974 64.39 -24.30 -9.57
C ILE C 974 65.53 -24.13 -8.57
N ARG C 975 65.66 -22.94 -8.00
CA ARG C 975 66.73 -22.68 -7.03
C ARG C 975 66.59 -23.57 -5.81
N ALA C 976 65.36 -23.73 -5.31
CA ALA C 976 65.12 -24.62 -4.18
C ALA C 976 65.52 -26.05 -4.52
N VAL C 977 65.22 -26.49 -5.74
CA VAL C 977 65.65 -27.83 -6.17
C VAL C 977 67.17 -27.91 -6.20
N LEU C 978 67.83 -26.89 -6.72
CA LEU C 978 69.28 -26.87 -6.80
C LEU C 978 69.96 -26.57 -5.47
N VAL C 979 69.20 -26.36 -4.39
CA VAL C 979 69.83 -26.32 -3.07
C VAL C 979 70.59 -27.62 -2.82
N ALA C 980 70.10 -28.73 -3.36
CA ALA C 980 70.82 -29.99 -3.43
C ALA C 980 70.98 -30.37 -4.90
N GLY C 981 71.70 -31.45 -5.15
CA GLY C 981 71.89 -31.92 -6.51
C GLY C 981 72.75 -30.99 -7.34
N GLY C 982 74.05 -30.96 -7.04
CA GLY C 982 74.95 -30.08 -7.73
C GLY C 982 74.67 -28.62 -7.42
N VAL C 983 74.44 -28.32 -6.14
CA VAL C 983 74.24 -26.93 -5.73
C VAL C 983 75.49 -26.13 -6.03
N GLU C 984 75.29 -24.94 -6.60
CA GLU C 984 76.39 -24.05 -6.93
C GLU C 984 76.00 -22.64 -6.54
N ALA C 985 76.86 -21.97 -5.79
CA ALA C 985 76.58 -20.63 -5.28
C ALA C 985 77.06 -19.55 -6.24
N GLU C 986 78.35 -19.56 -6.58
CA GLU C 986 78.90 -18.50 -7.44
C GLU C 986 78.49 -18.71 -8.89
N LYS C 987 78.44 -19.95 -9.35
CA LYS C 987 78.03 -20.20 -10.74
C LYS C 987 76.57 -19.86 -10.96
N LEU C 988 75.70 -20.16 -9.99
CA LEU C 988 74.27 -19.92 -10.16
C LEU C 988 73.98 -18.43 -10.34
N ASP C 989 74.46 -17.59 -9.43
CA ASP C 989 74.21 -16.16 -9.53
C ASP C 989 75.12 -15.47 -10.54
N LYS C 990 76.22 -16.11 -10.95
CA LYS C 990 77.07 -15.55 -12.00
C LYS C 990 76.28 -15.40 -13.29
N LEU C 991 75.87 -16.52 -13.87
CA LEU C 991 75.06 -16.49 -15.07
C LEU C 991 73.65 -16.01 -14.74
N PRO C 992 72.93 -15.43 -15.71
CA PRO C 992 71.58 -14.95 -15.42
C PRO C 992 70.57 -16.09 -15.42
N ARG C 993 69.29 -15.74 -15.26
CA ARG C 993 68.22 -16.74 -15.20
C ARG C 993 67.96 -17.43 -16.54
N ASP C 994 68.71 -17.11 -17.60
CA ASP C 994 68.46 -17.74 -18.89
C ASP C 994 68.66 -19.25 -18.82
N ARG C 995 69.73 -19.69 -18.15
CA ARG C 995 70.11 -21.11 -18.12
C ARG C 995 70.50 -21.48 -16.69
N TRP C 996 69.51 -21.92 -15.91
CA TRP C 996 69.75 -22.47 -14.58
C TRP C 996 69.71 -23.99 -14.56
N LEU C 997 69.29 -24.63 -15.67
CA LEU C 997 69.36 -26.08 -15.77
C LEU C 997 70.76 -26.57 -16.15
N GLU C 998 71.57 -25.74 -16.80
CA GLU C 998 72.93 -26.14 -17.13
C GLU C 998 73.77 -26.41 -15.90
N LEU C 999 73.35 -25.92 -14.74
CA LEU C 999 74.07 -26.17 -13.50
C LEU C 999 74.04 -27.65 -13.17
N GLY C 1000 75.11 -28.11 -12.50
CA GLY C 1000 75.29 -29.53 -12.29
C GLY C 1000 74.18 -30.14 -11.43
N LEU C 1001 73.95 -31.43 -11.68
CA LEU C 1001 73.02 -32.22 -10.89
C LEU C 1001 73.23 -33.69 -11.24
N THR C 1002 73.20 -34.54 -10.22
CA THR C 1002 73.46 -35.97 -10.43
C THR C 1002 72.28 -36.61 -11.16
N ASP C 1003 72.38 -37.92 -11.37
CA ASP C 1003 71.32 -38.68 -12.05
C ASP C 1003 70.15 -38.83 -11.08
N GLU C 1004 69.23 -37.89 -11.13
CA GLU C 1004 68.09 -37.85 -10.22
C GLU C 1004 66.84 -37.45 -10.99
N GLU C 1005 65.69 -37.75 -10.40
CA GLU C 1005 64.43 -37.24 -10.95
C GLU C 1005 64.38 -35.72 -10.91
N LYS C 1006 65.19 -35.09 -10.06
CA LYS C 1006 65.20 -33.63 -9.99
C LYS C 1006 65.60 -33.03 -11.33
N GLN C 1007 66.59 -33.62 -12.00
CA GLN C 1007 66.96 -33.12 -13.32
C GLN C 1007 65.80 -33.21 -14.29
N ASN C 1008 65.08 -34.34 -14.29
CA ASN C 1008 63.87 -34.43 -15.10
C ASN C 1008 62.81 -33.47 -14.59
N GLN C 1009 62.70 -33.31 -13.27
CA GLN C 1009 61.81 -32.31 -12.72
C GLN C 1009 62.21 -30.91 -13.17
N LEU C 1010 63.51 -30.62 -13.15
CA LEU C 1010 63.99 -29.36 -13.71
C LEU C 1010 63.69 -29.27 -15.19
N GLU C 1011 63.85 -30.38 -15.92
CA GLU C 1011 63.47 -30.39 -17.33
C GLU C 1011 61.99 -30.09 -17.48
N GLN C 1012 61.15 -30.69 -16.65
CA GLN C 1012 59.72 -30.38 -16.68
C GLN C 1012 59.49 -28.89 -16.48
N LEU C 1013 60.24 -28.27 -15.57
CA LEU C 1013 60.13 -26.83 -15.40
C LEU C 1013 60.62 -26.08 -16.64
N ALA C 1014 61.54 -26.67 -17.41
CA ALA C 1014 61.99 -26.03 -18.63
C ALA C 1014 60.91 -26.06 -19.71
N GLU C 1015 60.24 -27.20 -19.89
CA GLU C 1015 59.09 -27.18 -20.80
C GLU C 1015 57.96 -26.31 -20.26
N GLN C 1016 57.85 -26.18 -18.93
CA GLN C 1016 56.91 -25.21 -18.38
C GLN C 1016 57.27 -23.79 -18.81
N TYR C 1017 58.56 -23.45 -18.77
CA TYR C 1017 59.00 -22.14 -19.22
C TYR C 1017 58.72 -21.93 -20.71
N ASP C 1018 59.01 -22.93 -21.53
CA ASP C 1018 58.75 -22.81 -22.96
C ASP C 1018 57.26 -22.66 -23.23
N GLU C 1019 56.44 -23.43 -22.51
CA GLU C 1019 55.00 -23.28 -22.62
C GLU C 1019 54.55 -21.90 -22.19
N LEU C 1020 55.17 -21.36 -21.14
CA LEU C 1020 54.86 -20.00 -20.73
C LEU C 1020 55.14 -19.02 -21.86
N LYS C 1021 56.31 -19.15 -22.50
CA LYS C 1021 56.64 -18.29 -23.62
C LYS C 1021 55.57 -18.38 -24.71
N HIS C 1022 55.26 -19.60 -25.15
CA HIS C 1022 54.41 -19.77 -26.31
C HIS C 1022 52.95 -19.41 -25.99
N GLU C 1023 52.47 -19.81 -24.82
CA GLU C 1023 51.13 -19.42 -24.40
C GLU C 1023 51.03 -17.91 -24.25
N PHE C 1024 52.06 -17.27 -23.69
CA PHE C 1024 52.05 -15.82 -23.60
C PHE C 1024 51.95 -15.19 -24.98
N GLU C 1025 52.72 -15.70 -25.93
CA GLU C 1025 52.65 -15.18 -27.30
C GLU C 1025 51.26 -15.34 -27.88
N LYS C 1026 50.68 -16.53 -27.74
CA LYS C 1026 49.38 -16.78 -28.36
C LYS C 1026 48.27 -15.99 -27.69
N LYS C 1027 48.28 -15.91 -26.35
CA LYS C 1027 47.31 -15.09 -25.65
C LYS C 1027 47.47 -13.63 -26.01
N LEU C 1028 48.71 -13.16 -26.15
CA LEU C 1028 48.95 -11.80 -26.57
C LEU C 1028 48.30 -11.53 -27.92
N GLU C 1029 48.56 -12.40 -28.90
CA GLU C 1029 47.97 -12.21 -30.22
C GLU C 1029 46.44 -12.27 -30.14
N ALA C 1030 45.90 -13.24 -29.41
CA ALA C 1030 44.45 -13.42 -29.37
C ALA C 1030 43.77 -12.21 -28.76
N LYS C 1031 44.28 -11.73 -27.62
CA LYS C 1031 43.64 -10.58 -26.98
C LYS C 1031 43.91 -9.30 -27.75
N ARG C 1032 45.06 -9.20 -28.42
CA ARG C 1032 45.30 -8.08 -29.31
C ARG C 1032 44.22 -8.02 -30.38
N ARG C 1033 43.94 -9.15 -31.02
CA ARG C 1033 42.89 -9.20 -32.03
C ARG C 1033 41.53 -8.88 -31.40
N LYS C 1034 41.24 -9.45 -30.23
CA LYS C 1034 39.94 -9.25 -29.59
C LYS C 1034 39.71 -7.78 -29.28
N ILE C 1035 40.72 -7.09 -28.77
CA ILE C 1035 40.59 -5.66 -28.53
C ILE C 1035 40.47 -4.91 -29.84
N THR C 1036 41.32 -5.24 -30.81
CA THR C 1036 41.33 -4.51 -32.07
C THR C 1036 40.03 -4.72 -32.86
N GLN C 1037 39.53 -5.95 -32.90
CA GLN C 1037 38.37 -6.24 -33.73
C GLN C 1037 37.16 -5.47 -33.24
N GLY C 1038 36.35 -5.02 -34.18
CA GLY C 1038 35.10 -4.38 -33.84
C GLY C 1038 34.08 -5.40 -33.39
N ASP C 1039 33.66 -5.29 -32.13
CA ASP C 1039 32.69 -6.24 -31.59
C ASP C 1039 31.34 -6.07 -32.30
N ASP C 1040 30.63 -7.19 -32.44
CA ASP C 1040 29.34 -7.16 -33.13
C ASP C 1040 28.37 -6.24 -32.41
N LEU C 1041 27.72 -5.36 -33.17
CA LEU C 1041 26.73 -4.44 -32.65
C LEU C 1041 25.41 -4.66 -33.38
N ALA C 1042 24.35 -4.06 -32.86
CA ALA C 1042 23.06 -4.14 -33.53
C ALA C 1042 23.16 -3.47 -34.90
N PRO C 1043 22.42 -3.96 -35.89
CA PRO C 1043 22.56 -3.40 -37.24
C PRO C 1043 22.19 -1.92 -37.28
N GLY C 1044 22.89 -1.18 -38.14
CA GLY C 1044 22.65 0.23 -38.32
C GLY C 1044 23.68 1.10 -37.61
N VAL C 1045 24.05 0.73 -36.39
CA VAL C 1045 25.00 1.51 -35.61
C VAL C 1045 26.40 1.31 -36.19
N LEU C 1046 27.17 2.39 -36.20
CA LEU C 1046 28.58 2.32 -36.61
C LEU C 1046 29.50 2.24 -35.40
N LYS C 1047 29.10 2.86 -34.28
CA LYS C 1047 29.87 2.78 -33.06
C LYS C 1047 29.03 3.30 -31.91
N ILE C 1048 29.25 2.73 -30.73
CA ILE C 1048 28.55 3.10 -29.51
C ILE C 1048 29.57 3.48 -28.45
N VAL C 1049 29.33 4.59 -27.78
CA VAL C 1049 30.22 5.12 -26.76
C VAL C 1049 29.43 5.27 -25.46
N LYS C 1050 29.94 4.64 -24.40
CA LYS C 1050 29.37 4.77 -23.06
C LYS C 1050 30.33 5.60 -22.21
N VAL C 1051 29.77 6.35 -21.26
CA VAL C 1051 30.54 7.18 -20.36
C VAL C 1051 30.02 6.99 -18.94
N TYR C 1052 30.92 6.92 -17.98
CA TYR C 1052 30.60 6.63 -16.59
C TYR C 1052 30.85 7.87 -15.75
N LEU C 1053 29.81 8.32 -15.07
CA LEU C 1053 29.85 9.54 -14.25
C LEU C 1053 29.66 9.15 -12.80
N ALA C 1054 30.60 9.57 -11.95
CA ALA C 1054 30.51 9.34 -10.52
C ALA C 1054 29.92 10.57 -9.84
N VAL C 1055 28.99 10.32 -8.92
CA VAL C 1055 28.42 11.37 -8.08
C VAL C 1055 28.47 10.90 -6.64
N LYS C 1056 29.03 11.74 -5.78
CA LYS C 1056 29.18 11.44 -4.36
C LYS C 1056 28.06 12.18 -3.61
N ARG C 1057 26.98 11.47 -3.33
CA ARG C 1057 25.82 12.05 -2.65
C ARG C 1057 25.90 11.70 -1.18
N ARG C 1058 25.90 12.72 -0.32
CA ARG C 1058 26.17 12.49 1.09
C ARG C 1058 24.90 12.29 1.91
N ILE C 1059 24.13 13.37 2.06
CA ILE C 1059 22.90 13.35 2.84
C ILE C 1059 22.21 14.69 2.65
N GLN C 1060 20.90 14.73 2.79
CA GLN C 1060 20.17 15.98 2.89
C GLN C 1060 18.82 15.70 3.50
N PRO C 1061 18.09 16.73 3.92
CA PRO C 1061 16.74 16.50 4.45
C PRO C 1061 15.86 15.78 3.43
N GLY C 1062 15.03 14.87 3.93
CA GLY C 1062 14.13 14.12 3.08
C GLY C 1062 14.63 12.74 2.75
N ASP C 1063 15.91 12.49 2.96
CA ASP C 1063 16.43 11.16 2.71
C ASP C 1063 15.86 10.16 3.71
N LYS C 1064 15.93 8.88 3.36
CA LYS C 1064 15.27 7.82 4.10
C LYS C 1064 16.31 6.85 4.65
N MET C 1065 16.13 6.47 5.91
CA MET C 1065 17.03 5.52 6.57
C MET C 1065 16.25 4.83 7.67
N ALA C 1066 16.75 3.67 8.08
CA ALA C 1066 16.09 2.90 9.11
C ALA C 1066 17.09 1.91 9.72
N GLY C 1067 16.64 1.24 10.77
CA GLY C 1067 17.50 0.33 11.51
C GLY C 1067 17.28 -1.12 11.15
N ARG C 1068 16.93 -1.94 12.14
CA ARG C 1068 16.72 -3.37 11.97
C ARG C 1068 15.48 -3.82 12.73
N HIS C 1069 14.43 -2.98 12.70
CA HIS C 1069 13.17 -3.33 13.33
C HIS C 1069 11.99 -2.82 12.48
N GLY C 1070 12.22 -2.63 11.19
CA GLY C 1070 11.21 -1.99 10.36
C GLY C 1070 10.99 -0.53 10.67
N ASN C 1071 11.84 0.07 11.51
CA ASN C 1071 11.64 1.44 11.98
C ASN C 1071 11.91 2.39 10.82
N LYS C 1072 10.92 2.50 9.95
CA LYS C 1072 11.02 3.43 8.83
C LYS C 1072 11.21 4.84 9.34
N GLY C 1073 11.98 5.62 8.60
CA GLY C 1073 12.13 7.02 8.95
C GLY C 1073 12.85 7.86 7.91
N VAL C 1074 12.22 8.97 7.52
CA VAL C 1074 12.88 10.00 6.73
C VAL C 1074 13.58 10.92 7.72
N ILE C 1075 14.47 11.76 7.22
CA ILE C 1075 15.27 12.65 8.05
C ILE C 1075 14.70 14.06 7.94
N SER C 1076 14.44 14.67 9.09
CA SER C 1076 13.80 15.98 9.13
C SER C 1076 14.75 17.08 8.69
N LYS C 1077 15.84 17.24 9.43
CA LYS C 1077 16.69 18.42 9.28
C LYS C 1077 18.04 18.13 9.92
N ILE C 1078 19.10 18.13 9.10
CA ILE C 1078 20.44 18.16 9.66
C ILE C 1078 20.56 19.41 10.51
N ASN C 1079 21.06 19.25 11.73
CA ASN C 1079 21.02 20.29 12.74
C ASN C 1079 22.36 20.39 13.46
N PRO C 1080 22.64 21.54 14.07
CA PRO C 1080 23.96 21.73 14.68
C PRO C 1080 24.22 20.75 15.81
N ILE C 1081 25.51 20.46 16.00
CA ILE C 1081 25.94 19.70 17.16
C ILE C 1081 25.48 20.39 18.44
N GLU C 1082 25.35 21.71 18.39
CA GLU C 1082 25.17 22.50 19.60
C GLU C 1082 23.71 22.54 20.03
N ASP C 1083 22.78 22.36 19.09
CA ASP C 1083 21.38 22.24 19.45
C ASP C 1083 21.06 20.86 20.06
N MET C 1084 21.84 19.85 19.75
CA MET C 1084 21.55 18.51 20.22
C MET C 1084 21.73 18.42 21.73
N PRO C 1085 21.04 17.49 22.39
CA PRO C 1085 21.33 17.25 23.81
C PRO C 1085 22.62 16.47 23.97
N TYR C 1086 23.19 16.57 25.17
CA TYR C 1086 24.45 15.90 25.48
C TYR C 1086 24.44 15.49 26.94
N ASP C 1087 25.18 14.43 27.23
CA ASP C 1087 25.25 13.89 28.57
C ASP C 1087 26.08 14.82 29.46
N GLU C 1088 26.26 14.39 30.71
CA GLU C 1088 27.03 15.19 31.67
C GLU C 1088 28.46 15.38 31.19
N ASN C 1089 29.06 14.34 30.60
CA ASN C 1089 30.43 14.45 30.10
C ASN C 1089 30.52 15.24 28.80
N GLY C 1090 29.38 15.62 28.22
CA GLY C 1090 29.34 16.56 27.10
C GLY C 1090 29.13 15.92 25.75
N THR C 1091 29.33 14.62 25.61
CA THR C 1091 29.18 13.98 24.32
C THR C 1091 27.73 14.15 23.86
N PRO C 1092 27.47 14.74 22.69
CA PRO C 1092 26.10 14.83 22.20
C PRO C 1092 25.66 13.52 21.56
N VAL C 1093 24.37 13.51 21.18
CA VAL C 1093 23.76 12.34 20.54
C VAL C 1093 23.80 12.57 19.03
N ASP C 1094 24.28 11.57 18.30
CA ASP C 1094 24.32 11.68 16.85
C ASP C 1094 22.92 11.74 16.26
N ILE C 1095 22.04 10.83 16.69
CA ILE C 1095 20.73 10.64 16.10
C ILE C 1095 19.69 10.67 17.21
N VAL C 1096 18.50 11.17 16.89
CA VAL C 1096 17.36 11.16 17.80
C VAL C 1096 16.15 10.64 17.04
N LEU C 1097 15.48 9.64 17.61
CA LEU C 1097 14.29 9.03 17.01
C LEU C 1097 13.08 9.22 17.90
N ASN C 1098 11.91 9.04 17.30
CA ASN C 1098 10.64 9.27 17.96
C ASN C 1098 10.35 8.11 18.92
N PRO C 1099 10.11 8.36 20.21
CA PRO C 1099 9.67 7.26 21.09
C PRO C 1099 8.37 6.63 20.65
N LEU C 1100 7.45 7.39 20.07
CA LEU C 1100 6.11 6.88 19.82
C LEU C 1100 6.06 5.85 18.71
N GLY C 1101 7.16 5.63 17.99
CA GLY C 1101 7.22 4.46 17.12
C GLY C 1101 7.15 3.15 17.88
N VAL C 1102 7.55 3.17 19.16
CA VAL C 1102 7.69 1.95 19.95
C VAL C 1102 6.32 1.31 20.21
N PRO C 1103 5.38 2.00 20.88
CA PRO C 1103 4.16 1.29 21.30
C PRO C 1103 3.27 0.90 20.13
N SER C 1104 2.95 1.87 19.28
CA SER C 1104 2.05 1.59 18.16
C SER C 1104 2.65 0.57 17.22
N ARG C 1105 3.87 0.82 16.76
CA ARG C 1105 4.58 -0.14 15.93
C ARG C 1105 5.20 -1.14 16.90
N MET C 1106 4.53 -2.27 17.09
CA MET C 1106 4.77 -3.12 18.26
C MET C 1106 6.12 -3.83 18.11
N ASN C 1107 7.18 -3.07 18.37
CA ASN C 1107 8.52 -3.63 18.47
C ASN C 1107 9.23 -2.94 19.62
N ILE C 1108 9.98 -3.72 20.39
CA ILE C 1108 10.76 -3.21 21.51
C ILE C 1108 12.22 -3.60 21.44
N GLY C 1109 12.58 -4.55 20.58
CA GLY C 1109 13.96 -4.99 20.47
C GLY C 1109 14.92 -3.87 20.19
N GLN C 1110 14.47 -2.80 19.53
CA GLN C 1110 15.32 -1.63 19.35
C GLN C 1110 15.80 -1.11 20.70
N ILE C 1111 14.93 -1.11 21.70
CA ILE C 1111 15.35 -0.64 23.03
C ILE C 1111 16.41 -1.57 23.61
N LEU C 1112 16.17 -2.88 23.50
CA LEU C 1112 17.08 -3.86 24.09
C LEU C 1112 18.44 -3.78 23.45
N GLU C 1113 18.49 -3.84 22.12
CA GLU C 1113 19.76 -3.70 21.42
C GLU C 1113 20.38 -2.33 21.66
N THR C 1114 19.56 -1.30 21.89
CA THR C 1114 20.13 0.02 22.15
C THR C 1114 20.92 0.01 23.44
N HIS C 1115 20.32 -0.57 24.49
CA HIS C 1115 21.05 -0.74 25.74
C HIS C 1115 22.27 -1.61 25.53
N LEU C 1116 22.12 -2.68 24.73
CA LEU C 1116 23.23 -3.59 24.45
C LEU C 1116 24.38 -2.85 23.78
N GLY C 1117 24.06 -2.06 22.75
CA GLY C 1117 25.10 -1.33 22.04
C GLY C 1117 25.72 -0.26 22.90
N MET C 1118 24.93 0.37 23.76
CA MET C 1118 25.50 1.33 24.70
C MET C 1118 26.50 0.64 25.60
N ALA C 1119 26.16 -0.53 26.11
CA ALA C 1119 27.07 -1.26 26.98
C ALA C 1119 28.32 -1.70 26.23
N ALA C 1120 28.15 -2.22 25.02
CA ALA C 1120 29.28 -2.65 24.22
C ALA C 1120 30.20 -1.47 23.91
N LYS C 1121 29.62 -0.32 23.58
CA LYS C 1121 30.43 0.86 23.30
C LYS C 1121 31.11 1.38 24.55
N GLY C 1122 30.46 1.25 25.70
CA GLY C 1122 31.13 1.61 26.94
C GLY C 1122 32.33 0.71 27.21
N ILE C 1123 32.18 -0.58 26.95
CA ILE C 1123 33.31 -1.49 27.08
C ILE C 1123 34.40 -1.10 26.11
N GLY C 1124 34.04 -0.79 24.87
CA GLY C 1124 35.03 -0.38 23.90
C GLY C 1124 35.71 0.92 24.28
N ASP C 1125 34.97 1.84 24.89
CA ASP C 1125 35.54 3.10 25.34
C ASP C 1125 36.51 2.87 26.48
N LYS C 1126 36.16 1.98 27.41
CA LYS C 1126 37.11 1.63 28.46
C LYS C 1126 38.37 1.02 27.86
N ILE C 1127 38.20 0.14 26.87
CA ILE C 1127 39.36 -0.48 26.22
C ILE C 1127 40.22 0.59 25.56
N ASN C 1128 39.59 1.52 24.85
CA ASN C 1128 40.32 2.57 24.17
C ASN C 1128 41.04 3.47 25.17
N ALA C 1129 40.39 3.78 26.29
CA ALA C 1129 41.04 4.59 27.31
C ALA C 1129 42.26 3.88 27.86
N MET C 1130 42.11 2.62 28.26
CA MET C 1130 43.25 1.86 28.76
C MET C 1130 44.28 1.57 27.67
N LEU C 1131 43.94 1.79 26.41
CA LEU C 1131 44.94 1.69 25.35
C LEU C 1131 45.71 2.99 25.20
N LYS C 1132 45.00 4.12 25.16
CA LYS C 1132 45.67 5.42 25.12
C LYS C 1132 46.64 5.56 26.28
N GLN C 1133 46.17 5.31 27.50
CA GLN C 1133 47.08 5.06 28.59
C GLN C 1133 47.81 3.75 28.36
N GLN C 1134 49.07 3.70 28.74
CA GLN C 1134 49.84 2.47 28.58
C GLN C 1134 49.48 1.53 29.73
N GLN C 1135 48.63 0.55 29.42
CA GLN C 1135 48.03 -0.36 30.39
C GLN C 1135 48.31 -1.79 29.94
N GLU C 1136 49.61 -2.09 29.80
CA GLU C 1136 50.13 -3.22 29.05
C GLU C 1136 49.35 -4.51 29.29
N VAL C 1137 49.39 -5.41 28.30
CA VAL C 1137 48.36 -6.41 28.02
C VAL C 1137 47.79 -7.09 29.25
N ALA C 1138 48.57 -7.17 30.33
CA ALA C 1138 48.10 -7.82 31.56
C ALA C 1138 46.71 -7.31 31.97
N LYS C 1139 46.59 -6.01 32.24
CA LYS C 1139 45.30 -5.46 32.62
C LYS C 1139 44.29 -5.61 31.48
N LEU C 1140 44.72 -5.33 30.25
CA LEU C 1140 43.84 -5.50 29.11
C LEU C 1140 43.39 -6.95 28.99
N ARG C 1141 44.32 -7.88 29.20
CA ARG C 1141 44.01 -9.30 29.08
C ARG C 1141 42.96 -9.68 30.12
N GLU C 1142 43.14 -9.20 31.35
CA GLU C 1142 42.17 -9.50 32.42
C GLU C 1142 40.81 -8.92 32.09
N PHE C 1143 40.76 -7.67 31.65
CA PHE C 1143 39.47 -7.05 31.37
C PHE C 1143 38.76 -7.76 30.22
N ILE C 1144 39.51 -8.10 29.18
CA ILE C 1144 38.92 -8.80 28.05
C ILE C 1144 38.41 -10.17 28.48
N GLN C 1145 39.17 -10.85 29.33
CA GLN C 1145 38.73 -12.14 29.86
C GLN C 1145 37.43 -11.99 30.62
N ARG C 1146 37.33 -10.96 31.47
CA ARG C 1146 36.09 -10.71 32.18
C ARG C 1146 34.95 -10.46 31.20
N ALA C 1147 35.23 -9.71 30.13
CA ALA C 1147 34.18 -9.34 29.19
C ALA C 1147 33.66 -10.55 28.43
N TYR C 1148 34.55 -11.47 28.04
CA TYR C 1148 34.11 -12.55 27.16
C TYR C 1148 33.35 -13.66 27.89
N ASP C 1149 33.70 -13.96 29.13
CA ASP C 1149 32.98 -15.02 29.82
C ASP C 1149 31.55 -14.57 30.09
N LEU C 1150 31.41 -13.56 30.94
CA LEU C 1150 30.19 -12.77 31.10
C LEU C 1150 28.95 -13.66 31.17
N GLY C 1151 28.86 -14.40 32.27
CA GLY C 1151 27.59 -14.95 32.69
C GLY C 1151 27.32 -16.42 32.39
N ALA C 1152 26.14 -16.69 31.85
CA ALA C 1152 25.60 -18.04 31.80
C ALA C 1152 26.29 -18.86 30.72
N ASP C 1153 25.75 -20.05 30.44
CA ASP C 1153 26.32 -20.90 29.42
C ASP C 1153 26.37 -20.17 28.08
N VAL C 1154 27.51 -20.30 27.40
CA VAL C 1154 27.76 -19.59 26.15
C VAL C 1154 28.52 -20.53 25.22
N ARG C 1155 28.75 -20.05 23.99
CA ARG C 1155 29.46 -20.80 22.98
C ARG C 1155 30.88 -20.31 22.74
N GLN C 1156 31.20 -19.08 23.18
CA GLN C 1156 32.53 -18.54 22.93
C GLN C 1156 33.62 -19.41 23.57
N LYS C 1157 33.50 -19.65 24.88
CA LYS C 1157 34.44 -20.46 25.65
C LYS C 1157 35.89 -20.21 25.27
N VAL C 1158 36.26 -18.96 25.04
CA VAL C 1158 37.59 -18.61 24.59
C VAL C 1158 38.44 -18.26 25.80
N ASP C 1159 39.75 -18.28 25.60
CA ASP C 1159 40.71 -17.91 26.63
C ASP C 1159 41.74 -16.97 26.03
N LEU C 1160 42.41 -16.22 26.89
CA LEU C 1160 43.46 -15.32 26.47
C LEU C 1160 44.86 -15.84 26.77
N SER C 1161 44.98 -16.90 27.57
CA SER C 1161 46.27 -17.52 27.79
C SER C 1161 46.91 -17.98 26.49
N THR C 1162 46.10 -18.27 25.47
CA THR C 1162 46.59 -18.74 24.19
C THR C 1162 47.03 -17.62 23.27
N PHE C 1163 46.94 -16.36 23.71
CA PHE C 1163 46.97 -15.22 22.78
C PHE C 1163 48.19 -14.33 22.99
N SER C 1164 49.32 -14.75 22.43
CA SER C 1164 50.03 -13.95 21.44
C SER C 1164 49.82 -12.44 21.61
N ASP C 1165 50.37 -11.86 22.68
CA ASP C 1165 50.15 -10.47 23.07
C ASP C 1165 50.07 -9.49 21.90
N GLU C 1166 50.84 -9.74 20.84
CA GLU C 1166 50.64 -9.01 19.59
C GLU C 1166 49.18 -9.06 19.16
N GLU C 1167 48.59 -10.26 19.13
CA GLU C 1167 47.17 -10.36 18.82
C GLU C 1167 46.34 -9.63 19.86
N VAL C 1168 46.76 -9.63 21.12
CA VAL C 1168 45.98 -8.96 22.15
C VAL C 1168 45.85 -7.48 21.84
N MET C 1169 46.99 -6.82 21.59
CA MET C 1169 46.94 -5.39 21.29
C MET C 1169 46.24 -5.13 19.97
N ARG C 1170 46.47 -5.97 18.96
CA ARG C 1170 45.80 -5.76 17.67
C ARG C 1170 44.29 -5.87 17.81
N LEU C 1171 43.83 -6.90 18.51
CA LEU C 1171 42.40 -7.10 18.70
C LEU C 1171 41.80 -5.98 19.55
N ALA C 1172 42.54 -5.50 20.56
CA ALA C 1172 42.06 -4.36 21.34
C ALA C 1172 41.91 -3.13 20.46
N GLU C 1173 42.89 -2.88 19.59
CA GLU C 1173 42.78 -1.79 18.62
C GLU C 1173 41.52 -1.94 17.79
N ASN C 1174 41.28 -3.15 17.29
CA ASN C 1174 40.05 -3.40 16.53
C ASN C 1174 38.82 -3.12 17.36
N LEU C 1175 38.89 -3.39 18.67
CA LEU C 1175 37.76 -3.19 19.56
C LEU C 1175 37.69 -1.79 20.15
N ARG C 1176 38.69 -0.94 19.92
CA ARG C 1176 38.66 0.39 20.53
C ARG C 1176 37.47 1.20 20.07
N LYS C 1177 36.89 0.86 18.92
CA LYS C 1177 35.70 1.53 18.40
C LYS C 1177 34.40 0.84 18.80
N GLY C 1178 34.45 -0.25 19.54
CA GLY C 1178 33.25 -0.94 19.96
C GLY C 1178 33.49 -2.43 20.08
N MET C 1179 32.54 -3.09 20.75
CA MET C 1179 32.58 -4.53 20.98
C MET C 1179 31.50 -5.22 20.18
N PRO C 1180 31.81 -5.83 19.03
CA PRO C 1180 30.77 -6.51 18.25
C PRO C 1180 30.16 -7.68 19.02
N ILE C 1181 28.84 -7.76 19.00
CA ILE C 1181 28.07 -8.74 19.77
C ILE C 1181 27.26 -9.58 18.81
N ALA C 1182 27.30 -10.90 19.00
CA ALA C 1182 26.51 -11.84 18.21
C ALA C 1182 25.33 -12.33 19.03
N THR C 1183 24.20 -12.55 18.36
CA THR C 1183 22.96 -12.92 19.02
C THR C 1183 22.07 -13.74 18.08
N PRO C 1184 21.85 -15.03 18.33
CA PRO C 1184 20.96 -15.81 17.45
C PRO C 1184 19.54 -15.27 17.49
N VAL C 1185 18.69 -15.88 16.66
CA VAL C 1185 17.35 -15.34 16.44
C VAL C 1185 16.53 -15.39 17.73
N PHE C 1186 16.55 -16.53 18.43
CA PHE C 1186 15.80 -16.70 19.67
C PHE C 1186 16.65 -17.18 20.84
N ASP C 1187 17.83 -17.74 20.59
CA ASP C 1187 18.72 -18.18 21.66
C ASP C 1187 19.63 -17.07 22.15
N GLY C 1188 19.26 -15.81 21.95
CA GLY C 1188 20.08 -14.69 22.30
C GLY C 1188 20.14 -14.46 23.79
N ALA C 1189 20.77 -13.34 24.15
CA ALA C 1189 20.91 -12.97 25.55
C ALA C 1189 19.56 -12.62 26.16
N LYS C 1190 19.48 -12.75 27.49
CA LYS C 1190 18.31 -12.33 28.23
C LYS C 1190 18.53 -10.93 28.79
N GLU C 1191 17.46 -10.35 29.33
CA GLU C 1191 17.53 -8.99 29.85
C GLU C 1191 18.59 -8.87 30.94
N ALA C 1192 18.53 -9.73 31.95
CA ALA C 1192 19.50 -9.68 33.03
C ALA C 1192 20.92 -9.82 32.50
N GLU C 1193 21.10 -10.62 31.44
CA GLU C 1193 22.40 -10.69 30.79
C GLU C 1193 22.81 -9.33 30.24
N ILE C 1194 21.85 -8.61 29.63
CA ILE C 1194 22.12 -7.25 29.22
C ILE C 1194 22.42 -6.38 30.44
N LYS C 1195 21.63 -6.55 31.51
CA LYS C 1195 21.94 -5.87 32.75
C LYS C 1195 23.28 -6.31 33.30
N GLU C 1196 23.64 -7.57 33.11
CA GLU C 1196 24.96 -8.05 33.54
C GLU C 1196 26.06 -7.30 32.82
N LEU C 1197 25.94 -7.17 31.51
CA LEU C 1197 26.94 -6.44 30.74
C LEU C 1197 26.97 -4.96 31.14
N LEU C 1198 25.80 -4.39 31.39
CA LEU C 1198 25.75 -3.00 31.84
C LEU C 1198 26.47 -2.83 33.18
N LYS C 1199 26.29 -3.79 34.09
CA LYS C 1199 27.05 -3.76 35.33
C LYS C 1199 28.54 -3.86 35.07
N LEU C 1200 28.94 -4.70 34.11
CA LEU C 1200 30.34 -4.71 33.69
C LEU C 1200 30.75 -3.34 33.17
N GLY C 1201 29.87 -2.67 32.44
CA GLY C 1201 30.13 -1.31 32.04
C GLY C 1201 29.89 -0.33 33.17
N ASP C 1202 30.32 0.91 32.94
CA ASP C 1202 30.05 1.99 33.88
C ASP C 1202 28.68 2.60 33.69
N LEU C 1203 27.91 2.13 32.72
CA LEU C 1203 26.64 2.73 32.38
C LEU C 1203 25.56 2.28 33.35
N PRO C 1204 24.50 3.08 33.53
CA PRO C 1204 23.46 2.69 34.49
C PRO C 1204 22.79 1.39 34.09
N THR C 1205 22.40 0.61 35.11
CA THR C 1205 21.77 -0.67 34.86
C THR C 1205 20.50 -0.51 34.04
N SER C 1206 19.71 0.51 34.32
CA SER C 1206 18.55 0.79 33.48
C SER C 1206 18.97 1.29 32.11
N GLY C 1207 20.09 2.01 32.03
CA GLY C 1207 20.55 2.56 30.78
C GLY C 1207 19.94 3.89 30.41
N GLN C 1208 18.91 4.34 31.11
CA GLN C 1208 18.36 5.67 30.89
C GLN C 1208 19.30 6.68 31.53
N ILE C 1209 19.94 7.51 30.70
CA ILE C 1209 20.96 8.43 31.14
C ILE C 1209 20.38 9.84 31.14
N ARG C 1210 20.79 10.64 32.12
CA ARG C 1210 20.41 12.04 32.13
C ARG C 1210 21.08 12.76 30.97
N LEU C 1211 20.31 13.58 30.27
CA LEU C 1211 20.80 14.35 29.14
C LEU C 1211 20.62 15.84 29.44
N TYR C 1212 21.43 16.66 28.78
CA TYR C 1212 21.43 18.09 28.98
C TYR C 1212 21.21 18.79 27.65
N ASP C 1213 20.29 19.75 27.64
CA ASP C 1213 19.89 20.41 26.39
C ASP C 1213 20.92 21.43 25.96
N GLY C 1214 21.20 21.45 24.66
CA GLY C 1214 22.05 22.50 24.11
C GLY C 1214 21.39 23.86 24.14
N ARG C 1215 20.11 23.92 23.79
CA ARG C 1215 19.44 25.22 23.70
C ARG C 1215 19.23 25.82 25.09
N THR C 1216 18.72 25.03 26.04
CA THR C 1216 18.43 25.56 27.37
C THR C 1216 19.60 25.39 28.34
N GLY C 1217 20.33 24.28 28.25
CA GLY C 1217 21.50 24.09 29.07
C GLY C 1217 21.27 23.50 30.44
N GLU C 1218 20.32 22.57 30.57
CA GLU C 1218 20.08 21.92 31.84
C GLU C 1218 19.55 20.51 31.58
N GLN C 1219 19.45 19.75 32.66
CA GLN C 1219 19.01 18.37 32.57
C GLN C 1219 17.56 18.29 32.10
N PHE C 1220 17.24 17.19 31.40
CA PHE C 1220 15.85 16.84 31.13
C PHE C 1220 15.36 15.95 32.26
N GLU C 1221 14.30 16.38 32.94
CA GLU C 1221 13.66 15.52 33.91
C GLU C 1221 13.22 14.21 33.25
N ARG C 1222 12.97 13.20 34.08
CA ARG C 1222 12.70 11.86 33.57
C ARG C 1222 13.85 11.47 32.64
N PRO C 1223 15.01 11.08 33.20
CA PRO C 1223 16.15 10.70 32.37
C PRO C 1223 15.77 9.77 31.23
N VAL C 1224 16.55 9.82 30.16
CA VAL C 1224 16.13 9.35 28.84
C VAL C 1224 16.91 8.11 28.46
N THR C 1225 16.20 7.17 27.83
CA THR C 1225 16.84 6.02 27.22
C THR C 1225 17.71 6.48 26.06
N VAL C 1226 19.00 6.17 26.14
CA VAL C 1226 19.94 6.45 25.07
C VAL C 1226 20.85 5.25 24.90
N GLY C 1227 21.41 5.12 23.72
CA GLY C 1227 22.33 4.04 23.45
C GLY C 1227 22.92 4.08 22.06
N TYR C 1228 22.95 2.95 21.37
CA TYR C 1228 23.55 2.87 20.05
C TYR C 1228 22.69 2.02 19.13
N MET C 1229 22.40 2.54 17.95
CA MET C 1229 21.58 1.87 16.95
C MET C 1229 22.31 1.79 15.61
N TYR C 1230 22.07 0.70 14.91
CA TYR C 1230 22.64 0.45 13.59
C TYR C 1230 21.63 0.90 12.55
N MET C 1231 21.70 2.18 12.18
CA MET C 1231 20.86 2.67 11.10
C MET C 1231 21.41 2.22 9.76
N LEU C 1232 20.55 2.21 8.75
CA LEU C 1232 20.93 1.87 7.39
C LEU C 1232 20.41 2.92 6.44
N LYS C 1233 21.22 3.26 5.45
CA LYS C 1233 20.81 4.22 4.42
C LYS C 1233 20.01 3.50 3.35
N LEU C 1234 18.74 3.86 3.21
CA LEU C 1234 17.91 3.26 2.17
C LEU C 1234 18.22 3.92 0.82
N ASN C 1235 17.84 3.22 -0.24
CA ASN C 1235 18.14 3.69 -1.59
C ASN C 1235 16.99 4.53 -2.15
N HIS C 1236 16.56 5.51 -1.37
CA HIS C 1236 15.54 6.48 -1.80
C HIS C 1236 16.09 7.85 -1.43
N LEU C 1237 16.87 8.42 -2.34
CA LEU C 1237 17.49 9.71 -2.10
C LEU C 1237 16.58 10.81 -2.64
N VAL C 1238 16.46 11.89 -1.86
CA VAL C 1238 15.43 12.88 -2.11
C VAL C 1238 15.60 13.48 -3.51
N ASP C 1239 16.83 13.69 -3.94
CA ASP C 1239 17.05 14.25 -5.28
C ASP C 1239 16.48 13.33 -6.35
N ASP C 1240 16.61 12.02 -6.16
CA ASP C 1240 16.02 11.09 -7.12
C ASP C 1240 14.52 11.26 -7.17
N LYS C 1241 13.86 11.21 -6.01
CA LYS C 1241 12.41 11.33 -6.00
C LYS C 1241 11.97 12.74 -6.37
N MET C 1242 12.81 13.74 -6.13
CA MET C 1242 12.51 15.09 -6.55
C MET C 1242 12.34 15.16 -8.06
N HIS C 1243 11.30 15.85 -8.50
CA HIS C 1243 11.08 16.11 -9.91
C HIS C 1243 9.93 17.09 -10.06
N ALA C 1244 10.05 17.97 -11.06
CA ALA C 1244 8.97 18.88 -11.41
C ALA C 1244 9.14 19.28 -12.86
N ARG C 1245 8.29 20.19 -13.31
CA ARG C 1245 8.34 20.70 -14.68
C ARG C 1245 7.42 21.90 -14.77
N SER C 1246 7.81 22.85 -15.60
CA SER C 1246 7.00 24.04 -15.86
C SER C 1246 6.50 24.09 -17.30
N THR C 1247 7.40 23.96 -18.28
CA THR C 1247 7.01 23.99 -19.69
C THR C 1247 8.05 23.17 -20.45
N GLY C 1248 7.67 21.93 -20.79
CA GLY C 1248 8.56 21.04 -21.50
C GLY C 1248 7.99 20.66 -22.86
N SER C 1249 8.05 19.36 -23.18
CA SER C 1249 7.52 18.85 -24.44
C SER C 1249 6.14 18.24 -24.24
N TYR C 1250 5.33 18.29 -25.29
CA TYR C 1250 4.03 17.65 -25.31
C TYR C 1250 4.13 16.26 -25.92
N SER C 1251 3.20 15.39 -25.53
CA SER C 1251 3.15 14.06 -26.09
C SER C 1251 2.71 14.11 -27.55
N LEU C 1252 3.17 13.13 -28.33
CA LEU C 1252 2.83 13.08 -29.74
C LEU C 1252 1.34 12.86 -29.95
N VAL C 1253 0.77 11.87 -29.26
CA VAL C 1253 -0.62 11.50 -29.52
C VAL C 1253 -1.57 12.61 -29.06
N THR C 1254 -1.28 13.23 -27.91
CA THR C 1254 -2.12 14.28 -27.36
C THR C 1254 -1.25 15.38 -26.80
N GLN C 1255 -1.78 16.62 -26.85
CA GLN C 1255 -1.09 17.78 -26.29
C GLN C 1255 -1.31 17.81 -24.78
N GLN C 1256 -0.64 16.89 -24.11
CA GLN C 1256 -0.62 16.81 -22.66
C GLN C 1256 0.82 16.65 -22.20
N PRO C 1257 1.15 17.09 -20.99
CA PRO C 1257 2.51 16.88 -20.48
C PRO C 1257 2.85 15.41 -20.39
N LEU C 1258 4.12 15.09 -20.62
CA LEU C 1258 4.61 13.74 -20.43
C LEU C 1258 4.73 13.45 -18.92
N GLY C 1259 5.21 12.25 -18.59
CA GLY C 1259 5.34 11.84 -17.21
C GLY C 1259 6.72 11.26 -16.93
N GLY C 1260 6.98 11.04 -15.65
CA GLY C 1260 8.21 10.42 -15.21
C GLY C 1260 9.38 11.39 -15.17
N LYS C 1261 10.53 10.84 -14.77
CA LYS C 1261 11.77 11.60 -14.64
C LYS C 1261 12.73 11.37 -15.81
N ALA C 1262 12.82 10.12 -16.29
CA ALA C 1262 13.73 9.82 -17.40
C ALA C 1262 13.43 10.73 -18.59
N GLN C 1263 12.16 10.92 -18.90
CA GLN C 1263 11.72 11.98 -19.79
C GLN C 1263 11.11 13.09 -18.95
N PHE C 1264 11.41 14.34 -19.32
CA PHE C 1264 11.01 15.48 -18.49
C PHE C 1264 9.51 15.67 -18.63
N GLY C 1265 8.78 14.92 -17.80
CA GLY C 1265 7.34 14.96 -17.77
C GLY C 1265 6.80 15.83 -16.66
N GLY C 1266 5.52 15.61 -16.34
CA GLY C 1266 4.87 16.34 -15.27
C GLY C 1266 4.02 15.41 -14.43
N GLN C 1267 3.60 15.92 -13.28
CA GLN C 1267 2.83 15.11 -12.36
C GLN C 1267 1.50 14.70 -12.97
N ARG C 1268 1.02 13.53 -12.59
CA ARG C 1268 -0.22 12.96 -13.13
C ARG C 1268 -1.37 13.36 -12.22
N PHE C 1269 -2.36 14.05 -12.81
CA PHE C 1269 -3.56 14.44 -12.08
C PHE C 1269 -4.61 13.36 -12.27
N GLY C 1270 -4.96 12.67 -11.18
CA GLY C 1270 -5.90 11.58 -11.25
C GLY C 1270 -7.35 12.04 -11.22
N GLU C 1271 -8.24 11.10 -11.52
CA GLU C 1271 -9.66 11.43 -11.55
C GLU C 1271 -10.24 11.58 -10.15
N MET C 1272 -9.65 10.92 -9.15
CA MET C 1272 -10.07 11.18 -7.79
C MET C 1272 -9.67 12.58 -7.35
N GLU C 1273 -8.54 13.07 -7.85
CA GLU C 1273 -8.19 14.46 -7.63
C GLU C 1273 -9.20 15.37 -8.33
N VAL C 1274 -9.70 14.95 -9.49
CA VAL C 1274 -10.75 15.71 -10.15
C VAL C 1274 -11.99 15.75 -9.27
N TRP C 1275 -12.38 14.61 -8.71
CA TRP C 1275 -13.56 14.57 -7.85
C TRP C 1275 -13.36 15.47 -6.65
N ALA C 1276 -12.16 15.45 -6.06
CA ALA C 1276 -11.89 16.31 -4.91
C ALA C 1276 -11.98 17.79 -5.29
N LEU C 1277 -11.43 18.16 -6.45
CA LEU C 1277 -11.58 19.53 -6.92
C LEU C 1277 -13.05 19.89 -7.07
N GLU C 1278 -13.82 18.98 -7.68
CA GLU C 1278 -15.27 19.14 -7.73
C GLU C 1278 -15.86 19.26 -6.33
N ALA C 1279 -15.28 18.57 -5.36
CA ALA C 1279 -15.79 18.65 -3.99
C ALA C 1279 -15.69 20.09 -3.47
N TYR C 1280 -14.55 20.72 -3.67
CA TYR C 1280 -14.45 22.15 -3.40
C TYR C 1280 -15.25 22.93 -4.44
N GLY C 1281 -15.68 24.12 -4.05
CA GLY C 1281 -16.35 25.00 -4.99
C GLY C 1281 -15.45 25.60 -6.04
N ALA C 1282 -14.14 25.41 -5.92
CA ALA C 1282 -13.20 25.97 -6.88
C ALA C 1282 -13.49 25.45 -8.28
N ALA C 1283 -13.96 26.36 -9.14
CA ALA C 1283 -14.36 26.03 -10.51
C ALA C 1283 -13.28 26.36 -11.52
N TYR C 1284 -12.83 27.61 -11.57
CA TYR C 1284 -11.82 28.00 -12.55
C TYR C 1284 -10.56 27.15 -12.43
N THR C 1285 -10.17 26.81 -11.19
CA THR C 1285 -8.95 26.03 -10.99
C THR C 1285 -8.98 24.73 -11.77
N LEU C 1286 -10.05 23.96 -11.59
CA LEU C 1286 -10.15 22.67 -12.26
C LEU C 1286 -10.15 22.85 -13.77
N GLN C 1287 -10.92 23.81 -14.26
CA GLN C 1287 -11.03 24.03 -15.70
C GLN C 1287 -9.67 24.34 -16.29
N GLU C 1288 -8.98 25.34 -15.76
CA GLU C 1288 -7.69 25.72 -16.33
C GLU C 1288 -6.67 24.59 -16.16
N MET C 1289 -6.68 23.94 -15.00
CA MET C 1289 -5.71 22.87 -14.76
C MET C 1289 -5.85 21.78 -15.82
N LEU C 1290 -7.06 21.34 -16.08
CA LEU C 1290 -7.26 20.29 -17.09
C LEU C 1290 -7.23 20.82 -18.51
N THR C 1291 -7.26 22.14 -18.71
CA THR C 1291 -7.40 22.71 -20.05
C THR C 1291 -6.11 23.39 -20.51
N VAL C 1292 -5.64 24.40 -19.79
CA VAL C 1292 -4.47 25.14 -20.24
C VAL C 1292 -3.20 24.58 -19.63
N LYS C 1293 -3.29 23.96 -18.46
CA LYS C 1293 -2.14 23.35 -17.82
C LYS C 1293 -1.93 21.90 -18.23
N SER C 1294 -2.75 21.38 -19.13
CA SER C 1294 -2.57 20.02 -19.63
C SER C 1294 -2.81 19.96 -21.13
N ASP C 1295 -3.78 23.94 -23.49
CA ASP C 1295 -4.16 23.22 -24.70
C ASP C 1295 -4.64 24.21 -25.75
N ASP C 1296 -5.55 25.10 -25.34
CA ASP C 1296 -6.06 26.10 -26.26
C ASP C 1296 -4.94 27.03 -26.70
N VAL C 1297 -4.86 27.27 -28.01
CA VAL C 1297 -3.79 28.11 -28.55
C VAL C 1297 -3.92 29.53 -28.02
N ASN C 1298 -5.13 30.10 -28.04
CA ASN C 1298 -5.33 31.43 -27.48
C ASN C 1298 -5.16 31.42 -25.97
N GLY C 1299 -5.64 30.37 -25.31
CA GLY C 1299 -5.56 30.32 -23.86
C GLY C 1299 -4.14 30.29 -23.36
N ARG C 1300 -3.31 29.41 -23.92
CA ARG C 1300 -1.93 29.29 -23.45
C ARG C 1300 -1.09 30.47 -23.92
N THR C 1301 -1.25 30.90 -25.16
CA THR C 1301 -0.52 32.07 -25.64
C THR C 1301 -0.89 33.30 -24.83
N LYS C 1302 -2.19 33.56 -24.65
CA LYS C 1302 -2.61 34.71 -23.88
C LYS C 1302 -2.21 34.59 -22.42
N MET C 1303 -2.16 33.37 -21.88
CA MET C 1303 -1.64 33.21 -20.53
C MET C 1303 -0.17 33.59 -20.46
N TYR C 1304 0.61 33.19 -21.46
CA TYR C 1304 2.00 33.61 -21.51
C TYR C 1304 2.09 35.13 -21.54
N LYS C 1305 1.23 35.77 -22.35
CA LYS C 1305 1.24 37.23 -22.43
C LYS C 1305 0.88 37.85 -21.10
N ASN C 1306 -0.16 37.34 -20.43
CA ASN C 1306 -0.56 37.89 -19.14
C ASN C 1306 0.57 37.75 -18.13
N ILE C 1307 1.16 36.56 -18.05
CA ILE C 1307 2.17 36.30 -17.02
C ILE C 1307 3.43 37.12 -17.28
N VAL C 1308 3.87 37.18 -18.54
CA VAL C 1308 5.03 38.01 -18.84
C VAL C 1308 4.67 39.49 -18.64
N ASP C 1309 3.44 39.88 -18.96
CA ASP C 1309 2.99 41.23 -18.69
C ASP C 1309 2.78 41.51 -17.21
N GLY C 1310 2.76 40.47 -16.37
CA GLY C 1310 2.45 40.60 -14.98
C GLY C 1310 0.99 40.38 -14.64
N ASN C 1311 0.10 40.37 -15.63
CA ASN C 1311 -1.29 40.06 -15.39
C ASN C 1311 -1.44 38.59 -15.03
N HIS C 1312 -2.38 38.31 -14.13
CA HIS C 1312 -2.72 36.95 -13.72
C HIS C 1312 -4.21 36.76 -14.02
N GLN C 1313 -4.53 36.45 -15.27
CA GLN C 1313 -5.92 36.36 -15.65
C GLN C 1313 -6.05 35.54 -16.92
N MET C 1314 -7.20 34.89 -17.07
CA MET C 1314 -7.45 33.93 -18.14
C MET C 1314 -8.74 34.28 -18.88
N GLU C 1315 -8.69 34.11 -20.20
CA GLU C 1315 -9.89 34.06 -21.01
C GLU C 1315 -10.26 32.59 -21.16
N PRO C 1316 -11.20 32.06 -20.37
CA PRO C 1316 -11.48 30.61 -20.46
C PRO C 1316 -11.89 30.16 -21.84
N GLY C 1317 -12.70 30.96 -22.55
CA GLY C 1317 -13.11 30.61 -23.89
C GLY C 1317 -13.75 29.25 -23.98
N MET C 1318 -13.16 28.37 -24.78
CA MET C 1318 -13.62 27.00 -24.91
C MET C 1318 -12.51 26.17 -25.56
N PRO C 1319 -12.13 25.00 -25.01
CA PRO C 1319 -10.95 24.31 -25.54
C PRO C 1319 -11.27 23.47 -26.76
N GLU C 1320 -10.59 23.76 -27.88
CA GLU C 1320 -11.01 23.31 -29.21
C GLU C 1320 -11.34 21.83 -29.31
N SER C 1321 -10.89 21.01 -28.35
CA SER C 1321 -11.29 19.61 -28.35
C SER C 1321 -12.81 19.46 -28.40
N PHE C 1322 -13.54 20.36 -27.75
CA PHE C 1322 -14.99 20.33 -27.86
C PHE C 1322 -15.40 20.47 -29.32
N ASN C 1323 -14.69 21.33 -30.06
CA ASN C 1323 -14.99 21.52 -31.48
C ASN C 1323 -14.63 20.28 -32.27
N VAL C 1324 -13.53 19.62 -31.91
CA VAL C 1324 -13.16 18.37 -32.57
C VAL C 1324 -14.28 17.36 -32.44
N LEU C 1325 -14.76 17.16 -31.21
CA LEU C 1325 -15.85 16.22 -30.99
C LEU C 1325 -17.11 16.66 -31.74
N LEU C 1326 -17.42 17.95 -31.69
CA LEU C 1326 -18.65 18.45 -32.30
C LEU C 1326 -18.65 18.21 -33.80
N LYS C 1327 -17.55 18.55 -34.48
CA LYS C 1327 -17.50 18.32 -35.92
C LYS C 1327 -17.34 16.85 -36.27
N GLU C 1328 -16.71 16.05 -35.40
CA GLU C 1328 -16.71 14.61 -35.65
C GLU C 1328 -18.14 14.07 -35.64
N ILE C 1329 -18.94 14.50 -34.67
CA ILE C 1329 -20.34 14.08 -34.64
C ILE C 1329 -21.07 14.64 -35.86
N ARG C 1330 -20.75 15.87 -36.25
CA ARG C 1330 -21.38 16.47 -37.42
C ARG C 1330 -21.10 15.66 -38.68
N SER C 1331 -19.88 15.14 -38.79
CA SER C 1331 -19.56 14.25 -39.90
C SER C 1331 -20.51 13.06 -39.91
N LEU C 1332 -20.79 12.49 -38.74
CA LEU C 1332 -21.87 11.53 -38.64
C LEU C 1332 -23.20 12.23 -38.89
N GLY C 1333 -24.19 11.44 -39.30
CA GLY C 1333 -25.49 12.00 -39.61
C GLY C 1333 -26.24 12.45 -38.37
N ILE C 1334 -25.65 13.39 -37.63
CA ILE C 1334 -26.14 13.78 -36.32
C ILE C 1334 -26.21 15.30 -36.29
N ASN C 1335 -27.40 15.83 -35.99
CA ASN C 1335 -27.60 17.27 -35.83
C ASN C 1335 -27.45 17.57 -34.33
N ILE C 1336 -26.21 17.80 -33.91
CA ILE C 1336 -25.91 18.22 -32.55
C ILE C 1336 -25.35 19.63 -32.60
N GLU C 1337 -25.84 20.49 -31.71
CA GLU C 1337 -25.51 21.91 -31.77
C GLU C 1337 -25.60 22.51 -30.37
N LEU C 1338 -24.96 23.66 -30.22
CA LEU C 1338 -25.15 24.47 -29.02
C LEU C 1338 -26.56 25.05 -29.01
N GLU C 1339 -26.87 25.78 -27.95
CA GLU C 1339 -28.17 26.44 -27.80
C GLU C 1339 -27.95 27.79 -27.12
N ASP C 1340 -29.00 28.60 -27.12
CA ASP C 1340 -28.95 29.92 -26.50
C ASP C 1340 -28.76 29.80 -24.99
N GLU D 1 -21.60 30.79 -20.61
CA GLU D 1 -21.58 31.35 -21.96
C GLU D 1 -22.82 30.91 -22.72
N PHE D 2 -23.15 29.63 -22.62
CA PHE D 2 -24.30 29.06 -23.31
C PHE D 2 -24.97 28.07 -22.38
N ASP D 3 -25.86 27.25 -22.92
CA ASP D 3 -26.76 26.42 -22.13
C ASP D 3 -26.76 25.00 -22.70
N ALA D 4 -27.74 24.21 -22.29
CA ALA D 4 -27.87 22.81 -22.66
C ALA D 4 -27.56 22.54 -24.12
N ILE D 5 -26.63 21.60 -24.36
CA ILE D 5 -26.34 21.14 -25.71
C ILE D 5 -27.56 20.41 -26.25
N LYS D 6 -27.84 20.61 -27.54
CA LYS D 6 -28.95 19.98 -28.22
C LYS D 6 -28.43 18.98 -29.24
N ILE D 7 -28.91 17.74 -29.14
CA ILE D 7 -28.62 16.70 -30.12
C ILE D 7 -29.87 16.49 -30.96
N ALA D 8 -29.67 15.99 -32.18
CA ALA D 8 -30.76 15.69 -33.10
C ALA D 8 -30.18 14.95 -34.29
N LEU D 9 -31.04 14.68 -35.28
CA LEU D 9 -30.65 13.95 -36.48
C LEU D 9 -30.28 14.95 -37.59
N ALA D 10 -29.22 14.62 -38.33
CA ALA D 10 -28.82 15.45 -39.45
C ALA D 10 -29.87 15.38 -40.56
N SER D 11 -29.92 16.44 -41.36
CA SER D 11 -30.83 16.54 -42.50
C SER D 11 -30.06 17.03 -43.71
N PRO D 12 -30.47 16.64 -44.93
CA PRO D 12 -29.74 17.09 -46.12
C PRO D 12 -29.64 18.60 -46.24
N ASP D 13 -30.72 19.32 -45.92
CA ASP D 13 -30.64 20.77 -45.89
C ASP D 13 -29.66 21.23 -44.80
N MET D 14 -29.73 20.60 -43.63
CA MET D 14 -28.77 20.92 -42.58
C MET D 14 -27.35 20.58 -43.02
N ILE D 15 -27.19 19.45 -43.70
CA ILE D 15 -25.87 19.02 -44.14
C ILE D 15 -25.27 20.05 -45.11
N ARG D 16 -26.04 20.44 -46.13
CA ARG D 16 -25.53 21.42 -47.08
C ARG D 16 -25.34 22.78 -46.44
N SER D 17 -26.14 23.10 -45.42
CA SER D 17 -25.89 24.33 -44.66
C SER D 17 -24.52 24.28 -44.00
N TRP D 18 -24.19 23.16 -43.37
CA TRP D 18 -22.89 23.03 -42.74
C TRP D 18 -21.78 22.90 -43.78
N SER D 19 -21.98 22.05 -44.78
CA SER D 19 -20.97 21.91 -45.82
C SER D 19 -20.91 23.17 -46.69
N PHE D 20 -19.76 23.35 -47.34
CA PHE D 20 -19.53 24.48 -48.23
C PHE D 20 -18.81 24.01 -49.49
N GLY D 21 -19.16 22.84 -49.97
CA GLY D 21 -18.60 22.30 -51.19
C GLY D 21 -18.74 20.80 -51.25
N GLU D 22 -18.48 20.26 -52.43
CA GLU D 22 -18.49 18.81 -52.66
C GLU D 22 -17.12 18.39 -53.18
N VAL D 23 -16.58 17.30 -52.64
CA VAL D 23 -15.32 16.74 -53.10
C VAL D 23 -15.68 15.76 -54.22
N LYS D 24 -15.79 16.29 -55.44
CA LYS D 24 -16.19 15.47 -56.58
C LYS D 24 -15.06 14.65 -57.16
N LYS D 25 -13.82 14.84 -56.70
CA LYS D 25 -12.69 14.05 -57.14
C LYS D 25 -11.96 13.48 -55.93
N PRO D 26 -11.34 12.30 -56.06
CA PRO D 26 -10.74 11.63 -54.90
C PRO D 26 -9.29 11.98 -54.60
N GLU D 27 -8.70 12.97 -55.27
CA GLU D 27 -7.29 13.25 -55.07
C GLU D 27 -7.04 13.94 -53.74
N THR D 28 -5.81 13.80 -53.25
CA THR D 28 -5.39 14.39 -51.97
C THR D 28 -4.32 15.46 -52.15
N ILE D 29 -3.18 15.11 -52.74
CA ILE D 29 -2.08 16.04 -52.92
C ILE D 29 -1.42 15.79 -54.26
N ASN D 30 -0.80 16.85 -54.80
CA ASN D 30 -0.17 16.76 -56.12
C ASN D 30 0.85 15.64 -56.18
N TYR D 31 1.55 15.38 -55.08
CA TYR D 31 2.61 14.37 -54.95
C TYR D 31 3.70 14.51 -56.01
N ARG D 32 3.74 15.66 -56.71
CA ARG D 32 4.85 16.06 -57.55
C ARG D 32 5.40 17.39 -57.10
N THR D 33 4.53 18.37 -56.89
CA THR D 33 4.74 19.45 -55.95
C THR D 33 3.97 19.12 -54.67
N PHE D 34 3.96 20.05 -53.73
CA PHE D 34 3.24 19.87 -52.47
C PHE D 34 1.89 20.56 -52.46
N LYS D 35 1.44 21.10 -53.59
CA LYS D 35 0.13 21.73 -53.64
C LYS D 35 -0.96 20.67 -53.66
N PRO D 36 -2.18 21.02 -53.26
CA PRO D 36 -3.28 20.06 -53.28
C PRO D 36 -3.92 20.00 -54.66
N GLU D 37 -4.99 19.22 -54.76
CA GLU D 37 -5.80 19.13 -55.97
C GLU D 37 -7.09 19.91 -55.82
N ARG D 38 -7.62 20.36 -56.95
CA ARG D 38 -8.91 21.02 -56.97
C ARG D 38 -10.00 20.02 -56.61
N ASP D 39 -10.90 20.44 -55.72
CA ASP D 39 -12.01 19.63 -55.21
C ASP D 39 -11.61 18.19 -54.92
N GLY D 40 -10.42 18.05 -54.32
CA GLY D 40 -9.99 16.80 -53.73
C GLY D 40 -10.31 16.74 -52.25
N LEU D 41 -9.77 15.70 -51.59
CA LEU D 41 -9.90 15.63 -50.14
C LEU D 41 -9.27 16.85 -49.49
N PHE D 42 -8.11 17.26 -49.97
CA PHE D 42 -7.51 18.55 -49.64
C PHE D 42 -7.79 19.48 -50.82
N CYS D 43 -8.67 20.44 -50.60
CA CYS D 43 -9.02 21.45 -51.60
C CYS D 43 -8.97 22.82 -50.94
N ALA D 44 -8.61 23.82 -51.73
CA ALA D 44 -8.39 25.16 -51.20
C ALA D 44 -9.70 25.95 -51.10
N ARG D 45 -10.41 26.11 -52.22
CA ARG D 45 -11.63 26.90 -52.19
C ARG D 45 -12.71 26.25 -51.34
N ILE D 46 -12.81 24.92 -51.36
CA ILE D 46 -13.82 24.25 -50.55
C ILE D 46 -13.54 24.47 -49.06
N PHE D 47 -12.28 24.33 -48.66
CA PHE D 47 -11.89 24.38 -47.25
C PHE D 47 -11.18 25.68 -46.89
N GLY D 48 -10.11 26.01 -47.59
CA GLY D 48 -9.38 27.24 -47.32
C GLY D 48 -7.91 27.14 -47.68
N PRO D 49 -7.18 28.24 -47.54
CA PRO D 49 -5.75 28.20 -47.84
C PRO D 49 -4.97 27.40 -46.81
N VAL D 50 -3.98 26.64 -47.30
CA VAL D 50 -3.11 25.89 -46.41
C VAL D 50 -2.34 26.84 -45.50
N LYS D 51 -1.82 27.93 -46.08
CA LYS D 51 -1.00 28.88 -45.35
C LYS D 51 -1.84 30.07 -44.87
N ASP D 52 -1.21 30.91 -44.06
CA ASP D 52 -1.90 32.02 -43.41
C ASP D 52 -2.02 33.18 -44.39
N TYR D 53 -3.25 33.45 -44.84
CA TYR D 53 -3.54 34.58 -45.73
C TYR D 53 -2.69 34.52 -47.00
N GLU D 54 -2.89 33.44 -47.76
CA GLU D 54 -2.17 33.28 -49.02
C GLU D 54 -3.03 32.45 -49.97
N CYS D 55 -3.49 33.09 -51.05
CA CYS D 55 -4.22 32.38 -52.08
C CYS D 55 -3.33 31.30 -52.70
N LEU D 56 -3.95 30.20 -53.12
CA LEU D 56 -3.20 29.12 -53.75
C LEU D 56 -2.53 29.62 -55.03
N CYS D 57 -3.26 30.37 -55.85
CA CYS D 57 -2.66 31.07 -56.98
C CYS D 57 -1.67 32.12 -56.54
N GLY D 58 -1.79 32.62 -55.31
CA GLY D 58 -0.90 33.64 -54.80
C GLY D 58 -1.29 35.06 -55.16
N LYS D 59 -2.50 35.27 -55.66
CA LYS D 59 -2.90 36.61 -56.05
C LYS D 59 -2.94 37.54 -54.84
N TYR D 60 -3.47 37.07 -53.72
CA TYR D 60 -3.66 37.89 -52.53
C TYR D 60 -2.99 37.22 -51.33
N LYS D 61 -1.79 37.67 -51.00
CA LYS D 61 -1.17 37.36 -49.73
C LYS D 61 -1.35 38.47 -48.70
N ARG D 62 -1.95 39.59 -49.08
CA ARG D 62 -1.98 40.79 -48.25
C ARG D 62 -3.23 40.79 -47.38
N LEU D 63 -3.05 41.23 -46.12
CA LEU D 63 -4.17 41.26 -45.19
C LEU D 63 -5.27 42.20 -45.65
N LYS D 64 -4.91 43.24 -46.40
CA LYS D 64 -5.91 44.14 -46.97
C LYS D 64 -6.93 43.38 -47.81
N HIS D 65 -6.51 42.30 -48.46
CA HIS D 65 -7.40 41.49 -49.27
C HIS D 65 -8.08 40.39 -48.47
N ARG D 66 -8.04 40.47 -47.14
CA ARG D 66 -8.66 39.45 -46.31
C ARG D 66 -10.14 39.32 -46.62
N GLY D 67 -10.59 38.09 -46.85
CA GLY D 67 -12.00 37.81 -47.08
C GLY D 67 -12.39 37.70 -48.54
N VAL D 68 -11.86 38.58 -49.40
CA VAL D 68 -12.21 38.53 -50.81
C VAL D 68 -11.46 37.39 -51.49
N ILE D 69 -12.20 36.59 -52.25
CA ILE D 69 -11.59 35.44 -52.92
C ILE D 69 -10.82 35.90 -54.15
N CYS D 70 -9.83 35.09 -54.54
CA CYS D 70 -9.16 35.29 -55.80
C CYS D 70 -10.03 34.76 -56.94
N GLU D 71 -9.50 34.85 -58.16
CA GLU D 71 -10.15 34.29 -59.34
C GLU D 71 -9.29 33.28 -60.08
N LYS D 72 -7.97 33.40 -60.00
CA LYS D 72 -7.09 32.43 -60.64
C LYS D 72 -7.28 31.05 -60.03
N CYS D 73 -7.35 30.97 -58.71
CA CYS D 73 -7.62 29.73 -58.00
C CYS D 73 -8.91 29.74 -57.20
N GLY D 74 -9.60 30.88 -57.13
CA GLY D 74 -10.86 30.95 -56.40
C GLY D 74 -10.73 30.60 -54.94
N VAL D 75 -9.64 31.02 -54.30
CA VAL D 75 -9.34 30.67 -52.91
C VAL D 75 -9.57 31.89 -52.05
N GLU D 76 -10.42 31.73 -51.03
CA GLU D 76 -10.65 32.80 -50.06
C GLU D 76 -9.41 32.96 -49.19
N VAL D 77 -8.77 34.12 -49.28
CA VAL D 77 -7.55 34.38 -48.50
C VAL D 77 -7.95 34.61 -47.05
N THR D 78 -7.56 33.67 -46.18
CA THR D 78 -7.96 33.65 -44.78
C THR D 78 -7.00 32.73 -44.05
N GLN D 79 -7.01 32.81 -42.73
CA GLN D 79 -6.20 31.91 -41.92
C GLN D 79 -6.58 30.47 -42.23
N THR D 80 -5.60 29.57 -42.07
CA THR D 80 -5.84 28.16 -42.33
C THR D 80 -6.72 27.51 -41.27
N LYS D 81 -7.04 28.21 -40.19
CA LYS D 81 -8.00 27.71 -39.21
C LYS D 81 -9.32 27.32 -39.87
N VAL D 82 -9.71 28.05 -40.92
CA VAL D 82 -10.95 27.73 -41.63
C VAL D 82 -10.91 26.31 -42.16
N ARG D 83 -9.73 25.83 -42.57
CA ARG D 83 -9.62 24.45 -43.02
C ARG D 83 -9.92 23.47 -41.89
N ARG D 84 -9.52 23.79 -40.67
CA ARG D 84 -9.87 22.95 -39.53
C ARG D 84 -11.37 22.89 -39.30
N GLU D 85 -12.12 23.90 -39.73
CA GLU D 85 -13.53 24.04 -39.40
C GLU D 85 -14.47 23.64 -40.53
N ARG D 86 -14.10 23.94 -41.78
CA ARG D 86 -15.04 23.77 -42.88
C ARG D 86 -15.29 22.30 -43.15
N MET D 87 -16.54 21.88 -42.99
CA MET D 87 -16.96 20.54 -43.39
C MET D 87 -17.02 20.46 -44.91
N GLY D 88 -17.45 19.30 -45.41
CA GLY D 88 -17.76 19.16 -46.82
C GLY D 88 -18.88 18.16 -47.00
N HIS D 89 -19.21 17.81 -48.24
CA HIS D 89 -20.25 16.82 -48.47
C HIS D 89 -19.96 16.05 -49.75
N ILE D 90 -20.65 14.92 -49.89
CA ILE D 90 -20.63 14.11 -51.10
C ILE D 90 -22.08 13.82 -51.47
N GLU D 91 -22.45 14.11 -52.71
CA GLU D 91 -23.79 13.81 -53.18
C GLU D 91 -23.87 12.34 -53.59
N LEU D 92 -24.87 11.64 -53.08
CA LEU D 92 -25.03 10.21 -53.29
C LEU D 92 -26.19 10.00 -54.25
N ALA D 93 -25.91 9.34 -55.38
CA ALA D 93 -26.96 9.08 -56.37
C ALA D 93 -28.06 8.21 -55.78
N SER D 94 -27.67 7.15 -55.07
CA SER D 94 -28.62 6.27 -54.42
C SER D 94 -28.70 6.57 -52.93
N PRO D 95 -29.87 6.48 -52.29
CA PRO D 95 -29.90 6.64 -50.83
C PRO D 95 -29.05 5.58 -50.15
N THR D 96 -28.39 5.98 -49.06
CA THR D 96 -27.53 5.09 -48.29
C THR D 96 -28.12 4.95 -46.90
N ALA D 97 -28.16 3.71 -46.41
CA ALA D 97 -28.70 3.44 -45.08
C ALA D 97 -27.67 3.76 -44.01
N HIS D 98 -28.13 4.33 -42.90
CA HIS D 98 -27.26 4.67 -41.79
C HIS D 98 -27.06 3.44 -40.91
N ILE D 99 -25.83 2.91 -40.92
CA ILE D 99 -25.55 1.63 -40.28
C ILE D 99 -25.88 1.63 -38.80
N TRP D 100 -25.75 2.79 -38.15
CA TRP D 100 -25.95 2.86 -36.71
C TRP D 100 -27.34 2.37 -36.32
N PHE D 101 -28.37 2.86 -37.00
CA PHE D 101 -29.72 2.40 -36.75
C PHE D 101 -29.96 1.00 -37.27
N LEU D 102 -29.14 0.52 -38.20
CA LEU D 102 -29.31 -0.83 -38.71
C LEU D 102 -28.94 -1.88 -37.68
N LYS D 103 -27.94 -1.60 -36.84
CA LYS D 103 -27.44 -2.56 -35.86
C LYS D 103 -27.24 -1.90 -34.51
N SER D 104 -28.22 -1.11 -34.07
CA SER D 104 -28.18 -0.60 -32.71
C SER D 104 -28.57 -1.68 -31.70
N LEU D 105 -29.43 -2.62 -32.10
CA LEU D 105 -29.78 -3.78 -31.29
C LEU D 105 -30.24 -3.37 -29.90
N PRO D 106 -31.47 -2.86 -29.74
CA PRO D 106 -32.59 -2.85 -30.70
C PRO D 106 -32.38 -1.89 -31.88
N SER D 107 -32.42 -2.43 -33.10
CA SER D 107 -32.32 -1.60 -34.30
C SER D 107 -33.50 -0.65 -34.35
N ARG D 108 -33.22 0.65 -34.44
CA ARG D 108 -34.29 1.64 -34.47
C ARG D 108 -35.18 1.43 -35.69
N ILE D 109 -34.56 1.24 -36.86
CA ILE D 109 -35.32 1.17 -38.10
C ILE D 109 -36.12 -0.13 -38.16
N GLY D 110 -35.51 -1.25 -37.77
CA GLY D 110 -36.19 -2.52 -37.88
C GLY D 110 -37.50 -2.56 -37.11
N LEU D 111 -37.50 -1.99 -35.91
CA LEU D 111 -38.70 -1.95 -35.08
C LEU D 111 -39.57 -0.74 -35.34
N LEU D 112 -39.04 0.32 -35.96
CA LEU D 112 -39.89 1.45 -36.32
C LEU D 112 -40.85 1.07 -37.45
N LEU D 113 -40.35 0.39 -38.48
CA LEU D 113 -41.21 -0.21 -39.49
C LEU D 113 -41.87 -1.50 -39.02
N ASP D 114 -41.52 -1.97 -37.82
CA ASP D 114 -42.03 -3.23 -37.28
C ASP D 114 -41.67 -4.38 -38.23
N MET D 115 -40.35 -4.59 -38.38
CA MET D 115 -39.83 -5.52 -39.36
C MET D 115 -38.65 -6.26 -38.73
N PRO D 116 -38.52 -7.57 -38.91
CA PRO D 116 -37.34 -8.26 -38.39
C PRO D 116 -36.07 -7.79 -39.09
N LEU D 117 -34.95 -7.92 -38.36
CA LEU D 117 -33.70 -7.37 -38.83
C LEU D 117 -33.07 -8.20 -39.95
N ARG D 118 -33.24 -9.51 -39.93
CA ARG D 118 -32.67 -10.34 -40.99
C ARG D 118 -33.29 -9.97 -42.34
N ASP D 119 -34.62 -9.80 -42.36
CA ASP D 119 -35.29 -9.48 -43.62
C ASP D 119 -34.88 -8.13 -44.15
N ILE D 120 -34.85 -7.11 -43.29
CA ILE D 120 -34.47 -5.78 -43.75
C ILE D 120 -33.01 -5.76 -44.17
N GLU D 121 -32.16 -6.54 -43.48
CA GLU D 121 -30.77 -6.68 -43.90
C GLU D 121 -30.69 -7.27 -45.31
N ARG D 122 -31.45 -8.33 -45.56
CA ARG D 122 -31.46 -8.93 -46.89
C ARG D 122 -31.93 -7.93 -47.95
N VAL D 123 -32.96 -7.15 -47.62
CA VAL D 123 -33.48 -6.17 -48.57
C VAL D 123 -32.43 -5.10 -48.86
N LEU D 124 -31.74 -4.63 -47.83
CA LEU D 124 -30.79 -3.53 -48.03
C LEU D 124 -29.67 -3.90 -48.98
N TYR D 125 -29.10 -5.10 -48.81
CA TYR D 125 -27.96 -5.52 -49.61
C TYR D 125 -28.37 -6.06 -50.97
N PHE D 126 -29.60 -5.77 -51.43
CA PHE D 126 -30.00 -6.00 -52.81
C PHE D 126 -30.05 -7.51 -53.14
N GLU D 127 -30.78 -8.27 -52.32
CA GLU D 127 -31.08 -9.66 -52.65
C GLU D 127 -32.54 -10.02 -52.36
N SER D 128 -33.42 -9.03 -52.26
CA SER D 128 -34.80 -9.26 -51.88
C SER D 128 -35.62 -8.09 -52.42
N TYR D 129 -36.83 -7.90 -51.89
CA TYR D 129 -37.66 -6.78 -52.28
C TYR D 129 -38.52 -6.39 -51.09
N VAL D 130 -39.30 -5.33 -51.27
CA VAL D 130 -40.29 -4.91 -50.28
C VAL D 130 -41.46 -4.30 -51.01
N VAL D 131 -42.67 -4.64 -50.56
CA VAL D 131 -43.87 -4.10 -51.15
C VAL D 131 -44.01 -2.64 -50.73
N ILE D 132 -44.31 -1.77 -51.69
CA ILE D 132 -44.59 -0.36 -51.44
C ILE D 132 -45.92 -0.01 -52.08
N GLU D 133 -46.83 0.53 -51.28
CA GLU D 133 -48.21 0.80 -51.70
C GLU D 133 -48.81 -0.42 -52.40
N GLY D 134 -48.85 -1.52 -51.65
CA GLY D 134 -49.42 -2.75 -52.20
C GLY D 134 -50.89 -2.59 -52.59
N GLY D 135 -51.67 -2.00 -51.69
CA GLY D 135 -53.07 -1.75 -51.99
C GLY D 135 -53.83 -3.03 -52.25
N MET D 136 -54.75 -2.97 -53.21
CA MET D 136 -55.60 -4.12 -53.56
C MET D 136 -54.75 -5.09 -54.38
N THR D 137 -53.97 -5.90 -53.66
CA THR D 137 -53.16 -6.95 -54.26
C THR D 137 -53.17 -8.15 -53.32
N ASN D 138 -52.56 -9.24 -53.76
CA ASN D 138 -52.34 -10.41 -52.93
C ASN D 138 -51.09 -10.30 -52.07
N LEU D 139 -50.58 -9.08 -51.88
CA LEU D 139 -49.28 -8.85 -51.26
C LEU D 139 -49.44 -7.83 -50.15
N GLU D 140 -48.99 -8.20 -48.95
CA GLU D 140 -49.05 -7.27 -47.82
C GLU D 140 -48.10 -6.10 -48.05
N ARG D 141 -48.46 -4.95 -47.49
CA ARG D 141 -47.64 -3.75 -47.68
C ARG D 141 -46.24 -3.94 -47.14
N GLN D 142 -46.11 -4.57 -45.97
CA GLN D 142 -44.81 -4.83 -45.38
C GLN D 142 -44.09 -6.02 -46.01
N GLN D 143 -44.77 -6.75 -46.91
CA GLN D 143 -44.20 -7.98 -47.42
C GLN D 143 -42.91 -7.73 -48.19
N ILE D 144 -42.02 -8.71 -48.15
CA ILE D 144 -40.78 -8.72 -48.91
C ILE D 144 -40.90 -9.77 -50.01
N LEU D 145 -40.18 -9.55 -51.10
CA LEU D 145 -40.17 -10.49 -52.22
C LEU D 145 -38.72 -10.74 -52.64
N THR D 146 -38.53 -11.86 -53.33
CA THR D 146 -37.26 -12.21 -53.94
C THR D 146 -37.46 -12.31 -55.45
N GLU D 147 -36.41 -12.77 -56.15
CA GLU D 147 -36.39 -12.65 -57.61
C GLU D 147 -37.50 -13.46 -58.26
N GLU D 148 -37.69 -14.71 -57.84
CA GLU D 148 -38.70 -15.54 -58.50
C GLU D 148 -40.11 -15.02 -58.22
N GLN D 149 -40.41 -14.67 -56.97
CA GLN D 149 -41.73 -14.13 -56.68
C GLN D 149 -41.82 -12.65 -57.04
N TYR D 150 -40.68 -11.98 -57.22
CA TYR D 150 -40.72 -10.68 -57.91
C TYR D 150 -41.21 -10.84 -59.34
N LEU D 151 -40.69 -11.86 -60.04
CA LEU D 151 -41.19 -12.15 -61.38
C LEU D 151 -42.65 -12.54 -61.34
N ASP D 152 -43.06 -13.29 -60.32
CA ASP D 152 -44.46 -13.64 -60.16
C ASP D 152 -45.33 -12.40 -59.99
N ALA D 153 -44.87 -11.45 -59.17
CA ALA D 153 -45.60 -10.19 -58.99
C ALA D 153 -45.66 -9.43 -60.31
N LEU D 154 -44.56 -9.40 -61.05
CA LEU D 154 -44.54 -8.74 -62.35
C LEU D 154 -45.56 -9.38 -63.29
N GLU D 155 -45.64 -10.71 -63.29
CA GLU D 155 -46.62 -11.40 -64.12
C GLU D 155 -48.04 -11.05 -63.71
N GLU D 156 -48.41 -11.39 -62.48
CA GLU D 156 -49.78 -11.16 -62.02
C GLU D 156 -50.09 -9.67 -61.92
N PHE D 157 -49.14 -8.87 -61.44
CA PHE D 157 -49.35 -7.45 -61.16
C PHE D 157 -48.21 -6.61 -61.75
N GLY D 158 -47.94 -6.83 -63.04
CA GLY D 158 -47.12 -5.88 -63.79
C GLY D 158 -47.77 -4.51 -63.92
N ASP D 159 -49.04 -4.39 -63.55
CA ASP D 159 -49.78 -3.15 -63.51
C ASP D 159 -49.39 -2.35 -62.27
N GLU D 160 -50.23 -1.38 -61.87
CA GLU D 160 -49.92 -0.33 -60.90
C GLU D 160 -49.02 -0.74 -59.74
N PHE D 161 -49.16 -1.98 -59.24
CA PHE D 161 -48.39 -2.44 -58.10
C PHE D 161 -46.90 -2.18 -58.29
N ASP D 162 -46.25 -1.73 -57.22
CA ASP D 162 -44.83 -1.41 -57.23
C ASP D 162 -44.15 -2.04 -56.03
N ALA D 163 -43.00 -2.68 -56.27
CA ALA D 163 -42.16 -3.24 -55.22
C ALA D 163 -40.72 -2.88 -55.52
N LYS D 164 -40.04 -2.31 -54.53
CA LYS D 164 -38.67 -1.83 -54.68
C LYS D 164 -37.73 -2.62 -53.79
N MET D 165 -36.43 -2.38 -54.00
CA MET D 165 -35.35 -3.07 -53.30
C MET D 165 -34.32 -2.06 -52.84
N GLY D 166 -33.70 -2.34 -51.70
CA GLY D 166 -32.57 -1.56 -51.25
C GLY D 166 -32.94 -0.34 -50.43
N ALA D 167 -31.90 0.45 -50.16
CA ALA D 167 -32.05 1.63 -49.33
C ALA D 167 -33.07 2.61 -49.93
N GLU D 168 -33.16 2.68 -51.25
CA GLU D 168 -34.21 3.50 -51.85
C GLU D 168 -35.59 2.99 -51.46
N ALA D 169 -35.77 1.67 -51.44
CA ALA D 169 -37.05 1.11 -51.01
C ALA D 169 -37.32 1.43 -49.54
N ILE D 170 -36.29 1.34 -48.70
CA ILE D 170 -36.47 1.65 -47.29
C ILE D 170 -36.84 3.12 -47.11
N GLN D 171 -36.18 4.00 -47.86
CA GLN D 171 -36.51 5.42 -47.80
C GLN D 171 -37.95 5.67 -48.23
N ALA D 172 -38.39 5.01 -49.30
CA ALA D 172 -39.78 5.14 -49.72
C ALA D 172 -40.73 4.66 -48.63
N LEU D 173 -40.39 3.54 -47.99
CA LEU D 173 -41.21 3.05 -46.88
C LEU D 173 -41.30 4.09 -45.78
N LEU D 174 -40.16 4.64 -45.38
CA LEU D 174 -40.13 5.62 -44.29
C LEU D 174 -40.89 6.87 -44.65
N LYS D 175 -40.93 7.25 -45.92
CA LYS D 175 -41.75 8.38 -46.32
C LYS D 175 -43.23 8.01 -46.39
N SER D 176 -43.54 6.75 -46.63
CA SER D 176 -44.92 6.30 -46.83
C SER D 176 -45.50 5.64 -45.59
N MET D 177 -45.16 6.16 -44.40
CA MET D 177 -45.71 5.70 -43.14
C MET D 177 -46.30 6.89 -42.39
N ASP D 178 -47.34 6.61 -41.61
CA ASP D 178 -48.08 7.62 -40.88
C ASP D 178 -47.84 7.49 -39.38
N LEU D 179 -47.79 8.63 -38.70
CA LEU D 179 -47.43 8.67 -37.28
C LEU D 179 -48.65 8.66 -36.36
N GLU D 180 -49.65 9.50 -36.64
CA GLU D 180 -50.78 9.60 -35.72
C GLU D 180 -51.65 8.35 -35.77
N GLN D 181 -51.87 7.81 -36.98
CA GLN D 181 -52.62 6.57 -37.08
C GLN D 181 -51.91 5.43 -36.37
N GLU D 182 -50.58 5.36 -36.53
CA GLU D 182 -49.81 4.33 -35.81
C GLU D 182 -49.97 4.49 -34.32
N CYS D 183 -49.86 5.72 -33.82
CA CYS D 183 -50.05 5.95 -32.39
C CYS D 183 -51.43 5.50 -31.95
N GLU D 184 -52.45 5.83 -32.74
CA GLU D 184 -53.82 5.49 -32.37
C GLU D 184 -54.03 3.99 -32.30
N GLN D 185 -53.65 3.27 -33.36
CA GLN D 185 -53.87 1.83 -33.37
C GLN D 185 -53.04 1.13 -32.31
N LEU D 186 -51.78 1.56 -32.12
CA LEU D 186 -50.95 0.94 -31.10
C LEU D 186 -51.50 1.18 -29.70
N ARG D 187 -52.02 2.39 -29.44
CA ARG D 187 -52.63 2.66 -28.15
C ARG D 187 -53.86 1.79 -27.93
N GLU D 188 -54.69 1.63 -28.98
CA GLU D 188 -55.85 0.75 -28.86
C GLU D 188 -55.41 -0.67 -28.54
N GLU D 189 -54.39 -1.17 -29.24
CA GLU D 189 -53.92 -2.52 -28.99
C GLU D 189 -53.41 -2.67 -27.56
N LEU D 190 -52.65 -1.69 -27.08
CA LEU D 190 -52.18 -1.74 -25.70
C LEU D 190 -53.33 -1.76 -24.73
N ASN D 191 -54.36 -0.95 -24.99
CA ASN D 191 -55.51 -0.92 -24.11
C ASN D 191 -56.21 -2.27 -24.08
N GLU D 192 -56.36 -2.91 -25.23
CA GLU D 192 -57.11 -4.15 -25.35
C GLU D 192 -56.24 -5.39 -25.26
N THR D 193 -55.15 -5.44 -26.01
CA THR D 193 -54.29 -6.62 -26.00
C THR D 193 -53.71 -6.85 -24.61
N ASN D 194 -53.56 -8.13 -24.26
CA ASN D 194 -53.15 -8.53 -22.92
C ASN D 194 -52.02 -9.56 -22.96
N SER D 195 -51.28 -9.63 -24.06
CA SER D 195 -50.09 -10.45 -24.16
C SER D 195 -48.88 -9.64 -23.71
N GLU D 196 -48.18 -10.14 -22.69
CA GLU D 196 -47.13 -9.34 -22.08
C GLU D 196 -46.00 -9.03 -23.06
N THR D 197 -45.62 -10.01 -23.89
CA THR D 197 -44.64 -9.72 -24.93
C THR D 197 -45.18 -8.69 -25.91
N LYS D 198 -46.44 -8.85 -26.32
CA LYS D 198 -47.07 -7.85 -27.17
C LYS D 198 -47.11 -6.50 -26.47
N ARG D 199 -47.45 -6.50 -25.18
CA ARG D 199 -47.47 -5.24 -24.43
C ARG D 199 -46.10 -4.58 -24.42
N LYS D 200 -45.04 -5.36 -24.21
CA LYS D 200 -43.70 -4.81 -24.17
C LYS D 200 -43.30 -4.21 -25.50
N LYS D 201 -43.44 -4.98 -26.59
CA LYS D 201 -43.05 -4.45 -27.88
C LYS D 201 -43.89 -3.22 -28.25
N LEU D 202 -45.16 -3.22 -27.86
CA LEU D 202 -46.02 -2.10 -28.20
C LEU D 202 -45.66 -0.86 -27.39
N THR D 203 -45.34 -1.01 -26.10
CA THR D 203 -44.93 0.18 -25.35
C THR D 203 -43.61 0.72 -25.88
N LYS D 204 -42.69 -0.15 -26.27
CA LYS D 204 -41.45 0.35 -26.87
C LYS D 204 -41.76 1.09 -28.18
N ARG D 205 -42.60 0.51 -29.03
CA ARG D 205 -42.92 1.15 -30.30
C ARG D 205 -43.63 2.48 -30.09
N ILE D 206 -44.58 2.53 -29.15
CA ILE D 206 -45.33 3.76 -28.93
C ILE D 206 -44.43 4.83 -28.33
N LYS D 207 -43.54 4.45 -27.41
CA LYS D 207 -42.64 5.44 -26.84
C LYS D 207 -41.73 6.01 -27.93
N LEU D 208 -41.19 5.16 -28.80
CA LEU D 208 -40.33 5.67 -29.86
C LEU D 208 -41.11 6.55 -30.82
N LEU D 209 -42.30 6.12 -31.21
CA LEU D 209 -43.08 6.90 -32.18
C LEU D 209 -43.49 8.24 -31.61
N GLU D 210 -43.98 8.26 -30.37
CA GLU D 210 -44.41 9.53 -29.79
C GLU D 210 -43.24 10.44 -29.49
N ALA D 211 -42.07 9.87 -29.16
CA ALA D 211 -40.87 10.69 -29.00
C ALA D 211 -40.47 11.31 -30.34
N PHE D 212 -40.50 10.52 -31.41
CA PHE D 212 -40.12 11.05 -32.72
C PHE D 212 -41.11 12.10 -33.19
N VAL D 213 -42.39 11.92 -32.85
CA VAL D 213 -43.37 12.97 -33.11
C VAL D 213 -43.04 14.22 -32.31
N GLN D 214 -42.68 14.04 -31.04
CA GLN D 214 -42.18 15.15 -30.25
C GLN D 214 -40.94 15.75 -30.89
N SER D 215 -40.08 14.91 -31.45
CA SER D 215 -38.94 15.38 -32.21
C SER D 215 -39.38 16.00 -33.52
N GLY D 216 -38.61 16.98 -33.99
CA GLY D 216 -38.81 17.55 -35.30
C GLY D 216 -38.18 16.76 -36.42
N ASN D 217 -37.53 15.65 -36.10
CA ASN D 217 -36.85 14.85 -37.11
C ASN D 217 -37.85 14.18 -38.03
N LYS D 218 -37.36 13.76 -39.19
CA LYS D 218 -38.14 13.01 -40.16
C LYS D 218 -37.49 11.66 -40.42
N PRO D 219 -38.28 10.60 -40.61
CA PRO D 219 -37.70 9.26 -40.65
C PRO D 219 -36.72 9.03 -41.79
N GLU D 220 -36.94 9.67 -42.94
CA GLU D 220 -36.00 9.50 -44.05
C GLU D 220 -34.62 9.99 -43.68
N TRP D 221 -34.52 10.95 -42.76
CA TRP D 221 -33.21 11.41 -42.32
C TRP D 221 -32.39 10.28 -41.71
N MET D 222 -33.06 9.23 -41.24
CA MET D 222 -32.35 8.01 -40.86
C MET D 222 -31.69 7.35 -42.05
N ILE D 223 -32.13 7.65 -43.27
CA ILE D 223 -31.51 7.19 -44.50
C ILE D 223 -30.63 8.32 -45.04
N LEU D 224 -29.38 7.99 -45.34
CA LEU D 224 -28.44 8.98 -45.83
C LEU D 224 -28.62 9.20 -47.33
N THR D 225 -28.60 10.48 -47.73
CA THR D 225 -28.68 10.87 -49.13
C THR D 225 -27.52 11.77 -49.54
N VAL D 226 -27.03 12.60 -48.62
CA VAL D 226 -25.82 13.39 -48.81
C VAL D 226 -24.92 13.12 -47.61
N LEU D 227 -23.64 12.86 -47.87
CA LEU D 227 -22.73 12.39 -46.84
C LEU D 227 -21.79 13.51 -46.42
N PRO D 228 -21.90 14.04 -45.20
CA PRO D 228 -20.92 15.01 -44.74
C PRO D 228 -19.53 14.40 -44.66
N VAL D 229 -18.52 15.24 -44.84
CA VAL D 229 -17.12 14.81 -44.84
C VAL D 229 -16.31 15.74 -43.93
N LEU D 230 -15.32 15.15 -43.27
CA LEU D 230 -14.55 15.85 -42.26
C LEU D 230 -13.73 16.98 -42.89
N PRO D 231 -13.41 18.04 -42.13
CA PRO D 231 -12.42 18.98 -42.62
C PRO D 231 -11.06 18.31 -42.73
N PRO D 232 -10.23 18.72 -43.70
CA PRO D 232 -9.00 17.94 -43.97
C PRO D 232 -8.05 17.89 -42.80
N ASP D 233 -7.99 18.96 -42.00
CA ASP D 233 -7.00 19.02 -40.94
C ASP D 233 -7.23 17.94 -39.89
N LEU D 234 -8.50 17.67 -39.58
CA LEU D 234 -8.82 16.62 -38.63
C LEU D 234 -8.57 15.23 -39.19
N ARG D 235 -8.25 15.12 -40.47
CA ARG D 235 -7.80 13.88 -41.09
C ARG D 235 -6.46 14.14 -41.75
N PRO D 236 -5.43 14.44 -40.96
CA PRO D 236 -4.19 14.96 -41.52
C PRO D 236 -3.44 13.93 -42.35
N LEU D 237 -2.66 14.42 -43.31
CA LEU D 237 -1.77 13.60 -44.12
C LEU D 237 -0.34 13.91 -43.68
N VAL D 238 0.19 13.08 -42.79
CA VAL D 238 1.50 13.31 -42.19
C VAL D 238 2.55 12.67 -43.10
N PRO D 239 3.54 13.42 -43.59
CA PRO D 239 4.64 12.78 -44.34
C PRO D 239 5.70 12.27 -43.40
N LEU D 240 5.91 10.96 -43.39
CA LEU D 240 6.96 10.37 -42.57
C LEU D 240 8.32 10.83 -43.08
N ASP D 241 9.38 10.44 -42.36
CA ASP D 241 10.72 10.84 -42.74
C ASP D 241 11.15 10.08 -43.98
N GLY D 242 10.61 10.48 -45.12
CA GLY D 242 10.87 9.79 -46.36
C GLY D 242 9.77 10.09 -47.36
N GLY D 243 9.90 9.47 -48.53
CA GLY D 243 8.93 9.67 -49.59
C GLY D 243 7.71 8.78 -49.44
N ARG D 244 6.94 8.98 -48.37
CA ARG D 244 5.75 8.19 -48.12
C ARG D 244 4.77 9.00 -47.29
N PHE D 245 3.48 8.76 -47.54
CA PHE D 245 2.39 9.47 -46.87
C PHE D 245 1.50 8.43 -46.19
N ALA D 246 1.65 8.29 -44.88
CA ALA D 246 0.85 7.34 -44.12
C ALA D 246 -0.44 8.00 -43.62
N SER D 248 -3.76 9.18 -42.73
CA SER D 248 -4.89 8.62 -42.01
C SER D 248 -5.72 7.71 -42.90
N ASP D 249 -6.17 6.58 -42.34
CA ASP D 249 -7.00 5.65 -43.10
C ASP D 249 -8.32 6.27 -43.51
N LEU D 250 -8.80 7.28 -42.78
CA LEU D 250 -10.02 7.97 -43.18
C LEU D 250 -9.86 8.59 -44.57
N ASN D 251 -8.66 9.05 -44.90
CA ASN D 251 -8.41 9.52 -46.25
C ASN D 251 -8.60 8.40 -47.25
N ASP D 252 -8.10 7.20 -46.94
CA ASP D 252 -8.30 6.06 -47.82
C ASP D 252 -9.78 5.71 -47.94
N LEU D 253 -10.50 5.72 -46.83
CA LEU D 253 -11.92 5.40 -46.86
C LEU D 253 -12.69 6.39 -47.73
N TYR D 254 -12.40 7.68 -47.57
CA TYR D 254 -13.08 8.69 -48.36
C TYR D 254 -12.70 8.59 -49.83
N ARG D 255 -11.43 8.28 -50.12
CA ARG D 255 -11.03 8.06 -51.51
C ARG D 255 -11.80 6.91 -52.13
N ARG D 256 -11.91 5.80 -51.39
CA ARG D 256 -12.66 4.65 -51.88
C ARG D 256 -14.13 5.00 -52.11
N VAL D 257 -14.73 5.74 -51.17
CA VAL D 257 -16.13 6.12 -51.31
C VAL D 257 -16.32 7.03 -52.52
N ILE D 258 -15.40 7.98 -52.71
CA ILE D 258 -15.49 8.88 -53.85
C ILE D 258 -15.36 8.10 -55.15
N ASN D 259 -14.42 7.16 -55.21
CA ASN D 259 -14.25 6.34 -56.40
C ASN D 259 -15.51 5.54 -56.70
N ARG D 260 -16.07 4.91 -55.67
CA ARG D 260 -17.27 4.11 -55.87
C ARG D 260 -18.44 4.96 -56.34
N ASN D 261 -18.62 6.13 -55.72
CA ASN D 261 -19.72 7.00 -56.11
C ASN D 261 -19.54 7.52 -57.53
N ASN D 262 -18.30 7.89 -57.90
CA ASN D 262 -18.05 8.37 -59.24
C ASN D 262 -18.30 7.28 -60.27
N ARG D 263 -17.86 6.05 -59.98
CA ARG D 263 -18.11 4.95 -60.89
C ARG D 263 -19.60 4.64 -60.99
N LEU D 264 -20.34 4.76 -59.88
CA LEU D 264 -21.78 4.55 -59.93
C LEU D 264 -22.45 5.62 -60.78
N LYS D 265 -22.04 6.88 -60.63
CA LYS D 265 -22.58 7.94 -61.47
C LYS D 265 -22.28 7.67 -62.94
N ARG D 266 -21.05 7.25 -63.24
CA ARG D 266 -20.67 6.98 -64.63
C ARG D 266 -21.47 5.81 -65.19
N LEU D 267 -21.68 4.76 -64.39
CA LEU D 267 -22.49 3.64 -64.84
C LEU D 267 -23.93 4.06 -65.08
N LEU D 268 -24.49 4.86 -64.18
CA LEU D 268 -25.86 5.33 -64.36
C LEU D 268 -25.99 6.17 -65.63
N ASP D 269 -25.01 7.03 -65.88
CA ASP D 269 -25.02 7.78 -67.14
C ASP D 269 -24.93 6.84 -68.33
N LEU D 270 -24.06 5.84 -68.25
CA LEU D 270 -24.00 4.80 -69.27
C LEU D 270 -25.16 3.82 -69.18
N ALA D 271 -25.93 3.85 -68.10
CA ALA D 271 -27.10 2.99 -67.92
C ALA D 271 -26.70 1.52 -67.97
N ALA D 272 -25.88 1.12 -67.01
CA ALA D 272 -25.49 -0.28 -66.89
C ALA D 272 -26.72 -1.11 -66.51
N PRO D 273 -26.74 -2.40 -66.85
CA PRO D 273 -27.88 -3.24 -66.51
C PRO D 273 -28.17 -3.25 -65.02
N ASP D 274 -29.34 -3.81 -64.68
CA ASP D 274 -29.82 -3.75 -63.30
C ASP D 274 -28.86 -4.44 -62.34
N ILE D 275 -28.24 -5.54 -62.75
CA ILE D 275 -27.38 -6.29 -61.84
C ILE D 275 -26.11 -5.50 -61.55
N ILE D 276 -25.54 -4.83 -62.56
CA ILE D 276 -24.31 -4.09 -62.35
C ILE D 276 -24.54 -2.90 -61.43
N VAL D 277 -25.62 -2.15 -61.65
CA VAL D 277 -25.93 -1.05 -60.76
C VAL D 277 -26.30 -1.56 -59.36
N ARG D 278 -26.96 -2.71 -59.29
CA ARG D 278 -27.22 -3.35 -58.00
C ARG D 278 -25.92 -3.58 -57.24
N ASN D 279 -24.94 -4.20 -57.91
CA ASN D 279 -23.67 -4.49 -57.28
C ASN D 279 -22.95 -3.21 -56.88
N GLU D 280 -22.97 -2.21 -57.76
CA GLU D 280 -22.30 -0.95 -57.44
C GLU D 280 -22.94 -0.29 -56.23
N LYS D 281 -24.27 -0.30 -56.15
CA LYS D 281 -24.95 0.25 -54.99
C LYS D 281 -24.61 -0.53 -53.73
N ARG D 282 -24.54 -1.85 -53.83
CA ARG D 282 -24.16 -2.66 -52.67
C ARG D 282 -22.75 -2.32 -52.21
N MET D 283 -21.82 -2.18 -53.14
CA MET D 283 -20.45 -1.84 -52.78
C MET D 283 -20.37 -0.45 -52.17
N LEU D 284 -21.13 0.51 -52.70
CA LEU D 284 -21.17 1.84 -52.11
C LEU D 284 -21.73 1.79 -50.70
N GLN D 285 -22.79 1.02 -50.49
CA GLN D 285 -23.35 0.88 -49.16
C GLN D 285 -22.33 0.28 -48.20
N GLU D 286 -21.62 -0.76 -48.64
CA GLU D 286 -20.61 -1.38 -47.77
C GLU D 286 -19.48 -0.40 -47.48
N ALA D 287 -19.07 0.38 -48.48
CA ALA D 287 -18.02 1.38 -48.26
C ALA D 287 -18.45 2.41 -47.24
N VAL D 288 -19.68 2.91 -47.34
CA VAL D 288 -20.18 3.87 -46.37
C VAL D 288 -20.26 3.24 -44.99
N ASP D 289 -20.70 1.99 -44.92
CA ASP D 289 -20.79 1.28 -43.64
C ASP D 289 -19.42 1.18 -42.99
N ALA D 290 -18.42 0.71 -43.74
CA ALA D 290 -17.08 0.58 -43.20
C ALA D 290 -16.51 1.94 -42.80
N LEU D 291 -16.81 2.98 -43.59
CA LEU D 291 -16.41 4.33 -43.22
C LEU D 291 -16.98 4.70 -41.85
N LEU D 292 -18.29 4.52 -41.69
CA LEU D 292 -18.90 4.79 -40.38
C LEU D 292 -18.43 3.78 -39.35
N ASP D 293 -18.78 2.51 -39.55
CA ASP D 293 -18.46 1.42 -38.63
C ASP D 293 -17.90 0.25 -39.43
N ASN D 294 -16.60 0.03 -39.33
CA ASN D 294 -15.98 -1.16 -39.90
C ASN D 294 -15.91 -2.24 -38.83
N GLY D 295 -16.47 -3.41 -39.12
CA GLY D 295 -16.58 -4.50 -38.19
C GLY D 295 -17.94 -4.62 -37.53
N ARG D 296 -18.75 -3.57 -37.56
CA ARG D 296 -20.14 -3.70 -37.11
C ARG D 296 -20.89 -4.67 -38.00
N ARG D 297 -20.63 -4.64 -39.29
CA ARG D 297 -21.15 -5.61 -40.25
C ARG D 297 -20.29 -6.88 -40.12
N GLY D 298 -20.39 -7.78 -41.09
CA GLY D 298 -19.57 -8.98 -41.09
C GLY D 298 -18.09 -8.68 -41.26
N ARG D 299 -17.34 -9.63 -41.79
CA ARG D 299 -15.88 -9.55 -41.87
C ARG D 299 -15.41 -8.20 -42.38
N ALA D 300 -14.68 -7.49 -41.53
CA ALA D 300 -14.27 -6.13 -41.82
C ALA D 300 -13.18 -6.09 -42.88
N ILE D 301 -13.06 -4.94 -43.54
CA ILE D 301 -11.95 -4.69 -44.45
C ILE D 301 -10.70 -4.48 -43.61
N THR D 302 -9.53 -4.52 -44.25
CA THR D 302 -8.25 -4.50 -43.56
C THR D 302 -7.45 -3.27 -43.96
N GLY D 303 -6.38 -3.01 -43.20
CA GLY D 303 -5.52 -1.88 -43.43
C GLY D 303 -4.15 -2.25 -43.97
N SER D 304 -3.12 -2.18 -43.12
CA SER D 304 -1.74 -2.32 -43.57
C SER D 304 -1.47 -3.69 -44.17
N ASN D 305 -1.51 -4.74 -43.35
CA ASN D 305 -1.27 -6.11 -43.81
C ASN D 305 -2.50 -6.98 -43.63
N LYS D 306 -2.95 -7.19 -42.40
CA LYS D 306 -4.24 -7.81 -42.14
C LYS D 306 -4.95 -7.17 -40.94
N ARG D 307 -4.37 -6.12 -40.34
CA ARG D 307 -4.94 -5.52 -39.16
C ARG D 307 -6.07 -4.57 -39.55
N PRO D 308 -7.14 -4.50 -38.77
CA PRO D 308 -8.25 -3.60 -39.13
C PRO D 308 -7.81 -2.14 -39.08
N LEU D 309 -8.39 -1.35 -39.96
CA LEU D 309 -8.15 0.09 -39.97
C LEU D 309 -9.04 0.77 -38.92
N LYS D 310 -9.06 2.10 -38.95
CA LYS D 310 -9.82 2.89 -37.99
C LYS D 310 -10.97 3.61 -38.67
N SER D 311 -12.12 3.64 -38.01
CA SER D 311 -13.32 4.32 -38.50
C SER D 311 -13.72 5.40 -37.51
N LEU D 312 -14.83 6.08 -37.82
CA LEU D 312 -15.31 7.15 -36.94
C LEU D 312 -15.71 6.59 -35.58
N ALA D 313 -16.41 5.45 -35.57
CA ALA D 313 -16.73 4.80 -34.30
C ALA D 313 -15.46 4.54 -33.51
N ASP D 314 -14.40 4.07 -34.17
CA ASP D 314 -13.14 3.88 -33.49
C ASP D 314 -12.62 5.19 -32.93
N MET D 315 -12.71 6.27 -33.71
CA MET D 315 -12.31 7.58 -33.20
C MET D 315 -13.07 7.96 -31.95
N ILE D 316 -14.32 7.49 -31.83
CA ILE D 316 -15.16 7.87 -30.70
C ILE D 316 -15.21 6.78 -29.62
N LYS D 317 -15.05 5.51 -29.98
CA LYS D 317 -15.21 4.40 -29.05
C LYS D 317 -13.87 4.01 -28.43
N GLY D 318 -13.96 3.23 -27.35
CA GLY D 318 -12.79 2.59 -26.77
C GLY D 318 -11.92 3.55 -25.98
N LYS D 319 -10.86 2.98 -25.41
CA LYS D 319 -9.91 3.78 -24.64
C LYS D 319 -9.31 4.88 -25.49
N GLN D 320 -8.88 4.55 -26.71
CA GLN D 320 -8.41 5.56 -27.65
C GLN D 320 -9.51 6.52 -28.08
N GLY D 321 -10.78 6.19 -27.82
CA GLY D 321 -11.84 7.13 -28.09
C GLY D 321 -11.64 8.44 -27.36
N ARG D 322 -12.06 9.53 -28.02
CA ARG D 322 -11.71 10.86 -27.55
C ARG D 322 -12.20 11.12 -26.13
N PHE D 323 -13.37 10.59 -25.78
CA PHE D 323 -13.87 10.74 -24.41
C PHE D 323 -12.92 10.07 -23.42
N ARG D 324 -12.58 8.81 -23.66
CA ARG D 324 -11.69 8.08 -22.77
C ARG D 324 -10.22 8.38 -23.05
N GLN D 325 -9.92 8.97 -24.21
CA GLN D 325 -8.53 9.29 -24.53
C GLN D 325 -8.06 10.53 -23.75
N ASN D 326 -8.81 11.62 -23.85
CA ASN D 326 -8.35 12.93 -23.39
C ASN D 326 -9.26 13.57 -22.35
N LEU D 327 -10.29 12.87 -21.88
CA LEU D 327 -11.07 13.32 -20.73
C LEU D 327 -10.95 12.23 -19.68
N LEU D 328 -9.89 12.31 -18.89
CA LEU D 328 -9.52 11.32 -17.89
C LEU D 328 -8.33 11.91 -17.14
N GLY D 329 -7.85 11.18 -16.14
CA GLY D 329 -6.65 11.62 -15.43
C GLY D 329 -5.49 11.88 -16.37
N LYS D 330 -5.14 13.15 -16.53
CA LYS D 330 -4.05 13.57 -17.41
C LYS D 330 -2.81 13.88 -16.57
N ARG D 331 -1.79 14.44 -17.23
CA ARG D 331 -0.63 15.00 -16.57
C ARG D 331 -0.67 16.52 -16.70
N VAL D 332 0.08 17.19 -15.82
CA VAL D 332 -0.04 18.64 -15.65
C VAL D 332 1.33 19.26 -15.60
N ASP D 333 1.54 20.31 -16.40
CA ASP D 333 2.74 21.11 -16.34
C ASP D 333 2.68 22.05 -15.14
N TYR D 334 3.83 22.67 -14.82
CA TYR D 334 3.93 23.50 -13.64
C TYR D 334 3.57 22.69 -12.39
N SER D 335 4.03 21.45 -12.36
CA SER D 335 3.74 20.51 -11.28
C SER D 335 5.03 19.88 -10.79
N GLY D 336 5.05 19.55 -9.50
CA GLY D 336 6.23 18.98 -8.87
C GLY D 336 5.87 17.89 -7.90
N ARG D 337 6.90 17.24 -7.36
CA ARG D 337 6.68 16.18 -6.38
C ARG D 337 7.97 15.91 -5.62
N SER D 338 7.81 15.52 -4.36
CA SER D 338 8.96 15.16 -3.53
C SER D 338 8.46 14.57 -2.21
N VAL D 339 9.40 13.98 -1.47
CA VAL D 339 9.12 13.53 -0.12
C VAL D 339 9.07 14.74 0.80
N ILE D 340 8.38 14.58 1.93
CA ILE D 340 7.94 15.71 2.75
C ILE D 340 8.54 15.61 4.14
N THR D 341 8.67 16.77 4.79
CA THR D 341 9.13 16.85 6.18
C THR D 341 8.24 17.80 6.97
N VAL D 342 8.64 18.16 8.19
CA VAL D 342 7.73 18.82 9.12
C VAL D 342 7.91 20.33 9.10
N GLY D 343 9.07 20.81 9.57
CA GLY D 343 9.25 22.22 9.82
C GLY D 343 8.15 22.76 10.72
N PRO D 344 8.10 22.31 11.97
CA PRO D 344 6.99 22.73 12.84
C PRO D 344 6.90 24.23 13.05
N TYR D 345 8.02 24.93 13.02
CA TYR D 345 8.02 26.37 13.24
C TYR D 345 7.16 27.10 12.22
N LEU D 346 6.90 26.47 11.08
CA LEU D 346 5.95 27.02 10.13
C LEU D 346 4.55 27.09 10.74
N ARG D 347 3.65 27.76 10.04
CA ARG D 347 2.27 27.95 10.49
C ARG D 347 1.32 27.29 9.50
N LEU D 348 0.17 26.86 10.03
CA LEU D 348 -0.80 26.13 9.22
C LEU D 348 -1.33 26.95 8.05
N HIS D 349 -1.19 28.28 8.11
CA HIS D 349 -1.57 29.15 7.01
C HIS D 349 -0.48 29.26 5.95
N GLN D 350 0.46 28.32 5.93
CA GLN D 350 1.70 28.53 5.21
C GLN D 350 2.44 27.20 5.12
N CYS D 351 3.25 27.05 4.07
CA CYS D 351 3.92 25.80 3.80
C CYS D 351 5.33 26.04 3.30
N GLY D 352 6.15 25.00 3.35
CA GLY D 352 7.49 25.06 2.83
C GLY D 352 7.58 24.60 1.39
N LEU D 353 8.67 24.96 0.73
CA LEU D 353 8.89 24.53 -0.64
C LEU D 353 10.37 24.69 -0.99
N PRO D 354 11.06 23.63 -1.43
CA PRO D 354 12.49 23.78 -1.74
C PRO D 354 12.75 24.83 -2.82
N LYS D 355 13.79 25.64 -2.59
CA LYS D 355 14.06 26.80 -3.42
C LYS D 355 14.14 26.43 -4.90
N LYS D 356 14.75 25.29 -5.21
CA LYS D 356 14.91 24.91 -6.61
C LYS D 356 13.55 24.72 -7.27
N MET D 357 12.61 24.07 -6.58
CA MET D 357 11.28 23.89 -7.13
C MET D 357 10.65 25.25 -7.44
N ALA D 358 10.82 26.21 -6.54
CA ALA D 358 10.33 27.56 -6.83
C ALA D 358 10.99 28.11 -8.08
N LEU D 359 12.30 27.87 -8.25
CA LEU D 359 12.99 28.39 -9.42
C LEU D 359 12.38 27.84 -10.70
N GLU D 360 12.26 26.52 -10.82
CA GLU D 360 11.77 25.99 -12.08
C GLU D 360 10.27 26.22 -12.27
N LEU D 361 9.49 26.24 -11.19
CA LEU D 361 8.04 26.29 -11.34
C LEU D 361 7.60 27.61 -11.96
N PHE D 362 8.20 28.73 -11.55
CA PHE D 362 7.68 30.05 -11.87
C PHE D 362 8.53 30.75 -12.93
N LYS D 363 9.04 29.98 -13.90
CA LYS D 363 9.87 30.59 -14.94
C LYS D 363 9.17 31.71 -15.69
N PRO D 364 7.94 31.54 -16.21
CA PRO D 364 7.31 32.67 -16.90
C PRO D 364 7.05 33.85 -15.98
N PHE D 365 6.71 33.59 -14.72
CA PHE D 365 6.45 34.66 -13.78
C PHE D 365 7.72 35.49 -13.56
N ILE D 366 8.84 34.79 -13.35
CA ILE D 366 10.11 35.46 -13.15
C ILE D 366 10.50 36.23 -14.41
N TYR D 367 10.22 35.66 -15.58
CA TYR D 367 10.51 36.38 -16.83
C TYR D 367 9.69 37.65 -16.92
N GLY D 368 8.42 37.60 -16.54
CA GLY D 368 7.59 38.78 -16.59
C GLY D 368 8.10 39.87 -15.66
N LYS D 369 8.42 39.50 -14.42
CA LYS D 369 8.97 40.48 -13.50
C LYS D 369 10.32 41.00 -13.99
N LEU D 370 11.11 40.14 -14.64
CA LEU D 370 12.41 40.55 -15.16
C LEU D 370 12.27 41.60 -16.25
N GLU D 371 11.43 41.33 -17.26
CA GLU D 371 11.24 42.31 -18.32
C GLU D 371 10.53 43.54 -17.79
N LEU D 372 9.73 43.41 -16.74
CA LEU D 372 9.21 44.58 -16.05
C LEU D 372 10.35 45.43 -15.49
N ARG D 373 11.34 44.78 -14.87
CA ARG D 373 12.52 45.48 -14.39
C ARG D 373 13.55 45.72 -15.49
N GLY D 374 13.37 45.12 -16.66
CA GLY D 374 14.28 45.37 -17.77
C GLY D 374 15.70 44.92 -17.51
N LEU D 375 15.87 43.79 -16.82
CA LEU D 375 17.21 43.26 -16.59
C LEU D 375 17.74 42.58 -17.85
N ALA D 376 16.85 41.93 -18.60
CA ALA D 376 17.20 41.37 -19.91
C ALA D 376 15.92 41.40 -20.74
N THR D 377 15.90 42.29 -21.73
CA THR D 377 14.65 42.55 -22.46
C THR D 377 14.14 41.30 -23.15
N THR D 378 14.99 40.66 -23.94
CA THR D 378 14.57 39.47 -24.67
C THR D 378 14.36 38.30 -23.70
N ILE D 379 13.42 37.43 -24.07
CA ILE D 379 13.09 36.28 -23.24
C ILE D 379 14.24 35.27 -23.18
N LYS D 380 14.97 35.10 -24.28
CA LYS D 380 16.07 34.12 -24.28
C LYS D 380 17.15 34.51 -23.29
N ALA D 381 17.50 35.80 -23.25
CA ALA D 381 18.48 36.27 -22.28
C ALA D 381 17.97 36.05 -20.86
N ALA D 382 16.69 36.30 -20.62
CA ALA D 382 16.12 36.07 -19.29
C ALA D 382 16.21 34.60 -18.91
N LYS D 383 15.93 33.71 -19.86
CA LYS D 383 16.08 32.29 -19.62
C LYS D 383 17.52 31.95 -19.25
N LYS D 384 18.48 32.55 -19.96
CA LYS D 384 19.88 32.32 -19.65
C LYS D 384 20.23 32.83 -18.25
N MET D 385 19.71 33.99 -17.88
CA MET D 385 19.98 34.54 -16.55
C MET D 385 19.45 33.61 -15.46
N VAL D 386 18.21 33.14 -15.62
CA VAL D 386 17.62 32.32 -14.57
C VAL D 386 18.31 30.96 -14.48
N GLU D 387 18.61 30.33 -15.62
CA GLU D 387 19.28 29.05 -15.55
C GLU D 387 20.70 29.20 -15.00
N ARG D 388 21.34 30.35 -15.25
CA ARG D 388 22.61 30.62 -14.59
C ARG D 388 22.44 30.81 -13.09
N GLU D 389 21.22 31.09 -12.62
CA GLU D 389 20.96 31.37 -11.21
C GLU D 389 21.78 32.59 -10.76
N GLU D 390 21.45 33.71 -11.37
CA GLU D 390 22.13 34.96 -11.06
C GLU D 390 21.55 35.56 -9.78
N ALA D 391 22.20 36.62 -9.29
CA ALA D 391 21.88 37.13 -7.96
C ALA D 391 20.46 37.69 -7.89
N VAL D 392 20.10 38.58 -8.81
CA VAL D 392 18.86 39.32 -8.68
C VAL D 392 17.63 38.42 -8.75
N VAL D 393 17.77 37.20 -9.27
CA VAL D 393 16.59 36.37 -9.54
C VAL D 393 15.86 36.03 -8.24
N TRP D 394 16.60 35.85 -7.15
CA TRP D 394 15.97 35.46 -5.89
C TRP D 394 15.06 36.56 -5.36
N ASP D 395 15.45 37.82 -5.55
CA ASP D 395 14.55 38.92 -5.19
C ASP D 395 13.25 38.81 -5.97
N ILE D 396 13.35 38.50 -7.27
CA ILE D 396 12.16 38.34 -8.09
C ILE D 396 11.32 37.18 -7.59
N LEU D 397 11.97 36.08 -7.20
CA LEU D 397 11.24 34.92 -6.71
C LEU D 397 10.49 35.26 -5.43
N ASP D 398 11.14 35.98 -4.51
CA ASP D 398 10.44 36.42 -3.30
C ASP D 398 9.27 37.33 -3.65
N GLU D 399 9.47 38.23 -4.61
CA GLU D 399 8.39 39.14 -5.00
C GLU D 399 7.18 38.38 -5.51
N VAL D 400 7.39 37.42 -6.41
CA VAL D 400 6.26 36.68 -6.96
C VAL D 400 5.63 35.80 -5.88
N ILE D 401 6.45 35.23 -5.00
CA ILE D 401 5.93 34.42 -3.89
C ILE D 401 5.38 35.29 -2.78
N ARG D 402 5.47 36.62 -2.89
CA ARG D 402 4.93 37.50 -1.87
C ARG D 402 3.48 37.16 -1.56
N GLU D 403 2.66 36.98 -2.60
CA GLU D 403 1.28 36.52 -2.44
C GLU D 403 0.94 35.65 -3.65
N HIS D 404 1.11 34.35 -3.50
CA HIS D 404 0.81 33.43 -4.58
C HIS D 404 0.67 32.01 -4.03
N PRO D 405 -0.44 31.67 -3.38
CA PRO D 405 -0.60 30.34 -2.81
C PRO D 405 -0.55 29.25 -3.89
N VAL D 406 -0.36 28.01 -3.43
CA VAL D 406 -0.23 26.87 -4.32
C VAL D 406 -0.90 25.65 -3.68
N LEU D 407 -1.16 24.64 -4.51
CA LEU D 407 -1.87 23.44 -4.11
C LEU D 407 -0.87 22.34 -3.77
N LEU D 408 -1.08 21.69 -2.63
CA LEU D 408 -0.33 20.52 -2.22
C LEU D 408 -1.27 19.33 -2.21
N ASN D 409 -0.76 18.17 -2.66
CA ASN D 409 -1.60 17.03 -2.95
C ASN D 409 -0.89 15.74 -2.61
N ARG D 410 -1.68 14.70 -2.36
CA ARG D 410 -1.20 13.35 -2.13
C ARG D 410 -1.79 12.40 -3.16
N ALA D 411 -1.06 11.31 -3.44
CA ALA D 411 -1.50 10.37 -4.48
C ALA D 411 -2.83 9.74 -4.15
N PRO D 412 -2.98 8.97 -3.06
CA PRO D 412 -4.29 8.40 -2.75
C PRO D 412 -5.23 9.46 -2.23
N THR D 413 -5.81 10.24 -3.14
CA THR D 413 -6.69 11.35 -2.77
C THR D 413 -8.06 10.77 -2.45
N LEU D 414 -8.24 10.37 -1.19
CA LEU D 414 -9.51 9.78 -0.78
C LEU D 414 -10.54 10.86 -0.48
N HIS D 415 -10.28 11.68 0.54
CA HIS D 415 -11.17 12.79 0.90
C HIS D 415 -10.54 14.11 0.50
N ARG D 416 -11.38 15.13 0.40
CA ARG D 416 -11.00 16.32 -0.36
C ARG D 416 -9.87 17.11 0.29
N LEU D 417 -9.62 16.93 1.59
CA LEU D 417 -8.48 17.62 2.18
C LEU D 417 -7.15 17.11 1.64
N GLY D 418 -7.15 15.98 0.93
CA GLY D 418 -5.96 15.49 0.27
C GLY D 418 -5.41 16.42 -0.79
N ILE D 419 -6.16 17.44 -1.17
CA ILE D 419 -5.67 18.57 -1.92
C ILE D 419 -5.92 19.80 -1.07
N GLN D 420 -4.96 20.71 -0.99
CA GLN D 420 -5.10 21.81 -0.06
C GLN D 420 -4.20 22.97 -0.47
N ALA D 421 -4.67 24.18 -0.21
CA ALA D 421 -3.97 25.40 -0.59
C ALA D 421 -3.10 25.88 0.56
N PHE D 422 -1.91 26.38 0.24
CA PHE D 422 -0.99 26.89 1.24
C PHE D 422 -0.13 27.98 0.65
N GLU D 423 0.43 28.81 1.53
CA GLU D 423 1.39 29.82 1.13
C GLU D 423 2.80 29.22 1.23
N PRO D 424 3.57 29.16 0.14
CA PRO D 424 4.95 28.69 0.27
C PRO D 424 5.82 29.67 1.02
N VAL D 425 6.87 29.13 1.63
CA VAL D 425 8.02 29.90 2.08
C VAL D 425 9.25 29.24 1.52
N LEU D 426 10.22 30.05 1.09
CA LEU D 426 11.41 29.53 0.45
C LEU D 426 12.29 28.89 1.52
N ILE D 427 12.57 27.60 1.37
CA ILE D 427 13.39 26.84 2.30
C ILE D 427 14.50 26.17 1.54
N GLU D 428 15.69 26.16 2.14
CA GLU D 428 16.82 25.46 1.56
C GLU D 428 16.62 23.95 1.70
N GLY D 429 17.64 23.19 1.31
CA GLY D 429 17.51 21.76 1.31
C GLY D 429 16.83 21.25 0.05
N LYS D 430 16.26 20.06 0.17
CA LYS D 430 15.67 19.37 -0.98
C LYS D 430 14.35 18.67 -0.65
N ALA D 431 13.71 19.03 0.46
CA ALA D 431 12.46 18.40 0.87
C ALA D 431 11.45 19.48 1.25
N ILE D 432 10.18 19.12 1.12
CA ILE D 432 9.08 20.05 1.41
C ILE D 432 8.73 19.97 2.88
N GLN D 433 8.86 21.09 3.58
CA GLN D 433 8.34 21.18 4.93
C GLN D 433 6.82 21.31 4.89
N LEU D 434 6.14 20.43 5.62
CA LEU D 434 4.68 20.43 5.68
C LEU D 434 4.23 20.56 7.13
N HIS D 435 3.17 21.33 7.33
CA HIS D 435 2.70 21.62 8.67
C HIS D 435 2.33 20.32 9.38
N PRO D 436 2.59 20.19 10.69
CA PRO D 436 2.34 18.91 11.36
C PRO D 436 0.89 18.45 11.28
N LEU D 437 -0.01 19.28 11.81
CA LEU D 437 -1.37 18.82 12.07
C LEU D 437 -2.07 18.40 10.78
N VAL D 438 -1.87 19.17 9.70
CA VAL D 438 -2.57 18.87 8.46
C VAL D 438 -2.18 17.51 7.94
N CYS D 439 -1.01 17.00 8.31
CA CYS D 439 -0.61 15.66 7.89
C CYS D 439 -1.66 14.64 8.32
N ALA D 440 -2.22 14.81 9.52
CA ALA D 440 -3.28 13.92 9.98
C ALA D 440 -4.47 13.97 9.04
N ALA D 441 -4.84 15.17 8.58
CA ALA D 441 -5.86 15.27 7.55
C ALA D 441 -5.41 14.54 6.29
N TYR D 442 -4.15 14.72 5.91
CA TYR D 442 -3.58 13.95 4.80
C TYR D 442 -3.33 12.50 5.15
N ASN D 443 -3.45 12.13 6.43
CA ASN D 443 -3.13 10.80 6.95
C ASN D 443 -1.81 10.30 6.38
N ALA D 444 -0.87 11.22 6.16
CA ALA D 444 0.37 10.93 5.45
C ALA D 444 1.50 10.91 6.46
N ASP D 445 1.89 9.70 6.87
CA ASP D 445 3.07 9.56 7.70
C ASP D 445 4.29 10.05 6.94
N PHE D 446 5.39 10.24 7.67
CA PHE D 446 6.66 10.65 7.08
C PHE D 446 7.54 9.45 6.77
N ASP D 447 6.92 8.34 6.40
CA ASP D 447 7.63 7.16 5.93
C ASP D 447 8.42 7.43 4.65
N GLY D 448 8.13 8.51 3.94
CA GLY D 448 8.69 8.75 2.63
C GLY D 448 7.61 9.05 1.60
N ASP D 449 6.43 9.43 2.08
CA ASP D 449 5.34 9.78 1.17
C ASP D 449 5.76 10.92 0.27
N GLN D 450 5.54 10.75 -1.03
CA GLN D 450 5.93 11.73 -2.03
C GLN D 450 4.67 12.51 -2.42
N MET D 451 4.54 13.71 -1.90
CA MET D 451 3.43 14.58 -2.25
C MET D 451 3.79 15.44 -3.44
N ALA D 452 2.75 15.85 -4.16
CA ALA D 452 2.88 16.66 -5.37
C ALA D 452 2.39 18.08 -5.11
N VAL D 453 2.72 18.95 -6.05
CA VAL D 453 2.45 20.38 -5.94
C VAL D 453 1.98 20.90 -7.29
N HIS D 454 0.97 21.79 -7.25
CA HIS D 454 0.42 22.45 -8.42
C HIS D 454 0.34 23.95 -8.12
N VAL D 455 0.21 24.74 -9.18
CA VAL D 455 0.22 26.19 -9.09
C VAL D 455 -0.97 26.76 -9.85
N PRO D 456 -1.88 27.51 -9.22
CA PRO D 456 -2.93 28.18 -9.99
C PRO D 456 -2.35 29.34 -10.81
N LEU D 457 -3.03 29.63 -11.92
CA LEU D 457 -2.57 30.66 -12.86
C LEU D 457 -3.41 31.93 -12.80
N THR D 458 -4.71 31.82 -13.04
CA THR D 458 -5.56 33.00 -13.10
C THR D 458 -5.88 33.52 -11.71
N LEU D 459 -6.03 34.83 -11.60
CA LEU D 459 -6.33 35.46 -10.31
C LEU D 459 -7.60 34.88 -9.70
N GLU D 460 -8.56 34.49 -10.54
CA GLU D 460 -9.75 33.83 -10.02
C GLU D 460 -9.40 32.53 -9.34
N ALA D 461 -8.47 31.77 -9.91
CA ALA D 461 -8.05 30.52 -9.30
C ALA D 461 -7.31 30.79 -7.98
N GLN D 462 -6.50 31.84 -7.95
CA GLN D 462 -5.86 32.23 -6.70
C GLN D 462 -6.91 32.56 -5.65
N LEU D 463 -7.96 33.28 -6.05
CA LEU D 463 -9.05 33.60 -5.14
C LEU D 463 -9.72 32.33 -4.63
N GLU D 464 -10.00 31.40 -5.53
CA GLU D 464 -10.62 30.14 -5.11
C GLU D 464 -9.75 29.42 -4.09
N ALA D 465 -8.46 29.28 -4.38
CA ALA D 465 -7.57 28.55 -3.48
C ALA D 465 -7.47 29.24 -2.12
N ARG D 466 -7.17 30.54 -2.12
CA ARG D 466 -7.03 31.27 -0.88
C ARG D 466 -8.34 31.37 -0.11
N ALA D 467 -9.47 31.23 -0.79
CA ALA D 467 -10.79 31.38 -0.17
C ALA D 467 -11.49 30.07 0.11
N LEU D 468 -11.20 29.02 -0.66
CA LEU D 468 -11.87 27.73 -0.50
C LEU D 468 -10.93 26.63 -0.05
N MET D 469 -9.80 26.45 -0.74
CA MET D 469 -8.86 25.38 -0.42
C MET D 469 -7.84 25.80 0.64
N MET D 470 -8.07 26.91 1.33
CA MET D 470 -7.14 27.38 2.34
C MET D 470 -7.35 26.64 3.65
N SER D 471 -6.24 26.28 4.30
CA SER D 471 -6.31 25.59 5.58
C SER D 471 -7.17 26.35 6.57
N THR D 472 -7.02 27.67 6.62
CA THR D 472 -7.88 28.48 7.47
C THR D 472 -9.34 28.21 7.17
N ASN D 473 -9.69 28.04 5.90
CA ASN D 473 -11.06 27.71 5.52
C ASN D 473 -11.35 26.21 5.59
N ASN D 474 -10.37 25.39 5.95
CA ASN D 474 -10.52 23.94 6.04
C ASN D 474 -9.92 23.49 7.37
N ILE D 475 -10.76 23.47 8.40
CA ILE D 475 -10.33 23.08 9.75
C ILE D 475 -11.19 21.94 10.28
N LEU D 476 -12.42 21.86 9.80
CA LEU D 476 -13.36 20.82 10.22
C LEU D 476 -13.59 19.84 9.08
N SER D 477 -13.94 18.62 9.45
CA SER D 477 -14.16 17.58 8.46
C SER D 477 -15.48 17.82 7.71
N PRO D 478 -15.58 17.35 6.46
CA PRO D 478 -16.88 17.39 5.78
C PRO D 478 -17.79 16.26 6.23
N ALA D 479 -17.18 15.12 6.59
CA ALA D 479 -17.96 13.98 7.06
C ALA D 479 -18.77 14.35 8.29
N ASN D 480 -18.24 15.25 9.12
CA ASN D 480 -18.89 15.71 10.34
C ASN D 480 -18.05 16.84 10.92
N GLY D 481 -18.54 17.46 11.99
CA GLY D 481 -18.00 18.72 12.46
C GLY D 481 -16.78 18.67 13.34
N GLU D 482 -16.25 17.49 13.63
CA GLU D 482 -15.07 17.43 14.49
C GLU D 482 -13.91 18.15 13.80
N PRO D 483 -13.08 18.90 14.53
CA PRO D 483 -11.90 19.50 13.91
C PRO D 483 -10.95 18.42 13.39
N ILE D 484 -10.68 18.46 12.09
CA ILE D 484 -9.68 17.58 11.50
C ILE D 484 -8.26 17.98 11.86
N ILE D 485 -8.09 19.08 12.58
CA ILE D 485 -6.78 19.59 12.94
C ILE D 485 -6.39 19.15 14.37
N VAL D 486 -7.02 18.09 14.87
CA VAL D 486 -6.69 17.61 16.21
C VAL D 486 -5.23 17.18 16.24
N PRO D 487 -4.43 17.57 17.23
CA PRO D 487 -3.04 17.09 17.27
C PRO D 487 -2.99 15.59 17.49
N SER D 488 -1.99 14.96 16.90
CA SER D 488 -2.04 13.51 16.70
C SER D 488 -1.41 12.71 17.85
N GLN D 489 -0.09 12.80 17.99
CA GLN D 489 0.59 11.84 18.87
C GLN D 489 1.61 12.44 19.82
N ASP D 490 2.39 13.44 19.38
CA ASP D 490 3.52 13.90 20.18
C ASP D 490 3.15 15.07 21.07
N VAL D 491 2.69 16.17 20.46
CA VAL D 491 2.34 17.36 21.22
C VAL D 491 1.28 17.03 22.27
N VAL D 492 0.42 16.05 21.97
CA VAL D 492 -0.56 15.61 22.94
C VAL D 492 0.13 15.06 24.18
N LEU D 493 1.27 14.38 24.00
CA LEU D 493 2.02 13.90 25.15
C LEU D 493 2.48 15.06 26.02
N GLY D 494 2.99 16.11 25.39
CA GLY D 494 3.42 17.27 26.16
C GLY D 494 2.27 17.90 26.93
N LEU D 495 1.14 18.11 26.25
CA LEU D 495 0.01 18.72 26.92
C LEU D 495 -0.50 17.85 28.06
N TYR D 496 -0.56 16.54 27.86
CA TYR D 496 -0.89 15.63 28.95
C TYR D 496 0.10 15.77 30.10
N TYR D 497 1.37 15.96 29.76
CA TYR D 497 2.39 16.19 30.78
C TYR D 497 2.12 17.48 31.53
N MET D 498 1.53 18.48 30.87
CA MET D 498 1.19 19.74 31.54
C MET D 498 0.20 19.52 32.66
N THR D 499 -1.00 19.05 32.29
CA THR D 499 -2.16 19.08 33.18
C THR D 499 -2.26 17.77 33.98
N ARG D 500 -1.15 17.43 34.63
CA ARG D 500 -1.06 16.26 35.47
C ARG D 500 -0.27 16.62 36.71
N ASP D 501 -0.72 16.15 37.86
CA ASP D 501 -0.19 16.58 39.15
C ASP D 501 0.73 15.52 39.74
N CYS D 502 1.90 15.96 40.20
CA CYS D 502 2.67 15.23 41.19
C CYS D 502 2.35 15.79 42.56
N VAL D 503 2.14 14.89 43.53
CA VAL D 503 1.67 15.32 44.84
C VAL D 503 2.68 16.24 45.50
N ASN D 504 3.96 15.90 45.42
CA ASN D 504 5.00 16.63 46.13
C ASN D 504 6.22 16.79 45.24
N ALA D 505 6.65 18.02 45.08
CA ALA D 505 7.85 18.38 44.32
C ALA D 505 8.12 19.85 44.59
N LYS D 506 9.06 20.43 43.86
CA LYS D 506 9.24 21.87 43.92
C LYS D 506 7.96 22.56 43.46
N GLY D 507 7.74 23.77 43.96
CA GLY D 507 6.55 24.49 43.56
C GLY D 507 5.24 23.87 43.99
N GLU D 508 5.26 23.01 45.01
CA GLU D 508 4.06 22.46 45.60
C GLU D 508 3.79 23.18 46.91
N GLY D 509 2.59 23.73 47.04
CA GLY D 509 2.18 24.32 48.31
C GLY D 509 2.56 25.78 48.50
N MET D 510 2.20 26.61 47.54
CA MET D 510 2.28 28.07 47.69
C MET D 510 1.16 28.69 46.86
N VAL D 511 1.30 29.97 46.54
CA VAL D 511 0.25 30.71 45.84
C VAL D 511 0.91 31.73 44.91
N LEU D 512 0.26 31.99 43.78
CA LEU D 512 0.76 32.90 42.77
C LEU D 512 -0.33 33.88 42.36
N THR D 513 0.09 35.08 41.95
CA THR D 513 -0.86 36.10 41.51
C THR D 513 -1.28 35.93 40.06
N GLY D 514 -0.57 35.12 39.28
CA GLY D 514 -0.88 34.96 37.89
C GLY D 514 -0.02 33.93 37.18
N PRO D 515 -0.39 33.59 35.94
CA PRO D 515 0.42 32.62 35.19
C PRO D 515 1.82 33.10 34.82
N LYS D 516 2.02 34.42 34.69
CA LYS D 516 3.31 34.92 34.23
C LYS D 516 4.42 34.53 35.20
N GLU D 517 4.24 34.83 36.48
CA GLU D 517 5.21 34.39 37.47
C GLU D 517 5.25 32.87 37.56
N ALA D 518 4.17 32.18 37.20
CA ALA D 518 4.23 30.72 37.15
C ALA D 518 5.27 30.25 36.14
N GLU D 519 5.22 30.80 34.93
CA GLU D 519 6.25 30.49 33.95
C GLU D 519 7.62 30.93 34.43
N ARG D 520 7.70 32.11 35.05
CA ARG D 520 8.99 32.59 35.53
C ARG D 520 9.60 31.60 36.52
N LEU D 521 8.80 31.16 37.49
CA LEU D 521 9.31 30.21 38.48
C LEU D 521 9.64 28.86 37.85
N TYR D 522 8.83 28.43 36.88
CA TYR D 522 9.13 27.16 36.23
C TYR D 522 10.47 27.22 35.50
N ARG D 523 10.64 28.22 34.64
CA ARG D 523 11.89 28.34 33.90
C ARG D 523 13.07 28.54 34.84
N SER D 524 12.83 29.17 35.99
CA SER D 524 13.89 29.31 36.99
C SER D 524 14.35 27.96 37.52
N GLY D 525 13.52 26.92 37.40
CA GLY D 525 13.80 25.67 38.07
C GLY D 525 13.53 25.70 39.55
N LEU D 526 13.01 26.81 40.07
CA LEU D 526 12.64 26.90 41.48
C LEU D 526 11.38 26.10 41.79
N ALA D 527 10.59 25.77 40.78
CA ALA D 527 9.33 25.06 40.96
C ALA D 527 9.23 23.95 39.92
N SER D 528 8.40 22.95 40.23
CA SER D 528 8.18 21.86 39.31
C SER D 528 7.25 22.28 38.19
N LEU D 529 7.24 21.48 37.13
CA LEU D 529 6.35 21.75 36.01
C LEU D 529 4.89 21.68 36.41
N HIS D 530 4.57 20.93 37.47
CA HIS D 530 3.18 20.71 37.84
C HIS D 530 3.10 20.38 39.32
N ALA D 531 2.18 21.05 40.01
CA ALA D 531 1.96 20.85 41.44
C ALA D 531 0.73 21.63 41.85
N ARG D 532 -0.08 21.06 42.74
CA ARG D 532 -1.30 21.73 43.15
C ARG D 532 -0.96 23.04 43.86
N VAL D 533 -1.45 24.14 43.31
CA VAL D 533 -1.09 25.48 43.74
C VAL D 533 -2.26 26.39 43.38
N LYS D 534 -2.66 27.23 44.33
CA LYS D 534 -3.68 28.22 44.05
C LYS D 534 -3.04 29.40 43.33
N VAL D 535 -3.62 29.77 42.19
CA VAL D 535 -3.13 30.90 41.41
C VAL D 535 -4.34 31.71 40.94
N ARG D 536 -4.22 33.03 40.98
CA ARG D 536 -5.29 33.87 40.48
C ARG D 536 -5.26 33.87 38.95
N ILE D 537 -6.42 33.61 38.36
CA ILE D 537 -6.58 33.63 36.91
C ILE D 537 -7.83 34.45 36.58
N THR D 538 -7.86 34.95 35.35
CA THR D 538 -8.97 35.74 34.85
C THR D 538 -9.55 35.09 33.62
N GLU D 539 -10.88 35.11 33.52
CA GLU D 539 -11.59 34.65 32.36
C GLU D 539 -12.48 35.77 31.84
N TYR D 540 -12.88 35.64 30.58
CA TYR D 540 -13.63 36.66 29.85
C TYR D 540 -14.78 35.95 29.18
N GLU D 541 -15.97 36.09 29.74
CA GLU D 541 -17.13 35.30 29.34
C GLU D 541 -18.06 36.16 28.50
N LYS D 542 -18.74 35.51 27.55
CA LYS D 542 -19.59 36.18 26.58
C LYS D 542 -21.06 35.80 26.77
N ASP D 543 -21.47 35.59 28.02
CA ASP D 543 -22.86 35.29 28.29
C ASP D 543 -23.77 36.43 27.83
N ALA D 544 -23.31 37.66 27.99
CA ALA D 544 -24.05 38.82 27.53
C ALA D 544 -24.23 38.77 26.01
N ASN D 545 -24.96 39.75 25.49
CA ASN D 545 -25.29 39.78 24.06
C ASN D 545 -24.03 40.16 23.29
N GLY D 546 -23.12 39.19 23.17
CA GLY D 546 -21.87 39.44 22.49
C GLY D 546 -21.03 40.50 23.16
N GLU D 547 -20.88 40.42 24.49
CA GLU D 547 -20.10 41.38 25.26
C GLU D 547 -19.19 40.62 26.22
N LEU D 548 -17.93 41.04 26.29
CA LEU D 548 -17.01 40.43 27.23
C LEU D 548 -17.32 40.89 28.65
N VAL D 549 -17.20 39.96 29.60
CA VAL D 549 -17.21 40.26 31.02
C VAL D 549 -15.99 39.60 31.62
N ALA D 550 -15.11 40.40 32.21
CA ALA D 550 -13.84 39.93 32.74
C ALA D 550 -13.96 39.72 34.23
N LYS D 551 -13.80 38.48 34.67
CA LYS D 551 -13.78 38.15 36.09
C LYS D 551 -12.46 37.48 36.42
N THR D 552 -12.13 37.44 37.70
CA THR D 552 -10.88 36.85 38.16
C THR D 552 -11.11 36.20 39.53
N SER D 553 -10.28 35.21 39.82
CA SER D 553 -10.38 34.49 41.09
C SER D 553 -9.25 33.49 41.20
N LEU D 554 -9.00 33.03 42.42
CA LEU D 554 -8.02 31.99 42.67
C LEU D 554 -8.58 30.63 42.25
N LYS D 555 -7.71 29.81 41.69
CA LYS D 555 -8.04 28.43 41.35
C LYS D 555 -6.85 27.55 41.67
N ASP D 556 -7.12 26.40 42.29
CA ASP D 556 -6.08 25.39 42.43
C ASP D 556 -5.78 24.79 41.07
N THR D 557 -4.51 24.53 40.81
CA THR D 557 -4.09 24.12 39.48
C THR D 557 -2.66 23.63 39.54
N THR D 558 -2.24 22.94 38.49
CA THR D 558 -0.86 22.54 38.32
C THR D 558 -0.10 23.66 37.64
N VAL D 559 1.20 23.74 37.93
CA VAL D 559 2.03 24.82 37.38
C VAL D 559 1.97 24.80 35.86
N GLY D 560 2.14 23.62 35.26
CA GLY D 560 2.05 23.52 33.81
C GLY D 560 0.68 23.93 33.30
N ARG D 561 -0.37 23.60 34.04
CA ARG D 561 -1.72 23.99 33.63
C ARG D 561 -1.88 25.50 33.60
N ALA D 562 -1.41 26.18 34.66
CA ALA D 562 -1.46 27.64 34.67
C ALA D 562 -0.64 28.21 33.52
N ILE D 563 0.53 27.63 33.27
CA ILE D 563 1.36 28.08 32.16
C ILE D 563 0.60 27.92 30.84
N LEU D 564 -0.16 26.85 30.71
CA LEU D 564 -0.94 26.65 29.50
C LEU D 564 -2.06 27.67 29.39
N TRP D 565 -2.58 28.14 30.53
CA TRP D 565 -3.74 29.04 30.49
C TRP D 565 -3.49 30.27 29.64
N MET D 566 -2.24 30.75 29.55
CA MET D 566 -1.98 31.95 28.77
C MET D 566 -2.40 31.77 27.32
N ILE D 567 -2.12 30.59 26.76
CA ILE D 567 -2.33 30.38 25.34
C ILE D 567 -3.81 30.35 24.99
N VAL D 568 -4.68 30.19 25.98
CA VAL D 568 -6.12 30.18 25.71
C VAL D 568 -6.55 31.59 25.27
N PRO D 569 -7.48 31.72 24.32
CA PRO D 569 -8.02 33.06 24.04
C PRO D 569 -8.94 33.55 25.14
N LYS D 570 -9.37 34.81 25.03
CA LYS D 570 -10.10 35.44 26.13
C LYS D 570 -11.41 34.73 26.43
N GLY D 571 -12.14 34.33 25.37
CA GLY D 571 -13.51 33.90 25.55
C GLY D 571 -13.66 32.68 26.44
N LEU D 572 -12.76 31.72 26.32
CA LEU D 572 -12.98 30.41 26.90
C LEU D 572 -12.90 30.46 28.43
N PRO D 573 -13.56 29.51 29.13
CA PRO D 573 -13.39 29.41 30.58
C PRO D 573 -12.17 28.59 30.95
N TYR D 574 -11.99 28.35 32.25
CA TYR D 574 -10.84 27.61 32.75
C TYR D 574 -11.12 26.14 33.03
N SER D 575 -12.37 25.80 33.37
CA SER D 575 -12.71 24.41 33.66
C SER D 575 -12.33 23.49 32.50
N ILE D 576 -12.42 24.00 31.28
CA ILE D 576 -12.07 23.20 30.11
C ILE D 576 -10.62 22.76 30.16
N VAL D 577 -9.72 23.62 30.63
CA VAL D 577 -8.30 23.27 30.70
C VAL D 577 -7.95 22.57 32.01
N ASN D 578 -8.86 22.54 32.98
CA ASN D 578 -8.55 22.02 34.30
C ASN D 578 -8.62 20.50 34.39
N GLN D 579 -8.57 19.80 33.26
CA GLN D 579 -8.65 18.34 33.22
C GLN D 579 -7.34 17.78 32.69
N ALA D 580 -7.30 16.45 32.53
CA ALA D 580 -6.10 15.77 32.09
C ALA D 580 -5.78 16.00 30.63
N LEU D 581 -6.71 16.54 29.85
CA LEU D 581 -6.47 16.89 28.44
C LEU D 581 -6.06 15.66 27.63
N GLY D 582 -7.03 14.75 27.50
CA GLY D 582 -6.90 13.66 26.56
C GLY D 582 -7.11 14.13 25.14
N LYS D 583 -6.91 13.20 24.20
CA LYS D 583 -7.11 13.52 22.79
C LYS D 583 -8.56 13.93 22.53
N LYS D 584 -9.50 13.21 23.12
CA LYS D 584 -10.90 13.63 23.03
C LYS D 584 -11.13 14.95 23.76
N ALA D 585 -10.49 15.12 24.93
CA ALA D 585 -10.67 16.34 25.68
C ALA D 585 -10.16 17.55 24.90
N ILE D 586 -8.97 17.44 24.32
CA ILE D 586 -8.46 18.55 23.52
C ILE D 586 -9.30 18.72 22.26
N SER D 587 -9.83 17.62 21.69
CA SER D 587 -10.68 17.77 20.53
C SER D 587 -11.90 18.62 20.84
N LYS D 588 -12.55 18.36 21.98
CA LYS D 588 -13.69 19.19 22.36
C LYS D 588 -13.24 20.59 22.78
N MET D 589 -11.99 20.74 23.25
CA MET D 589 -11.47 22.09 23.48
C MET D 589 -11.48 22.89 22.18
N LEU D 590 -10.92 22.33 21.11
CA LEU D 590 -11.00 22.99 19.81
C LEU D 590 -12.44 23.21 19.39
N ASN D 591 -13.30 22.22 19.64
CA ASN D 591 -14.71 22.34 19.25
C ASN D 591 -15.35 23.55 19.92
N THR D 592 -15.14 23.68 21.23
CA THR D 592 -15.67 24.83 21.95
C THR D 592 -15.07 26.13 21.42
N CYS D 593 -13.76 26.13 21.17
CA CYS D 593 -13.11 27.35 20.70
C CYS D 593 -13.71 27.82 19.39
N TYR D 594 -13.96 26.90 18.47
CA TYR D 594 -14.57 27.29 17.20
C TYR D 594 -16.04 27.66 17.39
N ARG D 595 -16.76 26.91 18.21
CA ARG D 595 -18.19 27.13 18.34
C ARG D 595 -18.51 28.44 19.06
N ILE D 596 -17.57 28.99 19.82
CA ILE D 596 -17.79 30.20 20.59
C ILE D 596 -17.06 31.39 20.00
N LEU D 597 -15.80 31.21 19.58
CA LEU D 597 -14.95 32.32 19.17
C LEU D 597 -14.69 32.36 17.67
N GLY D 598 -15.37 31.53 16.88
CA GLY D 598 -15.14 31.59 15.46
C GLY D 598 -13.80 31.00 15.07
N LEU D 599 -13.26 31.51 13.95
CA LEU D 599 -12.21 30.81 13.22
C LEU D 599 -10.80 31.32 13.54
N LYS D 600 -10.53 32.60 13.32
CA LYS D 600 -9.17 33.10 13.51
C LYS D 600 -8.63 32.86 14.92
N PRO D 601 -9.39 33.10 15.99
CA PRO D 601 -8.88 32.73 17.32
C PRO D 601 -8.55 31.25 17.41
N THR D 602 -9.35 30.39 16.79
CA THR D 602 -9.01 28.97 16.78
C THR D 602 -7.68 28.72 16.09
N VAL D 603 -7.45 29.38 14.96
CA VAL D 603 -6.20 29.18 14.23
C VAL D 603 -5.01 29.58 15.09
N ILE D 604 -5.09 30.77 15.69
CA ILE D 604 -3.99 31.25 16.52
C ILE D 604 -3.79 30.32 17.72
N PHE D 605 -4.90 29.91 18.34
CA PHE D 605 -4.83 29.04 19.50
C PHE D 605 -4.17 27.71 19.14
N ALA D 606 -4.54 27.13 18.01
CA ALA D 606 -3.94 25.86 17.60
C ALA D 606 -2.46 26.04 17.29
N ASP D 607 -2.08 27.13 16.63
CA ASP D 607 -0.68 27.37 16.34
C ASP D 607 0.14 27.41 17.63
N GLN D 608 -0.32 28.21 18.58
CA GLN D 608 0.40 28.32 19.84
C GLN D 608 0.37 27.00 20.61
N ILE D 609 -0.72 26.24 20.53
CA ILE D 609 -0.77 24.94 21.16
C ILE D 609 0.33 24.06 20.61
N MET D 610 0.42 23.98 19.29
CA MET D 610 1.51 23.25 18.63
C MET D 610 2.86 23.66 19.20
N TYR D 611 3.16 24.95 19.14
CA TYR D 611 4.49 25.42 19.49
C TYR D 611 4.81 25.09 20.94
N THR D 612 3.93 25.49 21.85
CA THR D 612 4.21 25.33 23.26
C THR D 612 4.27 23.85 23.65
N GLY D 613 3.40 23.03 23.08
CA GLY D 613 3.43 21.62 23.41
C GLY D 613 4.68 20.93 22.91
N PHE D 614 5.13 21.28 21.70
CA PHE D 614 6.41 20.76 21.23
C PHE D 614 7.54 21.18 22.16
N ALA D 615 7.56 22.46 22.53
CA ALA D 615 8.63 22.95 23.38
C ALA D 615 8.67 22.21 24.71
N TYR D 616 7.50 22.04 25.33
CA TYR D 616 7.48 21.41 26.64
C TYR D 616 7.55 19.90 26.59
N ALA D 617 7.24 19.28 25.43
CA ALA D 617 7.56 17.87 25.27
C ALA D 617 9.07 17.67 25.17
N ALA D 618 9.75 18.59 24.48
CA ALA D 618 11.21 18.57 24.50
C ALA D 618 11.71 18.75 25.92
N ARG D 619 11.13 19.70 26.66
CA ARG D 619 11.48 19.87 28.06
C ARG D 619 11.21 18.58 28.85
N SER D 620 10.18 17.84 28.45
CA SER D 620 9.79 16.65 29.21
C SER D 620 10.89 15.61 29.27
N GLY D 621 11.56 15.39 28.14
CA GLY D 621 12.43 14.24 28.05
C GLY D 621 11.67 12.94 28.11
N ALA D 622 10.48 12.91 27.52
CA ALA D 622 9.64 11.71 27.53
C ALA D 622 10.36 10.60 26.79
N SER D 623 10.70 9.54 27.52
CA SER D 623 11.54 8.46 27.01
C SER D 623 10.78 7.14 27.09
N VAL D 624 11.50 6.05 26.83
CA VAL D 624 10.95 4.71 26.94
C VAL D 624 12.11 3.74 27.08
N GLY D 625 11.95 2.76 27.97
CA GLY D 625 13.01 1.80 28.24
C GLY D 625 12.44 0.45 28.62
N ILE D 626 13.32 -0.54 28.66
CA ILE D 626 12.90 -1.89 29.00
C ILE D 626 12.31 -1.93 30.40
N ASP D 627 12.98 -1.27 31.37
CA ASP D 627 12.48 -1.26 32.73
C ASP D 627 11.13 -0.57 32.84
N ASP D 628 10.82 0.34 31.92
CA ASP D 628 9.56 1.07 32.00
C ASP D 628 8.35 0.17 31.81
N MET D 629 8.54 -1.03 31.27
CA MET D 629 7.48 -2.03 31.20
C MET D 629 7.63 -2.99 32.37
N VAL D 630 6.50 -3.31 33.01
CA VAL D 630 6.48 -4.13 34.22
C VAL D 630 5.61 -5.36 33.96
N ILE D 631 6.12 -6.52 34.37
CA ILE D 631 5.41 -7.78 34.25
C ILE D 631 5.01 -8.20 35.66
N PRO D 632 3.72 -8.15 36.03
CA PRO D 632 3.33 -8.60 37.37
C PRO D 632 3.72 -10.05 37.62
N GLU D 633 4.21 -10.31 38.82
CA GLU D 633 4.57 -11.67 39.21
C GLU D 633 3.36 -12.60 39.15
N LYS D 634 2.15 -12.08 39.34
CA LYS D 634 0.96 -12.92 39.26
C LYS D 634 0.78 -13.53 37.89
N LYS D 635 1.40 -12.95 36.86
CA LYS D 635 1.38 -13.58 35.55
C LYS D 635 1.90 -15.01 35.62
N HIS D 636 3.02 -15.21 36.32
CA HIS D 636 3.51 -16.57 36.55
C HIS D 636 2.45 -17.41 37.24
N GLU D 637 1.90 -16.90 38.34
CA GLU D 637 0.91 -17.66 39.09
C GLU D 637 -0.36 -17.89 38.28
N ILE D 638 -0.82 -16.86 37.57
CA ILE D 638 -2.04 -17.01 36.77
C ILE D 638 -1.84 -18.03 35.68
N ILE D 639 -0.68 -18.00 35.03
CA ILE D 639 -0.39 -18.98 33.99
C ILE D 639 -0.30 -20.37 34.57
N SER D 640 0.28 -20.51 35.76
CA SER D 640 0.33 -21.81 36.42
C SER D 640 -1.05 -22.35 36.69
N GLU D 641 -1.94 -21.49 37.22
CA GLU D 641 -3.31 -21.91 37.48
C GLU D 641 -4.01 -22.30 36.19
N ALA D 642 -3.82 -21.53 35.12
CA ALA D 642 -4.45 -21.86 33.85
C ALA D 642 -3.95 -23.19 33.31
N GLU D 643 -2.64 -23.44 33.44
CA GLU D 643 -2.08 -24.71 32.99
C GLU D 643 -2.68 -25.87 33.79
N ALA D 644 -2.78 -25.70 35.10
CA ALA D 644 -3.38 -26.74 35.91
C ALA D 644 -4.83 -26.98 35.51
N GLU D 645 -5.58 -25.90 35.28
CA GLU D 645 -6.99 -26.05 34.92
C GLU D 645 -7.15 -26.75 33.58
N VAL D 646 -6.35 -26.38 32.58
CA VAL D 646 -6.48 -26.99 31.27
C VAL D 646 -6.08 -28.45 31.33
N ALA D 647 -5.05 -28.77 32.13
CA ALA D 647 -4.69 -30.18 32.32
C ALA D 647 -5.83 -30.95 32.96
N GLU D 648 -6.47 -30.34 33.97
CA GLU D 648 -7.60 -30.99 34.62
C GLU D 648 -8.74 -31.26 33.64
N ILE D 649 -9.06 -30.27 32.82
CA ILE D 649 -10.16 -30.43 31.87
C ILE D 649 -9.81 -31.46 30.80
N GLN D 650 -8.56 -31.46 30.35
CA GLN D 650 -8.14 -32.48 29.38
C GLN D 650 -8.23 -33.87 29.98
N GLU D 651 -7.84 -34.03 31.24
CA GLU D 651 -7.99 -35.32 31.90
C GLU D 651 -9.45 -35.70 32.03
N GLN D 652 -10.31 -34.72 32.35
CA GLN D 652 -11.75 -34.99 32.41
C GLN D 652 -12.26 -35.50 31.08
N PHE D 653 -11.79 -34.89 29.98
CA PHE D 653 -12.13 -35.42 28.66
C PHE D 653 -11.61 -36.83 28.49
N GLN D 654 -10.38 -37.08 28.94
CA GLN D 654 -9.83 -38.43 28.91
C GLN D 654 -10.67 -39.38 29.76
N SER D 655 -11.20 -38.89 30.88
CA SER D 655 -12.14 -39.67 31.68
C SER D 655 -13.48 -39.87 30.98
N GLY D 656 -13.74 -39.14 29.89
CA GLY D 656 -14.95 -39.31 29.14
C GLY D 656 -16.13 -38.50 29.62
N LEU D 657 -15.96 -37.70 30.68
CA LEU D 657 -17.07 -36.88 31.17
C LEU D 657 -17.51 -35.88 30.12
N VAL D 658 -16.56 -35.30 29.38
CA VAL D 658 -16.83 -34.22 28.45
C VAL D 658 -16.32 -34.62 27.07
N THR D 659 -16.73 -33.84 26.06
CA THR D 659 -16.36 -34.08 24.68
C THR D 659 -15.15 -33.24 24.29
N ALA D 660 -14.58 -33.57 23.14
CA ALA D 660 -13.44 -32.80 22.63
C ALA D 660 -13.85 -31.36 22.35
N GLY D 661 -15.01 -31.17 21.70
CA GLY D 661 -15.47 -29.82 21.45
C GLY D 661 -15.72 -29.05 22.74
N GLU D 662 -16.43 -29.67 23.68
CA GLU D 662 -16.69 -29.01 24.96
C GLU D 662 -15.38 -28.80 25.72
N ARG D 663 -14.49 -29.79 25.68
CA ARG D 663 -13.19 -29.64 26.32
C ARG D 663 -12.48 -28.40 25.79
N TYR D 664 -12.41 -28.27 24.47
CA TYR D 664 -11.73 -27.14 23.85
C TYR D 664 -12.41 -25.83 24.21
N ASN D 665 -13.74 -25.81 24.19
CA ASN D 665 -14.47 -24.59 24.52
C ASN D 665 -14.17 -24.14 25.94
N LYS D 666 -14.26 -25.07 26.89
CA LYS D 666 -13.96 -24.71 28.28
C LYS D 666 -12.52 -24.27 28.43
N VAL D 667 -11.60 -24.93 27.71
CA VAL D 667 -10.19 -24.58 27.80
C VAL D 667 -9.97 -23.14 27.35
N ILE D 668 -10.55 -22.78 26.20
CA ILE D 668 -10.36 -21.41 25.72
C ILE D 668 -11.04 -20.43 26.65
N ASP D 669 -12.17 -20.81 27.24
CA ASP D 669 -12.83 -19.92 28.19
C ASP D 669 -11.93 -19.63 29.39
N ILE D 670 -11.35 -20.67 29.97
CA ILE D 670 -10.51 -20.45 31.15
C ILE D 670 -9.25 -19.70 30.77
N TRP D 671 -8.71 -19.96 29.58
CA TRP D 671 -7.55 -19.20 29.13
C TRP D 671 -7.88 -17.72 28.99
N ALA D 672 -9.03 -17.41 28.40
CA ALA D 672 -9.44 -16.01 28.26
C ALA D 672 -9.63 -15.37 29.62
N ALA D 673 -10.24 -16.10 30.57
CA ALA D 673 -10.43 -15.54 31.90
C ALA D 673 -9.10 -15.26 32.58
N ALA D 674 -8.14 -16.19 32.44
CA ALA D 674 -6.82 -15.96 33.00
C ALA D 674 -6.16 -14.74 32.36
N ASN D 675 -6.32 -14.59 31.05
CA ASN D 675 -5.78 -13.42 30.38
C ASN D 675 -6.42 -12.14 30.90
N ASP D 676 -7.72 -12.16 31.16
CA ASP D 676 -8.38 -11.00 31.72
C ASP D 676 -7.83 -10.69 33.10
N ARG D 677 -7.59 -11.72 33.90
CA ARG D 677 -6.97 -11.51 35.21
C ARG D 677 -5.60 -10.86 35.05
N VAL D 678 -4.81 -11.35 34.10
CA VAL D 678 -3.49 -10.77 33.87
C VAL D 678 -3.61 -9.32 33.44
N SER D 679 -4.59 -9.02 32.58
CA SER D 679 -4.79 -7.66 32.13
C SER D 679 -5.13 -6.74 33.29
N LYS D 680 -6.03 -7.18 34.15
CA LYS D 680 -6.38 -6.38 35.33
C LYS D 680 -5.17 -6.17 36.22
N ALA D 681 -4.40 -7.25 36.46
CA ALA D 681 -3.25 -7.16 37.33
C ALA D 681 -2.22 -6.18 36.80
N MET D 682 -1.90 -6.28 35.51
CA MET D 682 -0.89 -5.39 34.93
C MET D 682 -1.41 -3.96 34.87
N MET D 683 -2.70 -3.77 34.58
CA MET D 683 -3.21 -2.41 34.51
C MET D 683 -3.17 -1.76 35.89
N ASP D 684 -3.51 -2.51 36.94
CA ASP D 684 -3.36 -1.99 38.29
C ASP D 684 -1.90 -1.69 38.59
N ASN D 685 -1.01 -2.60 38.21
CA ASN D 685 0.42 -2.38 38.41
C ASN D 685 0.90 -1.13 37.69
N LEU D 686 0.25 -0.77 36.58
CA LEU D 686 0.73 0.32 35.75
C LEU D 686 0.18 1.66 36.22
N GLN D 687 -1.15 1.76 36.32
CA GLN D 687 -1.78 3.07 36.44
C GLN D 687 -1.38 3.81 37.71
N THR D 688 -1.33 3.12 38.85
CA THR D 688 -1.10 3.77 40.14
C THR D 688 0.21 3.32 40.78
N GLU D 689 1.19 2.96 39.95
CA GLU D 689 2.45 2.46 40.50
C GLU D 689 3.16 3.51 41.34
N THR D 690 3.02 4.78 40.99
CA THR D 690 3.69 5.83 41.76
C THR D 690 3.12 5.84 43.17
N VAL D 691 3.91 5.30 44.10
CA VAL D 691 3.61 5.33 45.52
C VAL D 691 4.79 6.01 46.20
N ILE D 692 4.53 7.12 46.89
CA ILE D 692 5.58 7.99 47.38
C ILE D 692 5.08 8.75 48.60
N ASN D 693 6.02 9.32 49.35
CA ASN D 693 5.69 10.26 50.40
C ASN D 693 4.89 11.43 49.82
N ARG D 694 4.02 12.00 50.66
CA ARG D 694 3.12 13.06 50.25
C ARG D 694 3.61 14.43 50.69
N ASP D 695 4.85 14.51 51.15
CA ASP D 695 5.45 15.40 52.16
C ASP D 695 5.19 14.83 53.56
N GLY D 696 4.49 13.69 53.67
CA GLY D 696 4.27 13.03 54.93
C GLY D 696 4.87 11.63 54.93
N GLN D 697 4.02 10.61 54.99
CA GLN D 697 4.48 9.22 55.00
C GLN D 697 4.48 8.61 53.61
N GLU D 698 3.31 8.56 52.96
CA GLU D 698 3.17 7.76 51.76
C GLU D 698 1.84 8.10 51.10
N GLU D 699 1.83 8.05 49.77
CA GLU D 699 0.60 8.18 49.00
C GLU D 699 0.80 7.51 47.65
N LYS D 700 -0.28 7.00 47.09
CA LYS D 700 -0.29 6.41 45.76
C LYS D 700 -1.06 7.31 44.81
N GLN D 701 -0.43 7.70 43.70
CA GLN D 701 -1.04 8.54 42.69
C GLN D 701 -0.95 7.86 41.33
N VAL D 702 -1.53 8.51 40.32
CA VAL D 702 -1.43 8.00 38.96
C VAL D 702 0.03 7.95 38.55
N SER D 703 0.38 6.90 37.80
CA SER D 703 1.78 6.60 37.56
C SER D 703 2.37 7.49 36.47
N PHE D 704 3.66 7.78 36.60
CA PHE D 704 4.40 8.58 35.65
C PHE D 704 5.32 7.75 34.77
N ASN D 705 5.12 6.44 34.73
CA ASN D 705 5.78 5.62 33.73
C ASN D 705 5.40 6.08 32.33
N SER D 706 6.37 6.06 31.42
CA SER D 706 6.17 6.62 30.09
C SER D 706 5.06 5.90 29.35
N ILE D 707 4.98 4.58 29.50
CA ILE D 707 4.01 3.82 28.70
C ILE D 707 2.59 4.15 29.11
N TYR D 708 2.33 4.26 30.42
CA TYR D 708 0.98 4.62 30.84
C TYR D 708 0.65 6.05 30.47
N MET D 709 1.63 6.96 30.55
CA MET D 709 1.39 8.31 30.09
C MET D 709 1.01 8.30 28.61
N MET D 710 1.71 7.49 27.82
CA MET D 710 1.42 7.39 26.39
C MET D 710 0.01 6.86 26.17
N ALA D 711 -0.32 5.73 26.80
CA ALA D 711 -1.61 5.10 26.54
C ALA D 711 -2.76 5.98 27.05
N ASP D 712 -2.68 6.40 28.32
CA ASP D 712 -3.77 7.18 28.89
C ASP D 712 -3.92 8.52 28.17
N SER D 713 -2.80 9.13 27.78
CA SER D 713 -2.87 10.34 26.98
C SER D 713 -3.56 10.10 25.64
N GLY D 714 -3.65 8.85 25.20
CA GLY D 714 -4.19 8.57 23.88
C GLY D 714 -3.30 9.02 22.76
N ALA D 715 -2.01 9.24 23.02
CA ALA D 715 -1.09 9.63 21.95
C ALA D 715 -1.06 8.58 20.86
N ARG D 716 -0.93 7.31 21.25
CA ARG D 716 -0.94 6.21 20.30
C ARG D 716 -1.45 4.97 21.03
N GLY D 717 -1.67 3.90 20.25
CA GLY D 717 -1.98 2.63 20.83
C GLY D 717 -3.33 2.61 21.56
N SER D 718 -3.48 1.58 22.38
CA SER D 718 -4.70 1.38 23.16
C SER D 718 -4.38 0.41 24.29
N ALA D 719 -5.42 0.00 25.02
CA ALA D 719 -5.23 -0.97 26.10
C ALA D 719 -4.72 -2.29 25.55
N ALA D 720 -5.21 -2.71 24.38
CA ALA D 720 -4.84 -4.01 23.84
C ALA D 720 -3.35 -4.08 23.53
N GLN D 721 -2.79 -3.01 22.96
CA GLN D 721 -1.37 -3.06 22.59
C GLN D 721 -0.48 -3.07 23.82
N ILE D 722 -0.79 -2.23 24.82
CA ILE D 722 -0.03 -2.27 26.06
C ILE D 722 -0.21 -3.64 26.73
N ARG D 723 -1.40 -4.22 26.62
CA ARG D 723 -1.58 -5.59 27.08
C ARG D 723 -0.64 -6.53 26.38
N GLN D 724 -0.50 -6.39 25.06
CA GLN D 724 0.46 -7.20 24.32
C GLN D 724 1.88 -6.93 24.82
N LEU D 725 2.22 -5.65 25.02
CA LEU D 725 3.58 -5.31 25.40
C LEU D 725 3.95 -5.93 26.74
N ALA D 726 3.12 -5.70 27.76
CA ALA D 726 3.43 -6.23 29.09
C ALA D 726 3.03 -7.70 29.19
N GLY D 727 1.74 -7.97 29.05
CA GLY D 727 1.21 -9.31 29.28
C GLY D 727 1.11 -10.13 28.01
N MET D 728 0.46 -11.28 28.15
CA MET D 728 0.24 -12.17 27.03
C MET D 728 -0.57 -11.46 25.95
N ARG D 729 -0.25 -11.76 24.69
CA ARG D 729 -1.01 -11.20 23.57
C ARG D 729 -2.17 -12.11 23.18
N GLY D 730 -2.95 -12.53 24.17
CA GLY D 730 -4.23 -13.16 23.97
C GLY D 730 -4.14 -14.44 23.15
N LEU D 731 -5.25 -14.71 22.45
CA LEU D 731 -5.42 -15.94 21.67
C LEU D 731 -5.40 -15.59 20.20
N MET D 732 -4.59 -16.30 19.42
CA MET D 732 -4.50 -16.11 17.98
C MET D 732 -5.39 -17.12 17.27
N ALA D 733 -5.95 -16.69 16.14
CA ALA D 733 -6.71 -17.57 15.28
C ALA D 733 -5.79 -18.21 14.24
N LYS D 734 -6.34 -19.16 13.50
CA LYS D 734 -5.64 -19.86 12.44
C LYS D 734 -6.07 -19.30 11.09
N PRO D 735 -5.38 -19.68 10.00
CA PRO D 735 -5.82 -19.22 8.67
C PRO D 735 -7.26 -19.56 8.38
N ASP D 736 -7.75 -20.69 8.87
CA ASP D 736 -9.17 -21.00 8.78
C ASP D 736 -10.03 -20.06 9.59
N GLY D 737 -9.45 -19.26 10.49
CA GLY D 737 -10.18 -18.31 11.28
C GLY D 737 -10.63 -18.82 12.63
N SER D 738 -10.49 -20.13 12.89
CA SER D 738 -10.90 -20.69 14.17
C SER D 738 -9.87 -20.32 15.24
N ILE D 739 -10.36 -19.87 16.39
CA ILE D 739 -9.45 -19.47 17.47
C ILE D 739 -8.69 -20.68 17.96
N ILE D 740 -7.39 -20.50 18.21
CA ILE D 740 -6.50 -21.61 18.54
C ILE D 740 -6.60 -21.89 20.03
N GLU D 741 -6.54 -23.18 20.39
CA GLU D 741 -6.76 -23.57 21.78
C GLU D 741 -5.68 -23.00 22.69
N THR D 742 -4.44 -22.99 22.23
CA THR D 742 -3.32 -22.57 23.07
C THR D 742 -3.08 -21.08 22.87
N PRO D 743 -3.26 -20.23 23.89
CA PRO D 743 -2.98 -18.80 23.69
C PRO D 743 -1.49 -18.51 23.61
N ILE D 744 -1.14 -17.23 23.53
CA ILE D 744 0.25 -16.82 23.46
C ILE D 744 0.68 -16.57 24.90
N THR D 745 1.10 -17.65 25.57
CA THR D 745 1.40 -17.57 27.00
C THR D 745 2.46 -16.52 27.29
N ALA D 746 3.45 -16.38 26.41
CA ALA D 746 4.52 -15.43 26.64
C ALA D 746 4.06 -14.02 26.27
N ASN D 747 4.91 -13.03 26.58
CA ASN D 747 4.66 -11.64 26.29
C ASN D 747 5.85 -11.08 25.54
N PHE D 748 5.65 -9.92 24.90
CA PHE D 748 6.69 -9.34 24.05
C PHE D 748 7.93 -8.99 24.85
N ARG D 749 7.75 -8.48 26.07
CA ARG D 749 8.90 -8.06 26.87
C ARG D 749 9.85 -9.23 27.12
N GLU D 750 9.31 -10.41 27.43
CA GLU D 750 10.11 -11.61 27.40
C GLU D 750 10.15 -12.18 25.99
N GLY D 751 11.00 -13.18 25.80
CA GLY D 751 11.10 -13.81 24.49
C GLY D 751 9.85 -14.58 24.13
N LEU D 752 9.62 -14.70 22.83
CA LEU D 752 8.52 -15.47 22.28
C LEU D 752 9.08 -16.71 21.60
N ASN D 753 8.51 -17.87 21.92
CA ASN D 753 9.03 -19.11 21.36
C ASN D 753 8.81 -19.14 19.85
N VAL D 754 9.36 -20.18 19.21
CA VAL D 754 9.22 -20.32 17.78
C VAL D 754 7.75 -20.39 17.39
N LEU D 755 6.97 -21.16 18.14
CA LEU D 755 5.61 -21.49 17.72
C LEU D 755 4.70 -20.27 17.86
N GLN D 756 4.79 -19.57 18.98
CA GLN D 756 3.95 -18.40 19.19
C GLN D 756 4.24 -17.34 18.13
N TYR D 757 5.52 -17.11 17.84
CA TYR D 757 5.86 -16.16 16.79
C TYR D 757 5.34 -16.64 15.44
N PHE D 758 5.41 -17.94 15.20
CA PHE D 758 4.94 -18.51 13.94
C PHE D 758 3.44 -18.26 13.75
N ILE D 759 2.66 -18.52 14.79
CA ILE D 759 1.21 -18.31 14.71
C ILE D 759 0.89 -16.82 14.60
N SER D 760 1.58 -15.99 15.38
CA SER D 760 1.38 -14.55 15.26
C SER D 760 1.69 -14.08 13.85
N THR D 761 2.66 -14.72 13.19
CA THR D 761 2.97 -14.35 11.82
C THR D 761 1.84 -14.76 10.87
N HIS D 762 1.27 -15.96 11.07
CA HIS D 762 0.06 -16.30 10.33
C HIS D 762 -0.97 -15.19 10.44
N GLY D 763 -1.26 -14.78 11.67
CA GLY D 763 -2.29 -13.77 11.86
C GLY D 763 -1.93 -12.44 11.20
N ALA D 764 -0.70 -11.98 11.42
CA ALA D 764 -0.29 -10.69 10.89
C ALA D 764 -0.29 -10.68 9.37
N ARG D 765 0.20 -11.74 8.74
CA ARG D 765 0.20 -11.80 7.29
C ARG D 765 -1.22 -11.85 6.74
N LYS D 766 -2.10 -12.60 7.41
CA LYS D 766 -3.51 -12.56 7.03
C LYS D 766 -4.01 -11.13 7.07
N GLY D 767 -3.69 -10.41 8.14
CA GLY D 767 -4.11 -9.02 8.24
C GLY D 767 -3.56 -8.16 7.13
N LEU D 768 -2.29 -8.37 6.76
CA LEU D 768 -1.68 -7.56 5.72
C LEU D 768 -2.33 -7.79 4.36
N ALA D 769 -2.51 -9.06 3.99
CA ALA D 769 -3.16 -9.36 2.72
C ALA D 769 -4.59 -8.83 2.71
N ASP D 770 -5.29 -8.97 3.85
CA ASP D 770 -6.63 -8.43 3.95
C ASP D 770 -6.62 -6.92 3.78
N THR D 771 -5.60 -6.24 4.32
CA THR D 771 -5.51 -4.79 4.16
C THR D 771 -5.34 -4.42 2.70
N ALA D 772 -4.49 -5.15 1.98
CA ALA D 772 -4.31 -4.85 0.56
C ALA D 772 -5.61 -5.04 -0.21
N LEU D 773 -6.27 -6.19 0.01
CA LEU D 773 -7.54 -6.45 -0.67
C LEU D 773 -8.59 -5.40 -0.31
N LYS D 774 -8.65 -5.03 0.97
CA LYS D 774 -9.59 -4.02 1.42
C LYS D 774 -9.30 -2.68 0.77
N THR D 775 -8.02 -2.35 0.61
CA THR D 775 -7.65 -1.11 -0.09
C THR D 775 -8.22 -1.11 -1.50
N ALA D 776 -7.98 -2.19 -2.24
CA ALA D 776 -8.47 -2.25 -3.61
C ALA D 776 -9.99 -2.17 -3.66
N ASN D 777 -10.66 -2.94 -2.81
CA ASN D 777 -12.12 -2.98 -2.82
C ASN D 777 -12.70 -1.63 -2.41
N SER D 778 -12.11 -0.97 -1.41
CA SER D 778 -12.58 0.34 -1.01
C SER D 778 -12.42 1.34 -2.14
N GLY D 779 -11.29 1.29 -2.86
CA GLY D 779 -11.13 2.17 -4.00
C GLY D 779 -12.21 1.96 -5.04
N TYR D 780 -12.48 0.70 -5.38
CA TYR D 780 -13.49 0.42 -6.39
C TYR D 780 -14.87 0.87 -5.93
N LEU D 781 -15.22 0.58 -4.68
CA LEU D 781 -16.53 0.96 -4.18
C LEU D 781 -16.67 2.47 -4.15
N THR D 782 -15.61 3.18 -3.76
CA THR D 782 -15.63 4.64 -3.77
C THR D 782 -15.84 5.16 -5.18
N ARG D 783 -15.18 4.55 -6.16
CA ARG D 783 -15.42 4.90 -7.55
C ARG D 783 -16.90 4.77 -7.89
N ARG D 784 -17.51 3.66 -7.49
CA ARG D 784 -18.94 3.48 -7.76
C ARG D 784 -19.76 4.58 -7.10
N LEU D 785 -19.48 4.86 -5.83
CA LEU D 785 -20.28 5.83 -5.09
C LEU D 785 -20.17 7.22 -5.71
N VAL D 786 -18.98 7.61 -6.15
CA VAL D 786 -18.86 8.93 -6.77
C VAL D 786 -19.60 8.96 -8.09
N ASP D 787 -19.41 7.94 -8.93
CA ASP D 787 -19.99 8.03 -10.26
C ASP D 787 -21.51 7.94 -10.25
N VAL D 788 -22.10 7.26 -9.28
CA VAL D 788 -23.56 7.25 -9.18
C VAL D 788 -24.08 8.62 -8.78
N ALA D 789 -23.35 9.36 -7.95
CA ALA D 789 -23.85 10.58 -7.33
C ALA D 789 -23.21 11.83 -7.93
N GLN D 790 -22.63 11.72 -9.13
CA GLN D 790 -21.96 12.87 -9.72
C GLN D 790 -22.91 14.02 -10.01
N ASP D 791 -24.19 13.72 -10.28
CA ASP D 791 -25.09 14.72 -10.81
C ASP D 791 -25.58 15.70 -9.75
N LEU D 792 -25.91 15.21 -8.56
CA LEU D 792 -26.75 15.99 -7.64
C LEU D 792 -26.05 17.27 -7.21
N VAL D 793 -26.83 18.35 -7.15
CA VAL D 793 -26.32 19.68 -6.80
C VAL D 793 -27.44 20.44 -6.10
N VAL D 794 -27.04 21.34 -5.21
CA VAL D 794 -27.98 22.27 -4.59
C VAL D 794 -28.28 23.39 -5.57
N THR D 795 -29.57 23.62 -5.81
CA THR D 795 -30.01 24.65 -6.74
C THR D 795 -31.05 25.61 -6.18
N GLU D 796 -31.78 25.21 -5.13
CA GLU D 796 -32.82 26.03 -4.54
C GLU D 796 -32.58 26.13 -3.04
N ASP D 797 -33.01 27.25 -2.45
CA ASP D 797 -32.91 27.41 -1.01
C ASP D 797 -33.93 26.54 -0.29
N ASP D 798 -35.21 26.69 -0.64
CA ASP D 798 -36.29 26.07 0.11
C ASP D 798 -37.30 25.48 -0.85
N CYS D 799 -37.62 24.19 -0.65
CA CYS D 799 -38.71 23.56 -1.39
C CYS D 799 -40.08 23.96 -0.86
N GLY D 800 -40.14 24.60 0.30
CA GLY D 800 -41.41 24.95 0.90
C GLY D 800 -42.24 23.73 1.27
N THR D 801 -41.60 22.63 1.62
CA THR D 801 -42.27 21.40 1.98
C THR D 801 -42.47 21.32 3.49
N HIS D 802 -43.63 20.80 3.88
CA HIS D 802 -43.94 20.57 5.28
C HIS D 802 -43.51 19.21 5.77
N GLU D 803 -42.95 18.37 4.90
CA GLU D 803 -42.79 16.95 5.17
C GLU D 803 -41.32 16.60 5.35
N GLY D 804 -41.04 15.81 6.38
CA GLY D 804 -39.68 15.42 6.68
C GLY D 804 -39.65 14.12 7.46
N ILE D 805 -38.44 13.70 7.79
CA ILE D 805 -38.22 12.47 8.53
C ILE D 805 -38.43 12.70 10.02
N MET D 806 -38.49 11.62 10.79
CA MET D 806 -38.52 11.67 12.24
C MET D 806 -37.22 11.10 12.79
N MET D 807 -36.59 11.81 13.72
CA MET D 807 -35.29 11.45 14.25
C MET D 807 -35.40 11.26 15.75
N THR D 808 -34.83 10.18 16.24
CA THR D 808 -34.86 9.77 17.63
C THR D 808 -33.53 9.12 17.96
N PRO D 809 -33.18 9.03 19.25
CA PRO D 809 -31.99 8.26 19.61
C PRO D 809 -32.15 6.80 19.22
N VAL D 810 -31.03 6.08 19.24
CA VAL D 810 -30.96 4.70 18.74
C VAL D 810 -30.50 3.78 19.86
N ILE D 811 -31.28 2.74 20.12
CA ILE D 811 -30.95 1.70 21.10
C ILE D 811 -31.16 0.35 20.43
N GLU D 812 -30.09 -0.44 20.32
CA GLU D 812 -30.16 -1.75 19.68
C GLU D 812 -30.84 -2.80 20.55
N GLY D 813 -31.08 -2.50 21.82
CA GLY D 813 -31.42 -3.50 22.80
C GLY D 813 -30.41 -3.47 23.93
N GLY D 814 -29.84 -2.29 24.17
CA GLY D 814 -28.86 -2.08 25.21
C GLY D 814 -28.68 -0.59 25.46
N ASP D 815 -27.44 -0.16 25.62
CA ASP D 815 -27.16 1.26 25.76
C ASP D 815 -27.52 2.00 24.49
N VAL D 816 -27.98 3.25 24.67
CA VAL D 816 -28.16 4.13 23.52
C VAL D 816 -26.81 4.34 22.86
N LYS D 817 -26.77 4.13 21.55
CA LYS D 817 -25.51 4.13 20.81
C LYS D 817 -25.20 5.46 20.14
N GLU D 818 -26.23 6.22 19.75
CA GLU D 818 -26.04 7.55 19.19
C GLU D 818 -27.14 8.46 19.74
N PRO D 819 -26.82 9.59 20.35
CA PRO D 819 -27.87 10.42 20.95
C PRO D 819 -28.59 11.26 19.91
N LEU D 820 -29.63 11.95 20.38
CA LEU D 820 -30.40 12.82 19.50
C LEU D 820 -29.63 14.07 19.10
N ARG D 821 -28.77 14.58 20.00
CA ARG D 821 -28.05 15.81 19.70
C ARG D 821 -27.21 15.64 18.44
N ASP D 822 -26.47 14.54 18.34
CA ASP D 822 -25.60 14.34 17.19
C ASP D 822 -26.41 14.16 15.91
N ARG D 823 -27.46 13.34 15.95
CA ARG D 823 -28.21 13.07 14.74
C ARG D 823 -28.95 14.30 14.23
N VAL D 824 -29.36 15.21 15.14
CA VAL D 824 -30.21 16.32 14.74
C VAL D 824 -29.44 17.61 14.45
N LEU D 825 -28.16 17.68 14.79
CA LEU D 825 -27.47 18.97 14.77
C LEU D 825 -27.42 19.53 13.35
N GLY D 826 -27.48 20.86 13.26
CA GLY D 826 -27.30 21.54 12.00
C GLY D 826 -28.39 21.33 10.98
N ARG D 827 -29.52 20.75 11.39
CA ARG D 827 -30.58 20.38 10.46
C ARG D 827 -31.81 21.23 10.72
N VAL D 828 -32.48 21.65 9.64
CA VAL D 828 -33.65 22.51 9.76
C VAL D 828 -34.87 21.64 10.08
N THR D 829 -35.56 22.00 11.15
CA THR D 829 -36.75 21.26 11.54
C THR D 829 -37.85 21.39 10.49
N ALA D 830 -38.60 20.30 10.28
CA ALA D 830 -39.73 20.30 9.37
C ALA D 830 -41.00 20.72 10.11
N GLU D 831 -41.24 20.15 11.28
CA GLU D 831 -42.30 20.56 12.18
C GLU D 831 -41.70 21.16 13.44
N ASP D 832 -42.40 22.14 14.00
CA ASP D 832 -41.95 22.76 15.23
C ASP D 832 -41.84 21.73 16.34
N VAL D 833 -41.08 22.07 17.37
CA VAL D 833 -40.86 21.17 18.50
C VAL D 833 -41.93 21.45 19.54
N LEU D 834 -42.62 20.38 19.93
CA LEU D 834 -43.68 20.45 20.94
C LEU D 834 -43.15 19.81 22.22
N LYS D 835 -42.72 20.66 23.16
CA LYS D 835 -42.26 20.17 24.44
C LYS D 835 -43.43 19.51 25.18
N PRO D 836 -43.13 18.62 26.16
CA PRO D 836 -44.23 18.14 27.03
C PRO D 836 -44.62 19.14 28.10
N GLY D 837 -44.68 20.42 27.74
CA GLY D 837 -45.44 21.43 28.44
C GLY D 837 -46.58 21.75 27.51
N THR D 838 -47.21 20.69 27.00
CA THR D 838 -47.96 20.67 25.74
C THR D 838 -48.80 21.91 25.52
N ALA D 839 -48.95 22.28 24.24
CA ALA D 839 -49.31 23.63 23.80
C ALA D 839 -48.12 24.58 23.98
N ASP D 840 -46.93 24.08 23.63
CA ASP D 840 -45.70 24.87 23.64
C ASP D 840 -45.00 24.68 22.30
N ILE D 841 -44.85 25.77 21.55
CA ILE D 841 -44.05 25.76 20.32
C ILE D 841 -42.62 26.04 20.76
N LEU D 842 -41.90 24.96 21.12
CA LEU D 842 -40.58 25.13 21.71
C LEU D 842 -39.63 25.82 20.76
N VAL D 843 -39.67 25.46 19.48
CA VAL D 843 -38.90 26.15 18.45
C VAL D 843 -39.78 26.34 17.23
N PRO D 844 -39.41 27.28 16.36
CA PRO D 844 -40.20 27.50 15.13
C PRO D 844 -40.23 26.25 14.25
N ARG D 845 -40.99 26.35 13.17
CA ARG D 845 -41.31 25.19 12.36
C ARG D 845 -40.26 24.91 11.29
N ASN D 846 -39.53 25.92 10.84
CA ASN D 846 -38.63 25.78 9.69
C ASN D 846 -37.30 26.47 9.96
N THR D 847 -36.71 26.21 11.12
CA THR D 847 -35.49 26.86 11.56
C THR D 847 -34.36 25.85 11.72
N LEU D 848 -33.14 26.33 11.48
CA LEU D 848 -31.95 25.50 11.65
C LEU D 848 -31.71 25.23 13.13
N LEU D 849 -31.13 24.06 13.42
CA LEU D 849 -30.85 23.62 14.77
C LEU D 849 -29.34 23.49 14.93
N HIS D 850 -28.72 24.49 15.54
CA HIS D 850 -27.30 24.46 15.86
C HIS D 850 -27.14 24.19 17.36
N GLU D 851 -25.88 24.26 17.83
CA GLU D 851 -25.53 23.62 19.09
C GLU D 851 -26.31 24.18 20.27
N GLN D 852 -26.50 25.51 20.31
CA GLN D 852 -27.27 26.09 21.41
C GLN D 852 -28.71 25.58 21.40
N TRP D 853 -29.32 25.55 20.22
CA TRP D 853 -30.68 25.05 20.12
C TRP D 853 -30.75 23.57 20.46
N CYS D 854 -29.76 22.80 20.00
CA CYS D 854 -29.74 21.38 20.31
C CYS D 854 -29.62 21.13 21.80
N ASP D 855 -28.78 21.91 22.49
CA ASP D 855 -28.64 21.75 23.93
C ASP D 855 -29.92 22.18 24.65
N LEU D 856 -30.57 23.24 24.15
CA LEU D 856 -31.89 23.60 24.67
C LEU D 856 -32.84 22.42 24.58
N LEU D 857 -32.87 21.76 23.42
CA LEU D 857 -33.72 20.60 23.26
C LEU D 857 -33.33 19.49 24.22
N GLU D 858 -32.02 19.25 24.36
CA GLU D 858 -31.55 18.17 25.20
C GLU D 858 -31.95 18.37 26.65
N GLU D 859 -31.70 19.56 27.19
CA GLU D 859 -32.15 19.84 28.56
C GLU D 859 -33.67 19.86 28.65
N ASN D 860 -34.36 20.21 27.57
CA ASN D 860 -35.80 20.08 27.52
C ASN D 860 -36.26 18.64 27.40
N SER D 861 -35.34 17.71 27.15
CA SER D 861 -35.66 16.28 27.10
C SER D 861 -36.55 15.96 25.91
N VAL D 862 -36.25 16.56 24.77
CA VAL D 862 -36.98 16.28 23.54
C VAL D 862 -36.45 14.98 22.96
N ASP D 863 -37.35 14.02 22.74
CA ASP D 863 -36.98 12.65 22.41
C ASP D 863 -37.11 12.32 20.93
N ALA D 864 -38.18 12.78 20.28
CA ALA D 864 -38.40 12.55 18.87
C ALA D 864 -38.69 13.89 18.21
N VAL D 865 -38.00 14.17 17.11
CA VAL D 865 -38.11 15.46 16.43
C VAL D 865 -38.30 15.23 14.95
N LYS D 866 -39.29 15.89 14.36
CA LYS D 866 -39.53 15.79 12.93
C LYS D 866 -38.72 16.87 12.23
N VAL D 867 -37.78 16.44 11.40
CA VAL D 867 -36.79 17.32 10.80
C VAL D 867 -36.84 17.19 9.29
N ARG D 868 -36.44 18.26 8.61
CA ARG D 868 -36.37 18.22 7.15
C ARG D 868 -35.27 17.27 6.69
N SER D 869 -35.49 16.68 5.52
CA SER D 869 -34.52 15.77 4.93
C SER D 869 -34.48 15.98 3.41
N VAL D 870 -33.36 15.59 2.82
CA VAL D 870 -33.18 15.77 1.39
C VAL D 870 -34.12 14.87 0.60
N VAL D 871 -34.37 13.66 1.12
CA VAL D 871 -35.25 12.73 0.41
C VAL D 871 -36.65 13.32 0.27
N SER D 872 -37.10 14.06 1.29
CA SER D 872 -38.39 14.73 1.24
C SER D 872 -38.36 16.02 0.44
N CYS D 873 -37.21 16.39 -0.10
CA CYS D 873 -37.11 17.65 -0.84
C CYS D 873 -37.97 17.60 -2.09
N ASP D 874 -38.69 18.69 -2.36
CA ASP D 874 -39.51 18.84 -3.54
C ASP D 874 -38.84 19.76 -4.56
N THR D 875 -37.52 19.67 -4.66
CA THR D 875 -36.78 20.45 -5.64
C THR D 875 -36.79 19.74 -6.98
N ASP D 876 -37.25 20.44 -8.01
CA ASP D 876 -37.21 19.91 -9.37
C ASP D 876 -35.79 20.00 -9.90
N PHE D 877 -35.18 18.85 -10.18
CA PHE D 877 -33.85 18.80 -10.77
C PHE D 877 -32.82 19.45 -9.84
N GLY D 878 -32.77 18.95 -8.63
CA GLY D 878 -31.85 19.47 -7.62
C GLY D 878 -32.36 19.16 -6.23
N VAL D 879 -31.90 19.96 -5.27
CA VAL D 879 -32.26 19.80 -3.87
C VAL D 879 -32.41 21.17 -3.24
N CYS D 880 -33.33 21.29 -2.28
CA CYS D 880 -33.54 22.54 -1.56
C CYS D 880 -32.60 22.63 -0.37
N ALA D 881 -32.03 23.83 -0.16
CA ALA D 881 -31.05 24.01 0.89
C ALA D 881 -31.62 23.67 2.26
N HIS D 882 -32.83 24.16 2.55
CA HIS D 882 -33.47 23.83 3.82
C HIS D 882 -33.63 22.33 3.99
N CYS D 883 -33.87 21.62 2.90
CA CYS D 883 -33.93 20.17 2.97
C CYS D 883 -32.60 19.56 3.40
N TYR D 884 -31.49 20.23 3.08
CA TYR D 884 -30.17 19.71 3.39
C TYR D 884 -29.63 20.20 4.73
N GLY D 885 -29.92 21.44 5.10
CA GLY D 885 -29.45 21.96 6.38
C GLY D 885 -28.02 22.45 6.33
N ARG D 886 -27.33 22.30 7.45
CA ARG D 886 -25.98 22.84 7.59
C ARG D 886 -25.03 22.20 6.59
N ASP D 887 -24.09 22.99 6.09
CA ASP D 887 -22.96 22.49 5.32
C ASP D 887 -21.82 22.28 6.30
N LEU D 888 -21.62 21.04 6.73
CA LEU D 888 -20.51 20.75 7.62
C LEU D 888 -19.19 21.03 6.91
N ALA D 889 -18.18 21.37 7.71
CA ALA D 889 -16.96 22.06 7.31
C ALA D 889 -17.20 23.56 7.18
N ARG D 890 -18.41 24.04 7.45
CA ARG D 890 -18.71 25.46 7.48
C ARG D 890 -19.81 25.71 8.50
N GLY D 891 -19.84 26.92 9.04
CA GLY D 891 -20.78 27.26 10.08
C GLY D 891 -22.17 27.58 9.56
N HIS D 892 -22.24 28.48 8.58
CA HIS D 892 -23.52 28.91 8.04
C HIS D 892 -24.24 27.74 7.36
N ILE D 893 -25.53 27.93 7.12
CA ILE D 893 -26.29 26.97 6.34
C ILE D 893 -25.64 26.82 4.97
N ILE D 894 -25.89 25.66 4.34
CA ILE D 894 -25.35 25.41 3.01
C ILE D 894 -25.72 26.55 2.07
N ASN D 895 -24.80 26.88 1.18
CA ASN D 895 -24.99 27.97 0.25
C ASN D 895 -25.59 27.46 -1.06
N LYS D 896 -26.16 28.39 -1.82
CA LYS D 896 -26.77 28.06 -3.10
C LYS D 896 -25.72 27.56 -4.07
N GLY D 897 -26.12 26.64 -4.93
CA GLY D 897 -25.26 26.15 -6.01
C GLY D 897 -24.27 25.07 -5.62
N GLU D 898 -23.72 25.16 -4.41
CA GLU D 898 -22.69 24.22 -3.98
C GLU D 898 -23.20 22.79 -4.03
N ALA D 899 -22.60 21.99 -4.90
CA ALA D 899 -23.01 20.59 -5.03
C ALA D 899 -22.58 19.80 -3.81
N ILE D 900 -23.36 18.75 -3.51
CA ILE D 900 -23.13 17.96 -2.30
C ILE D 900 -23.05 16.47 -2.57
N GLY D 901 -23.49 15.98 -3.73
CA GLY D 901 -23.42 14.54 -3.98
C GLY D 901 -21.99 14.03 -3.96
N VAL D 902 -21.08 14.76 -4.60
CA VAL D 902 -19.70 14.29 -4.68
C VAL D 902 -19.06 14.25 -3.30
N ILE D 903 -19.22 15.32 -2.52
CA ILE D 903 -18.62 15.32 -1.19
C ILE D 903 -19.27 14.26 -0.32
N ALA D 904 -20.58 14.05 -0.47
CA ALA D 904 -21.24 13.01 0.32
C ALA D 904 -20.65 11.64 0.02
N ALA D 905 -20.58 11.30 -1.27
CA ALA D 905 -20.02 10.00 -1.65
C ALA D 905 -18.59 9.87 -1.17
N GLN D 906 -17.80 10.93 -1.35
CA GLN D 906 -16.39 10.86 -0.99
C GLN D 906 -16.22 10.68 0.51
N SER D 907 -17.03 11.40 1.30
CA SER D 907 -16.97 11.27 2.75
C SER D 907 -17.35 9.87 3.20
N ILE D 908 -18.45 9.34 2.66
CA ILE D 908 -18.87 8.00 3.10
C ILE D 908 -17.84 6.97 2.67
N GLY D 909 -17.15 7.19 1.54
CA GLY D 909 -16.21 6.22 1.05
C GLY D 909 -14.84 6.27 1.70
N GLU D 910 -14.46 7.42 2.26
CA GLU D 910 -13.11 7.54 2.82
C GLU D 910 -12.79 6.47 3.84
N PRO D 911 -13.66 6.14 4.81
CA PRO D 911 -13.32 5.08 5.76
C PRO D 911 -13.41 3.68 5.20
N GLY D 912 -13.71 3.52 3.91
CA GLY D 912 -13.73 2.19 3.31
C GLY D 912 -12.43 1.45 3.50
N THR D 913 -11.32 2.17 3.58
CA THR D 913 -10.06 1.55 3.98
C THR D 913 -10.10 1.14 5.44
N GLN D 914 -10.71 1.96 6.29
CA GLN D 914 -10.69 1.75 7.73
C GLN D 914 -11.72 0.73 8.20
N LEU D 915 -12.59 0.25 7.33
CA LEU D 915 -13.59 -0.74 7.72
C LEU D 915 -12.90 -2.11 7.85
N THR D 916 -13.69 -3.15 8.07
CA THR D 916 -13.22 -4.52 8.13
C THR D 916 -13.82 -5.31 6.99
N MET D 917 -13.02 -6.22 6.42
CA MET D 917 -13.45 -7.00 5.27
C MET D 917 -14.30 -8.19 5.73
N SER D 933 -32.90 -15.29 25.10
CA SER D 933 -32.81 -15.95 26.40
C SER D 933 -33.59 -15.18 27.46
N SER D 934 -32.95 -14.15 28.02
CA SER D 934 -33.59 -13.31 29.03
C SER D 934 -32.81 -12.01 29.12
N ILE D 935 -33.42 -11.01 29.75
CA ILE D 935 -32.84 -9.67 29.84
C ILE D 935 -32.98 -9.14 31.25
N GLN D 936 -31.93 -8.50 31.74
CA GLN D 936 -31.91 -7.84 33.04
C GLN D 936 -32.01 -6.34 32.79
N VAL D 937 -33.16 -5.74 33.12
CA VAL D 937 -33.30 -4.30 32.97
C VAL D 937 -32.44 -3.60 33.99
N LYS D 938 -31.68 -2.60 33.55
CA LYS D 938 -30.75 -1.89 34.42
C LYS D 938 -31.37 -0.63 35.00
N ASN D 939 -31.88 0.24 34.13
CA ASN D 939 -32.41 1.51 34.57
C ASN D 939 -33.73 1.32 35.32
N LYS D 940 -34.10 2.35 36.07
CA LYS D 940 -35.36 2.38 36.81
C LYS D 940 -36.32 3.31 36.08
N GLY D 941 -37.55 2.83 35.87
CA GLY D 941 -38.55 3.64 35.22
C GLY D 941 -39.86 2.87 35.12
N SER D 942 -40.88 3.56 34.63
CA SER D 942 -42.16 2.91 34.40
C SER D 942 -42.10 2.08 33.12
N ILE D 943 -43.03 1.14 33.00
CA ILE D 943 -43.04 0.20 31.89
C ILE D 943 -44.03 0.68 30.84
N LYS D 944 -43.56 0.77 29.59
CA LYS D 944 -44.39 1.03 28.43
C LYS D 944 -44.16 -0.09 27.43
N LEU D 945 -45.17 -0.40 26.64
CA LEU D 945 -45.07 -1.44 25.62
C LEU D 945 -45.60 -0.93 24.29
N SER D 946 -45.03 -1.44 23.22
CA SER D 946 -45.43 -1.10 21.85
C SER D 946 -45.70 -2.38 21.09
N ASN D 947 -46.68 -2.32 20.18
CA ASN D 947 -47.24 -3.50 19.53
C ASN D 947 -47.72 -4.49 20.58
N VAL D 948 -48.60 -4.00 21.46
CA VAL D 948 -48.95 -4.70 22.69
C VAL D 948 -50.20 -5.53 22.46
N LYS D 949 -50.11 -6.82 22.78
CA LYS D 949 -51.28 -7.69 22.84
C LYS D 949 -50.90 -8.83 23.80
N SER D 950 -51.38 -8.75 25.03
CA SER D 950 -50.91 -9.60 26.11
C SER D 950 -52.10 -10.25 26.82
N VAL D 951 -51.78 -11.07 27.82
CA VAL D 951 -52.78 -11.73 28.65
C VAL D 951 -52.09 -12.25 29.89
N VAL D 952 -52.85 -12.32 30.98
CA VAL D 952 -52.34 -12.88 32.23
C VAL D 952 -52.38 -14.41 32.13
N ASN D 953 -51.23 -15.03 32.34
CA ASN D 953 -51.15 -16.48 32.26
C ASN D 953 -51.82 -17.12 33.46
N SER D 954 -51.76 -18.45 33.54
CA SER D 954 -52.35 -19.15 34.68
C SER D 954 -51.65 -18.75 35.98
N SER D 955 -50.33 -18.63 35.95
CA SER D 955 -49.56 -18.31 37.15
C SER D 955 -49.75 -16.87 37.60
N GLY D 956 -50.40 -16.02 36.80
CA GLY D 956 -50.60 -14.63 37.13
C GLY D 956 -49.62 -13.69 36.46
N LYS D 957 -48.54 -14.21 35.89
CA LYS D 957 -47.60 -13.36 35.17
C LYS D 957 -48.21 -12.93 33.84
N LEU D 958 -47.63 -11.89 33.25
CA LEU D 958 -48.08 -11.35 31.97
C LEU D 958 -47.28 -12.00 30.86
N VAL D 959 -47.98 -12.61 29.90
CA VAL D 959 -47.36 -13.14 28.69
C VAL D 959 -47.90 -12.33 27.51
N ILE D 960 -47.11 -12.27 26.45
CA ILE D 960 -47.40 -11.41 25.30
C ILE D 960 -47.93 -12.27 24.17
N THR D 961 -49.08 -11.88 23.62
CA THR D 961 -49.69 -12.53 22.47
C THR D 961 -49.47 -11.76 21.18
N SER D 962 -48.32 -11.11 21.04
CA SER D 962 -47.99 -10.33 19.86
C SER D 962 -46.50 -10.44 19.61
N ARG D 963 -46.14 -10.94 18.42
CA ARG D 963 -44.75 -11.25 18.13
C ARG D 963 -43.89 -9.98 18.10
N ASN D 964 -44.43 -8.90 17.54
CA ASN D 964 -43.67 -7.68 17.30
C ASN D 964 -43.65 -6.75 18.51
N THR D 965 -43.91 -7.28 19.71
CA THR D 965 -43.96 -6.43 20.89
C THR D 965 -42.56 -5.97 21.30
N GLU D 966 -42.48 -4.74 21.81
CA GLU D 966 -41.24 -4.16 22.29
C GLU D 966 -41.50 -3.46 23.61
N LEU D 967 -40.56 -3.56 24.54
CA LEU D 967 -40.70 -2.94 25.86
C LEU D 967 -39.83 -1.70 25.92
N LYS D 968 -40.42 -0.60 26.38
CA LYS D 968 -39.71 0.64 26.66
C LYS D 968 -39.76 0.88 28.17
N LEU D 969 -38.65 1.41 28.70
CA LEU D 969 -38.58 1.81 30.10
C LEU D 969 -38.66 3.33 30.12
N ILE D 970 -39.87 3.86 30.28
CA ILE D 970 -40.06 5.29 30.39
C ILE D 970 -39.33 5.78 31.63
N ASP D 971 -38.30 6.60 31.43
CA ASP D 971 -37.48 7.04 32.55
C ASP D 971 -38.30 7.96 33.46
N GLU D 972 -37.64 8.42 34.52
CA GLU D 972 -38.30 9.33 35.46
C GLU D 972 -38.72 10.63 34.77
N PHE D 973 -37.86 11.15 33.89
CA PHE D 973 -38.21 12.36 33.16
C PHE D 973 -39.41 12.12 32.24
N GLY D 974 -39.42 10.97 31.56
CA GLY D 974 -40.48 10.64 30.64
C GLY D 974 -39.99 10.06 29.32
N ARG D 975 -38.70 10.16 29.05
CA ARG D 975 -38.16 9.67 27.79
C ARG D 975 -37.88 8.17 27.87
N THR D 976 -37.86 7.53 26.71
CA THR D 976 -37.56 6.11 26.59
C THR D 976 -36.05 5.94 26.54
N LYS D 977 -35.42 5.79 27.70
CA LYS D 977 -33.98 5.58 27.76
C LYS D 977 -33.56 4.16 27.42
N GLU D 978 -34.46 3.19 27.56
CA GLU D 978 -34.16 1.80 27.29
C GLU D 978 -35.28 1.19 26.45
N SER D 979 -34.88 0.37 25.47
CA SER D 979 -35.82 -0.32 24.59
C SER D 979 -35.28 -1.70 24.29
N TYR D 980 -36.13 -2.72 24.42
CA TYR D 980 -35.73 -4.10 24.17
C TYR D 980 -36.83 -4.84 23.42
N LYS D 981 -36.44 -5.64 22.44
CA LYS D 981 -37.39 -6.42 21.65
C LYS D 981 -37.83 -7.62 22.47
N VAL D 982 -39.14 -7.72 22.69
CA VAL D 982 -39.73 -8.80 23.49
C VAL D 982 -40.15 -9.92 22.54
N PRO D 983 -39.60 -11.14 22.66
CA PRO D 983 -40.14 -12.25 21.86
C PRO D 983 -41.54 -12.64 22.30
N TYR D 984 -42.09 -13.67 21.66
CA TYR D 984 -43.46 -14.07 21.92
C TYR D 984 -43.58 -14.80 23.25
N GLY D 985 -44.73 -14.61 23.91
CA GLY D 985 -45.03 -15.34 25.13
C GLY D 985 -43.99 -15.19 26.22
N ALA D 986 -43.31 -14.05 26.26
CA ALA D 986 -42.25 -13.86 27.23
C ALA D 986 -42.82 -13.82 28.65
N VAL D 987 -41.94 -14.06 29.62
CA VAL D 987 -42.31 -14.07 31.03
C VAL D 987 -42.06 -12.67 31.58
N LEU D 988 -43.13 -12.05 32.07
CA LEU D 988 -43.07 -10.71 32.66
C LEU D 988 -43.54 -10.78 34.10
N ALA D 989 -42.67 -10.37 35.03
CA ALA D 989 -43.05 -10.24 36.42
C ALA D 989 -43.94 -9.03 36.68
N LYS D 990 -44.07 -8.12 35.72
CA LYS D 990 -44.87 -6.91 35.87
C LYS D 990 -45.66 -6.71 34.58
N GLY D 991 -46.27 -5.53 34.44
CA GLY D 991 -47.11 -5.22 33.30
C GLY D 991 -46.95 -3.78 32.86
N ASP D 992 -47.72 -3.43 31.82
CA ASP D 992 -47.65 -2.10 31.25
C ASP D 992 -48.20 -1.06 32.22
N GLY D 993 -47.72 0.17 32.07
CA GLY D 993 -48.16 1.25 32.92
C GLY D 993 -47.83 1.07 34.38
N GLU D 994 -46.78 0.30 34.69
CA GLU D 994 -46.37 0.03 36.05
C GLU D 994 -44.92 0.45 36.23
N GLN D 995 -44.46 0.41 37.48
CA GLN D 995 -43.10 0.82 37.85
C GLN D 995 -42.25 -0.40 38.09
N VAL D 996 -41.01 -0.36 37.60
CA VAL D 996 -40.03 -1.42 37.81
C VAL D 996 -38.78 -0.80 38.42
N ALA D 997 -38.27 -1.44 39.46
CA ALA D 997 -37.02 -0.98 40.06
C ALA D 997 -35.86 -1.21 39.10
N GLY D 998 -34.87 -0.32 39.18
CA GLY D 998 -33.64 -0.53 38.43
C GLY D 998 -32.97 -1.82 38.86
N GLY D 999 -32.65 -2.68 37.89
CA GLY D 999 -32.04 -3.96 38.23
C GLY D 999 -33.01 -5.01 38.74
N GLU D 1000 -34.20 -5.08 38.15
CA GLU D 1000 -35.18 -6.12 38.48
C GLU D 1000 -35.49 -6.93 37.23
N THR D 1001 -35.38 -8.26 37.35
CA THR D 1001 -35.59 -9.14 36.20
C THR D 1001 -37.08 -9.27 35.94
N VAL D 1002 -37.57 -8.56 34.93
CA VAL D 1002 -38.91 -8.75 34.40
C VAL D 1002 -38.89 -9.35 33.00
N ALA D 1003 -37.88 -8.99 32.20
CA ALA D 1003 -37.77 -9.50 30.84
C ALA D 1003 -37.10 -10.87 30.88
N ASN D 1004 -37.89 -11.92 30.65
CA ASN D 1004 -37.37 -13.27 30.62
C ASN D 1004 -38.34 -14.13 29.80
N TRP D 1005 -37.82 -15.22 29.26
CA TRP D 1005 -38.60 -16.06 28.35
C TRP D 1005 -37.81 -17.33 28.08
N ASP D 1006 -38.42 -18.21 27.27
CA ASP D 1006 -37.76 -19.41 26.77
C ASP D 1006 -37.60 -19.27 25.25
N PRO D 1007 -36.41 -18.94 24.74
CA PRO D 1007 -36.29 -18.68 23.31
C PRO D 1007 -36.61 -19.87 22.43
N HIS D 1008 -36.34 -21.09 22.89
CA HIS D 1008 -36.57 -22.27 22.08
C HIS D 1008 -38.03 -22.69 22.15
N THR D 1009 -38.48 -23.42 21.12
CA THR D 1009 -39.82 -23.97 21.04
C THR D 1009 -40.84 -22.86 20.85
N MET D 1010 -41.82 -23.08 19.96
CA MET D 1010 -42.84 -22.08 19.68
C MET D 1010 -44.07 -22.39 20.51
N PRO D 1011 -44.54 -21.49 21.38
CA PRO D 1011 -45.66 -21.83 22.25
C PRO D 1011 -46.99 -21.87 21.51
N VAL D 1012 -47.95 -22.54 22.12
CA VAL D 1012 -49.31 -22.64 21.62
C VAL D 1012 -50.25 -22.09 22.68
N ILE D 1013 -49.80 -21.05 23.40
CA ILE D 1013 -50.60 -20.45 24.46
C ILE D 1013 -52.00 -20.12 23.95
N THR D 1014 -52.97 -20.26 24.84
CA THR D 1014 -54.39 -20.15 24.48
C THR D 1014 -54.95 -18.81 24.91
N GLU D 1015 -55.70 -18.17 24.01
CA GLU D 1015 -56.32 -16.90 24.33
C GLU D 1015 -57.36 -17.05 25.42
N VAL D 1016 -58.16 -18.12 25.36
CA VAL D 1016 -59.31 -18.28 26.25
C VAL D 1016 -59.18 -19.59 27.03
N SER D 1017 -60.19 -19.87 27.87
CA SER D 1017 -60.20 -21.04 28.74
C SER D 1017 -61.44 -21.87 28.48
N GLY D 1018 -61.28 -23.19 28.52
CA GLY D 1018 -62.39 -24.10 28.30
C GLY D 1018 -61.89 -25.49 28.00
N PHE D 1019 -62.84 -26.40 27.86
CA PHE D 1019 -62.48 -27.79 27.56
C PHE D 1019 -61.78 -27.88 26.22
N VAL D 1020 -60.76 -28.73 26.16
CA VAL D 1020 -59.94 -28.91 24.97
C VAL D 1020 -60.38 -30.21 24.32
N ARG D 1021 -61.30 -30.10 23.35
CA ARG D 1021 -61.82 -31.27 22.66
C ARG D 1021 -60.99 -31.56 21.41
N PHE D 1022 -60.97 -32.84 21.03
CA PHE D 1022 -60.31 -33.27 19.79
C PHE D 1022 -61.22 -32.94 18.61
N THR D 1023 -61.19 -31.68 18.22
CA THR D 1023 -61.91 -31.20 17.05
C THR D 1023 -61.02 -31.42 15.83
N ASP D 1024 -61.40 -32.37 14.99
CA ASP D 1024 -60.64 -32.72 13.79
C ASP D 1024 -59.24 -33.23 14.17
N MET D 1025 -59.22 -34.33 14.91
CA MET D 1025 -58.00 -35.05 15.25
C MET D 1025 -58.22 -36.53 14.94
N ILE D 1026 -57.60 -37.01 13.88
CA ILE D 1026 -57.69 -38.40 13.46
C ILE D 1026 -56.41 -39.10 13.88
N ASP D 1027 -56.54 -40.16 14.67
CA ASP D 1027 -55.40 -40.87 15.21
C ASP D 1027 -55.04 -42.05 14.31
N GLY D 1028 -53.75 -42.16 13.98
CA GLY D 1028 -53.24 -43.21 13.14
C GLY D 1028 -53.12 -42.83 11.67
N GLN D 1029 -53.81 -41.78 11.24
CA GLN D 1029 -53.72 -41.28 9.87
C GLN D 1029 -53.14 -39.88 9.79
N THR D 1030 -53.54 -38.99 10.69
CA THR D 1030 -53.00 -37.63 10.76
C THR D 1030 -51.92 -37.49 11.83
N ILE D 1031 -52.16 -38.03 13.01
CA ILE D 1031 -51.23 -37.94 14.14
C ILE D 1031 -50.80 -39.35 14.53
N THR D 1032 -49.73 -39.42 15.30
CA THR D 1032 -49.18 -40.68 15.78
C THR D 1032 -48.97 -40.60 17.28
N ARG D 1033 -49.13 -41.74 17.95
CA ARG D 1033 -49.00 -41.82 19.40
C ARG D 1033 -47.59 -42.28 19.73
N GLN D 1034 -46.73 -41.32 20.08
CA GLN D 1034 -45.34 -41.59 20.44
C GLN D 1034 -45.21 -41.59 21.95
N THR D 1035 -44.65 -42.67 22.49
CA THR D 1035 -44.57 -42.88 23.94
C THR D 1035 -43.21 -42.44 24.45
N ASP D 1036 -43.21 -41.66 25.53
CA ASP D 1036 -41.97 -41.22 26.16
C ASP D 1036 -41.45 -42.33 27.07
N GLU D 1037 -40.14 -42.56 27.01
CA GLU D 1037 -39.50 -43.62 27.78
C GLU D 1037 -39.00 -43.16 29.14
N LEU D 1038 -39.23 -41.90 29.52
CA LEU D 1038 -38.74 -41.36 30.78
C LEU D 1038 -39.81 -41.41 31.87
N THR D 1039 -41.01 -40.91 31.59
CA THR D 1039 -42.07 -40.78 32.58
C THR D 1039 -43.21 -41.77 32.35
N GLY D 1040 -43.82 -41.76 31.17
CA GLY D 1040 -44.92 -42.65 30.83
C GLY D 1040 -46.10 -41.94 30.18
N LEU D 1041 -46.32 -40.68 30.54
CA LEU D 1041 -47.42 -39.90 29.98
C LEU D 1041 -47.03 -39.45 28.57
N SER D 1042 -47.56 -40.15 27.57
CA SER D 1042 -47.21 -39.89 26.18
C SER D 1042 -47.97 -38.66 25.67
N SER D 1043 -47.73 -38.33 24.41
CA SER D 1043 -48.36 -37.18 23.78
C SER D 1043 -48.58 -37.47 22.30
N LEU D 1044 -49.76 -37.09 21.81
CA LEU D 1044 -50.05 -37.24 20.39
C LEU D 1044 -49.09 -36.38 19.58
N VAL D 1045 -48.65 -36.93 18.45
CA VAL D 1045 -47.65 -36.29 17.58
C VAL D 1045 -48.26 -36.12 16.21
N VAL D 1046 -48.32 -34.88 15.74
CA VAL D 1046 -48.82 -34.57 14.41
C VAL D 1046 -47.66 -34.72 13.42
N LEU D 1047 -47.90 -35.44 12.34
CA LEU D 1047 -46.88 -35.63 11.32
C LEU D 1047 -46.94 -34.52 10.28
N ASP D 1048 -45.92 -34.46 9.44
CA ASP D 1048 -45.91 -33.51 8.33
C ASP D 1048 -46.75 -34.04 7.18
N SER D 1049 -46.87 -33.23 6.12
CA SER D 1049 -47.70 -33.60 4.98
C SER D 1049 -47.19 -34.85 4.29
N ALA D 1050 -45.90 -34.90 3.95
CA ALA D 1050 -45.39 -35.98 3.12
C ALA D 1050 -45.39 -37.31 3.86
N GLU D 1051 -45.02 -37.31 5.13
CA GLU D 1051 -44.85 -38.57 5.86
C GLU D 1051 -46.17 -39.33 5.97
N ARG D 1052 -47.25 -38.62 6.27
CA ARG D 1052 -48.55 -39.26 6.42
C ARG D 1052 -49.14 -39.58 5.04
N THR D 1053 -50.30 -40.24 5.05
CA THR D 1053 -51.05 -40.44 3.82
C THR D 1053 -51.70 -39.14 3.37
N ALA D 1054 -51.99 -39.06 2.07
CA ALA D 1054 -52.65 -37.88 1.53
C ALA D 1054 -54.04 -37.71 2.13
N GLY D 1055 -54.68 -38.80 2.54
CA GLY D 1055 -56.00 -38.68 3.14
C GLY D 1055 -55.99 -37.85 4.41
N GLY D 1056 -55.02 -38.08 5.28
CA GLY D 1056 -54.86 -37.26 6.47
C GLY D 1056 -54.24 -35.91 6.22
N LYS D 1057 -53.72 -35.67 5.02
CA LYS D 1057 -53.11 -34.38 4.70
C LYS D 1057 -54.11 -33.25 4.84
N ASP D 1058 -55.26 -33.37 4.17
CA ASP D 1058 -56.27 -32.33 4.25
C ASP D 1058 -56.88 -32.21 5.64
N LEU D 1059 -56.86 -33.30 6.42
CA LEU D 1059 -57.43 -33.31 7.76
C LEU D 1059 -56.54 -32.47 8.67
N ARG D 1060 -57.01 -31.27 9.01
CA ARG D 1060 -56.19 -30.35 9.78
C ARG D 1060 -56.14 -30.77 11.25
N PRO D 1061 -55.02 -30.54 11.93
CA PRO D 1061 -55.03 -30.64 13.40
C PRO D 1061 -55.57 -29.36 14.03
N ALA D 1062 -56.77 -29.41 14.59
CA ALA D 1062 -57.44 -28.22 15.11
C ALA D 1062 -57.75 -28.41 16.58
N LEU D 1063 -57.51 -27.37 17.37
CA LEU D 1063 -57.78 -27.36 18.80
C LEU D 1063 -58.76 -26.23 19.08
N LYS D 1064 -60.03 -26.59 19.26
CA LYS D 1064 -61.10 -25.63 19.49
C LYS D 1064 -61.53 -25.70 20.96
N ILE D 1065 -61.44 -24.57 21.64
CA ILE D 1065 -61.83 -24.49 23.05
C ILE D 1065 -63.34 -24.39 23.14
N VAL D 1066 -63.93 -25.13 24.08
CA VAL D 1066 -65.36 -25.08 24.33
C VAL D 1066 -65.59 -24.90 25.82
N ASP D 1067 -66.73 -24.34 26.16
CA ASP D 1067 -67.07 -24.03 27.55
C ASP D 1067 -67.48 -25.31 28.26
N ALA D 1068 -67.98 -25.17 29.50
CA ALA D 1068 -68.46 -26.33 30.24
C ALA D 1068 -69.62 -27.00 29.52
N GLN D 1069 -70.46 -26.22 28.84
CA GLN D 1069 -71.59 -26.76 28.12
C GLN D 1069 -71.19 -27.52 26.86
N GLY D 1070 -69.93 -27.44 26.44
CA GLY D 1070 -69.48 -28.01 25.20
C GLY D 1070 -69.64 -27.11 24.00
N ASN D 1071 -70.28 -25.95 24.16
CA ASN D 1071 -70.43 -25.00 23.08
C ASN D 1071 -69.13 -24.23 22.88
N ASP D 1072 -68.97 -23.69 21.67
CA ASP D 1072 -67.79 -22.90 21.35
C ASP D 1072 -67.74 -21.64 22.20
N VAL D 1073 -66.52 -21.25 22.59
CA VAL D 1073 -66.30 -20.04 23.36
C VAL D 1073 -66.01 -18.91 22.39
N LEU D 1074 -66.80 -17.83 22.49
CA LEU D 1074 -66.67 -16.70 21.57
C LEU D 1074 -65.55 -15.79 22.06
N ILE D 1075 -64.50 -15.66 21.25
CA ILE D 1075 -63.37 -14.80 21.62
C ILE D 1075 -63.85 -13.36 21.67
N PRO D 1076 -63.44 -12.56 22.67
CA PRO D 1076 -63.87 -11.15 22.69
C PRO D 1076 -63.44 -10.41 21.44
N GLY D 1077 -64.33 -9.53 20.95
CA GLY D 1077 -64.10 -8.78 19.74
C GLY D 1077 -64.57 -9.47 18.48
N THR D 1078 -64.83 -10.78 18.53
CA THR D 1078 -65.28 -11.52 17.37
C THR D 1078 -66.27 -12.59 17.83
N ASP D 1079 -66.69 -13.42 16.88
CA ASP D 1079 -67.58 -14.54 17.16
C ASP D 1079 -66.95 -15.89 16.84
N MET D 1080 -65.84 -15.92 16.12
CA MET D 1080 -65.21 -17.18 15.76
C MET D 1080 -64.77 -17.92 17.02
N PRO D 1081 -64.91 -19.25 17.07
CA PRO D 1081 -64.39 -20.00 18.22
C PRO D 1081 -62.88 -19.91 18.30
N ALA D 1082 -62.35 -20.29 19.45
CA ALA D 1082 -60.90 -20.26 19.69
C ALA D 1082 -60.27 -21.53 19.15
N GLN D 1083 -60.35 -21.69 17.84
CA GLN D 1083 -59.68 -22.79 17.16
C GLN D 1083 -58.20 -22.47 17.02
N TYR D 1084 -57.35 -23.41 17.45
CA TYR D 1084 -55.90 -23.26 17.42
C TYR D 1084 -55.37 -24.42 16.58
N PHE D 1085 -55.24 -24.18 15.28
CA PHE D 1085 -54.68 -25.20 14.40
C PHE D 1085 -53.20 -25.40 14.72
N LEU D 1086 -52.66 -26.51 14.21
CA LEU D 1086 -51.27 -26.87 14.44
C LEU D 1086 -50.58 -27.14 13.11
N PRO D 1087 -49.26 -26.98 13.05
CA PRO D 1087 -48.54 -27.36 11.83
C PRO D 1087 -48.15 -28.82 11.85
N GLY D 1088 -47.46 -29.28 10.80
CA GLY D 1088 -46.89 -30.61 10.83
C GLY D 1088 -45.76 -30.71 11.83
N LYS D 1089 -45.49 -31.95 12.25
CA LYS D 1089 -44.41 -32.22 13.21
C LYS D 1089 -44.64 -31.47 14.51
N ALA D 1090 -45.85 -31.55 15.04
CA ALA D 1090 -46.23 -30.92 16.29
C ALA D 1090 -46.66 -31.97 17.31
N ILE D 1091 -46.10 -31.88 18.51
CA ILE D 1091 -46.38 -32.83 19.59
C ILE D 1091 -47.56 -32.26 20.37
N VAL D 1092 -48.74 -32.83 20.17
CA VAL D 1092 -49.93 -32.38 20.89
C VAL D 1092 -49.90 -32.97 22.29
N GLN D 1093 -49.71 -32.11 23.30
CA GLN D 1093 -49.55 -32.57 24.67
C GLN D 1093 -50.89 -32.89 25.31
N LEU D 1094 -51.75 -31.90 25.44
CA LEU D 1094 -53.01 -32.08 26.14
C LEU D 1094 -53.93 -33.01 25.35
N GLU D 1095 -54.89 -33.60 26.06
CA GLU D 1095 -55.84 -34.54 25.50
C GLU D 1095 -57.25 -34.10 25.84
N ASP D 1096 -58.22 -34.89 25.39
CA ASP D 1096 -59.62 -34.54 25.58
C ASP D 1096 -60.01 -34.57 27.05
N GLY D 1097 -61.00 -33.75 27.40
CA GLY D 1097 -61.55 -33.74 28.74
C GLY D 1097 -60.78 -32.93 29.75
N VAL D 1098 -59.96 -31.97 29.30
CA VAL D 1098 -59.18 -31.12 30.19
C VAL D 1098 -59.50 -29.67 29.89
N GLN D 1099 -59.85 -28.92 30.93
CA GLN D 1099 -60.03 -27.48 30.81
C GLN D 1099 -58.68 -26.80 30.98
N ILE D 1100 -58.50 -25.68 30.29
CA ILE D 1100 -57.22 -24.98 30.26
C ILE D 1100 -57.41 -23.56 30.76
N SER D 1101 -56.33 -23.00 31.30
CA SER D 1101 -56.30 -21.61 31.71
C SER D 1101 -55.79 -20.74 30.55
N SER D 1102 -56.06 -19.45 30.66
CA SER D 1102 -55.61 -18.52 29.63
C SER D 1102 -54.08 -18.45 29.61
N GLY D 1103 -53.51 -18.37 28.42
CA GLY D 1103 -52.07 -18.34 28.28
C GLY D 1103 -51.42 -19.63 28.73
N ASP D 1104 -51.98 -20.77 28.30
CA ASP D 1104 -51.48 -22.09 28.66
C ASP D 1104 -51.09 -22.86 27.40
N THR D 1105 -49.91 -23.48 27.45
CA THR D 1105 -49.39 -24.21 26.30
C THR D 1105 -50.27 -25.41 25.98
N LEU D 1106 -50.40 -25.70 24.68
CA LEU D 1106 -51.16 -26.85 24.20
C LEU D 1106 -50.29 -27.90 23.53
N ALA D 1107 -49.25 -27.50 22.81
CA ALA D 1107 -48.40 -28.43 22.09
C ALA D 1107 -46.98 -27.89 22.06
N ARG D 1108 -46.03 -28.79 21.82
CA ARG D 1108 -44.61 -28.45 21.78
C ARG D 1108 -44.16 -28.46 20.33
N ILE D 1109 -44.18 -27.28 19.71
CA ILE D 1109 -43.74 -27.11 18.32
C ILE D 1109 -42.21 -27.11 18.31
N PRO D 1110 -41.55 -28.03 17.58
CA PRO D 1110 -40.09 -27.99 17.55
C PRO D 1110 -39.53 -26.69 17.02
N GLY D 1121 -20.39 -9.82 8.23
CA GLY D 1121 -20.77 -8.52 7.71
C GLY D 1121 -19.63 -7.51 7.79
N GLY D 1122 -19.39 -6.82 6.68
CA GLY D 1122 -18.35 -5.82 6.63
C GLY D 1122 -18.53 -4.86 5.47
N LEU D 1123 -17.43 -4.45 4.84
CA LEU D 1123 -17.55 -3.62 3.65
C LEU D 1123 -18.41 -4.26 2.56
N PRO D 1124 -18.27 -5.55 2.23
CA PRO D 1124 -19.17 -6.13 1.23
C PRO D 1124 -20.64 -6.04 1.62
N ARG D 1125 -20.95 -6.15 2.91
CA ARG D 1125 -22.33 -6.00 3.36
C ARG D 1125 -22.86 -4.61 3.00
N VAL D 1126 -22.05 -3.58 3.25
CA VAL D 1126 -22.44 -2.22 2.91
C VAL D 1126 -22.60 -2.07 1.40
N ALA D 1127 -21.67 -2.66 0.64
CA ALA D 1127 -21.75 -2.58 -0.82
C ALA D 1127 -23.03 -3.21 -1.34
N ASP D 1128 -23.38 -4.39 -0.81
CA ASP D 1128 -24.61 -5.04 -1.22
C ASP D 1128 -25.83 -4.21 -0.83
N LEU D 1129 -25.78 -3.57 0.34
CA LEU D 1129 -26.89 -2.72 0.76
C LEU D 1129 -27.07 -1.56 -0.21
N PHE D 1130 -25.97 -0.96 -0.67
CA PHE D 1130 -26.07 0.01 -1.74
C PHE D 1130 -26.69 -0.63 -2.98
N GLU D 1131 -26.17 -1.77 -3.39
CA GLU D 1131 -26.79 -2.53 -4.49
C GLU D 1131 -28.17 -3.04 -4.12
N ALA D 1132 -28.48 -3.13 -2.82
CA ALA D 1132 -29.80 -3.57 -2.37
C ALA D 1132 -30.10 -4.98 -2.88
N ARG D 1133 -29.08 -5.82 -2.94
CA ARG D 1133 -29.25 -7.17 -3.43
C ARG D 1133 -30.20 -7.96 -2.54
N ARG D 1134 -31.05 -8.76 -3.16
CA ARG D 1134 -32.00 -9.56 -2.39
C ARG D 1134 -31.24 -10.55 -1.51
N PRO D 1135 -31.69 -10.78 -0.27
CA PRO D 1135 -30.97 -11.73 0.59
C PRO D 1135 -31.17 -13.16 0.15
N LYS D 1136 -30.50 -14.09 0.82
CA LYS D 1136 -30.61 -15.50 0.44
C LYS D 1136 -32.01 -16.04 0.74
N GLU D 1137 -32.53 -15.77 1.94
CA GLU D 1137 -33.89 -16.13 2.33
C GLU D 1137 -34.54 -14.87 2.88
N PRO D 1138 -35.28 -14.13 2.06
CA PRO D 1138 -35.91 -12.90 2.55
C PRO D 1138 -36.93 -13.19 3.63
N ALA D 1139 -37.09 -12.22 4.53
CA ALA D 1139 -38.13 -12.27 5.56
C ALA D 1139 -39.40 -11.71 4.93
N ILE D 1140 -40.29 -12.61 4.50
CA ILE D 1140 -41.46 -12.20 3.75
C ILE D 1140 -42.39 -11.39 4.64
N LEU D 1141 -42.97 -10.34 4.09
CA LEU D 1141 -43.87 -9.45 4.80
C LEU D 1141 -45.25 -9.49 4.15
N ALA D 1142 -46.24 -8.95 4.85
CA ALA D 1142 -47.60 -8.95 4.36
C ALA D 1142 -47.79 -7.84 3.33
N GLU D 1143 -48.16 -8.24 2.10
CA GLU D 1143 -48.38 -7.26 1.05
C GLU D 1143 -49.55 -6.34 1.39
N ILE D 1144 -50.66 -6.90 1.86
CA ILE D 1144 -51.90 -6.17 2.06
C ILE D 1144 -52.48 -6.54 3.41
N SER D 1145 -53.18 -5.59 4.01
CA SER D 1145 -53.84 -5.82 5.30
C SER D 1145 -55.04 -6.75 5.13
N GLY D 1146 -55.41 -7.41 6.23
CA GLY D 1146 -56.62 -8.21 6.26
C GLY D 1146 -56.47 -9.55 6.96
N ILE D 1147 -57.59 -10.26 7.11
CA ILE D 1147 -57.55 -11.59 7.70
C ILE D 1147 -56.77 -12.52 6.81
N VAL D 1148 -55.77 -13.19 7.38
CA VAL D 1148 -54.98 -14.14 6.61
C VAL D 1148 -55.76 -15.44 6.48
N SER D 1149 -55.41 -16.23 5.46
CA SER D 1149 -56.02 -17.53 5.27
C SER D 1149 -55.12 -18.38 4.39
N PHE D 1150 -55.28 -19.70 4.51
CA PHE D 1150 -54.49 -20.64 3.76
C PHE D 1150 -55.13 -20.92 2.40
N GLY D 1151 -54.28 -21.27 1.43
CA GLY D 1151 -54.73 -21.52 0.07
C GLY D 1151 -54.40 -22.93 -0.39
N LYS D 1152 -54.14 -23.08 -1.69
CA LYS D 1152 -53.79 -24.40 -2.22
C LYS D 1152 -52.52 -24.90 -1.57
N GLU D 1153 -52.34 -26.23 -1.62
CA GLU D 1153 -51.32 -26.91 -0.85
C GLU D 1153 -50.35 -27.66 -1.76
N THR D 1154 -49.06 -27.41 -1.57
CA THR D 1154 -47.99 -28.21 -2.16
C THR D 1154 -48.08 -28.26 -3.69
N LYS D 1155 -48.40 -27.12 -4.28
CA LYS D 1155 -48.21 -26.92 -5.71
C LYS D 1155 -46.83 -26.30 -5.97
N GLY D 1156 -45.81 -26.93 -5.42
CA GLY D 1156 -44.47 -26.36 -5.36
C GLY D 1156 -44.30 -25.48 -4.14
N LYS D 1157 -45.28 -24.62 -3.87
CA LYS D 1157 -45.30 -23.78 -2.70
C LYS D 1157 -46.73 -23.72 -2.15
N ARG D 1158 -46.85 -23.47 -0.86
CA ARG D 1158 -48.15 -23.29 -0.25
C ARG D 1158 -48.66 -21.89 -0.52
N ARG D 1159 -49.98 -21.76 -0.63
CA ARG D 1159 -50.61 -20.50 -1.01
C ARG D 1159 -51.31 -19.88 0.20
N LEU D 1160 -51.05 -18.60 0.42
CA LEU D 1160 -51.74 -17.80 1.42
C LEU D 1160 -52.51 -16.70 0.71
N VAL D 1161 -53.60 -16.24 1.31
CA VAL D 1161 -54.38 -15.13 0.78
C VAL D 1161 -54.81 -14.26 1.95
N ILE D 1162 -54.71 -12.94 1.76
CA ILE D 1162 -55.17 -11.97 2.74
C ILE D 1162 -56.46 -11.35 2.22
N THR D 1163 -57.51 -11.43 3.04
CA THR D 1163 -58.78 -10.80 2.72
C THR D 1163 -58.93 -9.54 3.54
N PRO D 1164 -58.78 -8.34 2.97
CA PRO D 1164 -59.12 -7.14 3.72
C PRO D 1164 -60.59 -7.18 4.13
N VAL D 1165 -60.88 -6.59 5.29
CA VAL D 1165 -62.23 -6.64 5.82
C VAL D 1165 -63.22 -5.99 4.86
N ASP D 1166 -62.80 -4.90 4.20
CA ASP D 1166 -63.59 -4.22 3.20
C ASP D 1166 -62.97 -4.21 1.82
N GLY D 1167 -61.64 -4.24 1.72
CA GLY D 1167 -60.96 -4.21 0.44
C GLY D 1167 -61.12 -5.48 -0.37
N SER D 1168 -60.14 -5.77 -1.22
CA SER D 1168 -60.22 -6.87 -2.18
C SER D 1168 -59.25 -7.97 -1.79
N ASP D 1169 -59.77 -9.18 -1.63
CA ASP D 1169 -59.03 -10.34 -1.12
C ASP D 1169 -58.10 -11.04 -2.10
N PRO D 1170 -58.40 -11.11 -3.40
CA PRO D 1170 -57.92 -12.26 -4.21
C PRO D 1170 -56.42 -12.41 -4.29
N TYR D 1171 -55.63 -11.44 -3.80
CA TYR D 1171 -54.19 -11.59 -3.82
C TYR D 1171 -53.77 -12.86 -3.10
N GLU D 1172 -52.96 -13.67 -3.77
CA GLU D 1172 -52.41 -14.89 -3.18
C GLU D 1172 -50.89 -14.86 -3.32
N GLU D 1173 -50.21 -15.43 -2.33
CA GLU D 1173 -48.76 -15.44 -2.25
C GLU D 1173 -48.28 -16.86 -2.02
N MET D 1174 -47.27 -17.26 -2.78
CA MET D 1174 -46.64 -18.55 -2.60
C MET D 1174 -45.57 -18.46 -1.52
N ILE D 1175 -45.39 -19.57 -0.80
CA ILE D 1175 -44.38 -19.66 0.24
C ILE D 1175 -43.75 -21.04 0.19
N PRO D 1176 -42.41 -21.17 0.30
CA PRO D 1176 -41.84 -22.49 0.58
C PRO D 1176 -42.13 -22.85 2.03
N LYS D 1177 -43.06 -23.78 2.23
CA LYS D 1177 -43.57 -24.05 3.57
C LYS D 1177 -42.55 -24.68 4.50
N TRP D 1178 -41.34 -24.98 4.03
CA TRP D 1178 -40.29 -25.46 4.92
C TRP D 1178 -39.80 -24.40 5.89
N ARG D 1179 -40.17 -23.14 5.68
CA ARG D 1179 -39.75 -22.08 6.59
C ARG D 1179 -40.51 -22.17 7.91
N GLN D 1180 -39.87 -21.68 8.97
CA GLN D 1180 -40.50 -21.56 10.28
C GLN D 1180 -41.44 -20.36 10.23
N LEU D 1181 -42.70 -20.61 9.92
CA LEU D 1181 -43.65 -19.53 9.75
C LEU D 1181 -43.94 -18.85 11.08
N ASN D 1182 -44.55 -17.67 10.99
CA ASN D 1182 -44.86 -16.84 12.14
C ASN D 1182 -46.36 -16.73 12.38
N VAL D 1183 -47.12 -16.31 11.39
CA VAL D 1183 -48.51 -15.93 11.60
C VAL D 1183 -49.39 -17.19 11.60
N PHE D 1184 -50.52 -17.10 12.31
CA PHE D 1184 -51.48 -18.18 12.35
C PHE D 1184 -52.53 -17.98 11.26
N GLU D 1185 -53.38 -18.98 11.06
CA GLU D 1185 -54.32 -18.96 9.95
C GLU D 1185 -55.37 -17.86 10.09
N GLY D 1186 -55.84 -17.59 11.31
CA GLY D 1186 -56.94 -16.68 11.51
C GLY D 1186 -56.54 -15.31 12.04
N GLU D 1187 -55.41 -14.79 11.58
CA GLU D 1187 -54.89 -13.51 12.03
C GLU D 1187 -55.17 -12.40 11.03
N ARG D 1188 -55.67 -11.29 11.54
CA ARG D 1188 -55.87 -10.08 10.74
C ARG D 1188 -54.72 -9.12 11.01
N VAL D 1189 -54.04 -8.69 9.95
CA VAL D 1189 -52.80 -7.94 10.05
C VAL D 1189 -52.86 -6.73 9.14
N GLU D 1190 -51.96 -5.79 9.39
CA GLU D 1190 -51.72 -4.66 8.51
C GLU D 1190 -50.65 -5.02 7.48
N ARG D 1191 -50.66 -4.32 6.36
CA ARG D 1191 -49.65 -4.56 5.33
C ARG D 1191 -48.26 -4.27 5.89
N GLY D 1192 -47.26 -4.82 5.23
CA GLY D 1192 -45.89 -4.70 5.72
C GLY D 1192 -45.68 -5.38 7.06
N ASP D 1193 -46.29 -6.54 7.25
CA ASP D 1193 -46.17 -7.32 8.48
C ASP D 1193 -45.40 -8.59 8.20
N VAL D 1194 -44.39 -8.86 9.04
CA VAL D 1194 -43.49 -9.99 8.82
C VAL D 1194 -44.28 -11.28 8.74
N ILE D 1195 -43.86 -12.16 7.83
CA ILE D 1195 -44.51 -13.45 7.62
C ILE D 1195 -43.51 -14.54 8.00
N SER D 1196 -42.38 -14.55 7.29
CA SER D 1196 -41.23 -15.37 7.65
C SER D 1196 -40.13 -14.42 8.14
N ASP D 1197 -39.37 -14.89 9.12
CA ASP D 1197 -38.41 -14.03 9.80
C ASP D 1197 -36.99 -14.37 9.38
N GLY D 1198 -36.17 -13.33 9.25
CA GLY D 1198 -34.83 -13.46 8.72
C GLY D 1198 -34.38 -12.17 8.07
N PRO D 1199 -33.51 -12.25 7.06
CA PRO D 1199 -33.11 -11.04 6.33
C PRO D 1199 -34.31 -10.33 5.73
N GLU D 1200 -34.25 -9.00 5.77
CA GLU D 1200 -35.29 -8.13 5.24
C GLU D 1200 -34.77 -7.39 4.02
N ALA D 1201 -35.51 -7.47 2.92
CA ALA D 1201 -35.16 -6.74 1.72
C ALA D 1201 -35.49 -5.26 1.88
N PRO D 1202 -34.90 -4.38 1.06
CA PRO D 1202 -35.32 -2.97 1.09
C PRO D 1202 -36.57 -2.67 0.26
N HIS D 1203 -36.69 -3.32 -0.90
CA HIS D 1203 -37.73 -2.94 -1.85
C HIS D 1203 -39.12 -3.24 -1.31
N ASP D 1204 -39.27 -4.37 -0.63
CA ASP D 1204 -40.55 -4.67 0.02
C ASP D 1204 -40.88 -3.59 1.04
N ILE D 1205 -39.88 -3.14 1.80
CA ILE D 1205 -40.12 -2.08 2.79
C ILE D 1205 -40.60 -0.83 2.09
N LEU D 1206 -39.96 -0.47 0.97
CA LEU D 1206 -40.39 0.70 0.21
C LEU D 1206 -41.84 0.57 -0.24
N ARG D 1207 -42.16 -0.53 -0.92
CA ARG D 1207 -43.48 -0.67 -1.52
C ARG D 1207 -44.56 -1.02 -0.51
N LEU D 1208 -44.20 -1.31 0.74
CA LEU D 1208 -45.16 -1.62 1.79
C LEU D 1208 -45.14 -0.59 2.91
N ARG D 1209 -43.97 -0.32 3.48
CA ARG D 1209 -43.88 0.70 4.52
C ARG D 1209 -43.81 2.10 3.92
N GLY D 1210 -42.82 2.34 3.08
CA GLY D 1210 -42.71 3.60 2.37
C GLY D 1210 -41.25 4.03 2.24
N VAL D 1211 -41.08 5.26 1.76
CA VAL D 1211 -39.75 5.80 1.56
C VAL D 1211 -39.02 5.95 2.88
N HIS D 1212 -39.71 6.46 3.90
CA HIS D 1212 -39.04 6.76 5.16
C HIS D 1212 -38.52 5.49 5.84
N ALA D 1213 -39.29 4.41 5.79
CA ALA D 1213 -38.90 3.20 6.50
C ALA D 1213 -37.59 2.63 5.94
N VAL D 1214 -37.53 2.46 4.62
CA VAL D 1214 -36.34 1.86 4.02
C VAL D 1214 -35.13 2.76 4.21
N THR D 1215 -35.31 4.07 4.03
CA THR D 1215 -34.22 5.01 4.25
C THR D 1215 -33.71 4.92 5.67
N ARG D 1216 -34.64 4.89 6.64
CA ARG D 1216 -34.25 4.78 8.03
C ARG D 1216 -33.48 3.50 8.30
N TYR D 1217 -33.94 2.38 7.74
CA TYR D 1217 -33.22 1.12 7.95
C TYR D 1217 -31.81 1.21 7.39
N ILE D 1218 -31.67 1.73 6.17
CA ILE D 1218 -30.37 1.77 5.53
C ILE D 1218 -29.42 2.65 6.34
N VAL D 1219 -29.88 3.83 6.75
CA VAL D 1219 -29.01 4.72 7.50
C VAL D 1219 -28.64 4.09 8.84
N ASN D 1220 -29.61 3.47 9.51
CA ASN D 1220 -29.31 2.86 10.80
C ASN D 1220 -28.26 1.76 10.65
N GLU D 1221 -28.42 0.91 9.64
CA GLU D 1221 -27.48 -0.20 9.49
C GLU D 1221 -26.09 0.33 9.17
N VAL D 1222 -25.99 1.23 8.20
CA VAL D 1222 -24.66 1.69 7.78
C VAL D 1222 -24.00 2.47 8.91
N GLN D 1223 -24.78 3.27 9.64
CA GLN D 1223 -24.24 3.96 10.80
C GLN D 1223 -23.75 2.97 11.83
N ASP D 1224 -24.49 1.88 12.04
CA ASP D 1224 -24.05 0.86 12.99
C ASP D 1224 -22.72 0.27 12.55
N VAL D 1225 -22.58 -0.01 11.26
CA VAL D 1225 -21.32 -0.60 10.77
C VAL D 1225 -20.16 0.36 11.02
N TYR D 1226 -20.33 1.60 10.58
CA TYR D 1226 -19.23 2.55 10.69
C TYR D 1226 -18.91 2.89 12.14
N ARG D 1227 -19.94 2.89 13.01
CA ARG D 1227 -19.73 3.10 14.43
C ARG D 1227 -19.03 1.92 15.07
N LEU D 1228 -19.38 0.71 14.65
CA LEU D 1228 -18.67 -0.47 15.11
C LEU D 1228 -17.20 -0.37 14.77
N GLN D 1229 -16.88 0.12 13.57
CA GLN D 1229 -15.49 0.34 13.22
C GLN D 1229 -14.91 1.61 13.84
N GLY D 1230 -15.73 2.42 14.49
CA GLY D 1230 -15.23 3.56 15.24
C GLY D 1230 -15.12 4.85 14.47
N VAL D 1231 -15.82 4.99 13.34
CA VAL D 1231 -15.77 6.18 12.51
C VAL D 1231 -17.18 6.73 12.35
N LYS D 1232 -17.30 8.04 12.47
CA LYS D 1232 -18.60 8.72 12.49
C LYS D 1232 -18.78 9.51 11.20
N ILE D 1233 -19.95 9.39 10.61
CA ILE D 1233 -20.29 10.05 9.35
C ILE D 1233 -21.71 10.59 9.47
N ASN D 1234 -21.92 11.82 9.02
CA ASN D 1234 -23.25 12.40 9.11
C ASN D 1234 -24.20 11.68 8.18
N ASP D 1235 -25.42 11.45 8.66
CA ASP D 1235 -26.39 10.66 7.92
C ASP D 1235 -26.80 11.28 6.60
N LYS D 1236 -26.70 12.61 6.50
CA LYS D 1236 -27.17 13.33 5.31
C LYS D 1236 -26.54 12.78 4.05
N HIS D 1237 -25.29 12.34 4.13
CA HIS D 1237 -24.62 11.78 2.95
C HIS D 1237 -25.37 10.54 2.47
N ILE D 1238 -25.73 9.66 3.40
CA ILE D 1238 -26.52 8.50 3.05
C ILE D 1238 -27.89 8.93 2.56
N GLU D 1239 -28.44 10.02 3.12
CA GLU D 1239 -29.73 10.49 2.65
C GLU D 1239 -29.67 10.82 1.17
N VAL D 1240 -28.63 11.57 0.76
CA VAL D 1240 -28.55 11.99 -0.63
C VAL D 1240 -28.24 10.80 -1.54
N ILE D 1241 -27.37 9.89 -1.11
CA ILE D 1241 -27.06 8.75 -1.98
C ILE D 1241 -28.30 7.90 -2.17
N VAL D 1242 -29.11 7.75 -1.12
CA VAL D 1242 -30.35 6.99 -1.26
C VAL D 1242 -31.32 7.72 -2.18
N ARG D 1243 -31.45 9.04 -2.04
CA ARG D 1243 -32.37 9.77 -2.91
C ARG D 1243 -31.98 9.60 -4.37
N GLN D 1244 -30.68 9.67 -4.66
CA GLN D 1244 -30.23 9.38 -6.02
C GLN D 1244 -30.54 7.94 -6.41
N MET D 1245 -30.36 7.00 -5.49
CA MET D 1245 -30.53 5.58 -5.78
C MET D 1245 -31.95 5.25 -6.24
N LEU D 1246 -32.94 6.07 -5.88
CA LEU D 1246 -34.34 5.79 -6.14
C LEU D 1246 -34.96 6.78 -7.13
N ARG D 1247 -34.12 7.44 -7.93
CA ARG D 1247 -34.62 8.50 -8.81
C ARG D 1247 -35.67 7.99 -9.79
N LYS D 1248 -35.58 6.73 -10.22
CA LYS D 1248 -36.54 6.20 -11.18
C LYS D 1248 -37.80 5.74 -10.49
N ALA D 1249 -38.83 5.47 -11.29
CA ALA D 1249 -40.11 5.00 -10.78
C ALA D 1249 -40.87 4.37 -11.94
N THR D 1250 -41.95 3.67 -11.60
CA THR D 1250 -42.85 3.07 -12.59
C THR D 1250 -44.25 3.58 -12.40
N ILE D 1251 -44.89 3.98 -13.50
CA ILE D 1251 -46.25 4.48 -13.44
C ILE D 1251 -47.20 3.36 -13.09
N VAL D 1252 -48.27 3.70 -12.39
CA VAL D 1252 -49.32 2.76 -12.04
C VAL D 1252 -50.54 2.93 -12.94
N ASN D 1253 -50.86 4.17 -13.31
CA ASN D 1253 -51.91 4.44 -14.27
C ASN D 1253 -51.53 5.68 -15.06
N ALA D 1254 -51.88 5.70 -16.34
CA ALA D 1254 -51.58 6.87 -17.17
C ALA D 1254 -52.35 8.09 -16.70
N GLY D 1255 -53.57 7.91 -16.20
CA GLY D 1255 -54.39 9.04 -15.85
C GLY D 1255 -54.66 9.90 -17.06
N SER D 1256 -54.81 11.20 -16.83
CA SER D 1256 -54.92 12.13 -17.94
C SER D 1256 -53.61 12.29 -18.70
N SER D 1257 -52.49 11.87 -18.12
CA SER D 1257 -51.20 11.98 -18.79
C SER D 1257 -51.08 10.93 -19.89
N ASP D 1258 -50.19 11.21 -20.85
CA ASP D 1258 -49.97 10.32 -21.98
C ASP D 1258 -48.95 9.22 -21.69
N PHE D 1259 -48.16 9.35 -20.64
CA PHE D 1259 -47.21 8.31 -20.30
C PHE D 1259 -47.96 7.01 -20.03
N LEU D 1260 -47.39 5.89 -20.50
CA LEU D 1260 -48.09 4.63 -20.47
C LEU D 1260 -48.16 4.06 -19.07
N GLU D 1261 -49.01 3.05 -18.89
CA GLU D 1261 -49.29 2.51 -17.57
C GLU D 1261 -48.05 1.94 -16.93
N GLY D 1262 -47.48 0.89 -17.52
CA GLY D 1262 -46.29 0.27 -16.98
C GLY D 1262 -45.01 1.01 -17.27
N GLU D 1263 -45.09 2.16 -17.94
CA GLU D 1263 -43.90 2.90 -18.33
C GLU D 1263 -43.05 3.25 -17.12
N GLN D 1264 -41.74 3.05 -17.26
CA GLN D 1264 -40.78 3.47 -16.26
C GLN D 1264 -40.23 4.83 -16.64
N VAL D 1265 -40.25 5.77 -15.68
CA VAL D 1265 -39.82 7.13 -15.93
C VAL D 1265 -39.13 7.66 -14.67
N GLU D 1266 -38.25 8.63 -14.87
CA GLU D 1266 -37.60 9.28 -13.75
C GLU D 1266 -38.60 10.11 -12.96
N TYR D 1267 -38.40 10.13 -11.64
CA TYR D 1267 -39.42 10.67 -10.74
C TYR D 1267 -39.70 12.13 -11.02
N SER D 1268 -38.65 12.94 -11.20
CA SER D 1268 -38.86 14.38 -11.35
C SER D 1268 -39.69 14.69 -12.59
N ARG D 1269 -39.48 13.95 -13.68
CA ARG D 1269 -40.20 14.23 -14.92
C ARG D 1269 -41.70 14.07 -14.72
N VAL D 1270 -42.14 12.89 -14.31
CA VAL D 1270 -43.56 12.68 -14.09
C VAL D 1270 -44.08 13.57 -12.97
N LYS D 1271 -43.22 13.91 -12.00
CA LYS D 1271 -43.65 14.78 -10.92
C LYS D 1271 -44.04 16.15 -11.46
N ILE D 1272 -43.14 16.77 -12.23
CA ILE D 1272 -43.48 18.08 -12.80
C ILE D 1272 -44.64 17.95 -13.76
N ALA D 1273 -44.71 16.83 -14.49
CA ALA D 1273 -45.74 16.65 -15.49
C ALA D 1273 -47.13 16.63 -14.85
N ASN D 1274 -47.35 15.71 -13.91
CA ASN D 1274 -48.66 15.65 -13.28
C ASN D 1274 -48.92 16.86 -12.40
N ARG D 1275 -47.87 17.50 -11.88
CA ARG D 1275 -48.06 18.75 -11.15
C ARG D 1275 -48.67 19.82 -12.03
N GLU D 1276 -48.10 20.03 -13.22
CA GLU D 1276 -48.68 21.03 -14.12
C GLU D 1276 -50.03 20.58 -14.65
N LEU D 1277 -50.22 19.27 -14.89
CA LEU D 1277 -51.50 18.80 -15.38
C LEU D 1277 -52.61 19.04 -14.36
N GLU D 1278 -52.32 18.78 -13.08
CA GLU D 1278 -53.30 19.06 -12.04
C GLU D 1278 -53.44 20.55 -11.78
N ALA D 1279 -52.41 21.35 -12.11
CA ALA D 1279 -52.58 22.80 -12.06
C ALA D 1279 -53.70 23.25 -12.98
N ASN D 1280 -53.94 22.52 -14.05
CA ASN D 1280 -55.10 22.74 -14.91
C ASN D 1280 -56.25 21.87 -14.39
N GLY D 1281 -57.37 21.87 -15.11
CA GLY D 1281 -58.52 21.07 -14.70
C GLY D 1281 -58.28 19.58 -14.77
N LYS D 1282 -57.27 19.14 -15.51
CA LYS D 1282 -57.02 17.72 -15.69
C LYS D 1282 -56.53 17.09 -14.38
N VAL D 1283 -56.53 15.77 -14.37
CA VAL D 1283 -56.06 15.00 -13.22
C VAL D 1283 -54.60 14.63 -13.45
N GLY D 1284 -53.93 14.27 -12.36
CA GLY D 1284 -52.55 13.83 -12.43
C GLY D 1284 -52.46 12.37 -12.87
N ALA D 1285 -51.45 11.69 -12.33
CA ALA D 1285 -51.23 10.28 -12.63
C ALA D 1285 -50.72 9.57 -11.39
N THR D 1286 -50.89 8.26 -11.37
CA THR D 1286 -50.45 7.41 -10.28
C THR D 1286 -49.08 6.83 -10.61
N TYR D 1287 -48.22 6.74 -9.61
CA TYR D 1287 -46.85 6.27 -9.80
C TYR D 1287 -46.44 5.37 -8.65
N SER D 1288 -45.21 4.88 -8.72
CA SER D 1288 -44.65 4.02 -7.68
C SER D 1288 -43.14 4.11 -7.77
N ARG D 1289 -42.50 4.67 -6.75
CA ARG D 1289 -41.05 4.82 -6.75
C ARG D 1289 -40.38 3.45 -6.74
N ASP D 1290 -39.27 3.36 -7.46
CA ASP D 1290 -38.54 2.10 -7.63
C ASP D 1290 -37.15 2.20 -7.00
N LEU D 1291 -36.79 1.16 -6.26
CA LEU D 1291 -35.52 1.10 -5.52
C LEU D 1291 -34.51 0.41 -6.41
N LEU D 1292 -33.82 1.20 -7.24
CA LEU D 1292 -32.91 0.66 -8.22
C LEU D 1292 -31.49 0.58 -7.65
N GLY D 1293 -30.80 -0.50 -8.00
CA GLY D 1293 -29.41 -0.64 -7.58
C GLY D 1293 -28.55 0.50 -8.08
N ILE D 1294 -27.48 0.76 -7.33
CA ILE D 1294 -26.67 1.95 -7.58
C ILE D 1294 -26.08 1.90 -8.99
N THR D 1295 -25.57 0.74 -9.40
CA THR D 1295 -25.01 0.63 -10.74
C THR D 1295 -26.12 0.76 -11.80
N LYS D 1296 -27.26 0.12 -11.56
CA LYS D 1296 -28.37 0.23 -12.49
C LYS D 1296 -28.85 1.67 -12.60
N ALA D 1297 -28.93 2.36 -11.45
CA ALA D 1297 -29.29 3.77 -11.47
C ALA D 1297 -28.29 4.57 -12.27
N SER D 1298 -27.00 4.27 -12.13
CA SER D 1298 -25.99 4.97 -12.92
C SER D 1298 -26.24 4.75 -14.41
N LEU D 1299 -26.54 3.51 -14.81
CA LEU D 1299 -26.91 3.26 -16.19
C LEU D 1299 -28.13 4.07 -16.59
N ALA D 1300 -29.17 4.05 -15.76
CA ALA D 1300 -30.41 4.76 -16.04
C ALA D 1300 -30.25 6.22 -15.62
N THR D 1301 -29.72 7.02 -16.55
CA THR D 1301 -29.53 8.44 -16.33
C THR D 1301 -29.76 9.18 -17.64
N GLU D 1302 -30.46 10.32 -17.55
CA GLU D 1302 -30.78 11.07 -18.76
C GLU D 1302 -29.54 11.67 -19.39
N SER D 1303 -28.47 11.85 -18.62
CA SER D 1303 -27.25 12.42 -19.15
C SER D 1303 -26.59 11.40 -20.06
N PHE D 1304 -26.92 11.46 -21.36
CA PHE D 1304 -26.35 10.52 -22.30
C PHE D 1304 -24.87 10.80 -22.55
N ILE D 1305 -24.44 12.06 -22.43
CA ILE D 1305 -23.02 12.36 -22.54
C ILE D 1305 -22.24 11.59 -21.49
N SER D 1306 -22.78 11.52 -20.26
CA SER D 1306 -22.19 10.65 -19.26
C SER D 1306 -22.19 9.21 -19.74
N ALA D 1307 -23.35 8.71 -20.17
CA ALA D 1307 -23.44 7.34 -20.63
C ALA D 1307 -22.54 7.10 -21.83
N ALA D 1308 -22.37 8.11 -22.69
CA ALA D 1308 -21.48 7.96 -23.83
C ALA D 1308 -20.05 7.69 -23.38
N SER D 1309 -19.60 8.42 -22.36
CA SER D 1309 -18.32 8.14 -21.73
C SER D 1309 -18.38 6.99 -20.75
N PHE D 1310 -19.49 6.25 -20.70
CA PHE D 1310 -19.69 5.15 -19.77
C PHE D 1310 -19.82 3.86 -20.59
N GLN D 1311 -18.68 3.30 -20.95
CA GLN D 1311 -18.56 1.93 -21.47
C GLN D 1311 -19.16 1.69 -22.84
N GLU D 1312 -19.84 2.66 -23.43
CA GLU D 1312 -20.39 2.46 -24.77
C GLU D 1312 -20.80 3.79 -25.36
N THR D 1313 -20.76 3.85 -26.69
CA THR D 1313 -21.20 5.00 -27.48
C THR D 1313 -22.35 4.67 -28.41
N THR D 1314 -22.42 3.45 -28.94
CA THR D 1314 -23.38 3.13 -30.00
C THR D 1314 -24.80 3.34 -29.53
N ARG D 1315 -25.21 2.54 -28.53
CA ARG D 1315 -26.57 2.63 -28.01
C ARG D 1315 -26.86 4.03 -27.48
N VAL D 1316 -25.91 4.60 -26.76
CA VAL D 1316 -26.14 5.89 -26.12
C VAL D 1316 -26.43 6.96 -27.16
N LEU D 1317 -25.59 7.06 -28.19
CA LEU D 1317 -25.77 8.11 -29.17
C LEU D 1317 -26.96 7.82 -30.08
N THR D 1318 -27.25 6.56 -30.38
CA THR D 1318 -28.48 6.26 -31.10
C THR D 1318 -29.69 6.76 -30.33
N GLU D 1319 -29.75 6.46 -29.04
CA GLU D 1319 -30.87 6.89 -28.22
C GLU D 1319 -30.95 8.41 -28.16
N ALA D 1320 -29.80 9.07 -27.98
CA ALA D 1320 -29.81 10.52 -27.90
C ALA D 1320 -30.30 11.15 -29.20
N ALA D 1321 -29.81 10.65 -30.34
CA ALA D 1321 -30.20 11.22 -31.62
C ALA D 1321 -31.69 11.01 -31.89
N VAL D 1322 -32.19 9.79 -31.67
CA VAL D 1322 -33.60 9.55 -31.92
C VAL D 1322 -34.45 10.36 -30.95
N ALA D 1323 -33.97 10.52 -29.71
CA ALA D 1323 -34.65 11.38 -28.75
C ALA D 1323 -34.41 12.86 -29.06
N GLY D 1324 -33.24 13.19 -29.61
CA GLY D 1324 -32.88 14.58 -29.83
C GLY D 1324 -32.88 15.34 -28.53
N LYS D 1325 -32.36 14.73 -27.48
CA LYS D 1325 -32.48 15.27 -26.13
C LYS D 1325 -31.62 16.51 -25.96
N ARG D 1326 -32.23 17.59 -25.48
CA ARG D 1326 -31.50 18.80 -25.13
C ARG D 1326 -30.80 18.57 -23.79
N ASP D 1327 -29.55 18.11 -23.82
CA ASP D 1327 -28.89 17.65 -22.61
C ASP D 1327 -28.60 18.82 -21.69
N GLU D 1328 -29.23 18.82 -20.53
CA GLU D 1328 -29.00 19.88 -19.55
C GLU D 1328 -27.54 19.91 -19.13
N LEU D 1329 -27.01 21.11 -18.98
CA LEU D 1329 -25.70 21.25 -18.36
C LEU D 1329 -25.69 20.73 -16.93
N ARG D 1330 -26.87 20.61 -16.32
CA ARG D 1330 -27.00 19.82 -15.10
C ARG D 1330 -26.29 18.50 -15.26
N GLY D 1331 -25.60 18.09 -14.22
CA GLY D 1331 -24.61 17.03 -14.30
C GLY D 1331 -23.21 17.58 -14.22
N LEU D 1332 -22.29 16.72 -13.77
CA LEU D 1332 -20.97 17.17 -13.37
C LEU D 1332 -19.87 16.68 -14.31
N LYS D 1333 -19.76 15.36 -14.54
CA LYS D 1333 -18.73 14.87 -15.44
C LYS D 1333 -18.91 15.44 -16.84
N GLU D 1334 -20.15 15.69 -17.24
CA GLU D 1334 -20.41 16.16 -18.60
C GLU D 1334 -19.78 17.52 -18.84
N ASN D 1335 -19.88 18.42 -17.87
CA ASN D 1335 -19.25 19.72 -18.02
C ASN D 1335 -17.74 19.57 -18.15
N VAL D 1336 -17.15 18.67 -17.35
CA VAL D 1336 -15.74 18.37 -17.49
C VAL D 1336 -15.46 17.74 -18.84
N ILE D 1337 -16.33 16.83 -19.28
CA ILE D 1337 -16.08 16.11 -20.54
C ILE D 1337 -16.05 17.08 -21.71
N VAL D 1338 -17.07 17.94 -21.82
CA VAL D 1338 -17.06 18.99 -22.82
C VAL D 1338 -16.04 20.08 -22.47
N GLY D 1339 -15.54 20.09 -21.24
CA GLY D 1339 -14.52 21.02 -20.83
C GLY D 1339 -15.03 22.37 -20.35
N ARG D 1340 -16.35 22.54 -20.25
CA ARG D 1340 -16.90 23.81 -19.78
C ARG D 1340 -16.82 23.84 -18.25
N LEU D 1341 -17.27 24.94 -17.67
CA LEU D 1341 -17.12 25.17 -16.25
C LEU D 1341 -18.10 24.31 -15.45
N ILE D 1342 -17.73 24.01 -14.21
CA ILE D 1342 -18.65 23.35 -13.29
C ILE D 1342 -19.82 24.27 -12.99
N PRO D 1343 -21.09 23.82 -13.11
CA PRO D 1343 -22.24 24.60 -12.63
C PRO D 1343 -22.53 24.34 -11.16
N ALA D 1344 -21.49 24.30 -10.33
CA ALA D 1344 -21.63 24.00 -8.91
C ALA D 1344 -21.14 25.14 -8.03
N GLY D 1345 -19.88 25.55 -8.17
CA GLY D 1345 -19.31 26.55 -7.29
C GLY D 1345 -19.43 27.95 -7.84
N THR D 1346 -18.29 28.59 -8.11
CA THR D 1346 -18.31 29.91 -8.70
C THR D 1346 -18.99 29.88 -10.06
N GLY D 1347 -18.67 28.87 -10.87
CA GLY D 1347 -19.22 28.81 -12.21
C GLY D 1347 -20.73 28.84 -12.23
N TYR D 1348 -21.35 28.12 -11.29
CA TYR D 1348 -22.80 28.19 -11.10
C TYR D 1348 -23.28 29.63 -11.12
N ALA D 1349 -22.75 30.44 -10.19
CA ALA D 1349 -23.11 31.85 -10.17
C ALA D 1349 -22.86 32.49 -11.52
N TYR D 1350 -21.66 32.28 -12.09
CA TYR D 1350 -21.36 32.79 -13.42
C TYR D 1350 -22.40 32.29 -14.42
N HIS D 1351 -22.70 30.99 -14.38
CA HIS D 1351 -23.66 30.45 -15.32
C HIS D 1351 -25.01 31.11 -15.16
N GLN D 1352 -25.38 31.45 -13.92
CA GLN D 1352 -26.65 32.13 -13.73
C GLN D 1352 -26.66 33.46 -14.47
N ASP D 1353 -25.54 34.19 -14.47
CA ASP D 1353 -25.45 35.39 -15.29
C ASP D 1353 -25.69 35.06 -16.75
N ALA D 1354 -25.05 34.01 -17.25
CA ALA D 1354 -25.36 33.55 -18.60
C ALA D 1354 -26.82 33.19 -18.71
N MET D 1355 -27.35 32.48 -17.71
CA MET D 1355 -28.79 32.20 -17.69
C MET D 1355 -29.59 33.50 -17.65
N ARG D 1356 -29.08 34.51 -16.94
CA ARG D 1356 -29.74 35.81 -16.96
C ARG D 1356 -29.63 36.47 -18.33
N ARG D 1357 -28.53 36.23 -19.04
CA ARG D 1357 -28.37 36.83 -20.36
C ARG D 1357 -29.37 36.26 -21.34
N ARG D 1358 -29.49 34.94 -21.39
CA ARG D 1358 -30.44 34.29 -22.27
C ARG D 1358 -31.85 34.35 -21.69
MG MG G . 3.46 6.08 4.04
ZN ZN H . -6.95 32.61 -56.36
ZN ZN I . -37.21 20.02 -0.91
#